data_1YDU
#
_entry.id   1YDU
#
_entity_poly.entity_id   1
_entity_poly.type   'polypeptide(L)'
_entity_poly.pdbx_seq_one_letter_code
;SDQIFNKVGSYWLGQKANKQFDSVGNDLNSVSTSIEGGTKWLVNKIKGKMQKPLPELLKEYDLPIGIFPGDATNYEFDEE
TKKLTVLIPSICEVGYKDSSVLKFTTTVTGHLEKGKLTDVEGIKTKVMIWVKVTSISTDASKVYFTAGMKKSRSRDAYGV
QRNGLRVDKF
;
_entity_poly.pdbx_strand_id   A
#
# COMPACT_ATOMS: atom_id res chain seq x y z
N SER A 1 117.96 31.84 -36.71
CA SER A 1 117.75 32.84 -35.70
C SER A 1 116.32 32.72 -35.16
N ASP A 2 116.19 32.29 -33.92
CA ASP A 2 114.87 32.09 -33.35
C ASP A 2 114.80 32.52 -31.91
N GLN A 3 113.70 33.17 -31.60
CA GLN A 3 113.38 33.65 -30.26
C GLN A 3 111.87 33.55 -30.11
N ILE A 4 111.29 32.61 -30.83
CA ILE A 4 109.86 32.42 -30.86
C ILE A 4 109.33 31.82 -29.55
N PHE A 5 108.34 32.46 -28.99
CA PHE A 5 107.70 32.00 -27.79
C PHE A 5 106.21 32.35 -27.82
N ASN A 6 105.40 31.33 -27.92
CA ASN A 6 103.97 31.48 -27.94
C ASN A 6 103.35 30.60 -26.87
N LYS A 7 103.05 31.20 -25.76
CA LYS A 7 102.50 30.51 -24.62
C LYS A 7 101.00 30.65 -24.63
N VAL A 8 100.33 29.55 -24.63
CA VAL A 8 98.89 29.54 -24.58
C VAL A 8 98.46 29.01 -23.22
N GLY A 9 97.64 29.77 -22.54
CA GLY A 9 97.19 29.39 -21.24
C GLY A 9 95.95 28.56 -21.31
N SER A 10 95.75 27.74 -20.33
CA SER A 10 94.60 26.91 -20.25
C SER A 10 94.06 26.96 -18.83
N TYR A 11 92.81 27.31 -18.70
CA TYR A 11 92.17 27.38 -17.41
C TYR A 11 91.19 26.25 -17.28
N TRP A 12 90.89 25.87 -16.08
CA TRP A 12 89.95 24.81 -15.83
C TRP A 12 89.01 25.15 -14.68
N LEU A 13 87.76 24.96 -14.92
CA LEU A 13 86.73 25.12 -13.94
C LEU A 13 85.64 24.09 -14.16
N GLY A 14 85.05 23.62 -13.09
CA GLY A 14 84.04 22.61 -13.23
C GLY A 14 82.82 22.93 -12.43
N GLN A 15 81.79 23.35 -13.10
CA GLN A 15 80.54 23.68 -12.48
C GLN A 15 79.83 22.42 -12.04
N LYS A 16 79.78 22.19 -10.75
CA LYS A 16 79.10 21.05 -10.23
C LYS A 16 77.87 21.46 -9.47
N ALA A 17 76.73 21.07 -9.99
CA ALA A 17 75.45 21.39 -9.39
C ALA A 17 74.44 20.34 -9.84
N ASN A 18 73.50 20.01 -8.98
CA ASN A 18 72.50 19.01 -9.31
C ASN A 18 71.19 19.30 -8.59
N LYS A 19 70.12 19.34 -9.37
CA LYS A 19 68.79 19.50 -8.85
C LYS A 19 67.84 18.60 -9.61
N GLN A 20 67.46 17.53 -9.00
CA GLN A 20 66.59 16.57 -9.63
C GLN A 20 65.37 16.27 -8.76
N PHE A 21 64.31 16.97 -9.03
CA PHE A 21 63.09 16.78 -8.32
C PHE A 21 62.13 15.92 -9.12
N ASP A 22 61.65 14.89 -8.49
CA ASP A 22 60.65 14.02 -9.07
C ASP A 22 59.50 13.92 -8.07
N SER A 23 58.39 13.43 -8.50
CA SER A 23 57.22 13.39 -7.66
C SER A 23 56.68 11.96 -7.57
N VAL A 24 56.33 11.57 -6.37
CA VAL A 24 55.80 10.24 -6.12
C VAL A 24 54.27 10.26 -6.23
N GLY A 25 53.74 9.38 -7.02
CA GLY A 25 52.31 9.35 -7.23
C GLY A 25 51.63 8.32 -6.36
N ASN A 26 50.32 8.37 -6.35
CA ASN A 26 49.50 7.43 -5.61
C ASN A 26 48.15 7.36 -6.31
N ASP A 27 47.47 6.26 -6.18
CA ASP A 27 46.17 6.12 -6.84
C ASP A 27 45.11 5.67 -5.85
N LEU A 28 43.87 5.94 -6.18
CA LEU A 28 42.77 5.63 -5.30
C LEU A 28 42.15 4.30 -5.69
N ASN A 29 41.53 3.66 -4.73
CA ASN A 29 40.92 2.36 -4.95
C ASN A 29 39.60 2.26 -4.17
N SER A 30 38.56 1.82 -4.85
CA SER A 30 37.26 1.65 -4.26
C SER A 30 36.42 0.71 -5.13
N VAL A 31 36.14 -0.47 -4.62
CA VAL A 31 35.32 -1.46 -5.31
C VAL A 31 34.20 -1.94 -4.39
N SER A 32 32.99 -1.94 -4.89
CA SER A 32 31.83 -2.33 -4.12
C SER A 32 30.71 -2.82 -5.03
N THR A 33 29.87 -3.70 -4.52
CA THR A 33 28.73 -4.21 -5.23
C THR A 33 27.75 -4.80 -4.20
N SER A 34 26.60 -5.26 -4.67
CA SER A 34 25.60 -5.84 -3.80
C SER A 34 24.59 -6.61 -4.63
N ILE A 35 23.90 -7.53 -3.98
CA ILE A 35 22.87 -8.34 -4.60
C ILE A 35 21.65 -8.35 -3.70
N GLU A 36 20.64 -9.09 -4.06
CA GLU A 36 19.44 -9.18 -3.25
C GLU A 36 19.07 -10.65 -3.08
N GLY A 37 18.75 -11.03 -1.87
CA GLY A 37 18.41 -12.41 -1.61
C GLY A 37 17.55 -12.52 -0.38
N GLY A 38 16.53 -11.71 -0.33
CA GLY A 38 15.65 -11.69 0.81
C GLY A 38 14.67 -12.83 0.81
N THR A 39 14.22 -13.18 -0.37
CA THR A 39 13.31 -14.29 -0.50
C THR A 39 14.13 -15.58 -0.58
N LYS A 40 13.89 -16.48 0.33
CA LYS A 40 14.64 -17.70 0.37
C LYS A 40 13.77 -18.86 0.78
N TRP A 41 13.46 -19.69 -0.17
CA TRP A 41 12.66 -20.87 0.04
C TRP A 41 13.03 -21.98 -0.94
N LEU A 42 13.80 -22.94 -0.45
CA LEU A 42 14.24 -24.09 -1.26
C LEU A 42 13.12 -25.12 -1.35
N VAL A 43 12.14 -24.93 -0.51
CA VAL A 43 10.97 -25.76 -0.54
C VAL A 43 9.85 -24.96 -1.19
N ASN A 44 9.09 -25.59 -2.01
CA ASN A 44 7.99 -24.93 -2.66
C ASN A 44 6.67 -25.46 -2.16
N LYS A 45 6.24 -24.88 -1.09
CA LYS A 45 5.01 -25.20 -0.49
C LYS A 45 4.06 -24.07 -0.80
N ILE A 46 3.19 -24.30 -1.77
CA ILE A 46 2.29 -23.26 -2.26
C ILE A 46 1.28 -22.78 -1.21
N LYS A 47 1.69 -21.78 -0.48
CA LYS A 47 0.93 -21.13 0.54
C LYS A 47 1.76 -19.92 0.97
N GLY A 48 1.11 -18.87 1.45
CA GLY A 48 1.80 -17.64 1.83
C GLY A 48 2.56 -17.75 3.15
N LYS A 49 3.42 -18.73 3.24
CA LYS A 49 4.26 -18.97 4.40
C LYS A 49 5.67 -19.27 3.90
N MET A 50 5.72 -19.96 2.77
CA MET A 50 6.96 -20.46 2.17
C MET A 50 7.56 -21.53 3.05
N GLN A 51 8.37 -21.12 4.01
CA GLN A 51 8.97 -22.05 4.94
C GLN A 51 9.07 -21.43 6.34
N LYS A 52 8.62 -20.20 6.48
CA LYS A 52 8.70 -19.50 7.76
C LYS A 52 7.39 -18.74 8.04
N PRO A 53 7.06 -18.46 9.31
CA PRO A 53 5.84 -17.75 9.68
C PRO A 53 6.02 -16.24 9.58
N LEU A 54 6.91 -15.82 8.72
CA LEU A 54 7.27 -14.43 8.60
C LEU A 54 6.25 -13.56 7.92
N PRO A 55 5.63 -13.98 6.76
CA PRO A 55 4.88 -13.06 5.93
C PRO A 55 3.70 -12.43 6.63
N GLU A 56 3.30 -13.02 7.74
CA GLU A 56 2.17 -12.56 8.49
C GLU A 56 2.57 -11.39 9.31
N LEU A 57 3.81 -11.40 9.70
CA LEU A 57 4.37 -10.38 10.51
C LEU A 57 4.63 -9.13 9.69
N LEU A 58 5.01 -9.30 8.43
CA LEU A 58 5.31 -8.11 7.59
C LEU A 58 4.08 -7.29 7.40
N LYS A 59 3.04 -7.96 6.99
CA LYS A 59 1.74 -7.35 6.84
C LYS A 59 1.21 -6.84 8.21
N GLU A 60 1.66 -7.48 9.27
CA GLU A 60 1.34 -7.11 10.63
C GLU A 60 1.98 -5.77 11.05
N TYR A 61 3.23 -5.53 10.63
CA TYR A 61 3.87 -4.24 10.94
C TYR A 61 3.30 -3.15 10.05
N ASP A 62 2.81 -3.55 8.90
CA ASP A 62 2.20 -2.66 7.94
C ASP A 62 0.75 -2.30 8.43
N LEU A 63 -0.09 -1.81 7.56
CA LEU A 63 -1.41 -1.36 7.96
C LEU A 63 -2.39 -2.57 7.71
N PRO A 64 -3.72 -2.45 7.96
CA PRO A 64 -4.63 -3.58 7.83
C PRO A 64 -5.25 -3.65 6.45
N ILE A 65 -4.67 -2.91 5.53
CA ILE A 65 -5.15 -2.88 4.19
C ILE A 65 -4.73 -4.15 3.50
N GLY A 66 -3.48 -4.55 3.73
CA GLY A 66 -2.91 -5.75 3.09
C GLY A 66 -2.94 -5.67 1.56
N ILE A 67 -3.29 -4.49 1.07
CA ILE A 67 -3.46 -4.16 -0.31
C ILE A 67 -4.61 -4.91 -0.94
N PHE A 68 -4.49 -6.20 -1.09
CA PHE A 68 -5.53 -6.99 -1.73
C PHE A 68 -5.16 -8.49 -1.80
N PRO A 69 -3.99 -8.87 -2.40
CA PRO A 69 -3.69 -10.26 -2.67
C PRO A 69 -3.00 -10.98 -1.52
N GLY A 70 -2.36 -10.24 -0.65
CA GLY A 70 -1.59 -10.84 0.42
C GLY A 70 -0.16 -11.12 -0.01
N ASP A 71 0.09 -10.95 -1.31
CA ASP A 71 1.41 -11.11 -1.91
C ASP A 71 2.19 -9.85 -1.67
N ALA A 72 1.52 -8.74 -1.94
CA ALA A 72 2.01 -7.40 -1.65
C ALA A 72 1.99 -7.15 -0.13
N THR A 73 2.45 -5.95 0.31
CA THR A 73 2.37 -5.54 1.72
C THR A 73 3.55 -6.12 2.49
N ASN A 74 4.59 -6.33 1.79
CA ASN A 74 5.76 -6.83 2.41
C ASN A 74 6.50 -5.70 3.06
N TYR A 75 6.98 -5.95 4.21
CA TYR A 75 7.61 -4.95 5.04
C TYR A 75 9.12 -5.17 5.08
N GLU A 76 9.84 -4.35 4.36
CA GLU A 76 11.30 -4.37 4.31
C GLU A 76 11.81 -2.95 4.37
N PHE A 77 13.05 -2.79 4.67
CA PHE A 77 13.66 -1.48 4.71
C PHE A 77 15.11 -1.62 4.29
N ASP A 78 15.69 -0.61 3.69
CA ASP A 78 17.08 -0.74 3.33
C ASP A 78 17.93 -0.09 4.33
N GLU A 79 19.17 -0.42 4.24
CA GLU A 79 20.18 0.07 5.13
C GLU A 79 20.64 1.45 4.80
N GLU A 80 21.15 1.62 3.61
CA GLU A 80 21.68 2.89 3.19
C GLU A 80 20.56 3.87 2.94
N THR A 81 19.46 3.33 2.54
CA THR A 81 18.31 4.09 2.22
C THR A 81 17.58 4.52 3.49
N LYS A 82 17.31 3.55 4.38
CA LYS A 82 16.57 3.76 5.64
C LYS A 82 15.12 4.16 5.40
N LYS A 83 14.71 4.00 4.17
CA LYS A 83 13.36 4.23 3.77
C LYS A 83 12.74 2.86 3.69
N LEU A 84 11.52 2.72 4.09
CA LEU A 84 10.93 1.43 4.06
C LEU A 84 10.45 1.10 2.67
N THR A 85 10.52 -0.15 2.33
CA THR A 85 10.13 -0.58 1.06
C THR A 85 9.12 -1.75 1.18
N VAL A 86 7.99 -1.55 0.58
CA VAL A 86 6.97 -2.54 0.49
C VAL A 86 7.09 -3.23 -0.84
N LEU A 87 7.17 -4.53 -0.79
CA LEU A 87 7.30 -5.30 -2.00
C LEU A 87 5.94 -5.72 -2.51
N ILE A 88 5.70 -5.29 -3.71
CA ILE A 88 4.55 -5.68 -4.46
C ILE A 88 5.02 -6.76 -5.46
N PRO A 89 4.29 -7.89 -5.57
CA PRO A 89 4.65 -9.05 -6.42
C PRO A 89 4.99 -8.68 -7.89
N SER A 90 4.29 -7.71 -8.43
CA SER A 90 4.50 -7.28 -9.78
C SER A 90 3.91 -5.93 -9.98
N ILE A 91 4.38 -5.23 -10.96
CA ILE A 91 3.92 -3.92 -11.27
C ILE A 91 2.49 -4.01 -11.85
N CYS A 92 1.55 -3.44 -11.14
CA CYS A 92 0.19 -3.44 -11.56
C CYS A 92 -0.24 -2.01 -11.90
N GLU A 93 -0.72 -1.82 -13.09
CA GLU A 93 -1.27 -0.54 -13.51
C GLU A 93 -2.77 -0.67 -13.58
N VAL A 94 -3.46 0.03 -12.75
CA VAL A 94 -4.90 -0.05 -12.67
C VAL A 94 -5.56 1.24 -13.15
N GLY A 95 -6.33 1.14 -14.20
CA GLY A 95 -7.01 2.29 -14.71
C GLY A 95 -8.46 2.03 -14.96
N TYR A 96 -9.29 2.99 -14.63
CA TYR A 96 -10.67 2.90 -14.82
C TYR A 96 -11.11 4.33 -14.82
N LYS A 97 -12.36 4.61 -15.06
CA LYS A 97 -12.86 5.99 -15.02
C LYS A 97 -12.85 6.55 -13.59
N ASP A 98 -12.35 5.70 -12.67
CA ASP A 98 -12.17 6.01 -11.26
C ASP A 98 -11.53 7.35 -11.10
N SER A 99 -10.45 7.50 -11.80
CA SER A 99 -9.72 8.71 -11.88
C SER A 99 -9.13 8.76 -13.28
N SER A 100 -8.17 7.87 -13.52
CA SER A 100 -7.53 7.71 -14.81
C SER A 100 -6.79 6.37 -14.82
N VAL A 101 -5.67 6.33 -14.11
CA VAL A 101 -4.84 5.15 -14.05
C VAL A 101 -3.84 5.33 -12.91
N LEU A 102 -3.47 4.25 -12.27
CA LEU A 102 -2.60 4.27 -11.12
C LEU A 102 -1.55 3.16 -11.28
N LYS A 103 -0.30 3.48 -11.03
CA LYS A 103 0.79 2.52 -11.21
C LYS A 103 1.39 2.08 -9.89
N PHE A 104 1.22 0.82 -9.58
CA PHE A 104 1.78 0.24 -8.39
C PHE A 104 3.02 -0.57 -8.76
N THR A 105 4.17 -0.01 -8.46
CA THR A 105 5.44 -0.64 -8.74
C THR A 105 5.77 -1.71 -7.66
N THR A 106 6.74 -2.55 -7.97
CA THR A 106 7.14 -3.68 -7.16
C THR A 106 7.83 -3.26 -5.87
N THR A 107 9.00 -2.74 -6.00
CA THR A 107 9.75 -2.36 -4.86
C THR A 107 9.53 -0.88 -4.62
N VAL A 108 8.52 -0.57 -3.88
CA VAL A 108 8.18 0.79 -3.65
C VAL A 108 8.68 1.20 -2.29
N THR A 109 9.11 2.40 -2.18
CA THR A 109 9.57 2.90 -0.92
C THR A 109 8.59 3.92 -0.38
N GLY A 110 8.71 4.24 0.87
CA GLY A 110 7.84 5.20 1.48
C GLY A 110 8.07 5.29 2.97
N HIS A 111 7.44 6.24 3.60
CA HIS A 111 7.54 6.41 5.03
C HIS A 111 6.39 5.66 5.69
N LEU A 112 6.72 4.57 6.29
CA LEU A 112 5.74 3.70 6.87
C LEU A 112 5.64 4.07 8.29
N GLU A 113 4.47 4.15 8.78
CA GLU A 113 4.28 4.44 10.11
C GLU A 113 3.12 3.61 10.55
N LYS A 114 3.04 3.26 11.79
CA LYS A 114 1.96 2.44 12.25
C LYS A 114 0.64 3.15 12.18
N GLY A 115 -0.08 2.83 11.16
CA GLY A 115 -1.34 3.42 10.92
C GLY A 115 -1.42 3.89 9.50
N LYS A 116 -0.46 4.70 9.08
CA LYS A 116 -0.45 5.28 7.75
C LYS A 116 0.92 5.25 7.07
N LEU A 117 0.89 5.00 5.78
CA LEU A 117 2.08 4.97 4.95
C LEU A 117 2.09 6.25 4.13
N THR A 118 2.97 7.15 4.48
CA THR A 118 3.04 8.45 3.85
C THR A 118 4.24 8.59 2.92
N ASP A 119 4.01 9.31 1.81
CA ASP A 119 5.03 9.62 0.77
C ASP A 119 5.71 8.38 0.22
N VAL A 120 5.27 7.92 -0.90
CA VAL A 120 5.85 6.77 -1.53
C VAL A 120 6.78 7.17 -2.63
N GLU A 121 7.47 6.20 -3.15
CA GLU A 121 8.38 6.40 -4.21
C GLU A 121 8.28 5.25 -5.19
N GLY A 122 7.31 5.33 -6.06
CA GLY A 122 7.14 4.33 -7.09
C GLY A 122 5.70 4.18 -7.51
N ILE A 123 4.82 4.63 -6.67
CA ILE A 123 3.42 4.52 -6.98
C ILE A 123 2.91 5.84 -7.51
N LYS A 124 2.79 5.91 -8.82
CA LYS A 124 2.33 7.10 -9.45
C LYS A 124 0.84 7.05 -9.48
N THR A 125 0.27 7.99 -8.86
CA THR A 125 -1.12 8.03 -8.63
C THR A 125 -1.72 9.30 -9.23
N LYS A 126 -2.71 9.12 -10.06
CA LYS A 126 -3.44 10.21 -10.57
C LYS A 126 -4.88 10.06 -10.12
N VAL A 127 -5.27 10.86 -9.16
CA VAL A 127 -6.66 10.87 -8.69
C VAL A 127 -7.35 12.13 -9.16
N MET A 128 -6.56 13.15 -9.34
CA MET A 128 -7.02 14.46 -9.68
C MET A 128 -5.84 15.19 -10.30
N ILE A 129 -4.66 14.88 -9.77
CA ILE A 129 -3.37 15.31 -10.32
C ILE A 129 -2.53 14.07 -10.27
N TRP A 130 -1.57 13.95 -11.15
CA TRP A 130 -0.71 12.81 -11.13
C TRP A 130 0.49 13.11 -10.25
N VAL A 131 0.61 12.37 -9.18
CA VAL A 131 1.64 12.58 -8.19
C VAL A 131 2.17 11.19 -7.80
N LYS A 132 3.44 11.07 -7.48
CA LYS A 132 3.99 9.76 -7.13
C LYS A 132 4.19 9.62 -5.62
N VAL A 133 3.62 10.54 -4.87
CA VAL A 133 3.83 10.55 -3.43
C VAL A 133 2.52 10.54 -2.69
N THR A 134 1.41 10.57 -3.43
CA THR A 134 0.10 10.48 -2.86
C THR A 134 -0.02 9.16 -2.12
N SER A 135 -0.10 9.26 -0.84
CA SER A 135 0.01 8.13 -0.01
C SER A 135 -1.30 7.67 0.62
N ILE A 136 -1.22 6.53 1.26
CA ILE A 136 -2.37 5.87 1.81
C ILE A 136 -2.48 6.10 3.31
N SER A 137 -3.39 6.94 3.67
CA SER A 137 -3.60 7.25 5.03
C SER A 137 -4.63 6.32 5.61
N THR A 138 -4.21 5.53 6.53
CA THR A 138 -5.05 4.60 7.17
C THR A 138 -5.04 4.93 8.66
N ASP A 139 -6.08 4.59 9.37
CA ASP A 139 -6.14 4.84 10.80
C ASP A 139 -5.97 3.55 11.55
N ALA A 140 -5.11 2.67 10.98
CA ALA A 140 -4.85 1.33 11.52
C ALA A 140 -6.16 0.56 11.62
N SER A 141 -7.02 0.82 10.66
CA SER A 141 -8.36 0.29 10.65
C SER A 141 -9.04 0.64 9.34
N LYS A 142 -9.50 1.86 9.21
CA LYS A 142 -10.17 2.30 8.00
C LYS A 142 -9.10 2.85 7.09
N VAL A 143 -9.30 2.76 5.83
CA VAL A 143 -8.31 3.17 4.89
C VAL A 143 -8.80 4.31 4.01
N TYR A 144 -7.91 5.21 3.70
CA TYR A 144 -8.15 6.24 2.75
C TYR A 144 -7.09 6.08 1.70
N PHE A 145 -7.54 5.75 0.51
CA PHE A 145 -6.69 5.38 -0.63
C PHE A 145 -5.60 6.44 -0.95
N THR A 146 -4.52 5.97 -1.60
CA THR A 146 -3.33 6.75 -1.92
C THR A 146 -3.64 8.06 -2.63
N ALA A 147 -3.74 9.12 -1.81
CA ALA A 147 -3.99 10.50 -2.19
C ALA A 147 -4.42 11.20 -0.94
N GLY A 148 -5.16 10.47 -0.12
CA GLY A 148 -5.62 11.01 1.13
C GLY A 148 -7.07 11.45 1.04
N MET A 149 -7.97 10.46 1.14
CA MET A 149 -9.45 10.70 1.14
C MET A 149 -9.98 11.11 -0.25
N LYS A 150 -9.09 11.39 -1.19
CA LYS A 150 -9.47 11.82 -2.54
C LYS A 150 -10.24 10.70 -3.24
N LYS A 151 -9.92 9.48 -2.87
CA LYS A 151 -10.62 8.31 -3.35
C LYS A 151 -11.14 7.59 -2.11
N SER A 152 -12.42 7.45 -2.01
CA SER A 152 -13.03 6.83 -0.86
C SER A 152 -13.21 5.32 -1.09
N ARG A 153 -12.46 4.52 -0.34
CA ARG A 153 -12.51 3.07 -0.43
C ARG A 153 -12.53 2.49 0.97
N SER A 154 -13.37 1.49 1.18
CA SER A 154 -13.54 0.91 2.49
C SER A 154 -12.56 -0.25 2.71
N ARG A 155 -11.87 -0.27 3.87
CA ARG A 155 -10.94 -1.38 4.21
C ARG A 155 -11.73 -2.68 4.38
N ASP A 156 -12.99 -2.52 4.73
CA ASP A 156 -13.94 -3.59 5.04
C ASP A 156 -13.84 -4.84 4.16
N ALA A 157 -13.78 -4.68 2.85
CA ALA A 157 -13.84 -5.84 1.98
C ALA A 157 -12.51 -6.60 1.87
N TYR A 158 -11.44 -5.90 1.49
CA TYR A 158 -10.13 -6.55 1.28
C TYR A 158 -9.00 -5.57 1.51
N GLY A 159 -9.25 -4.55 2.28
CA GLY A 159 -8.25 -3.56 2.51
C GLY A 159 -8.30 -2.51 1.48
N VAL A 160 -7.54 -2.67 0.43
CA VAL A 160 -7.54 -1.69 -0.60
C VAL A 160 -8.46 -2.15 -1.73
N GLN A 161 -9.47 -1.35 -2.04
CA GLN A 161 -10.45 -1.74 -3.03
C GLN A 161 -10.32 -1.10 -4.38
N ARG A 162 -9.60 -1.80 -5.25
CA ARG A 162 -9.47 -1.52 -6.66
C ARG A 162 -9.19 -2.80 -7.40
N ASN A 163 -9.61 -2.89 -8.63
CA ASN A 163 -9.42 -4.10 -9.42
C ASN A 163 -8.11 -4.06 -10.18
N GLY A 164 -7.11 -4.70 -9.62
CA GLY A 164 -5.80 -4.76 -10.20
C GLY A 164 -5.23 -6.15 -10.10
N LEU A 165 -4.32 -6.49 -10.97
CA LEU A 165 -3.70 -7.77 -10.93
C LEU A 165 -2.21 -7.63 -11.11
N ARG A 166 -1.49 -8.01 -10.10
CA ARG A 166 -0.06 -7.96 -10.14
C ARG A 166 0.39 -9.18 -10.87
N VAL A 167 0.81 -8.98 -12.08
CA VAL A 167 1.16 -10.08 -12.96
C VAL A 167 2.46 -10.82 -12.59
N ASP A 168 2.34 -11.65 -11.60
CA ASP A 168 3.42 -12.52 -11.08
C ASP A 168 2.78 -13.81 -10.64
N LYS A 169 1.57 -13.68 -10.14
CA LYS A 169 0.80 -14.81 -9.69
C LYS A 169 -0.38 -14.98 -10.64
N PHE A 170 -0.93 -16.16 -10.69
CA PHE A 170 -2.06 -16.45 -11.54
C PHE A 170 -3.39 -16.00 -10.89
N SER A 1 42.25 94.68 -19.63
CA SER A 1 42.96 95.68 -18.90
C SER A 1 42.95 95.33 -17.41
N ASP A 2 43.64 96.12 -16.60
CA ASP A 2 43.71 95.91 -15.13
C ASP A 2 44.26 94.54 -14.81
N GLN A 3 45.56 94.43 -14.89
CA GLN A 3 46.22 93.17 -14.67
C GLN A 3 46.46 92.93 -13.20
N ILE A 4 45.69 92.05 -12.66
CA ILE A 4 45.80 91.68 -11.27
C ILE A 4 45.48 90.19 -11.13
N PHE A 5 46.43 89.46 -10.66
CA PHE A 5 46.28 88.03 -10.49
C PHE A 5 47.09 87.56 -9.29
N ASN A 6 46.39 87.26 -8.23
CA ASN A 6 47.01 86.83 -7.00
C ASN A 6 45.99 86.11 -6.15
N LYS A 7 46.44 85.17 -5.37
CA LYS A 7 45.57 84.45 -4.49
C LYS A 7 46.23 84.17 -3.15
N VAL A 8 46.02 85.07 -2.23
CA VAL A 8 46.53 84.94 -0.89
C VAL A 8 45.41 84.47 0.03
N GLY A 9 45.76 83.67 1.01
CA GLY A 9 44.79 83.12 1.91
C GLY A 9 44.36 81.76 1.47
N SER A 10 45.27 81.06 0.86
CA SER A 10 45.01 79.74 0.39
C SER A 10 45.42 78.73 1.46
N TYR A 11 44.46 78.22 2.17
CA TYR A 11 44.70 77.26 3.21
C TYR A 11 44.26 75.89 2.74
N TRP A 12 45.21 75.08 2.37
CA TRP A 12 44.90 73.77 1.89
C TRP A 12 45.10 72.73 2.98
N LEU A 13 44.03 72.04 3.30
CA LEU A 13 44.04 70.97 4.28
C LEU A 13 42.81 70.13 4.04
N GLY A 14 42.86 68.88 4.43
CA GLY A 14 41.71 68.05 4.27
C GLY A 14 42.04 66.59 4.29
N GLN A 15 42.84 66.18 5.25
CA GLN A 15 43.16 64.78 5.40
C GLN A 15 42.08 64.13 6.24
N LYS A 16 41.12 63.54 5.58
CA LYS A 16 40.01 62.92 6.25
C LYS A 16 39.98 61.44 5.92
N ALA A 17 40.40 60.62 6.82
CA ALA A 17 40.39 59.20 6.63
C ALA A 17 39.09 58.63 7.19
N ASN A 18 38.15 58.44 6.31
CA ASN A 18 36.85 57.90 6.68
C ASN A 18 36.63 56.59 6.02
N LYS A 19 36.74 55.56 6.79
CA LYS A 19 36.62 54.22 6.30
C LYS A 19 35.46 53.54 6.99
N GLN A 20 34.37 53.45 6.28
CA GLN A 20 33.15 52.91 6.82
C GLN A 20 32.51 51.99 5.81
N PHE A 21 32.56 50.73 6.11
CA PHE A 21 31.92 49.71 5.31
C PHE A 21 31.70 48.55 6.24
N ASP A 22 30.67 47.80 6.02
CA ASP A 22 30.37 46.70 6.90
C ASP A 22 30.40 45.41 6.12
N SER A 23 31.51 44.72 6.21
CA SER A 23 31.72 43.48 5.50
C SER A 23 30.97 42.33 6.16
N VAL A 24 29.80 42.04 5.65
CA VAL A 24 28.98 40.96 6.12
C VAL A 24 28.14 40.46 4.95
N GLY A 25 27.83 39.19 4.95
CA GLY A 25 27.04 38.63 3.89
C GLY A 25 27.68 37.40 3.35
N ASN A 26 27.52 36.32 4.07
CA ASN A 26 28.10 35.05 3.70
C ASN A 26 27.00 34.07 3.33
N ASP A 27 26.97 33.66 2.08
CA ASP A 27 25.97 32.74 1.61
C ASP A 27 26.39 31.32 1.87
N LEU A 28 25.63 30.65 2.70
CA LEU A 28 25.87 29.28 3.04
C LEU A 28 24.65 28.46 2.73
N ASN A 29 24.86 27.24 2.29
CA ASN A 29 23.80 26.32 2.02
C ASN A 29 24.30 24.90 2.09
N SER A 30 23.41 24.01 2.34
CA SER A 30 23.72 22.62 2.47
C SER A 30 23.04 21.84 1.33
N VAL A 31 23.50 20.64 1.09
CA VAL A 31 22.96 19.83 0.03
C VAL A 31 21.77 19.02 0.54
N SER A 32 20.59 19.36 0.10
CA SER A 32 19.41 18.65 0.47
C SER A 32 18.98 17.78 -0.68
N THR A 33 19.09 16.49 -0.50
CA THR A 33 18.71 15.56 -1.52
C THR A 33 18.41 14.22 -0.87
N SER A 34 17.59 13.43 -1.52
CA SER A 34 17.27 12.12 -1.05
C SER A 34 16.67 11.35 -2.20
N ILE A 35 17.51 10.67 -2.93
CA ILE A 35 17.09 9.85 -4.03
C ILE A 35 17.34 8.42 -3.65
N GLU A 36 16.29 7.68 -3.46
CA GLU A 36 16.43 6.32 -3.06
C GLU A 36 15.33 5.48 -3.68
N GLY A 37 15.56 4.20 -3.72
CA GLY A 37 14.61 3.31 -4.28
C GLY A 37 14.95 1.90 -3.93
N GLY A 38 14.51 0.99 -4.73
CA GLY A 38 14.74 -0.39 -4.47
C GLY A 38 15.23 -1.10 -5.70
N THR A 39 15.38 -2.38 -5.59
CA THR A 39 15.83 -3.20 -6.67
C THR A 39 15.11 -4.54 -6.59
N LYS A 40 15.35 -5.41 -7.56
CA LYS A 40 14.73 -6.72 -7.62
C LYS A 40 15.17 -7.55 -6.42
N TRP A 41 14.21 -7.96 -5.64
CA TRP A 41 14.42 -8.68 -4.41
C TRP A 41 14.94 -10.10 -4.67
N LEU A 42 14.07 -10.98 -5.05
CA LEU A 42 14.39 -12.38 -5.23
C LEU A 42 13.14 -12.98 -5.91
N VAL A 43 12.52 -12.17 -6.76
CA VAL A 43 11.26 -12.53 -7.38
C VAL A 43 11.44 -13.67 -8.41
N ASN A 44 10.40 -14.52 -8.53
CA ASN A 44 10.37 -15.69 -9.44
C ASN A 44 11.22 -16.84 -8.86
N LYS A 45 11.62 -16.68 -7.62
CA LYS A 45 12.44 -17.65 -6.89
C LYS A 45 12.02 -17.65 -5.41
N ILE A 46 11.74 -18.81 -4.87
CA ILE A 46 11.37 -18.89 -3.46
C ILE A 46 12.04 -20.06 -2.78
N LYS A 47 12.04 -20.03 -1.47
CA LYS A 47 12.58 -21.10 -0.64
C LYS A 47 11.67 -21.28 0.54
N GLY A 48 11.67 -22.44 1.13
CA GLY A 48 10.85 -22.65 2.28
C GLY A 48 11.00 -24.03 2.84
N LYS A 49 10.80 -24.16 4.12
CA LYS A 49 10.82 -25.44 4.77
C LYS A 49 9.38 -25.79 5.06
N MET A 50 8.69 -24.86 5.68
CA MET A 50 7.30 -24.98 5.98
C MET A 50 6.65 -23.62 5.88
N GLN A 51 6.35 -23.22 4.65
CA GLN A 51 5.71 -21.92 4.31
C GLN A 51 6.69 -20.75 4.48
N LYS A 52 7.40 -20.73 5.62
CA LYS A 52 8.30 -19.65 6.04
C LYS A 52 7.45 -18.47 6.51
N PRO A 53 7.15 -18.42 7.83
CA PRO A 53 6.19 -17.46 8.41
C PRO A 53 6.61 -16.00 8.39
N LEU A 54 7.74 -15.72 7.80
CA LEU A 54 8.25 -14.34 7.78
C LEU A 54 7.35 -13.29 7.24
N PRO A 55 6.69 -13.49 6.09
CA PRO A 55 5.92 -12.45 5.51
C PRO A 55 4.70 -12.12 6.37
N GLU A 56 4.40 -12.99 7.30
CA GLU A 56 3.29 -12.82 8.18
C GLU A 56 3.65 -11.74 9.17
N LEU A 57 4.93 -11.70 9.49
CA LEU A 57 5.45 -10.69 10.34
C LEU A 57 5.50 -9.40 9.59
N LEU A 58 5.92 -9.49 8.34
CA LEU A 58 6.07 -8.34 7.48
C LEU A 58 4.75 -7.62 7.35
N LYS A 59 3.72 -8.38 7.08
CA LYS A 59 2.40 -7.86 6.89
C LYS A 59 1.78 -7.35 8.18
N GLU A 60 2.20 -7.91 9.32
CA GLU A 60 1.67 -7.42 10.57
C GLU A 60 2.44 -6.18 11.02
N TYR A 61 3.64 -5.99 10.46
CA TYR A 61 4.38 -4.77 10.78
C TYR A 61 4.04 -3.63 9.84
N ASP A 62 3.40 -3.98 8.75
CA ASP A 62 2.84 -3.00 7.80
C ASP A 62 1.39 -2.75 8.26
N LEU A 63 0.52 -2.36 7.39
CA LEU A 63 -0.83 -2.07 7.79
C LEU A 63 -1.65 -3.35 7.55
N PRO A 64 -2.79 -3.54 8.21
CA PRO A 64 -3.51 -4.80 8.22
C PRO A 64 -4.55 -4.84 7.15
N ILE A 65 -4.33 -4.07 6.11
CA ILE A 65 -5.28 -3.99 5.05
C ILE A 65 -4.89 -4.98 3.96
N GLY A 66 -3.59 -5.35 3.96
CA GLY A 66 -3.04 -6.30 2.97
C GLY A 66 -3.03 -5.73 1.57
N ILE A 67 -3.32 -4.45 1.51
CA ILE A 67 -3.53 -3.65 0.33
C ILE A 67 -4.64 -4.18 -0.55
N PHE A 68 -4.42 -5.29 -1.19
CA PHE A 68 -5.35 -5.86 -2.16
C PHE A 68 -4.78 -7.10 -2.79
N PRO A 69 -3.52 -7.07 -3.33
CA PRO A 69 -2.92 -8.27 -3.83
C PRO A 69 -2.65 -9.21 -2.67
N GLY A 70 -3.04 -10.45 -2.82
CA GLY A 70 -2.89 -11.43 -1.76
C GLY A 70 -1.46 -11.89 -1.56
N ASP A 71 -0.61 -10.96 -1.16
CA ASP A 71 0.81 -11.20 -0.90
C ASP A 71 1.44 -9.87 -0.52
N ALA A 72 1.00 -8.79 -1.22
CA ALA A 72 1.39 -7.37 -0.93
C ALA A 72 1.31 -7.02 0.57
N THR A 73 1.93 -5.86 0.96
CA THR A 73 1.95 -5.41 2.36
C THR A 73 3.17 -6.01 3.08
N ASN A 74 4.15 -6.30 2.29
CA ASN A 74 5.36 -6.81 2.83
C ASN A 74 6.23 -5.71 3.34
N TYR A 75 7.16 -6.08 4.11
CA TYR A 75 7.92 -5.11 4.86
C TYR A 75 9.43 -5.38 4.79
N GLU A 76 10.08 -4.72 3.88
CA GLU A 76 11.53 -4.76 3.76
C GLU A 76 12.05 -3.36 4.04
N PHE A 77 13.24 -3.24 4.50
CA PHE A 77 13.77 -1.94 4.84
C PHE A 77 15.25 -1.88 4.55
N ASP A 78 15.66 -1.07 3.61
CA ASP A 78 17.07 -0.92 3.37
C ASP A 78 17.56 0.14 4.24
N GLU A 79 18.74 0.00 4.61
CA GLU A 79 19.39 0.93 5.45
C GLU A 79 19.94 2.13 4.66
N GLU A 80 20.51 1.84 3.49
CA GLU A 80 21.06 2.88 2.59
C GLU A 80 19.94 3.80 2.16
N THR A 81 18.84 3.20 1.86
CA THR A 81 17.64 3.83 1.49
C THR A 81 17.06 4.53 2.73
N LYS A 82 16.96 3.73 3.81
CA LYS A 82 16.47 4.13 5.14
C LYS A 82 14.97 4.44 5.09
N LYS A 83 14.40 4.12 3.97
CA LYS A 83 13.03 4.30 3.68
C LYS A 83 12.45 2.92 3.43
N LEU A 84 11.31 2.65 4.02
CA LEU A 84 10.69 1.32 4.03
C LEU A 84 10.31 0.94 2.61
N THR A 85 10.63 -0.26 2.25
CA THR A 85 10.37 -0.72 0.94
C THR A 85 9.39 -1.90 0.94
N VAL A 86 8.21 -1.64 0.43
CA VAL A 86 7.18 -2.65 0.31
C VAL A 86 7.29 -3.27 -1.04
N LEU A 87 7.39 -4.55 -1.05
CA LEU A 87 7.46 -5.26 -2.26
C LEU A 87 6.16 -5.98 -2.57
N ILE A 88 5.66 -5.68 -3.73
CA ILE A 88 4.45 -6.27 -4.25
C ILE A 88 4.80 -7.20 -5.42
N PRO A 89 4.37 -8.49 -5.37
CA PRO A 89 4.52 -9.43 -6.47
C PRO A 89 3.97 -8.88 -7.78
N SER A 90 4.87 -8.37 -8.60
CA SER A 90 4.56 -7.79 -9.89
C SER A 90 3.91 -6.41 -9.76
N ILE A 91 4.29 -5.53 -10.66
CA ILE A 91 3.71 -4.25 -10.71
C ILE A 91 2.33 -4.33 -11.35
N CYS A 92 1.33 -4.16 -10.52
CA CYS A 92 -0.04 -4.22 -10.94
C CYS A 92 -0.54 -2.82 -11.32
N GLU A 93 -1.11 -2.72 -12.51
CA GLU A 93 -1.62 -1.44 -13.01
C GLU A 93 -3.13 -1.46 -13.01
N VAL A 94 -3.71 -0.28 -13.03
CA VAL A 94 -5.15 -0.14 -13.02
C VAL A 94 -5.52 1.21 -13.61
N GLY A 95 -6.09 1.19 -14.78
CA GLY A 95 -6.43 2.42 -15.41
C GLY A 95 -7.67 2.39 -16.22
N TYR A 96 -8.10 3.54 -16.64
CA TYR A 96 -9.13 3.71 -17.57
C TYR A 96 -8.52 4.59 -18.61
N LYS A 97 -9.29 5.30 -19.36
CA LYS A 97 -8.69 6.22 -20.29
C LYS A 97 -8.03 7.40 -19.54
N ASP A 98 -8.32 7.53 -18.21
CA ASP A 98 -7.69 8.60 -17.38
C ASP A 98 -8.16 8.63 -15.93
N SER A 99 -9.50 8.69 -15.75
CA SER A 99 -10.17 8.97 -14.46
C SER A 99 -9.63 8.20 -13.27
N SER A 100 -9.09 7.07 -13.51
CA SER A 100 -8.50 6.29 -12.46
C SER A 100 -7.41 5.41 -12.98
N VAL A 101 -6.25 5.96 -13.12
CA VAL A 101 -5.09 5.17 -13.45
C VAL A 101 -4.13 5.29 -12.30
N LEU A 102 -3.63 4.19 -11.89
CA LEU A 102 -2.78 4.15 -10.76
C LEU A 102 -1.86 2.96 -10.94
N LYS A 103 -0.66 3.09 -10.49
CA LYS A 103 0.31 2.06 -10.65
C LYS A 103 1.00 1.71 -9.34
N PHE A 104 0.88 0.46 -8.94
CA PHE A 104 1.57 -0.02 -7.77
C PHE A 104 2.85 -0.67 -8.22
N THR A 105 3.95 0.02 -8.05
CA THR A 105 5.24 -0.50 -8.45
C THR A 105 5.66 -1.65 -7.52
N THR A 106 6.42 -2.60 -8.06
CA THR A 106 6.88 -3.79 -7.33
C THR A 106 7.57 -3.40 -6.05
N THR A 107 8.55 -2.55 -6.20
CA THR A 107 9.34 -2.16 -5.11
C THR A 107 9.11 -0.67 -4.84
N VAL A 108 8.22 -0.40 -3.94
CA VAL A 108 7.93 0.95 -3.53
C VAL A 108 8.63 1.24 -2.25
N THR A 109 8.88 2.49 -1.98
CA THR A 109 9.65 2.84 -0.87
C THR A 109 8.95 4.04 -0.24
N GLY A 110 8.68 4.01 1.01
CA GLY A 110 7.95 5.07 1.62
C GLY A 110 8.28 5.29 3.07
N HIS A 111 7.54 6.18 3.66
CA HIS A 111 7.69 6.53 5.04
C HIS A 111 6.76 5.65 5.85
N LEU A 112 7.33 4.86 6.71
CA LEU A 112 6.58 3.85 7.40
C LEU A 112 6.22 4.29 8.75
N GLU A 113 4.96 4.37 8.98
CA GLU A 113 4.45 4.52 10.28
C GLU A 113 3.46 3.49 10.51
N LYS A 114 3.51 2.95 11.65
CA LYS A 114 2.69 1.88 11.99
C LYS A 114 1.29 2.44 12.19
N GLY A 115 0.48 2.27 11.19
CA GLY A 115 -0.83 2.80 11.19
C GLY A 115 -1.14 3.42 9.86
N LYS A 116 -0.14 4.07 9.26
CA LYS A 116 -0.28 4.75 7.97
C LYS A 116 1.06 4.84 7.23
N LEU A 117 1.03 4.58 5.95
CA LEU A 117 2.22 4.57 5.13
C LEU A 117 2.17 5.76 4.14
N THR A 118 2.97 6.75 4.41
CA THR A 118 3.01 7.92 3.56
C THR A 118 4.26 7.94 2.70
N ASP A 119 4.37 8.95 1.82
CA ASP A 119 5.58 9.19 1.01
C ASP A 119 5.97 7.98 0.18
N VAL A 120 4.99 7.42 -0.51
CA VAL A 120 5.21 6.23 -1.26
C VAL A 120 5.83 6.51 -2.59
N GLU A 121 7.10 6.36 -2.61
CA GLU A 121 7.91 6.60 -3.73
C GLU A 121 7.75 5.44 -4.67
N GLY A 122 6.87 5.60 -5.58
CA GLY A 122 6.65 4.59 -6.57
C GLY A 122 5.19 4.33 -6.78
N ILE A 123 4.35 4.95 -5.99
CA ILE A 123 2.94 4.80 -6.18
C ILE A 123 2.44 6.00 -6.92
N LYS A 124 2.26 5.80 -8.19
CA LYS A 124 1.82 6.84 -9.03
C LYS A 124 0.32 6.76 -9.13
N THR A 125 -0.31 7.80 -8.71
CA THR A 125 -1.72 7.80 -8.50
C THR A 125 -2.42 8.96 -9.20
N LYS A 126 -3.48 8.64 -9.89
CA LYS A 126 -4.33 9.65 -10.42
C LYS A 126 -5.74 9.42 -9.91
N VAL A 127 -6.25 10.41 -9.21
CA VAL A 127 -7.61 10.39 -8.68
C VAL A 127 -8.25 11.76 -8.84
N MET A 128 -7.61 12.75 -8.29
CA MET A 128 -8.04 14.11 -8.37
C MET A 128 -7.24 14.78 -9.45
N ILE A 129 -6.01 14.37 -9.54
CA ILE A 129 -5.10 14.81 -10.53
C ILE A 129 -3.97 13.73 -10.50
N TRP A 130 -2.94 13.87 -11.27
CA TRP A 130 -1.89 12.88 -11.27
C TRP A 130 -0.81 13.28 -10.27
N VAL A 131 -0.53 12.41 -9.35
CA VAL A 131 0.48 12.63 -8.33
C VAL A 131 1.39 11.38 -8.27
N LYS A 132 2.68 11.58 -8.18
CA LYS A 132 3.61 10.43 -8.16
C LYS A 132 4.05 10.09 -6.74
N VAL A 133 3.25 10.50 -5.78
CA VAL A 133 3.61 10.31 -4.39
C VAL A 133 2.43 9.72 -3.64
N THR A 134 1.47 10.58 -3.30
CA THR A 134 0.29 10.19 -2.50
C THR A 134 0.65 9.45 -1.19
N SER A 135 -0.34 8.86 -0.56
CA SER A 135 -0.15 8.15 0.66
C SER A 135 -1.34 7.25 0.94
N ILE A 136 -1.09 6.16 1.61
CA ILE A 136 -2.14 5.32 2.04
C ILE A 136 -2.32 5.52 3.54
N SER A 137 -3.26 6.34 3.87
CA SER A 137 -3.48 6.66 5.22
C SER A 137 -4.60 5.83 5.78
N THR A 138 -4.45 5.44 6.98
CA THR A 138 -5.38 4.62 7.62
C THR A 138 -5.11 4.67 9.12
N ASP A 139 -5.96 4.04 9.86
CA ASP A 139 -5.80 3.91 11.29
C ASP A 139 -5.49 2.48 11.56
N ALA A 140 -4.85 1.85 10.56
CA ALA A 140 -4.61 0.42 10.55
C ALA A 140 -5.97 -0.26 10.54
N SER A 141 -6.87 0.27 9.72
CA SER A 141 -8.27 -0.13 9.73
C SER A 141 -9.05 0.56 8.58
N LYS A 142 -9.45 1.80 8.77
CA LYS A 142 -10.19 2.52 7.73
C LYS A 142 -9.19 3.09 6.77
N VAL A 143 -9.37 2.85 5.51
CA VAL A 143 -8.39 3.18 4.51
C VAL A 143 -8.80 4.39 3.69
N TYR A 144 -7.90 5.34 3.61
CA TYR A 144 -8.12 6.54 2.88
C TYR A 144 -7.14 6.69 1.76
N PHE A 145 -7.62 7.16 0.69
CA PHE A 145 -6.82 7.55 -0.41
C PHE A 145 -6.50 9.01 -0.29
N THR A 146 -5.35 9.30 0.21
CA THR A 146 -4.97 10.64 0.45
C THR A 146 -4.10 11.25 -0.63
N ALA A 147 -4.78 12.02 -1.45
CA ALA A 147 -4.20 12.82 -2.51
C ALA A 147 -4.81 14.20 -2.33
N GLY A 148 -5.11 14.46 -1.10
CA GLY A 148 -5.84 15.58 -0.66
C GLY A 148 -6.83 15.02 0.30
N MET A 149 -7.76 14.29 -0.28
CA MET A 149 -8.72 13.45 0.40
C MET A 149 -9.70 12.93 -0.63
N LYS A 150 -9.32 11.87 -1.30
CA LYS A 150 -10.18 11.32 -2.31
C LYS A 150 -11.16 10.28 -1.81
N LYS A 151 -10.75 9.05 -1.79
CA LYS A 151 -11.68 8.00 -1.48
C LYS A 151 -11.43 7.35 -0.16
N SER A 152 -12.47 6.89 0.45
CA SER A 152 -12.40 6.30 1.76
C SER A 152 -13.17 5.00 1.78
N ARG A 153 -12.61 4.00 2.40
CA ARG A 153 -13.27 2.73 2.59
C ARG A 153 -12.74 2.02 3.76
N SER A 154 -13.49 1.08 4.21
CA SER A 154 -13.11 0.29 5.31
C SER A 154 -12.30 -0.92 4.80
N ARG A 155 -11.22 -1.30 5.52
CA ARG A 155 -10.41 -2.47 5.07
C ARG A 155 -11.18 -3.76 4.96
N ASP A 156 -12.33 -3.78 5.63
CA ASP A 156 -13.26 -4.92 5.63
C ASP A 156 -13.57 -5.41 4.23
N ALA A 157 -13.57 -4.48 3.26
CA ALA A 157 -13.84 -4.83 1.89
C ALA A 157 -12.71 -5.69 1.31
N TYR A 158 -11.48 -5.18 1.40
CA TYR A 158 -10.28 -5.91 0.95
C TYR A 158 -9.09 -5.03 1.15
N GLY A 159 -9.22 -4.08 2.03
CA GLY A 159 -8.18 -3.13 2.21
C GLY A 159 -8.36 -1.95 1.27
N VAL A 160 -7.64 -1.96 0.18
CA VAL A 160 -7.74 -0.90 -0.77
C VAL A 160 -8.57 -1.39 -1.95
N GLN A 161 -9.56 -0.65 -2.31
CA GLN A 161 -10.38 -1.06 -3.42
C GLN A 161 -9.91 -0.47 -4.71
N ARG A 162 -9.06 -1.21 -5.35
CA ARG A 162 -8.49 -0.84 -6.60
C ARG A 162 -8.15 -2.12 -7.34
N ASN A 163 -8.85 -2.40 -8.41
CA ASN A 163 -8.67 -3.66 -9.12
C ASN A 163 -7.43 -3.70 -9.95
N GLY A 164 -6.45 -4.43 -9.48
CA GLY A 164 -5.23 -4.60 -10.22
C GLY A 164 -5.02 -6.06 -10.55
N LEU A 165 -3.93 -6.37 -11.19
CA LEU A 165 -3.61 -7.74 -11.51
C LEU A 165 -2.13 -7.94 -11.34
N ARG A 166 -1.75 -8.99 -10.65
CA ARG A 166 -0.33 -9.21 -10.47
C ARG A 166 0.11 -10.16 -11.51
N VAL A 167 0.88 -9.73 -12.44
CA VAL A 167 1.45 -10.67 -13.38
C VAL A 167 2.67 -11.37 -12.79
N ASP A 168 2.35 -12.15 -11.77
CA ASP A 168 3.28 -12.91 -10.95
C ASP A 168 2.50 -13.99 -10.23
N LYS A 169 1.22 -13.72 -10.00
CA LYS A 169 0.39 -14.61 -9.21
C LYS A 169 0.03 -15.84 -10.00
N PHE A 170 -0.14 -16.94 -9.32
CA PHE A 170 -0.48 -18.18 -9.92
C PHE A 170 -1.55 -18.89 -9.11
N SER A 1 17.51 -81.69 35.86
CA SER A 1 16.70 -81.87 37.06
C SER A 1 15.25 -81.57 36.72
N ASP A 2 14.39 -82.56 36.87
CA ASP A 2 12.97 -82.38 36.60
C ASP A 2 12.26 -81.91 37.82
N GLN A 3 12.00 -80.63 37.86
CA GLN A 3 11.28 -80.05 38.94
C GLN A 3 10.62 -78.78 38.46
N ILE A 4 9.46 -78.95 37.90
CA ILE A 4 8.67 -77.84 37.43
C ILE A 4 7.19 -78.22 37.49
N PHE A 5 6.61 -77.96 38.61
CA PHE A 5 5.24 -78.29 38.84
C PHE A 5 4.43 -77.03 38.99
N ASN A 6 3.39 -76.92 38.20
CA ASN A 6 2.52 -75.77 38.30
C ASN A 6 1.61 -75.92 39.51
N LYS A 7 2.06 -75.38 40.61
CA LYS A 7 1.32 -75.45 41.83
C LYS A 7 0.48 -74.21 42.02
N VAL A 8 -0.81 -74.36 41.86
CA VAL A 8 -1.72 -73.28 42.06
C VAL A 8 -2.00 -73.09 43.55
N GLY A 9 -1.65 -71.95 44.06
CA GLY A 9 -1.88 -71.67 45.43
C GLY A 9 -3.21 -71.01 45.63
N SER A 10 -3.79 -71.22 46.78
CA SER A 10 -5.07 -70.63 47.11
C SER A 10 -4.93 -69.12 47.23
N TYR A 11 -5.81 -68.40 46.59
CA TYR A 11 -5.78 -66.96 46.66
C TYR A 11 -6.80 -66.45 47.66
N TRP A 12 -6.34 -66.08 48.82
CA TRP A 12 -7.21 -65.54 49.84
C TRP A 12 -7.39 -64.07 49.56
N LEU A 13 -8.55 -63.54 49.86
CA LEU A 13 -8.83 -62.18 49.53
C LEU A 13 -9.55 -61.48 50.65
N GLY A 14 -9.27 -60.20 50.80
CA GLY A 14 -9.91 -59.42 51.82
C GLY A 14 -11.19 -58.82 51.29
N GLN A 15 -12.16 -59.66 51.03
CA GLN A 15 -13.43 -59.21 50.52
C GLN A 15 -14.33 -58.76 51.64
N LYS A 16 -15.41 -58.09 51.26
CA LYS A 16 -16.37 -57.50 52.17
C LYS A 16 -15.74 -56.43 53.02
N ALA A 17 -15.33 -55.39 52.36
CA ALA A 17 -14.80 -54.25 53.01
C ALA A 17 -15.91 -53.26 53.16
N ASN A 18 -16.59 -53.33 54.26
CA ASN A 18 -17.70 -52.48 54.51
C ASN A 18 -17.24 -51.28 55.26
N LYS A 19 -17.75 -50.15 54.91
CA LYS A 19 -17.34 -48.90 55.50
C LYS A 19 -18.56 -48.04 55.74
N GLN A 20 -18.44 -47.18 56.68
CA GLN A 20 -19.46 -46.22 56.99
C GLN A 20 -18.74 -44.97 57.39
N PHE A 21 -18.66 -44.04 56.47
CA PHE A 21 -17.89 -42.85 56.71
C PHE A 21 -18.55 -41.96 57.73
N ASP A 22 -17.75 -41.42 58.58
CA ASP A 22 -18.22 -40.53 59.60
C ASP A 22 -18.37 -39.16 59.01
N SER A 23 -19.37 -38.47 59.45
CA SER A 23 -19.62 -37.16 58.98
C SER A 23 -19.77 -36.23 60.17
N VAL A 24 -18.74 -35.48 60.44
CA VAL A 24 -18.73 -34.57 61.55
C VAL A 24 -18.98 -33.17 61.00
N GLY A 25 -19.53 -32.29 61.84
CA GLY A 25 -19.83 -30.94 61.41
C GLY A 25 -18.58 -30.07 61.31
N ASN A 26 -17.68 -30.46 60.45
CA ASN A 26 -16.45 -29.74 60.25
C ASN A 26 -16.55 -28.84 59.05
N ASP A 27 -17.24 -27.74 59.24
CA ASP A 27 -17.48 -26.75 58.21
C ASP A 27 -18.14 -25.56 58.91
N LEU A 28 -18.69 -24.61 58.16
CA LEU A 28 -19.28 -23.40 58.70
C LEU A 28 -18.22 -22.58 59.43
N ASN A 29 -17.49 -21.83 58.66
CA ASN A 29 -16.40 -21.03 59.18
C ASN A 29 -16.62 -19.58 58.87
N SER A 30 -15.65 -18.76 59.17
CA SER A 30 -15.74 -17.37 58.90
C SER A 30 -15.15 -17.06 57.55
N VAL A 31 -15.91 -16.40 56.71
CA VAL A 31 -15.42 -15.95 55.44
C VAL A 31 -14.62 -14.69 55.69
N SER A 32 -13.33 -14.82 55.72
CA SER A 32 -12.46 -13.73 56.06
C SER A 32 -12.25 -12.79 54.88
N THR A 33 -12.40 -13.31 53.69
CA THR A 33 -12.25 -12.53 52.51
C THR A 33 -12.94 -13.22 51.34
N SER A 34 -13.50 -12.44 50.48
CA SER A 34 -14.11 -12.94 49.29
C SER A 34 -13.25 -12.46 48.12
N ILE A 35 -12.58 -13.39 47.47
CA ILE A 35 -11.64 -13.04 46.42
C ILE A 35 -12.34 -12.65 45.14
N GLU A 36 -12.29 -11.37 44.82
CA GLU A 36 -12.91 -10.85 43.63
C GLU A 36 -11.85 -10.35 42.67
N GLY A 37 -12.24 -10.17 41.44
CA GLY A 37 -11.35 -9.73 40.42
C GLY A 37 -11.80 -10.27 39.11
N GLY A 38 -11.06 -10.03 38.07
CA GLY A 38 -11.44 -10.56 36.80
C GLY A 38 -10.68 -9.94 35.67
N THR A 39 -11.41 -9.52 34.66
CA THR A 39 -10.87 -9.00 33.44
C THR A 39 -10.15 -10.12 32.67
N LYS A 40 -10.90 -10.82 31.87
CA LYS A 40 -10.38 -11.87 31.05
C LYS A 40 -9.95 -11.31 29.70
N TRP A 41 -8.73 -11.54 29.34
CA TRP A 41 -8.21 -11.00 28.10
C TRP A 41 -8.52 -11.88 26.92
N LEU A 42 -9.55 -11.50 26.21
CA LEU A 42 -9.99 -12.20 25.04
C LEU A 42 -9.50 -11.43 23.82
N VAL A 43 -10.02 -11.75 22.64
CA VAL A 43 -9.62 -11.12 21.37
C VAL A 43 -8.23 -11.63 20.97
N ASN A 44 -8.22 -12.65 20.16
CA ASN A 44 -7.00 -13.30 19.77
C ASN A 44 -7.09 -13.68 18.28
N LYS A 45 -6.14 -13.23 17.51
CA LYS A 45 -6.11 -13.52 16.09
C LYS A 45 -4.82 -14.20 15.67
N ILE A 46 -4.71 -14.48 14.36
CA ILE A 46 -3.56 -15.12 13.71
C ILE A 46 -3.53 -16.61 13.99
N LYS A 47 -3.52 -17.40 12.94
CA LYS A 47 -3.38 -18.83 13.10
C LYS A 47 -1.91 -19.16 13.15
N GLY A 48 -1.23 -18.84 12.09
CA GLY A 48 0.17 -19.12 12.03
C GLY A 48 0.47 -20.08 10.92
N LYS A 49 1.61 -19.90 10.31
CA LYS A 49 2.05 -20.73 9.22
C LYS A 49 3.25 -21.53 9.64
N MET A 50 3.28 -22.80 9.26
CA MET A 50 4.37 -23.68 9.63
C MET A 50 5.45 -23.64 8.57
N GLN A 51 5.21 -22.85 7.54
CA GLN A 51 6.18 -22.60 6.47
C GLN A 51 6.89 -21.29 6.78
N LYS A 52 7.09 -21.05 8.08
CA LYS A 52 7.60 -19.80 8.67
C LYS A 52 6.46 -18.82 8.86
N PRO A 53 6.40 -18.18 10.03
CA PRO A 53 5.33 -17.23 10.34
C PRO A 53 5.54 -15.88 9.70
N LEU A 54 6.58 -15.76 8.89
CA LEU A 54 6.92 -14.49 8.28
C LEU A 54 5.85 -13.80 7.54
N PRO A 55 5.15 -14.44 6.58
CA PRO A 55 4.23 -13.74 5.72
C PRO A 55 3.10 -13.08 6.50
N GLU A 56 2.96 -13.50 7.76
CA GLU A 56 1.96 -12.96 8.63
C GLU A 56 2.45 -11.66 9.17
N LEU A 57 3.75 -11.61 9.43
CA LEU A 57 4.39 -10.46 10.00
C LEU A 57 4.60 -9.32 9.02
N LEU A 58 4.85 -9.64 7.74
CA LEU A 58 5.09 -8.55 6.74
C LEU A 58 3.85 -7.72 6.61
N LYS A 59 2.75 -8.40 6.51
CA LYS A 59 1.46 -7.76 6.45
C LYS A 59 1.00 -7.25 7.84
N GLU A 60 1.49 -7.89 8.86
CA GLU A 60 1.16 -7.52 10.23
C GLU A 60 1.62 -6.13 10.60
N TYR A 61 2.91 -5.87 10.39
CA TYR A 61 3.49 -4.56 10.71
C TYR A 61 3.09 -3.51 9.70
N ASP A 62 2.27 -3.92 8.82
CA ASP A 62 1.71 -3.08 7.77
C ASP A 62 0.42 -2.41 8.28
N LEU A 63 -0.24 -1.66 7.43
CA LEU A 63 -1.48 -1.00 7.79
C LEU A 63 -2.60 -2.11 7.68
N PRO A 64 -3.92 -1.80 7.73
CA PRO A 64 -4.93 -2.83 7.70
C PRO A 64 -5.43 -3.07 6.29
N ILE A 65 -4.78 -2.44 5.33
CA ILE A 65 -5.14 -2.59 3.97
C ILE A 65 -4.78 -3.96 3.53
N GLY A 66 -3.55 -4.39 3.87
CA GLY A 66 -3.02 -5.68 3.40
C GLY A 66 -3.02 -5.77 1.88
N ILE A 67 -3.31 -4.63 1.29
CA ILE A 67 -3.55 -4.38 -0.09
C ILE A 67 -4.71 -5.20 -0.59
N PHE A 68 -4.54 -6.49 -0.71
CA PHE A 68 -5.57 -7.35 -1.28
C PHE A 68 -5.14 -8.82 -1.25
N PRO A 69 -3.97 -9.18 -1.86
CA PRO A 69 -3.55 -10.56 -1.95
C PRO A 69 -2.57 -10.94 -0.85
N GLY A 70 -2.02 -12.13 -0.96
CA GLY A 70 -1.01 -12.59 -0.06
C GLY A 70 0.34 -12.53 -0.70
N ASP A 71 0.41 -11.84 -1.82
CA ASP A 71 1.61 -11.69 -2.54
C ASP A 71 2.22 -10.30 -2.28
N ALA A 72 1.44 -9.27 -2.54
CA ALA A 72 1.80 -7.90 -2.21
C ALA A 72 1.81 -7.69 -0.67
N THR A 73 2.38 -6.55 -0.23
CA THR A 73 2.39 -6.13 1.20
C THR A 73 3.61 -6.71 1.93
N ASN A 74 4.62 -6.92 1.19
CA ASN A 74 5.82 -7.34 1.78
C ASN A 74 6.48 -6.17 2.46
N TYR A 75 7.12 -6.43 3.54
CA TYR A 75 7.60 -5.39 4.42
C TYR A 75 9.13 -5.49 4.59
N GLU A 76 9.85 -4.67 3.83
CA GLU A 76 11.31 -4.61 3.88
C GLU A 76 11.76 -3.17 4.07
N PHE A 77 12.39 -2.90 5.18
CA PHE A 77 12.85 -1.54 5.47
C PHE A 77 14.33 -1.56 5.72
N ASP A 78 15.02 -0.53 5.28
CA ASP A 78 16.45 -0.49 5.53
C ASP A 78 16.71 0.31 6.75
N GLU A 79 17.91 0.24 7.19
CA GLU A 79 18.34 0.89 8.38
C GLU A 79 18.60 2.38 8.15
N GLU A 80 19.59 2.65 7.32
CA GLU A 80 20.02 4.00 7.03
C GLU A 80 18.95 4.71 6.26
N THR A 81 18.45 4.02 5.28
CA THR A 81 17.47 4.52 4.38
C THR A 81 16.21 5.01 5.12
N LYS A 82 15.66 4.16 6.03
CA LYS A 82 14.41 4.46 6.77
C LYS A 82 13.21 4.53 5.83
N LYS A 83 13.41 4.01 4.66
CA LYS A 83 12.40 3.92 3.66
C LYS A 83 12.14 2.45 3.44
N LEU A 84 10.91 2.10 3.46
CA LEU A 84 10.53 0.73 3.35
C LEU A 84 10.03 0.45 1.96
N THR A 85 10.35 -0.72 1.48
CA THR A 85 9.94 -1.14 0.21
C THR A 85 8.96 -2.32 0.33
N VAL A 86 7.80 -2.12 -0.20
CA VAL A 86 6.80 -3.13 -0.28
C VAL A 86 6.92 -3.82 -1.61
N LEU A 87 7.18 -5.11 -1.58
CA LEU A 87 7.34 -5.88 -2.77
C LEU A 87 6.00 -6.26 -3.34
N ILE A 88 5.74 -5.76 -4.49
CA ILE A 88 4.55 -6.05 -5.24
C ILE A 88 4.98 -6.94 -6.41
N PRO A 89 4.32 -8.09 -6.62
CA PRO A 89 4.63 -8.95 -7.74
C PRO A 89 4.43 -8.22 -9.06
N SER A 90 5.54 -7.98 -9.75
CA SER A 90 5.56 -7.34 -11.04
C SER A 90 5.13 -5.87 -10.92
N ILE A 91 4.90 -5.28 -12.04
CA ILE A 91 4.42 -3.95 -12.14
C ILE A 91 3.00 -4.00 -12.71
N CYS A 92 2.04 -3.71 -11.86
CA CYS A 92 0.65 -3.84 -12.21
C CYS A 92 -0.04 -2.50 -12.39
N GLU A 93 -0.64 -2.30 -13.54
CA GLU A 93 -1.44 -1.11 -13.78
C GLU A 93 -2.90 -1.50 -13.77
N VAL A 94 -3.73 -0.54 -13.51
CA VAL A 94 -5.16 -0.72 -13.60
C VAL A 94 -5.77 0.38 -14.46
N GLY A 95 -6.26 0.00 -15.61
CA GLY A 95 -6.86 0.95 -16.50
C GLY A 95 -8.35 0.85 -16.46
N TYR A 96 -9.02 1.92 -16.78
CA TYR A 96 -10.45 1.98 -16.67
C TYR A 96 -10.88 3.11 -17.60
N LYS A 97 -12.16 3.51 -17.59
CA LYS A 97 -12.61 4.66 -18.41
C LYS A 97 -11.93 5.93 -17.91
N ASP A 98 -11.33 5.78 -16.73
CA ASP A 98 -10.62 6.79 -16.00
C ASP A 98 -11.48 7.54 -15.02
N SER A 99 -11.33 7.11 -13.82
CA SER A 99 -11.96 7.67 -12.65
C SER A 99 -10.98 7.41 -11.52
N SER A 100 -10.40 6.22 -11.59
CA SER A 100 -9.35 5.78 -10.71
C SER A 100 -8.42 4.87 -11.54
N VAL A 101 -7.26 5.41 -11.91
CA VAL A 101 -6.26 4.70 -12.70
C VAL A 101 -4.95 4.83 -11.98
N LEU A 102 -4.29 3.72 -11.74
CA LEU A 102 -3.08 3.75 -10.97
C LEU A 102 -2.18 2.56 -11.24
N LYS A 103 -0.95 2.66 -10.77
CA LYS A 103 0.06 1.66 -11.00
C LYS A 103 0.80 1.31 -9.71
N PHE A 104 0.96 0.02 -9.48
CA PHE A 104 1.71 -0.47 -8.35
C PHE A 104 2.91 -1.25 -8.89
N THR A 105 4.09 -0.70 -8.71
CA THR A 105 5.30 -1.32 -9.22
C THR A 105 5.86 -2.30 -8.18
N THR A 106 6.87 -3.07 -8.59
CA THR A 106 7.45 -4.10 -7.76
C THR A 106 8.00 -3.58 -6.44
N THR A 107 8.80 -2.56 -6.48
CA THR A 107 9.33 -2.04 -5.26
C THR A 107 8.88 -0.61 -5.00
N VAL A 108 7.81 -0.49 -4.24
CA VAL A 108 7.35 0.79 -3.84
C VAL A 108 7.97 1.12 -2.51
N THR A 109 8.60 2.22 -2.46
CA THR A 109 9.28 2.66 -1.32
C THR A 109 8.53 3.80 -0.68
N GLY A 110 8.70 3.98 0.57
CA GLY A 110 8.04 5.07 1.25
C GLY A 110 8.31 5.00 2.70
N HIS A 111 7.67 5.86 3.44
CA HIS A 111 7.83 5.84 4.87
C HIS A 111 6.66 5.12 5.47
N LEU A 112 6.81 3.83 5.65
CA LEU A 112 5.73 3.03 6.11
C LEU A 112 5.86 2.82 7.59
N GLU A 113 4.94 3.39 8.29
CA GLU A 113 4.85 3.23 9.69
C GLU A 113 3.60 2.55 10.01
N LYS A 114 3.56 2.00 11.14
CA LYS A 114 2.45 1.26 11.56
C LYS A 114 1.31 2.24 11.84
N GLY A 115 0.36 2.29 10.93
CA GLY A 115 -0.74 3.20 11.08
C GLY A 115 -0.77 4.24 9.99
N LYS A 116 0.27 4.32 9.17
CA LYS A 116 0.29 5.26 8.03
C LYS A 116 1.54 5.09 7.18
N LEU A 117 1.35 5.06 5.90
CA LEU A 117 2.46 5.01 4.99
C LEU A 117 2.49 6.34 4.30
N THR A 118 3.52 7.06 4.53
CA THR A 118 3.64 8.37 3.99
C THR A 118 4.59 8.42 2.79
N ASP A 119 4.13 9.13 1.75
CA ASP A 119 4.81 9.33 0.46
C ASP A 119 5.36 8.08 -0.19
N VAL A 120 4.58 7.55 -1.12
CA VAL A 120 4.92 6.38 -1.84
C VAL A 120 5.74 6.73 -3.03
N GLU A 121 6.89 6.24 -3.03
CA GLU A 121 7.81 6.44 -4.05
C GLU A 121 7.73 5.24 -4.97
N GLY A 122 6.91 5.35 -5.97
CA GLY A 122 6.80 4.28 -6.95
C GLY A 122 5.39 4.05 -7.40
N ILE A 123 4.44 4.57 -6.67
CA ILE A 123 3.06 4.40 -6.99
C ILE A 123 2.50 5.62 -7.69
N LYS A 124 2.33 5.48 -8.97
CA LYS A 124 1.75 6.50 -9.80
C LYS A 124 0.27 6.29 -9.73
N THR A 125 -0.45 7.27 -9.29
CA THR A 125 -1.84 7.12 -9.12
C THR A 125 -2.58 8.31 -9.70
N LYS A 126 -3.82 8.11 -9.92
CA LYS A 126 -4.68 9.14 -10.32
C LYS A 126 -5.83 9.16 -9.38
N VAL A 127 -5.98 10.28 -8.72
CA VAL A 127 -7.06 10.44 -7.80
C VAL A 127 -8.05 11.41 -8.40
N MET A 128 -7.72 12.67 -8.33
CA MET A 128 -8.47 13.68 -9.01
C MET A 128 -7.72 13.94 -10.28
N ILE A 129 -6.41 13.86 -10.19
CA ILE A 129 -5.54 14.00 -11.29
C ILE A 129 -4.33 13.07 -11.02
N TRP A 130 -3.40 12.97 -11.97
CA TRP A 130 -2.24 12.08 -11.85
C TRP A 130 -1.22 12.63 -10.87
N VAL A 131 -0.75 11.80 -9.97
CA VAL A 131 0.30 12.16 -9.05
C VAL A 131 1.11 10.89 -8.73
N LYS A 132 2.39 11.00 -8.49
CA LYS A 132 3.17 9.82 -8.14
C LYS A 132 3.64 9.86 -6.69
N VAL A 133 3.35 10.94 -6.03
CA VAL A 133 3.72 11.07 -4.65
C VAL A 133 2.50 11.39 -3.78
N THR A 134 2.05 10.40 -3.10
CA THR A 134 0.90 10.50 -2.24
C THR A 134 1.13 9.62 -1.04
N SER A 135 0.31 9.74 -0.07
CA SER A 135 0.42 8.94 1.09
C SER A 135 -0.87 8.15 1.30
N ILE A 136 -0.81 7.21 2.21
CA ILE A 136 -1.95 6.46 2.59
C ILE A 136 -1.99 6.35 4.11
N SER A 137 -2.78 7.21 4.70
CA SER A 137 -2.89 7.30 6.12
C SER A 137 -3.98 6.39 6.63
N THR A 138 -3.92 6.05 7.88
CA THR A 138 -4.87 5.19 8.48
C THR A 138 -4.74 5.26 10.00
N ASP A 139 -5.55 4.56 10.67
CA ASP A 139 -5.49 4.44 12.11
C ASP A 139 -5.25 2.97 12.43
N ALA A 140 -4.61 2.28 11.46
CA ALA A 140 -4.41 0.82 11.50
C ALA A 140 -5.78 0.16 11.54
N SER A 141 -6.70 0.77 10.81
CA SER A 141 -8.11 0.38 10.83
C SER A 141 -8.86 1.13 9.72
N LYS A 142 -9.20 2.39 9.96
CA LYS A 142 -9.84 3.19 8.93
C LYS A 142 -8.80 3.88 8.12
N VAL A 143 -8.90 3.78 6.82
CA VAL A 143 -7.86 4.24 5.92
C VAL A 143 -8.30 5.50 5.17
N TYR A 144 -7.37 6.40 4.95
CA TYR A 144 -7.60 7.61 4.22
C TYR A 144 -6.47 7.84 3.26
N PHE A 145 -6.78 7.95 2.02
CA PHE A 145 -5.78 8.14 1.00
C PHE A 145 -5.64 9.63 0.80
N THR A 146 -4.49 10.15 1.08
CA THR A 146 -4.30 11.56 1.14
C THR A 146 -4.23 12.27 -0.22
N ALA A 147 -3.01 12.39 -0.77
CA ALA A 147 -2.72 13.11 -2.04
C ALA A 147 -2.94 14.63 -1.91
N GLY A 148 -4.02 14.97 -1.28
CA GLY A 148 -4.40 16.30 -1.01
C GLY A 148 -5.71 16.26 -0.30
N MET A 149 -5.79 15.35 0.70
CA MET A 149 -7.01 15.08 1.48
C MET A 149 -8.14 14.66 0.54
N LYS A 150 -7.81 13.85 -0.45
CA LYS A 150 -8.76 13.58 -1.51
C LYS A 150 -9.71 12.38 -1.28
N LYS A 151 -9.19 11.22 -0.87
CA LYS A 151 -10.05 10.01 -0.80
C LYS A 151 -10.05 9.33 0.57
N SER A 152 -11.03 8.50 0.78
CA SER A 152 -11.15 7.67 1.95
C SER A 152 -11.15 6.21 1.49
N ARG A 153 -10.82 5.28 2.35
CA ARG A 153 -10.77 3.88 1.96
C ARG A 153 -11.11 2.99 3.18
N SER A 154 -12.14 2.19 3.09
CA SER A 154 -12.50 1.35 4.19
C SER A 154 -11.77 0.02 4.13
N ARG A 155 -11.40 -0.48 5.28
CA ARG A 155 -10.71 -1.75 5.41
C ARG A 155 -11.64 -2.90 5.07
N ASP A 156 -12.90 -2.70 5.43
CA ASP A 156 -13.95 -3.71 5.40
C ASP A 156 -14.05 -4.58 4.13
N ALA A 157 -13.87 -3.98 2.95
CA ALA A 157 -14.07 -4.77 1.74
C ALA A 157 -12.95 -5.80 1.53
N TYR A 158 -11.71 -5.33 1.48
CA TYR A 158 -10.50 -6.16 1.29
C TYR A 158 -9.27 -5.30 1.50
N GLY A 159 -9.44 -4.19 2.18
CA GLY A 159 -8.37 -3.26 2.25
C GLY A 159 -8.36 -2.38 1.06
N VAL A 160 -7.55 -2.69 0.08
CA VAL A 160 -7.48 -1.88 -1.09
C VAL A 160 -7.68 -2.73 -2.36
N GLN A 161 -8.75 -2.51 -3.05
CA GLN A 161 -9.03 -3.33 -4.18
C GLN A 161 -9.16 -2.54 -5.46
N ARG A 162 -8.17 -2.67 -6.27
CA ARG A 162 -8.16 -2.13 -7.59
C ARG A 162 -7.73 -3.25 -8.50
N ASN A 163 -8.38 -3.35 -9.60
CA ASN A 163 -8.20 -4.46 -10.51
C ASN A 163 -6.94 -4.37 -11.34
N GLY A 164 -5.84 -4.62 -10.70
CA GLY A 164 -4.58 -4.63 -11.37
C GLY A 164 -4.07 -6.04 -11.41
N LEU A 165 -3.68 -6.49 -12.56
CA LEU A 165 -3.23 -7.83 -12.70
C LEU A 165 -1.74 -7.82 -12.51
N ARG A 166 -1.29 -8.42 -11.44
CA ARG A 166 0.09 -8.50 -11.15
C ARG A 166 0.65 -9.60 -11.99
N VAL A 167 1.33 -9.22 -13.06
CA VAL A 167 1.93 -10.17 -14.01
C VAL A 167 3.04 -10.96 -13.34
N ASP A 168 2.64 -11.96 -12.65
CA ASP A 168 3.49 -12.76 -11.78
C ASP A 168 2.60 -13.76 -11.12
N LYS A 169 1.32 -13.40 -11.04
CA LYS A 169 0.32 -14.23 -10.46
C LYS A 169 -0.12 -15.33 -11.42
N PHE A 170 0.31 -16.51 -11.13
CA PHE A 170 -0.14 -17.66 -11.85
C PHE A 170 -0.96 -18.51 -10.91
N SER A 1 -8.60 58.75 -14.85
CA SER A 1 -7.17 58.86 -14.53
C SER A 1 -6.40 57.80 -15.33
N ASP A 2 -5.56 58.24 -16.24
CA ASP A 2 -4.80 57.32 -17.08
C ASP A 2 -3.48 57.95 -17.49
N GLN A 3 -2.53 57.11 -17.79
CA GLN A 3 -1.24 57.49 -18.29
C GLN A 3 -0.62 56.28 -18.99
N ILE A 4 -0.19 56.46 -20.22
CA ILE A 4 0.36 55.36 -20.97
C ILE A 4 1.86 55.49 -21.16
N PHE A 5 2.56 54.80 -20.33
CA PHE A 5 4.01 54.73 -20.39
C PHE A 5 4.40 53.28 -20.27
N ASN A 6 3.46 52.43 -20.58
CA ASN A 6 3.62 51.01 -20.50
C ASN A 6 3.93 50.43 -21.86
N LYS A 7 4.72 49.37 -21.84
CA LYS A 7 5.14 48.62 -23.02
C LYS A 7 6.13 49.38 -23.89
N VAL A 8 7.26 48.75 -24.13
CA VAL A 8 8.25 49.30 -25.02
C VAL A 8 7.88 48.93 -26.47
N GLY A 9 7.99 49.87 -27.37
CA GLY A 9 7.65 49.64 -28.75
C GLY A 9 8.75 48.94 -29.52
N SER A 10 9.13 47.79 -29.03
CA SER A 10 10.13 46.99 -29.67
C SER A 10 9.61 45.57 -29.78
N TYR A 11 9.08 45.23 -30.91
CA TYR A 11 8.52 43.93 -31.12
C TYR A 11 8.93 43.42 -32.47
N TRP A 12 9.44 42.23 -32.51
CA TRP A 12 9.84 41.63 -33.74
C TRP A 12 8.74 40.75 -34.27
N LEU A 13 7.93 41.28 -35.15
CA LEU A 13 6.84 40.53 -35.73
C LEU A 13 7.40 39.52 -36.71
N GLY A 14 6.96 38.31 -36.58
CA GLY A 14 7.42 37.27 -37.43
C GLY A 14 8.58 36.55 -36.80
N GLN A 15 8.27 35.56 -35.97
CA GLN A 15 9.29 34.79 -35.28
C GLN A 15 10.04 33.92 -36.28
N LYS A 16 9.32 33.55 -37.34
CA LYS A 16 9.82 32.69 -38.38
C LYS A 16 9.95 31.26 -37.87
N ALA A 17 8.84 30.56 -37.91
CA ALA A 17 8.74 29.19 -37.50
C ALA A 17 7.86 28.48 -38.50
N ASN A 18 8.39 27.46 -39.10
CA ASN A 18 7.70 26.78 -40.18
C ASN A 18 6.96 25.58 -39.64
N LYS A 19 5.65 25.65 -39.66
CA LYS A 19 4.83 24.58 -39.16
C LYS A 19 4.05 23.93 -40.28
N GLN A 20 4.28 22.68 -40.49
CA GLN A 20 3.59 21.93 -41.50
C GLN A 20 3.05 20.67 -40.88
N PHE A 21 1.86 20.29 -41.28
CA PHE A 21 1.27 19.06 -40.82
C PHE A 21 1.70 17.95 -41.77
N ASP A 22 2.85 17.41 -41.48
CA ASP A 22 3.46 16.41 -42.30
C ASP A 22 2.83 15.05 -42.06
N SER A 23 2.15 14.59 -43.06
CA SER A 23 1.48 13.34 -43.01
C SER A 23 2.47 12.22 -43.32
N VAL A 24 2.97 11.57 -42.30
CA VAL A 24 3.91 10.48 -42.49
C VAL A 24 3.18 9.16 -42.64
N GLY A 25 1.93 9.15 -42.24
CA GLY A 25 1.14 7.97 -42.33
C GLY A 25 -0.31 8.27 -42.01
N ASN A 26 -1.15 7.24 -42.11
CA ASN A 26 -2.59 7.32 -41.82
C ASN A 26 -3.35 8.17 -42.84
N ASP A 27 -3.96 7.52 -43.81
CA ASP A 27 -4.73 8.23 -44.80
C ASP A 27 -6.21 8.04 -44.54
N LEU A 28 -6.77 8.93 -43.70
CA LEU A 28 -8.20 8.92 -43.32
C LEU A 28 -8.63 7.58 -42.69
N ASN A 29 -7.67 6.82 -42.22
CA ASN A 29 -7.93 5.49 -41.71
C ASN A 29 -8.22 5.52 -40.24
N SER A 30 -9.43 5.24 -39.88
CA SER A 30 -9.82 5.18 -38.53
C SER A 30 -9.44 3.81 -37.99
N VAL A 31 -8.38 3.77 -37.23
CA VAL A 31 -7.90 2.53 -36.66
C VAL A 31 -8.27 2.44 -35.18
N SER A 32 -9.19 1.58 -34.87
CA SER A 32 -9.62 1.39 -33.53
C SER A 32 -9.67 -0.09 -33.23
N THR A 33 -8.64 -0.58 -32.60
CA THR A 33 -8.53 -1.96 -32.25
C THR A 33 -9.62 -2.34 -31.24
N SER A 34 -10.35 -3.38 -31.55
CA SER A 34 -11.38 -3.84 -30.67
C SER A 34 -10.77 -4.57 -29.47
N ILE A 35 -10.82 -3.90 -28.33
CA ILE A 35 -10.22 -4.39 -27.11
C ILE A 35 -10.86 -5.69 -26.66
N GLU A 36 -10.01 -6.66 -26.44
CA GLU A 36 -10.42 -7.98 -26.03
C GLU A 36 -10.96 -7.93 -24.60
N GLY A 37 -12.26 -7.94 -24.49
CA GLY A 37 -12.91 -7.87 -23.21
C GLY A 37 -12.99 -9.22 -22.57
N GLY A 38 -13.03 -10.23 -23.41
CA GLY A 38 -13.10 -11.58 -22.93
C GLY A 38 -11.75 -12.11 -22.52
N THR A 39 -11.14 -11.43 -21.56
CA THR A 39 -9.86 -11.83 -21.04
C THR A 39 -10.03 -13.16 -20.27
N LYS A 40 -9.26 -14.15 -20.65
CA LYS A 40 -9.40 -15.46 -20.08
C LYS A 40 -8.42 -15.73 -18.97
N TRP A 41 -8.94 -15.78 -17.77
CA TRP A 41 -8.20 -16.15 -16.61
C TRP A 41 -8.82 -17.38 -16.02
N LEU A 42 -8.43 -18.52 -16.53
CA LEU A 42 -8.89 -19.77 -16.01
C LEU A 42 -7.86 -20.29 -15.06
N VAL A 43 -7.84 -19.67 -13.90
CA VAL A 43 -6.91 -19.95 -12.87
C VAL A 43 -7.31 -19.17 -11.63
N ASN A 44 -7.32 -19.83 -10.52
CA ASN A 44 -7.59 -19.21 -9.25
C ASN A 44 -6.81 -19.94 -8.21
N LYS A 45 -5.64 -19.46 -7.95
CA LYS A 45 -4.78 -20.10 -7.02
C LYS A 45 -5.01 -19.47 -5.66
N ILE A 46 -5.73 -20.17 -4.83
CA ILE A 46 -5.98 -19.73 -3.50
C ILE A 46 -5.02 -20.43 -2.55
N LYS A 47 -4.84 -19.87 -1.37
CA LYS A 47 -3.88 -20.37 -0.39
C LYS A 47 -2.46 -20.21 -0.92
N GLY A 48 -1.93 -19.03 -0.79
CA GLY A 48 -0.63 -18.76 -1.30
C GLY A 48 0.30 -18.23 -0.25
N LYS A 49 0.17 -18.75 0.95
CA LYS A 49 1.03 -18.34 2.06
C LYS A 49 1.38 -19.54 2.93
N MET A 50 1.23 -20.73 2.38
CA MET A 50 1.52 -21.93 3.12
C MET A 50 2.94 -22.42 2.93
N GLN A 51 3.81 -21.83 3.73
CA GLN A 51 5.23 -22.13 3.83
C GLN A 51 5.65 -21.68 5.20
N LYS A 52 5.43 -20.42 5.42
CA LYS A 52 5.62 -19.73 6.65
C LYS A 52 4.80 -18.45 6.56
N PRO A 53 3.73 -18.32 7.37
CA PRO A 53 2.81 -17.20 7.27
C PRO A 53 3.34 -15.84 7.65
N LEU A 54 4.01 -15.22 6.72
CA LEU A 54 4.40 -13.84 6.85
C LEU A 54 3.37 -12.81 6.49
N PRO A 55 2.47 -13.04 5.52
CA PRO A 55 1.77 -11.95 4.91
C PRO A 55 0.82 -11.20 5.80
N GLU A 56 0.51 -11.78 6.92
CA GLU A 56 -0.38 -11.17 7.85
C GLU A 56 0.41 -10.13 8.62
N LEU A 57 1.70 -10.41 8.76
CA LEU A 57 2.60 -9.58 9.50
C LEU A 57 2.95 -8.36 8.69
N LEU A 58 2.99 -8.52 7.39
CA LEU A 58 3.44 -7.45 6.51
C LEU A 58 2.38 -6.36 6.53
N LYS A 59 1.15 -6.77 6.23
CA LYS A 59 0.01 -5.88 6.26
C LYS A 59 -0.26 -5.38 7.68
N GLU A 60 0.16 -6.12 8.65
CA GLU A 60 0.11 -5.68 10.01
C GLU A 60 0.82 -4.33 10.18
N TYR A 61 2.09 -4.28 9.80
CA TYR A 61 2.88 -3.08 10.01
C TYR A 61 2.53 -2.07 8.97
N ASP A 62 2.36 -2.59 7.80
CA ASP A 62 2.13 -1.76 6.59
C ASP A 62 0.66 -1.44 6.35
N LEU A 63 -0.13 -1.58 7.42
CA LEU A 63 -1.55 -1.22 7.47
C LEU A 63 -2.47 -2.28 6.83
N PRO A 64 -3.73 -2.40 7.30
CA PRO A 64 -4.58 -3.51 6.97
C PRO A 64 -5.25 -3.40 5.62
N ILE A 65 -4.75 -2.50 4.81
CA ILE A 65 -5.21 -2.42 3.46
C ILE A 65 -4.71 -3.65 2.76
N GLY A 66 -3.49 -4.05 3.14
CA GLY A 66 -2.87 -5.28 2.65
C GLY A 66 -2.80 -5.42 1.14
N ILE A 67 -3.13 -4.35 0.44
CA ILE A 67 -3.13 -4.29 -1.00
C ILE A 67 -4.26 -5.05 -1.66
N PHE A 68 -4.50 -6.28 -1.23
CA PHE A 68 -5.63 -7.11 -1.67
C PHE A 68 -5.42 -8.59 -1.26
N PRO A 69 -4.29 -9.21 -1.68
CA PRO A 69 -4.10 -10.63 -1.54
C PRO A 69 -3.20 -11.00 -0.37
N GLY A 70 -2.67 -12.20 -0.45
CA GLY A 70 -1.71 -12.67 0.49
C GLY A 70 -0.33 -12.58 -0.11
N ASP A 71 -0.16 -11.62 -0.99
CA ASP A 71 1.07 -11.33 -1.63
C ASP A 71 1.07 -9.82 -1.69
N ALA A 72 2.14 -9.19 -2.18
CA ALA A 72 2.29 -7.72 -2.07
C ALA A 72 2.25 -7.30 -0.59
N THR A 73 2.33 -5.97 -0.32
CA THR A 73 2.13 -5.35 1.05
C THR A 73 3.24 -5.80 1.98
N ASN A 74 4.26 -6.31 1.36
CA ASN A 74 5.39 -6.88 2.00
C ASN A 74 6.22 -5.90 2.71
N TYR A 75 6.59 -6.31 3.86
CA TYR A 75 7.38 -5.51 4.76
C TYR A 75 8.84 -5.93 4.67
N GLU A 76 9.60 -5.10 4.05
CA GLU A 76 11.03 -5.25 3.92
C GLU A 76 11.65 -3.88 4.14
N PHE A 77 12.77 -3.82 4.81
CA PHE A 77 13.38 -2.52 5.10
C PHE A 77 14.88 -2.62 5.04
N ASP A 78 15.53 -1.53 4.71
CA ASP A 78 16.97 -1.50 4.73
C ASP A 78 17.39 -0.89 6.03
N GLU A 79 18.64 -0.96 6.29
CA GLU A 79 19.18 -0.51 7.52
C GLU A 79 19.38 1.01 7.57
N GLU A 80 20.35 1.51 6.81
CA GLU A 80 20.72 2.92 6.83
C GLU A 80 19.67 3.76 6.12
N THR A 81 19.22 3.24 5.01
CA THR A 81 18.22 3.85 4.19
C THR A 81 16.96 4.15 5.00
N LYS A 82 16.55 3.19 5.88
CA LYS A 82 15.37 3.35 6.76
C LYS A 82 14.08 3.54 5.98
N LYS A 83 14.16 3.36 4.71
CA LYS A 83 13.03 3.51 3.88
C LYS A 83 12.51 2.10 3.66
N LEU A 84 11.25 1.92 3.78
CA LEU A 84 10.70 0.60 3.71
C LEU A 84 10.37 0.27 2.27
N THR A 85 10.58 -0.97 1.91
CA THR A 85 10.32 -1.43 0.60
C THR A 85 9.23 -2.49 0.58
N VAL A 86 8.10 -2.11 0.10
CA VAL A 86 7.03 -3.00 -0.10
C VAL A 86 7.15 -3.55 -1.48
N LEU A 87 7.51 -4.78 -1.54
CA LEU A 87 7.68 -5.43 -2.76
C LEU A 87 6.45 -6.21 -3.16
N ILE A 88 5.93 -5.79 -4.25
CA ILE A 88 4.80 -6.37 -4.86
C ILE A 88 5.38 -7.29 -5.92
N PRO A 89 4.78 -8.46 -6.15
CA PRO A 89 5.29 -9.42 -7.13
C PRO A 89 5.35 -8.86 -8.54
N SER A 90 4.65 -7.79 -8.78
CA SER A 90 4.50 -7.26 -10.09
C SER A 90 4.22 -5.79 -10.01
N ILE A 91 4.31 -5.12 -11.13
CA ILE A 91 3.78 -3.81 -11.17
C ILE A 91 2.31 -3.96 -11.52
N CYS A 92 1.48 -3.71 -10.56
CA CYS A 92 0.08 -3.89 -10.74
C CYS A 92 -0.59 -2.57 -10.54
N GLU A 93 -1.31 -2.15 -11.52
CA GLU A 93 -1.91 -0.86 -11.51
C GLU A 93 -3.40 -0.95 -11.57
N VAL A 94 -4.08 0.02 -10.99
CA VAL A 94 -5.51 0.03 -11.00
C VAL A 94 -6.05 1.39 -11.46
N GLY A 95 -6.47 1.41 -12.69
CA GLY A 95 -7.14 2.54 -13.25
C GLY A 95 -8.11 2.04 -14.25
N TYR A 96 -9.39 2.33 -14.15
CA TYR A 96 -10.24 1.77 -15.16
C TYR A 96 -11.42 2.61 -15.35
N LYS A 97 -12.21 2.62 -14.36
CA LYS A 97 -13.50 3.09 -14.47
C LYS A 97 -13.62 4.58 -14.28
N ASP A 98 -12.85 5.15 -13.39
CA ASP A 98 -13.11 6.54 -13.06
C ASP A 98 -11.96 7.31 -12.48
N SER A 99 -11.11 7.81 -13.36
CA SER A 99 -10.03 8.78 -13.07
C SER A 99 -8.91 8.28 -12.12
N SER A 100 -9.24 7.37 -11.26
CA SER A 100 -8.34 6.82 -10.32
C SER A 100 -7.46 5.78 -11.01
N VAL A 101 -6.39 6.26 -11.59
CA VAL A 101 -5.41 5.43 -12.23
C VAL A 101 -4.13 5.41 -11.40
N LEU A 102 -3.95 4.39 -10.62
CA LEU A 102 -2.77 4.24 -9.79
C LEU A 102 -1.88 3.15 -10.29
N LYS A 103 -0.64 3.46 -10.48
CA LYS A 103 0.32 2.48 -10.91
C LYS A 103 1.21 2.13 -9.75
N PHE A 104 1.05 0.93 -9.24
CA PHE A 104 1.84 0.47 -8.13
C PHE A 104 3.02 -0.31 -8.64
N THR A 105 4.17 0.30 -8.57
CA THR A 105 5.41 -0.31 -8.99
C THR A 105 5.72 -1.56 -8.15
N THR A 106 6.44 -2.50 -8.75
CA THR A 106 6.86 -3.75 -8.15
C THR A 106 7.56 -3.48 -6.80
N THR A 107 8.41 -2.49 -6.77
CA THR A 107 9.09 -2.13 -5.58
C THR A 107 8.76 -0.69 -5.21
N VAL A 108 7.87 -0.55 -4.26
CA VAL A 108 7.44 0.75 -3.78
C VAL A 108 7.96 1.02 -2.39
N THR A 109 8.80 2.01 -2.32
CA THR A 109 9.46 2.38 -1.14
C THR A 109 8.90 3.68 -0.60
N GLY A 110 9.24 3.99 0.62
CA GLY A 110 8.83 5.20 1.18
C GLY A 110 9.06 5.23 2.65
N HIS A 111 8.44 6.16 3.30
CA HIS A 111 8.56 6.31 4.71
C HIS A 111 7.30 5.75 5.38
N LEU A 112 7.44 4.54 5.88
CA LEU A 112 6.31 3.80 6.40
C LEU A 112 6.34 3.82 7.88
N GLU A 113 5.26 4.26 8.43
CA GLU A 113 5.04 4.19 9.81
C GLU A 113 3.83 3.43 10.07
N LYS A 114 3.83 2.78 11.17
CA LYS A 114 2.74 1.99 11.56
C LYS A 114 1.59 2.94 11.89
N GLY A 115 0.69 3.05 10.96
CA GLY A 115 -0.39 3.97 11.07
C GLY A 115 -0.57 4.69 9.77
N LYS A 116 0.53 5.14 9.20
CA LYS A 116 0.48 5.89 7.96
C LYS A 116 1.72 5.73 7.10
N LEU A 117 1.49 5.50 5.83
CA LEU A 117 2.55 5.41 4.86
C LEU A 117 2.65 6.75 4.17
N THR A 118 3.73 7.41 4.38
CA THR A 118 3.95 8.71 3.81
C THR A 118 5.10 8.70 2.83
N ASP A 119 4.93 9.45 1.72
CA ASP A 119 5.94 9.57 0.64
C ASP A 119 6.13 8.26 -0.08
N VAL A 120 5.53 8.12 -1.21
CA VAL A 120 5.61 6.89 -1.95
C VAL A 120 6.47 6.97 -3.17
N GLU A 121 7.64 6.42 -3.05
CA GLU A 121 8.60 6.39 -4.09
C GLU A 121 8.30 5.20 -4.99
N GLY A 122 7.39 5.40 -5.92
CA GLY A 122 7.02 4.35 -6.83
C GLY A 122 5.51 4.21 -6.99
N ILE A 123 4.74 4.84 -6.14
CA ILE A 123 3.29 4.75 -6.27
C ILE A 123 2.77 5.99 -6.94
N LYS A 124 2.50 5.85 -8.19
CA LYS A 124 2.04 6.93 -8.98
C LYS A 124 0.53 6.93 -8.96
N THR A 125 -0.02 7.98 -8.44
CA THR A 125 -1.44 8.05 -8.22
C THR A 125 -2.11 9.12 -9.06
N LYS A 126 -2.94 8.71 -9.97
CA LYS A 126 -3.76 9.66 -10.62
C LYS A 126 -5.15 9.55 -10.09
N VAL A 127 -5.65 10.60 -9.57
CA VAL A 127 -7.03 10.71 -9.20
C VAL A 127 -7.35 12.10 -9.50
N MET A 128 -8.06 12.32 -10.59
CA MET A 128 -8.33 13.65 -11.13
C MET A 128 -7.06 14.21 -11.79
N ILE A 129 -5.97 14.20 -11.06
CA ILE A 129 -4.70 14.60 -11.57
C ILE A 129 -3.61 13.61 -11.08
N TRP A 130 -2.54 13.48 -11.86
CA TRP A 130 -1.46 12.53 -11.59
C TRP A 130 -0.50 13.12 -10.53
N VAL A 131 -0.41 12.46 -9.40
CA VAL A 131 0.47 12.88 -8.33
C VAL A 131 1.15 11.61 -7.77
N LYS A 132 2.46 11.56 -7.80
CA LYS A 132 3.17 10.36 -7.33
C LYS A 132 3.54 10.46 -5.85
N VAL A 133 3.00 11.44 -5.16
CA VAL A 133 3.39 11.65 -3.77
C VAL A 133 2.22 11.55 -2.82
N THR A 134 1.03 11.32 -3.34
CA THR A 134 -0.11 11.15 -2.51
C THR A 134 -0.04 9.77 -1.88
N SER A 135 0.37 9.73 -0.65
CA SER A 135 0.53 8.51 0.04
C SER A 135 -0.71 8.11 0.85
N ILE A 136 -0.72 6.91 1.35
CA ILE A 136 -1.90 6.35 1.96
C ILE A 136 -1.84 6.41 3.50
N SER A 137 -2.81 7.07 4.09
CA SER A 137 -2.85 7.25 5.51
C SER A 137 -3.96 6.40 6.11
N THR A 138 -3.74 5.94 7.31
CA THR A 138 -4.63 5.05 7.96
C THR A 138 -4.59 5.35 9.47
N ASP A 139 -5.43 4.72 10.25
CA ASP A 139 -5.37 4.81 11.70
C ASP A 139 -4.90 3.48 12.24
N ALA A 140 -4.12 2.76 11.41
CA ALA A 140 -3.72 1.37 11.71
C ALA A 140 -4.96 0.52 11.82
N SER A 141 -5.89 0.74 10.89
CA SER A 141 -7.21 0.11 10.92
C SER A 141 -8.08 0.62 9.74
N LYS A 142 -8.71 1.81 9.91
CA LYS A 142 -9.54 2.36 8.83
C LYS A 142 -8.66 3.20 7.96
N VAL A 143 -8.98 3.31 6.69
CA VAL A 143 -8.03 3.90 5.78
C VAL A 143 -8.62 4.98 4.87
N TYR A 144 -7.78 5.93 4.52
CA TYR A 144 -8.06 6.89 3.51
C TYR A 144 -7.14 6.62 2.35
N PHE A 145 -7.63 6.82 1.15
CA PHE A 145 -6.93 6.46 -0.06
C PHE A 145 -5.70 7.39 -0.24
N THR A 146 -4.78 7.01 -1.15
CA THR A 146 -3.54 7.77 -1.36
C THR A 146 -3.81 9.26 -1.58
N ALA A 147 -4.68 9.58 -2.51
CA ALA A 147 -5.14 10.91 -2.63
C ALA A 147 -6.30 11.04 -1.65
N GLY A 148 -6.02 11.58 -0.48
CA GLY A 148 -6.95 11.50 0.63
C GLY A 148 -7.98 12.54 0.53
N MET A 149 -7.69 13.51 -0.24
CA MET A 149 -8.59 14.59 -0.46
C MET A 149 -9.38 14.37 -1.74
N LYS A 150 -9.19 13.22 -2.35
CA LYS A 150 -9.89 12.90 -3.59
C LYS A 150 -10.82 11.71 -3.42
N LYS A 151 -10.32 10.63 -2.85
CA LYS A 151 -11.10 9.39 -2.71
C LYS A 151 -10.76 8.64 -1.44
N SER A 152 -11.62 7.70 -1.11
CA SER A 152 -11.42 6.79 -0.01
C SER A 152 -11.66 5.37 -0.52
N ARG A 153 -11.17 4.38 0.17
CA ARG A 153 -11.32 3.02 -0.28
C ARG A 153 -11.70 2.19 0.94
N SER A 154 -12.47 1.13 0.75
CA SER A 154 -12.94 0.38 1.87
C SER A 154 -11.96 -0.72 2.27
N ARG A 155 -11.44 -0.61 3.46
CA ARG A 155 -10.58 -1.62 4.04
C ARG A 155 -11.49 -2.82 4.31
N ASP A 156 -12.73 -2.48 4.59
CA ASP A 156 -13.81 -3.41 4.90
C ASP A 156 -13.89 -4.60 3.94
N ALA A 157 -13.96 -4.32 2.66
CA ALA A 157 -14.09 -5.38 1.67
C ALA A 157 -12.83 -6.25 1.62
N TYR A 158 -11.69 -5.63 1.45
CA TYR A 158 -10.42 -6.35 1.35
C TYR A 158 -9.28 -5.53 1.91
N GLY A 159 -9.36 -4.25 1.76
CA GLY A 159 -8.25 -3.39 2.03
C GLY A 159 -8.08 -2.50 0.89
N VAL A 160 -7.23 -2.87 -0.02
CA VAL A 160 -7.17 -2.14 -1.21
C VAL A 160 -7.98 -2.90 -2.25
N GLN A 161 -8.92 -2.24 -2.84
CA GLN A 161 -9.81 -2.84 -3.77
C GLN A 161 -9.23 -2.70 -5.14
N ARG A 162 -8.68 -3.77 -5.56
CA ARG A 162 -7.93 -3.85 -6.77
C ARG A 162 -8.75 -4.24 -7.99
N ASN A 163 -8.25 -3.78 -9.12
CA ASN A 163 -8.73 -4.08 -10.47
C ASN A 163 -7.48 -4.33 -11.28
N GLY A 164 -6.49 -4.86 -10.60
CA GLY A 164 -5.17 -5.00 -11.14
C GLY A 164 -4.78 -6.42 -11.40
N LEU A 165 -3.96 -6.61 -12.39
CA LEU A 165 -3.43 -7.90 -12.71
C LEU A 165 -1.96 -7.90 -12.36
N ARG A 166 -1.58 -8.73 -11.43
CA ARG A 166 -0.24 -8.81 -10.97
C ARG A 166 0.55 -9.61 -12.01
N VAL A 167 1.30 -8.92 -12.83
CA VAL A 167 2.07 -9.55 -13.89
C VAL A 167 3.30 -10.26 -13.33
N ASP A 168 3.12 -11.51 -13.00
CA ASP A 168 4.15 -12.39 -12.42
C ASP A 168 3.46 -13.65 -12.04
N LYS A 169 2.23 -13.48 -11.64
CA LYS A 169 1.43 -14.55 -11.09
C LYS A 169 -0.05 -14.23 -11.23
N PHE A 170 -0.85 -14.96 -10.49
CA PHE A 170 -2.25 -14.67 -10.38
C PHE A 170 -2.47 -14.00 -9.04
N SER A 1 -5.16 66.63 43.59
CA SER A 1 -5.08 65.19 43.68
C SER A 1 -6.04 64.55 42.68
N ASP A 2 -5.50 63.92 41.67
CA ASP A 2 -6.32 63.25 40.68
C ASP A 2 -6.68 61.87 41.18
N GLN A 3 -7.83 61.39 40.80
CA GLN A 3 -8.29 60.10 41.25
C GLN A 3 -8.78 59.27 40.08
N ILE A 4 -7.86 58.52 39.51
CA ILE A 4 -8.16 57.64 38.42
C ILE A 4 -7.68 56.21 38.72
N PHE A 5 -8.61 55.31 38.86
CA PHE A 5 -8.30 53.94 39.18
C PHE A 5 -9.13 52.99 38.37
N ASN A 6 -8.50 52.34 37.44
CA ASN A 6 -9.15 51.38 36.60
C ASN A 6 -8.27 50.16 36.48
N LYS A 7 -8.51 49.18 37.30
CA LYS A 7 -7.76 47.96 37.24
C LYS A 7 -8.46 46.99 36.33
N VAL A 8 -7.82 46.65 35.26
CA VAL A 8 -8.37 45.70 34.35
C VAL A 8 -8.11 44.29 34.91
N GLY A 9 -9.13 43.48 34.96
CA GLY A 9 -8.97 42.15 35.49
C GLY A 9 -10.27 41.39 35.50
N SER A 10 -10.63 40.85 34.37
CA SER A 10 -11.81 40.05 34.26
C SER A 10 -11.45 38.57 34.42
N TYR A 11 -11.77 38.03 35.58
CA TYR A 11 -11.38 36.68 35.89
C TYR A 11 -12.35 35.66 35.32
N TRP A 12 -11.95 35.08 34.24
CA TRP A 12 -12.66 34.00 33.60
C TRP A 12 -11.65 33.20 32.79
N LEU A 13 -11.96 31.98 32.46
CA LEU A 13 -11.01 31.14 31.76
C LEU A 13 -11.51 30.76 30.39
N GLY A 14 -10.58 30.42 29.51
CA GLY A 14 -10.94 30.05 28.15
C GLY A 14 -10.86 28.56 27.95
N GLN A 15 -10.91 27.83 29.04
CA GLN A 15 -10.85 26.38 29.01
C GLN A 15 -12.16 25.82 29.52
N LYS A 16 -12.73 24.94 28.76
CA LYS A 16 -13.96 24.28 29.14
C LYS A 16 -13.72 22.78 29.15
N ALA A 17 -14.49 22.05 29.92
CA ALA A 17 -14.28 20.62 30.03
C ALA A 17 -15.44 19.84 29.44
N ASN A 18 -15.33 19.49 28.18
CA ASN A 18 -16.34 18.70 27.53
C ASN A 18 -15.72 17.60 26.70
N LYS A 19 -15.94 16.39 27.14
CA LYS A 19 -15.46 15.22 26.46
C LYS A 19 -16.51 14.13 26.52
N GLN A 20 -17.16 13.92 25.42
CA GLN A 20 -18.15 12.90 25.32
C GLN A 20 -17.49 11.55 25.03
N PHE A 21 -17.38 10.75 26.05
CA PHE A 21 -16.73 9.46 25.95
C PHE A 21 -17.70 8.34 26.26
N ASP A 22 -18.05 7.59 25.25
CA ASP A 22 -18.95 6.46 25.41
C ASP A 22 -18.32 5.20 24.85
N SER A 23 -17.94 4.32 25.73
CA SER A 23 -17.32 3.08 25.37
C SER A 23 -17.56 2.06 26.47
N VAL A 24 -18.07 0.89 26.12
CA VAL A 24 -18.31 -0.14 27.12
C VAL A 24 -17.09 -1.03 27.25
N GLY A 25 -16.29 -1.08 26.19
CA GLY A 25 -15.06 -1.83 26.22
C GLY A 25 -15.17 -3.14 25.49
N ASN A 26 -16.37 -3.64 25.42
CA ASN A 26 -16.65 -4.89 24.74
C ASN A 26 -17.27 -4.59 23.37
N ASP A 27 -17.28 -3.33 23.03
CA ASP A 27 -17.80 -2.87 21.76
C ASP A 27 -16.67 -2.79 20.74
N LEU A 28 -17.01 -2.91 19.46
CA LEU A 28 -16.02 -2.74 18.40
C LEU A 28 -15.60 -1.31 18.40
N ASN A 29 -14.46 -1.05 18.94
CA ASN A 29 -14.05 0.29 19.16
C ASN A 29 -12.58 0.42 18.87
N SER A 30 -12.21 1.51 18.25
CA SER A 30 -10.84 1.84 17.99
C SER A 30 -10.20 2.31 19.33
N VAL A 31 -9.20 3.15 19.26
CA VAL A 31 -8.55 3.62 20.46
C VAL A 31 -9.46 4.57 21.28
N SER A 32 -10.20 3.98 22.18
CA SER A 32 -11.00 4.72 23.09
C SER A 32 -10.09 5.32 24.15
N THR A 33 -9.82 6.60 24.04
CA THR A 33 -8.90 7.24 24.91
C THR A 33 -9.49 7.59 26.27
N SER A 34 -9.54 6.60 27.13
CA SER A 34 -9.97 6.79 28.48
C SER A 34 -8.79 7.26 29.29
N ILE A 35 -7.77 6.45 29.32
CA ILE A 35 -6.54 6.78 29.96
C ILE A 35 -5.57 7.23 28.89
N GLU A 36 -5.17 6.29 28.06
CA GLU A 36 -4.23 6.53 26.98
C GLU A 36 -4.22 5.28 26.12
N GLY A 37 -3.78 4.19 26.72
CA GLY A 37 -3.71 2.93 26.03
C GLY A 37 -2.39 2.25 26.27
N GLY A 38 -1.36 3.05 26.41
CA GLY A 38 -0.01 2.58 26.60
C GLY A 38 0.92 3.47 25.85
N THR A 39 1.78 2.90 25.02
CA THR A 39 2.59 3.72 24.15
C THR A 39 1.64 4.30 23.08
N LYS A 40 0.62 3.49 22.77
CA LYS A 40 -0.49 3.83 21.90
C LYS A 40 -0.07 4.34 20.52
N TRP A 41 0.11 3.42 19.62
CA TRP A 41 0.25 3.74 18.22
C TRP A 41 -1.14 3.60 17.66
N LEU A 42 -1.70 2.44 17.90
CA LEU A 42 -3.09 2.19 17.65
C LEU A 42 -3.69 2.10 19.04
N VAL A 43 -3.09 1.24 19.86
CA VAL A 43 -3.44 1.10 21.27
C VAL A 43 -2.35 0.29 22.02
N ASN A 44 -2.22 -1.01 21.71
CA ASN A 44 -1.20 -1.85 22.34
C ASN A 44 -1.09 -3.20 21.63
N LYS A 45 -0.31 -3.24 20.58
CA LYS A 45 -0.07 -4.47 19.81
C LYS A 45 1.43 -4.64 19.58
N ILE A 46 1.87 -5.87 19.50
CA ILE A 46 3.25 -6.16 19.19
C ILE A 46 3.36 -7.02 17.93
N LYS A 47 2.60 -8.13 17.89
CA LYS A 47 2.53 -9.06 16.73
C LYS A 47 3.89 -9.69 16.39
N GLY A 48 3.90 -10.62 15.44
CA GLY A 48 5.17 -11.13 14.96
C GLY A 48 5.28 -12.65 14.90
N LYS A 49 5.60 -13.13 13.71
CA LYS A 49 5.93 -14.52 13.42
C LYS A 49 7.00 -14.51 12.35
N MET A 50 7.73 -15.59 12.23
CA MET A 50 8.74 -15.71 11.18
C MET A 50 8.10 -16.17 9.88
N GLN A 51 8.90 -16.58 8.90
CA GLN A 51 8.37 -16.89 7.59
C GLN A 51 7.65 -18.24 7.47
N LYS A 52 6.44 -18.26 7.99
CA LYS A 52 5.48 -19.35 7.82
C LYS A 52 4.09 -18.72 7.55
N PRO A 53 3.54 -17.85 8.48
CA PRO A 53 2.30 -17.13 8.23
C PRO A 53 2.64 -15.76 7.73
N LEU A 54 3.74 -15.67 7.04
CA LEU A 54 4.34 -14.42 6.62
C LEU A 54 3.40 -13.51 5.82
N PRO A 55 2.56 -14.05 4.90
CA PRO A 55 1.58 -13.27 4.14
C PRO A 55 0.71 -12.44 5.07
N GLU A 56 0.58 -12.90 6.28
CA GLU A 56 -0.21 -12.29 7.25
C GLU A 56 0.58 -11.18 7.90
N LEU A 57 1.84 -11.47 8.16
CA LEU A 57 2.73 -10.58 8.85
C LEU A 57 3.20 -9.43 8.00
N LEU A 58 3.45 -9.68 6.73
CA LEU A 58 3.89 -8.62 5.85
C LEU A 58 2.88 -7.48 5.77
N LYS A 59 1.62 -7.82 5.66
CA LYS A 59 0.54 -6.85 5.68
C LYS A 59 0.24 -6.35 7.08
N GLU A 60 0.52 -7.18 8.07
CA GLU A 60 0.34 -6.87 9.48
C GLU A 60 1.23 -5.70 9.89
N TYR A 61 2.50 -5.78 9.53
CA TYR A 61 3.46 -4.71 9.84
C TYR A 61 3.23 -3.49 8.98
N ASP A 62 2.19 -3.55 8.22
CA ASP A 62 1.81 -2.47 7.31
C ASP A 62 0.34 -2.11 7.64
N LEU A 63 -0.36 -1.43 6.78
CA LEU A 63 -1.71 -1.00 7.08
C LEU A 63 -2.64 -2.23 6.87
N PRO A 64 -3.95 -2.18 7.19
CA PRO A 64 -4.78 -3.38 7.18
C PRO A 64 -5.35 -3.65 5.82
N ILE A 65 -4.92 -2.89 4.83
CA ILE A 65 -5.39 -3.07 3.51
C ILE A 65 -4.81 -4.36 2.96
N GLY A 66 -3.51 -4.54 3.18
CA GLY A 66 -2.79 -5.72 2.68
C GLY A 66 -2.87 -5.90 1.17
N ILE A 67 -3.39 -4.88 0.51
CA ILE A 67 -3.63 -4.84 -0.91
C ILE A 67 -4.72 -5.79 -1.35
N PHE A 68 -4.47 -7.07 -1.25
CA PHE A 68 -5.43 -8.07 -1.68
C PHE A 68 -4.86 -9.48 -1.48
N PRO A 69 -3.68 -9.81 -2.08
CA PRO A 69 -3.12 -11.13 -1.99
C PRO A 69 -2.05 -11.24 -0.91
N GLY A 70 -1.98 -12.38 -0.27
CA GLY A 70 -0.99 -12.61 0.74
C GLY A 70 0.35 -12.92 0.12
N ASP A 71 0.88 -11.95 -0.59
CA ASP A 71 2.14 -12.09 -1.30
C ASP A 71 2.66 -10.70 -1.63
N ALA A 72 1.74 -9.74 -1.77
CA ALA A 72 2.06 -8.31 -1.94
C ALA A 72 2.32 -7.67 -0.57
N THR A 73 2.83 -6.41 -0.53
CA THR A 73 2.95 -5.67 0.74
C THR A 73 4.17 -6.19 1.57
N ASN A 74 5.10 -6.65 0.86
CA ASN A 74 6.29 -7.20 1.46
C ASN A 74 7.18 -6.18 2.01
N TYR A 75 7.25 -6.09 3.27
CA TYR A 75 7.99 -5.03 3.86
C TYR A 75 9.51 -5.28 3.86
N GLU A 76 10.18 -4.54 3.04
CA GLU A 76 11.63 -4.53 2.95
C GLU A 76 12.11 -3.24 3.61
N PHE A 77 13.34 -3.20 4.04
CA PHE A 77 13.84 -2.05 4.76
C PHE A 77 15.35 -1.97 4.53
N ASP A 78 15.91 -0.77 4.50
CA ASP A 78 17.37 -0.62 4.28
C ASP A 78 17.99 0.29 5.29
N GLU A 79 19.26 0.51 5.11
CA GLU A 79 20.04 1.42 5.90
C GLU A 79 20.00 2.90 5.51
N GLU A 80 20.46 3.23 4.31
CA GLU A 80 20.40 4.62 3.86
C GLU A 80 19.00 4.90 3.36
N THR A 81 18.46 3.87 2.79
CA THR A 81 17.13 3.78 2.28
C THR A 81 16.24 3.21 3.38
N LYS A 82 16.65 3.53 4.61
CA LYS A 82 16.03 3.14 5.91
C LYS A 82 14.53 3.59 6.01
N LYS A 83 13.90 3.60 4.91
CA LYS A 83 12.55 3.89 4.76
C LYS A 83 11.88 2.65 4.19
N LEU A 84 10.77 2.27 4.74
CA LEU A 84 10.14 1.01 4.43
C LEU A 84 9.77 0.95 2.96
N THR A 85 10.20 -0.09 2.34
CA THR A 85 9.96 -0.31 0.98
C THR A 85 9.31 -1.69 0.75
N VAL A 86 8.10 -1.74 0.31
CA VAL A 86 7.47 -3.02 0.05
C VAL A 86 7.67 -3.45 -1.35
N LEU A 87 7.92 -4.72 -1.53
CA LEU A 87 8.04 -5.21 -2.82
C LEU A 87 6.80 -5.89 -3.23
N ILE A 88 6.07 -5.21 -4.04
CA ILE A 88 4.83 -5.67 -4.51
C ILE A 88 5.10 -6.47 -5.77
N PRO A 89 4.79 -7.77 -5.76
CA PRO A 89 5.03 -8.66 -6.88
C PRO A 89 4.38 -8.16 -8.14
N SER A 90 5.22 -7.61 -9.02
CA SER A 90 4.82 -7.04 -10.29
C SER A 90 4.06 -5.73 -10.07
N ILE A 91 3.83 -5.04 -11.15
CA ILE A 91 3.10 -3.82 -11.13
C ILE A 91 1.61 -4.11 -11.24
N CYS A 92 0.90 -3.74 -10.21
CA CYS A 92 -0.52 -3.84 -10.23
C CYS A 92 -1.11 -2.44 -10.28
N GLU A 93 -2.01 -2.24 -11.20
CA GLU A 93 -2.56 -0.93 -11.41
C GLU A 93 -4.01 -1.00 -11.21
N VAL A 94 -4.44 -0.26 -10.29
CA VAL A 94 -5.78 -0.29 -9.86
C VAL A 94 -6.46 0.98 -10.26
N GLY A 95 -7.46 0.88 -11.12
CA GLY A 95 -8.19 2.05 -11.55
C GLY A 95 -9.66 1.78 -11.61
N TYR A 96 -10.43 2.66 -12.21
CA TYR A 96 -11.85 2.43 -12.30
C TYR A 96 -12.30 2.91 -13.66
N LYS A 97 -12.72 4.16 -13.76
CA LYS A 97 -12.98 4.72 -15.06
C LYS A 97 -11.70 5.33 -15.59
N ASP A 98 -10.89 5.90 -14.67
CA ASP A 98 -9.62 6.57 -14.99
C ASP A 98 -8.97 7.17 -13.77
N SER A 99 -9.62 8.19 -13.22
CA SER A 99 -9.07 9.00 -12.15
C SER A 99 -9.16 8.32 -10.78
N SER A 100 -8.80 7.08 -10.76
CA SER A 100 -8.73 6.31 -9.56
C SER A 100 -7.65 5.27 -9.76
N VAL A 101 -6.69 5.56 -10.65
CA VAL A 101 -5.68 4.59 -10.97
C VAL A 101 -4.40 4.78 -10.15
N LEU A 102 -4.10 3.77 -9.37
CA LEU A 102 -2.93 3.73 -8.56
C LEU A 102 -2.01 2.67 -9.14
N LYS A 103 -0.76 2.99 -9.29
CA LYS A 103 0.21 2.04 -9.79
C LYS A 103 1.04 1.54 -8.62
N PHE A 104 0.79 0.33 -8.21
CA PHE A 104 1.54 -0.26 -7.16
C PHE A 104 2.71 -0.99 -7.77
N THR A 105 3.83 -0.33 -7.75
CA THR A 105 5.03 -0.81 -8.35
C THR A 105 5.80 -1.73 -7.39
N THR A 106 6.61 -2.58 -7.96
CA THR A 106 7.46 -3.45 -7.23
C THR A 106 8.56 -2.62 -6.56
N THR A 107 8.61 -2.71 -5.25
CA THR A 107 9.59 -2.02 -4.42
C THR A 107 9.27 -0.52 -4.36
N VAL A 108 8.31 -0.19 -3.54
CA VAL A 108 7.92 1.17 -3.30
C VAL A 108 8.36 1.61 -1.91
N THR A 109 9.16 2.63 -1.88
CA THR A 109 9.88 3.03 -0.73
C THR A 109 9.27 4.30 -0.09
N GLY A 110 8.92 4.24 1.17
CA GLY A 110 8.35 5.39 1.82
C GLY A 110 8.50 5.38 3.32
N HIS A 111 7.80 6.28 4.00
CA HIS A 111 7.84 6.38 5.46
C HIS A 111 6.59 5.66 5.96
N LEU A 112 6.75 4.63 6.75
CA LEU A 112 5.63 3.74 7.04
C LEU A 112 5.40 3.63 8.47
N GLU A 113 4.27 4.03 8.85
CA GLU A 113 3.86 3.89 10.15
C GLU A 113 2.62 3.08 10.15
N LYS A 114 2.43 2.31 11.17
CA LYS A 114 1.27 1.49 11.28
C LYS A 114 0.05 2.40 11.45
N GLY A 115 -0.64 2.58 10.35
CA GLY A 115 -1.73 3.51 10.26
C GLY A 115 -1.62 4.23 8.95
N LYS A 116 -0.47 4.75 8.63
CA LYS A 116 -0.29 5.46 7.37
C LYS A 116 1.12 5.36 6.77
N LEU A 117 1.18 5.29 5.46
CA LEU A 117 2.42 5.25 4.71
C LEU A 117 2.57 6.57 3.97
N THR A 118 3.38 7.45 4.51
CA THR A 118 3.56 8.79 3.94
C THR A 118 4.85 8.92 3.13
N ASP A 119 4.73 9.62 1.96
CA ASP A 119 5.84 9.81 0.98
C ASP A 119 6.25 8.53 0.40
N VAL A 120 6.23 8.45 -0.89
CA VAL A 120 6.40 7.22 -1.41
C VAL A 120 7.15 7.29 -2.71
N GLU A 121 7.94 6.30 -2.94
CA GLU A 121 8.77 6.24 -4.08
C GLU A 121 8.27 5.14 -4.99
N GLY A 122 7.60 5.49 -6.05
CA GLY A 122 7.23 4.51 -7.02
C GLY A 122 5.75 4.29 -7.16
N ILE A 123 4.96 4.95 -6.34
CA ILE A 123 3.53 4.77 -6.47
C ILE A 123 2.93 5.91 -7.24
N LYS A 124 2.58 5.64 -8.47
CA LYS A 124 1.98 6.62 -9.30
C LYS A 124 0.49 6.62 -9.05
N THR A 125 0.03 7.73 -8.63
CA THR A 125 -1.32 7.91 -8.25
C THR A 125 -1.97 8.93 -9.18
N LYS A 126 -3.05 8.54 -9.79
CA LYS A 126 -3.80 9.47 -10.57
C LYS A 126 -5.23 9.50 -10.04
N VAL A 127 -5.51 10.50 -9.25
CA VAL A 127 -6.85 10.69 -8.69
C VAL A 127 -7.58 11.77 -9.46
N MET A 128 -6.82 12.63 -10.01
CA MET A 128 -7.31 13.75 -10.74
C MET A 128 -6.18 14.25 -11.60
N ILE A 129 -5.01 14.11 -11.03
CA ILE A 129 -3.74 14.42 -11.63
C ILE A 129 -2.84 13.31 -11.20
N TRP A 130 -1.71 13.18 -11.81
CA TRP A 130 -0.86 12.09 -11.45
C TRP A 130 0.35 12.58 -10.69
N VAL A 131 0.56 11.98 -9.56
CA VAL A 131 1.70 12.26 -8.73
C VAL A 131 2.33 10.90 -8.44
N LYS A 132 3.59 10.88 -8.16
CA LYS A 132 4.25 9.62 -7.95
C LYS A 132 4.78 9.49 -6.51
N VAL A 133 4.24 10.30 -5.62
CA VAL A 133 4.68 10.30 -4.21
C VAL A 133 3.51 10.40 -3.26
N THR A 134 2.31 10.47 -3.79
CA THR A 134 1.13 10.53 -3.00
C THR A 134 0.95 9.25 -2.21
N SER A 135 0.90 9.43 -0.94
CA SER A 135 0.88 8.39 0.01
C SER A 135 -0.50 7.74 0.19
N ILE A 136 -0.51 6.66 0.93
CA ILE A 136 -1.72 5.97 1.28
C ILE A 136 -1.85 5.99 2.80
N SER A 137 -2.96 6.42 3.29
CA SER A 137 -3.11 6.58 4.70
C SER A 137 -4.36 5.92 5.19
N THR A 138 -4.25 5.14 6.23
CA THR A 138 -5.38 4.51 6.81
C THR A 138 -5.53 5.01 8.23
N ASP A 139 -6.55 4.60 8.88
CA ASP A 139 -6.73 4.91 10.30
C ASP A 139 -6.30 3.66 11.05
N ALA A 140 -5.47 2.83 10.38
CA ALA A 140 -5.14 1.48 10.85
C ALA A 140 -6.45 0.69 10.90
N SER A 141 -7.28 0.92 9.87
CA SER A 141 -8.62 0.35 9.77
C SER A 141 -9.23 0.71 8.40
N LYS A 142 -9.75 1.94 8.26
CA LYS A 142 -10.30 2.39 6.97
C LYS A 142 -9.18 2.92 6.11
N VAL A 143 -9.43 3.12 4.84
CA VAL A 143 -8.35 3.49 3.95
C VAL A 143 -8.64 4.77 3.14
N TYR A 144 -7.71 5.68 3.22
CA TYR A 144 -7.77 6.90 2.46
C TYR A 144 -6.68 6.94 1.45
N PHE A 145 -6.98 7.54 0.38
CA PHE A 145 -6.06 7.75 -0.66
C PHE A 145 -5.53 9.15 -0.53
N THR A 146 -4.37 9.29 0.04
CA THR A 146 -3.84 10.59 0.28
C THR A 146 -3.15 11.25 -0.90
N ALA A 147 -3.99 11.60 -1.84
CA ALA A 147 -3.65 12.40 -2.97
C ALA A 147 -4.61 13.56 -2.92
N GLY A 148 -4.34 14.44 -1.99
CA GLY A 148 -5.22 15.52 -1.67
C GLY A 148 -6.35 14.98 -0.81
N MET A 149 -6.11 13.75 -0.26
CA MET A 149 -7.09 12.92 0.51
C MET A 149 -8.43 12.80 -0.22
N LYS A 150 -8.37 12.96 -1.53
CA LYS A 150 -9.53 13.02 -2.39
C LYS A 150 -10.37 11.73 -2.43
N LYS A 151 -9.74 10.57 -2.37
CA LYS A 151 -10.48 9.32 -2.37
C LYS A 151 -10.47 8.69 -0.97
N SER A 152 -11.63 8.28 -0.52
CA SER A 152 -11.78 7.65 0.78
C SER A 152 -12.63 6.38 0.63
N ARG A 153 -12.13 5.26 1.14
CA ARG A 153 -12.83 3.98 1.03
C ARG A 153 -12.72 3.15 2.30
N SER A 154 -13.44 2.05 2.33
CA SER A 154 -13.38 1.14 3.44
C SER A 154 -12.49 -0.04 3.07
N ARG A 155 -11.73 -0.50 4.00
CA ARG A 155 -10.84 -1.63 3.80
C ARG A 155 -11.64 -2.93 3.86
N ASP A 156 -12.76 -2.87 4.56
CA ASP A 156 -13.65 -4.00 4.85
C ASP A 156 -13.93 -4.93 3.65
N ALA A 157 -14.04 -4.37 2.46
CA ALA A 157 -14.43 -5.14 1.28
C ALA A 157 -13.39 -6.20 0.86
N TYR A 158 -12.14 -5.80 0.65
CA TYR A 158 -11.10 -6.74 0.14
C TYR A 158 -9.72 -6.36 0.66
N GLY A 159 -9.67 -5.39 1.53
CA GLY A 159 -8.40 -4.80 1.85
C GLY A 159 -8.29 -3.61 1.01
N VAL A 160 -7.72 -3.78 -0.13
CA VAL A 160 -7.81 -2.83 -1.11
C VAL A 160 -8.78 -3.41 -2.12
N GLN A 161 -9.77 -2.66 -2.43
CA GLN A 161 -10.81 -3.07 -3.31
C GLN A 161 -10.35 -2.73 -4.67
N ARG A 162 -9.99 -3.72 -5.39
CA ARG A 162 -9.31 -3.47 -6.57
C ARG A 162 -9.56 -4.47 -7.67
N ASN A 163 -9.30 -4.04 -8.88
CA ASN A 163 -9.34 -4.91 -10.05
C ASN A 163 -7.91 -5.18 -10.50
N GLY A 164 -7.02 -4.25 -10.13
CA GLY A 164 -5.62 -4.34 -10.49
C GLY A 164 -4.99 -5.61 -10.00
N LEU A 165 -4.51 -6.41 -10.90
CA LEU A 165 -3.98 -7.68 -10.57
C LEU A 165 -2.49 -7.71 -10.72
N ARG A 166 -1.86 -8.56 -9.99
CA ARG A 166 -0.44 -8.70 -10.08
C ARG A 166 -0.12 -9.52 -11.29
N VAL A 167 0.57 -8.95 -12.23
CA VAL A 167 1.01 -9.68 -13.42
C VAL A 167 1.98 -10.84 -13.01
N ASP A 168 2.51 -10.72 -11.77
CA ASP A 168 3.39 -11.72 -11.13
C ASP A 168 2.72 -13.06 -11.08
N LYS A 169 1.45 -13.08 -10.77
CA LYS A 169 0.73 -14.30 -10.66
C LYS A 169 0.21 -14.65 -12.02
N PHE A 170 0.77 -15.68 -12.59
CA PHE A 170 0.35 -16.14 -13.87
C PHE A 170 -0.83 -17.06 -13.70
N SER A 1 -37.85 8.70 -25.52
CA SER A 1 -37.89 10.01 -24.91
C SER A 1 -36.48 10.58 -24.83
N ASP A 2 -36.11 11.36 -25.82
CA ASP A 2 -34.79 11.92 -25.87
C ASP A 2 -34.71 13.26 -25.18
N GLN A 3 -34.33 13.22 -23.94
CA GLN A 3 -34.17 14.41 -23.16
C GLN A 3 -32.70 14.55 -22.82
N ILE A 4 -32.02 15.39 -23.55
CA ILE A 4 -30.59 15.56 -23.41
C ILE A 4 -30.24 16.41 -22.19
N PHE A 5 -29.37 15.89 -21.35
CA PHE A 5 -28.94 16.58 -20.16
C PHE A 5 -27.57 17.18 -20.37
N ASN A 6 -27.24 18.18 -19.62
CA ASN A 6 -25.93 18.80 -19.70
C ASN A 6 -25.17 18.51 -18.43
N LYS A 7 -23.87 18.72 -18.43
CA LYS A 7 -23.08 18.49 -17.24
C LYS A 7 -23.14 19.69 -16.30
N VAL A 8 -24.18 19.74 -15.51
CA VAL A 8 -24.39 20.79 -14.56
C VAL A 8 -24.88 20.20 -13.28
N GLY A 9 -24.91 21.00 -12.25
CA GLY A 9 -25.50 20.59 -11.03
C GLY A 9 -26.83 21.24 -10.93
N SER A 10 -27.77 20.63 -10.26
CA SER A 10 -29.08 21.21 -10.15
C SER A 10 -28.99 22.49 -9.31
N TYR A 11 -29.96 23.35 -9.45
CA TYR A 11 -29.97 24.63 -8.75
C TYR A 11 -30.02 24.41 -7.25
N TRP A 12 -29.14 25.06 -6.54
CA TRP A 12 -29.14 24.94 -5.11
C TRP A 12 -29.96 26.06 -4.50
N LEU A 13 -30.75 25.72 -3.52
CA LEU A 13 -31.60 26.65 -2.88
C LEU A 13 -31.88 26.17 -1.47
N GLY A 14 -31.19 26.74 -0.52
CA GLY A 14 -31.35 26.35 0.84
C GLY A 14 -32.35 27.23 1.53
N GLN A 15 -33.44 26.65 1.95
CA GLN A 15 -34.49 27.39 2.63
C GLN A 15 -34.98 26.60 3.80
N LYS A 16 -35.49 27.27 4.77
CA LYS A 16 -36.11 26.62 5.88
C LYS A 16 -37.52 27.12 6.08
N ALA A 17 -38.40 26.57 5.31
CA ALA A 17 -39.79 26.89 5.37
C ALA A 17 -40.55 25.60 5.29
N ASN A 18 -40.83 25.06 6.44
CA ASN A 18 -41.48 23.79 6.54
C ASN A 18 -42.95 23.87 6.15
N LYS A 19 -43.25 23.32 5.02
CA LYS A 19 -44.63 23.19 4.62
C LYS A 19 -45.09 21.91 5.28
N GLN A 20 -44.44 20.83 4.92
CA GLN A 20 -44.64 19.55 5.54
C GLN A 20 -43.54 18.59 5.09
N PHE A 21 -42.37 18.78 5.65
CA PHE A 21 -41.25 17.92 5.36
C PHE A 21 -41.17 16.82 6.37
N ASP A 22 -41.82 15.73 6.08
CA ASP A 22 -41.76 14.59 6.95
C ASP A 22 -40.96 13.50 6.28
N SER A 23 -40.95 13.55 4.93
CA SER A 23 -40.24 12.61 4.07
C SER A 23 -40.89 11.22 4.12
N VAL A 24 -40.63 10.42 3.14
CA VAL A 24 -41.14 9.07 3.14
C VAL A 24 -40.10 8.20 3.81
N GLY A 25 -40.36 7.87 5.07
CA GLY A 25 -39.42 7.11 5.88
C GLY A 25 -38.98 5.81 5.25
N ASN A 26 -37.71 5.74 4.92
CA ASN A 26 -37.14 4.59 4.30
C ASN A 26 -36.80 3.55 5.33
N ASP A 27 -37.21 2.35 5.07
CA ASP A 27 -36.88 1.24 5.94
C ASP A 27 -35.66 0.55 5.36
N LEU A 28 -34.71 0.23 6.21
CA LEU A 28 -33.46 -0.35 5.76
C LEU A 28 -33.52 -1.84 5.40
N ASN A 29 -34.14 -2.13 4.29
CA ASN A 29 -34.25 -3.49 3.80
C ASN A 29 -33.09 -3.77 2.86
N SER A 30 -32.43 -4.88 3.07
CA SER A 30 -31.32 -5.26 2.26
C SER A 30 -31.35 -6.75 2.01
N VAL A 31 -31.80 -7.15 0.84
CA VAL A 31 -31.84 -8.55 0.49
C VAL A 31 -31.05 -8.77 -0.79
N SER A 32 -29.73 -8.73 -0.63
CA SER A 32 -28.77 -8.97 -1.70
C SER A 32 -27.38 -8.66 -1.15
N THR A 33 -26.70 -9.67 -0.69
CA THR A 33 -25.38 -9.47 -0.18
C THR A 33 -24.42 -10.51 -0.78
N SER A 34 -23.82 -10.12 -1.89
CA SER A 34 -22.88 -10.95 -2.61
C SER A 34 -21.98 -10.06 -3.45
N ILE A 35 -20.80 -10.53 -3.72
CA ILE A 35 -19.88 -9.87 -4.59
C ILE A 35 -19.24 -10.91 -5.50
N GLU A 36 -19.55 -10.83 -6.76
CA GLU A 36 -19.09 -11.81 -7.71
C GLU A 36 -18.26 -11.20 -8.82
N GLY A 37 -17.95 -12.02 -9.78
CA GLY A 37 -17.25 -11.61 -10.94
C GLY A 37 -17.82 -12.31 -12.12
N GLY A 38 -17.91 -11.62 -13.23
CA GLY A 38 -18.43 -12.21 -14.43
C GLY A 38 -17.38 -13.00 -15.14
N THR A 39 -16.99 -14.10 -14.55
CA THR A 39 -15.96 -14.94 -15.09
C THR A 39 -16.07 -16.33 -14.46
N LYS A 40 -15.52 -17.31 -15.14
CA LYS A 40 -15.51 -18.67 -14.66
C LYS A 40 -14.27 -18.89 -13.78
N TRP A 41 -13.33 -17.96 -13.85
CA TRP A 41 -12.14 -18.06 -13.05
C TRP A 41 -12.35 -17.35 -11.72
N LEU A 42 -12.62 -18.12 -10.71
CA LEU A 42 -12.78 -17.62 -9.37
C LEU A 42 -12.55 -18.72 -8.33
N VAL A 43 -11.43 -18.60 -7.64
CA VAL A 43 -11.02 -19.56 -6.65
C VAL A 43 -9.90 -18.97 -5.80
N ASN A 44 -9.96 -19.19 -4.52
CA ASN A 44 -8.96 -18.71 -3.60
C ASN A 44 -8.03 -19.85 -3.25
N LYS A 45 -6.83 -19.82 -3.76
CA LYS A 45 -5.90 -20.88 -3.50
C LYS A 45 -4.93 -20.52 -2.39
N ILE A 46 -5.11 -21.12 -1.26
CA ILE A 46 -4.18 -20.96 -0.18
C ILE A 46 -3.49 -22.29 0.05
N LYS A 47 -2.34 -22.44 -0.56
CA LYS A 47 -1.62 -23.68 -0.51
C LYS A 47 -0.73 -23.66 0.74
N GLY A 48 -1.02 -24.53 1.66
CA GLY A 48 -0.31 -24.56 2.91
C GLY A 48 0.76 -25.63 2.96
N LYS A 49 1.26 -26.02 1.80
CA LYS A 49 2.31 -27.02 1.75
C LYS A 49 3.63 -26.36 2.11
N MET A 50 3.93 -25.28 1.43
CA MET A 50 5.05 -24.44 1.75
C MET A 50 4.49 -23.03 1.88
N GLN A 51 3.95 -22.76 3.04
CA GLN A 51 3.20 -21.55 3.27
C GLN A 51 4.09 -20.41 3.73
N LYS A 52 4.70 -20.60 4.92
CA LYS A 52 5.44 -19.56 5.63
C LYS A 52 4.49 -18.48 6.14
N PRO A 53 4.61 -18.08 7.39
CA PRO A 53 3.75 -17.05 7.95
C PRO A 53 4.20 -15.68 7.52
N LEU A 54 5.40 -15.61 6.98
CA LEU A 54 6.03 -14.35 6.61
C LEU A 54 5.19 -13.55 5.65
N PRO A 55 4.85 -14.09 4.44
CA PRO A 55 4.24 -13.29 3.42
C PRO A 55 2.89 -12.67 3.83
N GLU A 56 2.14 -13.40 4.63
CA GLU A 56 0.85 -12.93 5.12
C GLU A 56 1.05 -11.94 6.26
N LEU A 57 2.10 -12.13 7.00
CA LEU A 57 2.48 -11.27 8.09
C LEU A 57 3.05 -9.96 7.58
N LEU A 58 3.66 -9.98 6.40
CA LEU A 58 4.29 -8.78 5.82
C LEU A 58 3.27 -7.68 5.67
N LYS A 59 2.13 -8.04 5.16
CA LYS A 59 1.06 -7.12 4.93
C LYS A 59 0.40 -6.73 6.26
N GLU A 60 0.52 -7.60 7.24
CA GLU A 60 -0.12 -7.46 8.53
C GLU A 60 0.73 -6.71 9.57
N TYR A 61 2.08 -6.69 9.38
CA TYR A 61 3.03 -6.00 10.31
C TYR A 61 2.59 -4.65 10.81
N ASP A 62 2.00 -3.84 9.97
CA ASP A 62 1.72 -2.51 10.40
C ASP A 62 0.26 -2.14 10.22
N LEU A 63 -0.12 -1.73 9.02
CA LEU A 63 -1.49 -1.35 8.79
C LEU A 63 -2.22 -2.63 8.30
N PRO A 64 -3.55 -2.69 8.37
CA PRO A 64 -4.29 -3.87 8.01
C PRO A 64 -4.90 -3.77 6.62
N ILE A 65 -4.46 -2.80 5.82
CA ILE A 65 -4.96 -2.70 4.47
C ILE A 65 -4.48 -3.88 3.72
N GLY A 66 -3.17 -4.15 3.87
CA GLY A 66 -2.47 -5.19 3.10
C GLY A 66 -2.70 -5.11 1.61
N ILE A 67 -3.33 -4.03 1.19
CA ILE A 67 -3.79 -3.80 -0.14
C ILE A 67 -4.92 -4.74 -0.43
N PHE A 68 -4.64 -6.00 -0.54
CA PHE A 68 -5.65 -6.95 -0.87
C PHE A 68 -5.15 -8.38 -0.63
N PRO A 69 -4.03 -8.81 -1.27
CA PRO A 69 -3.51 -10.13 -1.10
C PRO A 69 -2.31 -10.13 -0.15
N GLY A 70 -1.78 -11.30 0.10
CA GLY A 70 -0.60 -11.39 0.89
C GLY A 70 0.58 -11.64 0.00
N ASP A 71 0.41 -11.33 -1.28
CA ASP A 71 1.45 -11.54 -2.25
C ASP A 71 2.10 -10.20 -2.47
N ALA A 72 1.26 -9.19 -2.62
CA ALA A 72 1.67 -7.79 -2.58
C ALA A 72 1.82 -7.36 -1.13
N THR A 73 2.42 -6.18 -0.92
CA THR A 73 2.49 -5.55 0.40
C THR A 73 3.60 -6.12 1.23
N ASN A 74 4.58 -6.57 0.57
CA ASN A 74 5.68 -7.14 1.24
C ASN A 74 6.44 -6.10 1.94
N TYR A 75 7.02 -6.46 3.01
CA TYR A 75 7.53 -5.48 3.91
C TYR A 75 9.06 -5.55 4.02
N GLU A 76 9.71 -4.79 3.18
CA GLU A 76 11.16 -4.67 3.18
C GLU A 76 11.55 -3.28 3.59
N PHE A 77 12.72 -3.13 4.15
CA PHE A 77 13.24 -1.84 4.56
C PHE A 77 14.74 -1.97 4.76
N ASP A 78 15.48 -0.90 4.51
CA ASP A 78 16.93 -0.96 4.70
C ASP A 78 17.24 -0.91 6.14
N GLU A 79 18.42 -1.25 6.44
CA GLU A 79 18.87 -1.28 7.79
C GLU A 79 19.27 0.12 8.27
N GLU A 80 20.26 0.69 7.63
CA GLU A 80 20.81 1.97 8.02
C GLU A 80 19.94 3.09 7.48
N THR A 81 19.41 2.86 6.31
CA THR A 81 18.61 3.82 5.63
C THR A 81 17.15 3.80 6.19
N LYS A 82 16.64 2.59 6.45
CA LYS A 82 15.28 2.36 7.00
C LYS A 82 14.13 2.77 6.07
N LYS A 83 14.46 3.00 4.81
CA LYS A 83 13.46 3.32 3.82
C LYS A 83 12.65 2.08 3.51
N LEU A 84 11.37 2.15 3.81
CA LEU A 84 10.48 1.02 3.66
C LEU A 84 10.17 0.84 2.19
N THR A 85 10.30 -0.36 1.74
CA THR A 85 10.00 -0.71 0.40
C THR A 85 9.03 -1.87 0.35
N VAL A 86 7.89 -1.61 -0.19
CA VAL A 86 6.91 -2.63 -0.44
C VAL A 86 7.15 -3.12 -1.80
N LEU A 87 7.19 -4.42 -1.95
CA LEU A 87 7.38 -4.95 -3.23
C LEU A 87 6.15 -5.67 -3.72
N ILE A 88 5.62 -5.10 -4.75
CA ILE A 88 4.41 -5.55 -5.35
C ILE A 88 4.73 -6.47 -6.52
N PRO A 89 4.16 -7.69 -6.51
CA PRO A 89 4.31 -8.68 -7.57
C PRO A 89 3.94 -8.12 -8.96
N SER A 90 4.98 -7.66 -9.66
CA SER A 90 4.89 -7.04 -10.99
C SER A 90 4.37 -5.61 -10.88
N ILE A 91 4.64 -4.79 -11.86
CA ILE A 91 4.07 -3.49 -11.87
C ILE A 91 2.62 -3.62 -12.36
N CYS A 92 1.73 -3.44 -11.43
CA CYS A 92 0.34 -3.71 -11.65
C CYS A 92 -0.42 -2.45 -11.98
N GLU A 93 -1.14 -2.46 -13.07
CA GLU A 93 -1.87 -1.29 -13.48
C GLU A 93 -3.35 -1.56 -13.48
N VAL A 94 -4.15 -0.56 -13.18
CA VAL A 94 -5.59 -0.71 -13.12
C VAL A 94 -6.29 0.48 -13.78
N GLY A 95 -6.97 0.20 -14.87
CA GLY A 95 -7.75 1.21 -15.56
C GLY A 95 -8.97 0.57 -16.15
N TYR A 96 -9.97 1.36 -16.54
CA TYR A 96 -11.18 0.81 -17.13
C TYR A 96 -12.08 1.91 -17.68
N LYS A 97 -12.83 2.55 -16.81
CA LYS A 97 -13.78 3.58 -17.22
C LYS A 97 -13.14 4.94 -17.36
N ASP A 98 -11.95 5.09 -16.78
CA ASP A 98 -11.22 6.36 -16.72
C ASP A 98 -11.81 7.32 -15.69
N SER A 99 -11.09 7.44 -14.61
CA SER A 99 -11.37 8.26 -13.41
C SER A 99 -10.31 7.89 -12.41
N SER A 100 -9.86 6.65 -12.52
CA SER A 100 -8.86 6.11 -11.69
C SER A 100 -8.04 5.08 -12.46
N VAL A 101 -6.87 5.49 -12.86
CA VAL A 101 -5.96 4.60 -13.51
C VAL A 101 -4.68 4.64 -12.70
N LEU A 102 -4.29 3.53 -12.18
CA LEU A 102 -3.21 3.51 -11.24
C LEU A 102 -2.13 2.57 -11.69
N LYS A 103 -0.89 2.93 -11.44
CA LYS A 103 0.25 2.12 -11.80
C LYS A 103 1.03 1.80 -10.53
N PHE A 104 0.90 0.59 -10.07
CA PHE A 104 1.55 0.15 -8.86
C PHE A 104 2.92 -0.41 -9.16
N THR A 105 3.91 0.41 -8.89
CA THR A 105 5.30 0.07 -9.04
C THR A 105 5.68 -1.11 -8.12
N THR A 106 6.69 -1.86 -8.52
CA THR A 106 7.09 -3.06 -7.83
C THR A 106 7.75 -2.75 -6.50
N THR A 107 8.92 -2.18 -6.52
CA THR A 107 9.59 -1.84 -5.30
C THR A 107 9.38 -0.37 -5.02
N VAL A 108 8.47 -0.05 -4.13
CA VAL A 108 8.19 1.32 -3.88
C VAL A 108 8.63 1.74 -2.49
N THR A 109 9.21 2.91 -2.41
CA THR A 109 9.73 3.45 -1.21
C THR A 109 8.69 4.33 -0.55
N GLY A 110 8.75 4.45 0.74
CA GLY A 110 7.81 5.24 1.44
C GLY A 110 8.19 5.46 2.87
N HIS A 111 7.53 6.36 3.52
CA HIS A 111 7.76 6.66 4.91
C HIS A 111 6.79 5.83 5.75
N LEU A 112 7.33 4.85 6.43
CA LEU A 112 6.51 3.98 7.23
C LEU A 112 6.42 4.50 8.65
N GLU A 113 5.21 4.67 9.10
CA GLU A 113 4.93 4.97 10.47
C GLU A 113 3.68 4.23 10.83
N LYS A 114 3.68 3.62 12.01
CA LYS A 114 2.62 2.68 12.40
C LYS A 114 1.23 3.27 12.22
N GLY A 115 0.50 2.64 11.36
CA GLY A 115 -0.84 3.02 11.13
C GLY A 115 -1.02 3.71 9.82
N LYS A 116 0.01 4.37 9.35
CA LYS A 116 -0.07 5.16 8.15
C LYS A 116 1.25 5.16 7.36
N LEU A 117 1.21 4.61 6.19
CA LEU A 117 2.36 4.56 5.33
C LEU A 117 2.27 5.76 4.42
N THR A 118 3.03 6.73 4.70
CA THR A 118 2.91 7.97 4.05
C THR A 118 3.99 8.20 3.00
N ASP A 119 3.56 8.79 1.90
CA ASP A 119 4.40 9.10 0.75
C ASP A 119 5.06 7.92 0.13
N VAL A 120 4.35 7.29 -0.75
CA VAL A 120 4.88 6.20 -1.51
C VAL A 120 5.53 6.73 -2.74
N GLU A 121 6.77 7.04 -2.57
CA GLU A 121 7.58 7.61 -3.60
C GLU A 121 7.80 6.58 -4.66
N GLY A 122 6.97 6.59 -5.66
CA GLY A 122 7.10 5.68 -6.73
C GLY A 122 5.78 5.11 -7.18
N ILE A 123 4.72 5.33 -6.42
CA ILE A 123 3.41 4.83 -6.84
C ILE A 123 2.67 5.93 -7.53
N LYS A 124 2.47 5.74 -8.81
CA LYS A 124 1.85 6.73 -9.60
C LYS A 124 0.36 6.55 -9.52
N THR A 125 -0.26 7.55 -9.03
CA THR A 125 -1.65 7.53 -8.76
C THR A 125 -2.35 8.66 -9.50
N LYS A 126 -3.41 8.31 -10.17
CA LYS A 126 -4.22 9.30 -10.80
C LYS A 126 -5.53 9.40 -10.01
N VAL A 127 -5.85 10.61 -9.60
CA VAL A 127 -7.09 10.91 -8.92
C VAL A 127 -7.94 11.92 -9.71
N MET A 128 -7.62 13.17 -9.58
CA MET A 128 -8.20 14.22 -10.40
C MET A 128 -7.15 14.60 -11.44
N ILE A 129 -5.92 14.23 -11.10
CA ILE A 129 -4.71 14.46 -11.86
C ILE A 129 -3.70 13.36 -11.51
N TRP A 130 -2.50 13.43 -12.05
CA TRP A 130 -1.46 12.45 -11.75
C TRP A 130 -0.55 12.91 -10.64
N VAL A 131 -0.20 11.99 -9.78
CA VAL A 131 0.75 12.20 -8.72
C VAL A 131 1.64 10.96 -8.65
N LYS A 132 2.96 11.12 -8.53
CA LYS A 132 3.87 9.94 -8.51
C LYS A 132 4.14 9.49 -7.07
N VAL A 133 3.35 10.00 -6.15
CA VAL A 133 3.62 9.77 -4.75
C VAL A 133 2.41 10.16 -3.89
N THR A 134 1.62 9.20 -3.57
CA THR A 134 0.53 9.40 -2.73
C THR A 134 0.87 8.97 -1.32
N SER A 135 -0.08 8.96 -0.45
CA SER A 135 0.17 8.70 0.91
C SER A 135 -1.05 7.99 1.49
N ILE A 136 -0.84 6.94 2.26
CA ILE A 136 -1.92 6.19 2.82
C ILE A 136 -2.07 6.50 4.30
N SER A 137 -3.04 7.29 4.64
CA SER A 137 -3.29 7.64 6.00
C SER A 137 -4.35 6.74 6.57
N THR A 138 -3.97 5.91 7.45
CA THR A 138 -4.83 4.96 8.05
C THR A 138 -4.69 5.08 9.57
N ASP A 139 -5.65 4.62 10.30
CA ASP A 139 -5.56 4.60 11.76
C ASP A 139 -5.31 3.20 12.24
N ALA A 140 -4.46 2.48 11.49
CA ALA A 140 -4.14 1.07 11.76
C ALA A 140 -5.42 0.25 11.73
N SER A 141 -6.32 0.66 10.85
CA SER A 141 -7.64 0.08 10.74
C SER A 141 -8.44 0.78 9.62
N LYS A 142 -8.98 1.98 9.91
CA LYS A 142 -9.74 2.74 8.90
C LYS A 142 -8.80 3.45 7.95
N VAL A 143 -9.09 3.36 6.67
CA VAL A 143 -8.17 3.81 5.65
C VAL A 143 -8.64 5.06 4.92
N TYR A 144 -7.71 5.93 4.64
CA TYR A 144 -7.93 7.06 3.79
C TYR A 144 -6.82 7.16 2.82
N PHE A 145 -7.11 7.71 1.70
CA PHE A 145 -6.16 7.88 0.68
C PHE A 145 -5.87 9.33 0.45
N THR A 146 -4.78 9.76 1.00
CA THR A 146 -4.35 11.10 0.82
C THR A 146 -3.54 11.24 -0.46
N ALA A 147 -4.27 11.44 -1.52
CA ALA A 147 -3.71 11.72 -2.81
C ALA A 147 -4.08 13.14 -3.14
N GLY A 148 -3.47 14.06 -2.43
CA GLY A 148 -3.86 15.44 -2.52
C GLY A 148 -5.19 15.62 -1.83
N MET A 149 -5.44 14.72 -0.84
CA MET A 149 -6.72 14.57 -0.14
C MET A 149 -7.81 14.20 -1.16
N LYS A 150 -8.12 12.94 -1.28
CA LYS A 150 -9.06 12.54 -2.31
C LYS A 150 -10.00 11.39 -1.91
N LYS A 151 -9.46 10.27 -1.44
CA LYS A 151 -10.30 9.08 -1.24
C LYS A 151 -10.31 8.56 0.19
N SER A 152 -11.30 7.72 0.47
CA SER A 152 -11.46 7.03 1.71
C SER A 152 -11.64 5.54 1.40
N ARG A 153 -11.40 4.66 2.36
CA ARG A 153 -11.57 3.23 2.12
C ARG A 153 -11.84 2.47 3.42
N SER A 154 -12.84 1.62 3.38
CA SER A 154 -13.19 0.79 4.51
C SER A 154 -12.37 -0.51 4.41
N ARG A 155 -11.84 -0.97 5.53
CA ARG A 155 -10.99 -2.16 5.54
C ARG A 155 -11.83 -3.42 5.25
N ASP A 156 -13.15 -3.34 5.50
CA ASP A 156 -14.11 -4.45 5.23
C ASP A 156 -13.98 -5.01 3.81
N ALA A 157 -13.49 -4.17 2.94
CA ALA A 157 -13.32 -4.45 1.53
C ALA A 157 -12.09 -5.35 1.23
N TYR A 158 -11.40 -5.83 2.31
CA TYR A 158 -10.14 -6.63 2.27
C TYR A 158 -8.96 -5.71 2.32
N GLY A 159 -9.21 -4.55 2.87
CA GLY A 159 -8.23 -3.55 2.90
C GLY A 159 -8.50 -2.57 1.85
N VAL A 160 -7.88 -2.76 0.74
CA VAL A 160 -8.03 -1.87 -0.36
C VAL A 160 -8.38 -2.65 -1.66
N GLN A 161 -9.55 -2.47 -2.18
CA GLN A 161 -9.84 -3.18 -3.39
C GLN A 161 -9.95 -2.33 -4.60
N ARG A 162 -8.85 -2.24 -5.25
CA ARG A 162 -8.74 -1.69 -6.53
C ARG A 162 -7.64 -2.51 -7.12
N ASN A 163 -8.00 -3.44 -7.94
CA ASN A 163 -7.05 -4.42 -8.38
C ASN A 163 -6.71 -4.30 -9.81
N GLY A 164 -5.43 -4.15 -10.05
CA GLY A 164 -4.92 -4.16 -11.37
C GLY A 164 -4.45 -5.54 -11.70
N LEU A 165 -3.75 -5.71 -12.78
CA LEU A 165 -3.31 -7.02 -13.12
C LEU A 165 -1.94 -7.26 -12.54
N ARG A 166 -1.86 -8.15 -11.57
CA ARG A 166 -0.58 -8.50 -11.04
C ARG A 166 -0.02 -9.52 -11.97
N VAL A 167 0.86 -9.08 -12.81
CA VAL A 167 1.42 -9.94 -13.84
C VAL A 167 2.33 -11.04 -13.25
N ASP A 168 2.92 -10.77 -12.11
CA ASP A 168 3.83 -11.73 -11.52
C ASP A 168 3.08 -12.66 -10.58
N LYS A 169 2.26 -13.49 -11.20
CA LYS A 169 1.47 -14.54 -10.57
C LYS A 169 0.66 -15.18 -11.65
N PHE A 170 0.68 -16.47 -11.72
CA PHE A 170 0.03 -17.16 -12.79
C PHE A 170 -1.18 -17.92 -12.26
N SER A 1 57.40 49.38 -15.67
CA SER A 1 56.17 48.87 -16.22
C SER A 1 55.62 47.81 -15.28
N ASP A 2 54.60 48.17 -14.53
CA ASP A 2 54.01 47.28 -13.56
C ASP A 2 52.57 46.97 -13.87
N GLN A 3 52.35 45.86 -14.50
CA GLN A 3 51.02 45.37 -14.74
C GLN A 3 50.92 43.99 -14.14
N ILE A 4 50.11 43.87 -13.15
CA ILE A 4 49.94 42.60 -12.49
C ILE A 4 48.91 41.81 -13.24
N PHE A 5 49.36 40.76 -13.88
CA PHE A 5 48.47 39.94 -14.62
C PHE A 5 48.55 38.51 -14.13
N ASN A 6 47.44 38.04 -13.65
CA ASN A 6 47.31 36.67 -13.21
C ASN A 6 46.49 35.96 -14.28
N LYS A 7 46.49 36.59 -15.45
CA LYS A 7 45.78 36.16 -16.61
C LYS A 7 46.44 34.93 -17.21
N VAL A 8 45.81 33.80 -17.05
CA VAL A 8 46.32 32.58 -17.59
C VAL A 8 45.19 31.60 -17.95
N GLY A 9 44.88 31.56 -19.21
CA GLY A 9 43.89 30.66 -19.70
C GLY A 9 44.52 29.57 -20.52
N SER A 10 45.75 29.28 -20.20
CA SER A 10 46.50 28.27 -20.89
C SER A 10 46.19 26.91 -20.31
N TYR A 11 45.21 26.26 -20.87
CA TYR A 11 44.84 24.93 -20.46
C TYR A 11 45.29 23.97 -21.53
N TRP A 12 46.44 23.40 -21.32
CA TRP A 12 47.04 22.55 -22.31
C TRP A 12 46.45 21.16 -22.27
N LEU A 13 46.38 20.55 -23.40
CA LEU A 13 45.86 19.22 -23.50
C LEU A 13 46.93 18.23 -23.90
N GLY A 14 47.20 17.31 -23.01
CA GLY A 14 48.20 16.32 -23.26
C GLY A 14 48.02 15.16 -22.34
N GLN A 15 46.81 14.68 -22.27
CA GLN A 15 46.50 13.56 -21.43
C GLN A 15 45.76 12.52 -22.26
N LYS A 16 46.20 11.30 -22.16
CA LYS A 16 45.62 10.22 -22.92
C LYS A 16 44.52 9.54 -22.13
N ALA A 17 44.64 9.57 -20.81
CA ALA A 17 43.71 8.94 -19.89
C ALA A 17 43.62 7.44 -20.14
N ASN A 18 44.53 6.73 -19.56
CA ASN A 18 44.61 5.30 -19.72
C ASN A 18 44.96 4.67 -18.40
N LYS A 19 43.97 4.11 -17.76
CA LYS A 19 44.15 3.52 -16.47
C LYS A 19 43.25 2.33 -16.27
N GLN A 20 43.84 1.22 -15.95
CA GLN A 20 43.09 0.11 -15.48
C GLN A 20 43.12 0.24 -13.98
N PHE A 21 41.99 0.29 -13.37
CA PHE A 21 41.95 0.54 -11.96
C PHE A 21 41.90 -0.75 -11.20
N ASP A 22 42.63 -0.80 -10.13
CA ASP A 22 42.63 -1.92 -9.25
C ASP A 22 42.17 -1.51 -7.90
N SER A 23 40.89 -1.40 -7.78
CA SER A 23 40.23 -1.02 -6.57
C SER A 23 38.88 -1.72 -6.51
N VAL A 24 38.89 -2.91 -5.98
CA VAL A 24 37.71 -3.75 -5.90
C VAL A 24 37.73 -4.38 -4.51
N GLY A 25 36.65 -5.06 -4.11
CA GLY A 25 36.64 -5.76 -2.84
C GLY A 25 37.85 -6.65 -2.71
N ASN A 26 38.65 -6.40 -1.68
CA ASN A 26 39.90 -7.15 -1.45
C ASN A 26 39.61 -8.61 -1.23
N ASP A 27 40.49 -9.47 -1.72
CA ASP A 27 40.31 -10.88 -1.56
C ASP A 27 40.71 -11.33 -0.18
N LEU A 28 39.78 -11.19 0.71
CA LEU A 28 39.89 -11.54 2.10
C LEU A 28 38.49 -11.45 2.63
N ASN A 29 37.84 -10.34 2.27
CA ASN A 29 36.45 -10.05 2.60
C ASN A 29 36.23 -9.92 4.07
N SER A 30 36.35 -8.71 4.58
CA SER A 30 36.05 -8.48 5.95
C SER A 30 34.52 -8.55 6.08
N VAL A 31 33.85 -7.58 5.43
CA VAL A 31 32.37 -7.51 5.25
C VAL A 31 31.52 -7.82 6.50
N SER A 32 30.21 -7.92 6.26
CA SER A 32 29.21 -8.28 7.26
C SER A 32 29.03 -7.15 8.30
N THR A 33 29.51 -5.97 7.93
CA THR A 33 29.44 -4.80 8.78
C THR A 33 28.00 -4.29 8.86
N SER A 34 27.22 -4.74 7.93
CA SER A 34 25.83 -4.48 7.84
C SER A 34 25.18 -5.71 7.22
N ILE A 35 23.88 -5.76 7.20
CA ILE A 35 23.19 -6.92 6.65
C ILE A 35 22.82 -6.69 5.20
N GLU A 36 22.68 -5.41 4.81
CA GLU A 36 22.36 -5.00 3.45
C GLU A 36 20.94 -5.38 3.03
N GLY A 37 20.56 -4.98 1.84
CA GLY A 37 19.28 -5.32 1.31
C GLY A 37 19.24 -6.78 0.90
N GLY A 38 18.53 -7.57 1.67
CA GLY A 38 18.46 -8.98 1.40
C GLY A 38 17.25 -9.34 0.61
N THR A 39 16.42 -8.36 0.33
CA THR A 39 15.23 -8.58 -0.41
C THR A 39 15.51 -8.64 -1.91
N LYS A 40 15.02 -9.68 -2.52
CA LYS A 40 15.13 -9.87 -3.95
C LYS A 40 13.87 -10.53 -4.49
N TRP A 41 12.86 -10.58 -3.64
CA TRP A 41 11.57 -11.19 -3.94
C TRP A 41 11.67 -12.70 -4.08
N LEU A 42 11.47 -13.37 -2.98
CA LEU A 42 11.48 -14.80 -2.97
C LEU A 42 10.07 -15.30 -3.21
N VAL A 43 9.87 -15.88 -4.37
CA VAL A 43 8.58 -16.42 -4.73
C VAL A 43 8.31 -17.68 -3.93
N ASN A 44 9.31 -18.55 -3.90
CA ASN A 44 9.26 -19.86 -3.24
C ASN A 44 8.29 -20.76 -3.97
N LYS A 45 8.78 -21.37 -5.01
CA LYS A 45 7.96 -22.19 -5.86
C LYS A 45 7.92 -23.62 -5.38
N ILE A 46 6.87 -23.93 -4.64
CA ILE A 46 6.61 -25.26 -4.13
C ILE A 46 5.32 -25.23 -3.32
N LYS A 47 5.26 -24.31 -2.36
CA LYS A 47 4.16 -24.17 -1.42
C LYS A 47 4.11 -25.40 -0.52
N GLY A 48 4.72 -25.29 0.63
CA GLY A 48 4.75 -26.38 1.54
C GLY A 48 3.65 -26.27 2.54
N LYS A 49 3.55 -27.24 3.41
CA LYS A 49 2.54 -27.20 4.46
C LYS A 49 2.96 -26.23 5.54
N MET A 50 4.25 -26.02 5.65
CA MET A 50 4.79 -25.04 6.57
C MET A 50 4.88 -23.71 5.85
N GLN A 51 3.91 -22.87 6.09
CA GLN A 51 3.84 -21.58 5.42
C GLN A 51 4.21 -20.47 6.38
N LYS A 52 3.76 -20.63 7.64
CA LYS A 52 3.95 -19.66 8.72
C LYS A 52 3.02 -18.43 8.52
N PRO A 53 2.55 -17.80 9.62
CA PRO A 53 1.61 -16.64 9.55
C PRO A 53 2.25 -15.36 9.03
N LEU A 54 3.11 -15.49 8.10
CA LEU A 54 3.84 -14.37 7.56
C LEU A 54 2.93 -13.46 6.74
N PRO A 55 2.11 -14.01 5.76
CA PRO A 55 1.37 -13.19 4.85
C PRO A 55 0.42 -12.21 5.55
N GLU A 56 -0.22 -12.66 6.62
CA GLU A 56 -1.12 -11.81 7.38
C GLU A 56 -0.35 -10.74 8.13
N LEU A 57 0.87 -11.06 8.50
CA LEU A 57 1.74 -10.13 9.18
C LEU A 57 2.18 -9.03 8.24
N LEU A 58 2.34 -9.37 6.95
CA LEU A 58 2.78 -8.37 5.95
C LEU A 58 1.69 -7.32 5.83
N LYS A 59 0.48 -7.81 5.59
CA LYS A 59 -0.71 -6.96 5.50
C LYS A 59 -1.02 -6.24 6.81
N GLU A 60 -0.58 -6.76 7.91
CA GLU A 60 -0.83 -6.13 9.19
C GLU A 60 0.17 -5.00 9.49
N TYR A 61 1.45 -5.34 9.43
CA TYR A 61 2.56 -4.47 9.82
C TYR A 61 2.52 -3.18 9.02
N ASP A 62 2.04 -3.31 7.84
CA ASP A 62 2.07 -2.21 6.84
C ASP A 62 0.69 -1.64 6.60
N LEU A 63 -0.16 -1.77 7.61
CA LEU A 63 -1.57 -1.32 7.61
C LEU A 63 -2.42 -2.36 6.90
N PRO A 64 -3.64 -2.59 7.36
CA PRO A 64 -4.38 -3.78 7.04
C PRO A 64 -5.12 -3.68 5.72
N ILE A 65 -4.66 -2.78 4.88
CA ILE A 65 -5.20 -2.64 3.57
C ILE A 65 -4.73 -3.81 2.78
N GLY A 66 -3.47 -4.19 3.02
CA GLY A 66 -2.85 -5.35 2.36
C GLY A 66 -2.89 -5.29 0.83
N ILE A 67 -3.31 -4.15 0.29
CA ILE A 67 -3.44 -3.88 -1.13
C ILE A 67 -4.59 -4.63 -1.79
N PHE A 68 -4.88 -5.80 -1.29
CA PHE A 68 -5.98 -6.63 -1.72
C PHE A 68 -5.79 -8.05 -1.14
N PRO A 69 -4.63 -8.73 -1.42
CA PRO A 69 -4.42 -10.12 -1.09
C PRO A 69 -3.38 -10.42 0.05
N GLY A 70 -2.51 -9.48 0.39
CA GLY A 70 -1.40 -9.80 1.29
C GLY A 70 -0.23 -10.40 0.52
N ASP A 71 -0.37 -10.38 -0.80
CA ASP A 71 0.62 -10.83 -1.76
C ASP A 71 1.58 -9.71 -1.93
N ALA A 72 1.01 -8.56 -2.19
CA ALA A 72 1.70 -7.30 -2.11
C ALA A 72 1.69 -6.85 -0.62
N THR A 73 2.34 -5.71 -0.29
CA THR A 73 2.32 -5.17 1.10
C THR A 73 3.36 -5.89 1.95
N ASN A 74 4.35 -6.33 1.29
CA ASN A 74 5.37 -7.00 1.98
C ASN A 74 6.39 -6.04 2.45
N TYR A 75 6.63 -6.05 3.73
CA TYR A 75 7.58 -5.14 4.37
C TYR A 75 9.02 -5.64 4.25
N GLU A 76 9.92 -4.68 4.04
CA GLU A 76 11.38 -4.85 3.99
C GLU A 76 11.99 -3.49 4.24
N PHE A 77 13.02 -3.40 5.05
CA PHE A 77 13.60 -2.10 5.35
C PHE A 77 15.11 -2.16 5.27
N ASP A 78 15.72 -1.05 4.89
CA ASP A 78 17.17 -0.99 4.84
C ASP A 78 17.68 -0.54 6.15
N GLU A 79 18.94 -0.64 6.29
CA GLU A 79 19.64 -0.22 7.46
C GLU A 79 19.88 1.26 7.45
N GLU A 80 20.63 1.70 6.47
CA GLU A 80 21.00 3.09 6.36
C GLU A 80 19.89 3.96 5.81
N THR A 81 19.14 3.38 4.94
CA THR A 81 18.02 4.03 4.33
C THR A 81 16.75 4.00 5.24
N LYS A 82 16.43 2.82 5.80
CA LYS A 82 15.25 2.61 6.68
C LYS A 82 13.87 2.88 6.03
N LYS A 83 13.87 3.38 4.80
CA LYS A 83 12.66 3.53 4.04
C LYS A 83 12.23 2.17 3.56
N LEU A 84 11.15 1.71 4.12
CA LEU A 84 10.64 0.39 3.90
C LEU A 84 10.18 0.22 2.47
N THR A 85 10.55 -0.86 1.89
CA THR A 85 10.20 -1.14 0.56
C THR A 85 9.15 -2.27 0.54
N VAL A 86 8.08 -2.01 -0.12
CA VAL A 86 6.99 -2.93 -0.23
C VAL A 86 7.09 -3.69 -1.52
N LEU A 87 6.96 -4.99 -1.44
CA LEU A 87 7.06 -5.80 -2.61
C LEU A 87 5.68 -6.07 -3.15
N ILE A 88 5.44 -5.57 -4.33
CA ILE A 88 4.24 -5.88 -5.06
C ILE A 88 4.66 -6.82 -6.14
N PRO A 89 4.25 -8.10 -6.06
CA PRO A 89 4.57 -9.10 -7.08
C PRO A 89 4.09 -8.67 -8.47
N SER A 90 5.02 -8.05 -9.23
CA SER A 90 4.79 -7.49 -10.55
C SER A 90 3.99 -6.20 -10.49
N ILE A 91 4.38 -5.28 -11.35
CA ILE A 91 3.72 -4.01 -11.46
C ILE A 91 2.31 -4.19 -12.04
N CYS A 92 1.37 -3.75 -11.28
CA CYS A 92 -0.02 -3.74 -11.66
C CYS A 92 -0.46 -2.32 -11.94
N GLU A 93 -1.33 -2.16 -12.90
CA GLU A 93 -1.83 -0.86 -13.21
C GLU A 93 -3.28 -0.91 -12.96
N VAL A 94 -3.80 0.04 -12.28
CA VAL A 94 -5.16 0.02 -12.00
C VAL A 94 -5.85 1.09 -12.81
N GLY A 95 -6.51 0.66 -13.83
CA GLY A 95 -7.20 1.52 -14.69
C GLY A 95 -8.52 0.95 -15.04
N TYR A 96 -9.08 1.38 -16.16
CA TYR A 96 -10.39 0.92 -16.68
C TYR A 96 -11.54 1.57 -15.87
N LYS A 97 -11.35 1.56 -14.58
CA LYS A 97 -12.24 2.15 -13.56
C LYS A 97 -12.16 3.68 -13.58
N ASP A 98 -11.54 4.21 -14.60
CA ASP A 98 -11.15 5.61 -14.74
C ASP A 98 -12.09 6.66 -14.19
N SER A 99 -11.82 6.93 -12.97
CA SER A 99 -12.36 8.01 -12.19
C SER A 99 -11.24 8.29 -11.18
N SER A 100 -10.11 7.66 -11.47
CA SER A 100 -8.92 7.60 -10.71
C SER A 100 -8.06 6.54 -11.40
N VAL A 101 -6.78 6.78 -11.50
CA VAL A 101 -5.86 5.84 -12.13
C VAL A 101 -4.75 5.56 -11.14
N LEU A 102 -4.42 4.32 -10.92
CA LEU A 102 -3.40 3.97 -9.93
C LEU A 102 -2.34 3.10 -10.57
N LYS A 103 -1.13 3.21 -10.10
CA LYS A 103 -0.07 2.34 -10.55
C LYS A 103 0.80 1.93 -9.38
N PHE A 104 0.93 0.64 -9.18
CA PHE A 104 1.73 0.10 -8.12
C PHE A 104 2.80 -0.77 -8.73
N THR A 105 4.02 -0.30 -8.72
CA THR A 105 5.10 -1.04 -9.30
C THR A 105 5.62 -2.13 -8.36
N THR A 106 6.63 -2.82 -8.79
CA THR A 106 7.18 -3.98 -8.16
C THR A 106 7.80 -3.67 -6.81
N THR A 107 8.77 -2.80 -6.81
CA THR A 107 9.48 -2.51 -5.64
C THR A 107 9.39 -1.02 -5.34
N VAL A 108 8.46 -0.69 -4.47
CA VAL A 108 8.24 0.67 -4.05
C VAL A 108 8.92 0.92 -2.72
N THR A 109 9.50 2.06 -2.56
CA THR A 109 10.25 2.38 -1.42
C THR A 109 9.47 3.49 -0.72
N GLY A 110 9.06 3.27 0.51
CA GLY A 110 8.21 4.23 1.17
C GLY A 110 8.50 4.43 2.65
N HIS A 111 8.06 5.54 3.14
CA HIS A 111 8.17 5.93 4.53
C HIS A 111 6.95 5.38 5.28
N LEU A 112 7.14 4.39 6.11
CA LEU A 112 6.03 3.76 6.75
C LEU A 112 5.94 4.12 8.20
N GLU A 113 4.83 4.69 8.54
CA GLU A 113 4.47 4.90 9.88
C GLU A 113 3.30 4.11 10.15
N LYS A 114 3.08 3.83 11.34
CA LYS A 114 2.03 3.01 11.67
C LYS A 114 0.77 3.88 11.69
N GLY A 115 0.04 3.81 10.62
CA GLY A 115 -1.15 4.60 10.44
C GLY A 115 -1.12 5.28 9.09
N LYS A 116 0.06 5.41 8.51
CA LYS A 116 0.20 6.09 7.22
C LYS A 116 1.52 5.76 6.57
N LEU A 117 1.49 5.48 5.31
CA LEU A 117 2.69 5.20 4.59
C LEU A 117 2.83 6.29 3.55
N THR A 118 3.84 7.07 3.70
CA THR A 118 4.05 8.19 2.85
C THR A 118 5.33 8.02 2.06
N ASP A 119 5.61 8.97 1.16
CA ASP A 119 6.86 9.02 0.37
C ASP A 119 7.10 7.72 -0.36
N VAL A 120 6.51 7.59 -1.50
CA VAL A 120 6.52 6.36 -2.21
C VAL A 120 7.17 6.49 -3.56
N GLU A 121 8.31 5.94 -3.64
CA GLU A 121 9.01 5.86 -4.85
C GLU A 121 8.47 4.74 -5.71
N GLY A 122 7.65 5.09 -6.66
CA GLY A 122 7.12 4.11 -7.57
C GLY A 122 5.61 4.08 -7.61
N ILE A 123 4.97 4.71 -6.64
CA ILE A 123 3.52 4.73 -6.62
C ILE A 123 3.02 6.06 -7.10
N LYS A 124 2.33 6.02 -8.19
CA LYS A 124 1.73 7.18 -8.80
C LYS A 124 0.23 6.95 -8.96
N THR A 125 -0.56 7.96 -8.73
CA THR A 125 -1.99 7.83 -8.89
C THR A 125 -2.60 9.19 -9.24
N LYS A 126 -3.81 9.17 -9.76
CA LYS A 126 -4.53 10.36 -10.06
C LYS A 126 -5.94 10.31 -9.51
N VAL A 127 -6.30 11.35 -8.80
CA VAL A 127 -7.65 11.60 -8.31
C VAL A 127 -7.75 13.08 -8.27
N MET A 128 -8.60 13.65 -9.11
CA MET A 128 -8.69 15.10 -9.30
C MET A 128 -7.42 15.63 -10.01
N ILE A 129 -6.29 15.32 -9.43
CA ILE A 129 -5.01 15.67 -9.95
C ILE A 129 -4.08 14.48 -9.74
N TRP A 130 -2.99 14.46 -10.42
CA TRP A 130 -2.05 13.39 -10.33
C TRP A 130 -0.98 13.68 -9.29
N VAL A 131 -0.65 12.68 -8.51
CA VAL A 131 0.36 12.79 -7.49
C VAL A 131 1.28 11.57 -7.58
N LYS A 132 2.57 11.83 -7.76
CA LYS A 132 3.56 10.76 -7.93
C LYS A 132 4.29 10.46 -6.62
N VAL A 133 3.90 11.13 -5.58
CA VAL A 133 4.45 10.93 -4.24
C VAL A 133 3.28 10.62 -3.32
N THR A 134 2.24 10.11 -3.95
CA THR A 134 0.96 9.85 -3.35
C THR A 134 1.03 8.97 -2.11
N SER A 135 0.72 9.52 -1.00
CA SER A 135 0.81 8.80 0.19
C SER A 135 -0.52 8.26 0.67
N ILE A 136 -0.49 7.13 1.36
CA ILE A 136 -1.70 6.52 1.85
C ILE A 136 -1.87 6.83 3.32
N SER A 137 -3.07 7.13 3.72
CA SER A 137 -3.33 7.47 5.05
C SER A 137 -4.33 6.46 5.57
N THR A 138 -4.19 6.10 6.78
CA THR A 138 -5.01 5.12 7.39
C THR A 138 -5.11 5.48 8.88
N ASP A 139 -5.88 4.77 9.61
CA ASP A 139 -5.98 4.95 11.04
C ASP A 139 -5.52 3.65 11.69
N ALA A 140 -4.59 2.96 11.00
CA ALA A 140 -4.07 1.65 11.42
C ALA A 140 -5.21 0.64 11.51
N SER A 141 -6.13 0.77 10.59
CA SER A 141 -7.36 0.02 10.58
C SER A 141 -8.24 0.55 9.43
N LYS A 142 -8.96 1.64 9.68
CA LYS A 142 -9.78 2.24 8.65
C LYS A 142 -8.90 3.02 7.72
N VAL A 143 -9.13 2.90 6.45
CA VAL A 143 -8.23 3.45 5.48
C VAL A 143 -8.82 4.64 4.74
N TYR A 144 -7.96 5.46 4.21
CA TYR A 144 -8.32 6.58 3.38
C TYR A 144 -7.49 6.49 2.13
N PHE A 145 -7.97 7.05 1.05
CA PHE A 145 -7.27 6.92 -0.20
C PHE A 145 -6.03 7.81 -0.18
N THR A 146 -5.12 7.56 -1.07
CA THR A 146 -3.88 8.23 -1.11
C THR A 146 -4.00 9.69 -1.60
N ALA A 147 -2.85 10.32 -1.80
CA ALA A 147 -2.69 11.69 -2.32
C ALA A 147 -3.02 12.75 -1.28
N GLY A 148 -3.91 12.44 -0.37
CA GLY A 148 -4.27 13.36 0.66
C GLY A 148 -5.69 13.17 1.02
N MET A 149 -6.08 11.89 1.13
CA MET A 149 -7.45 11.50 1.42
C MET A 149 -8.38 12.01 0.32
N LYS A 150 -7.92 11.91 -0.94
CA LYS A 150 -8.73 12.39 -2.09
C LYS A 150 -10.01 11.56 -2.27
N LYS A 151 -10.04 10.40 -1.65
CA LYS A 151 -11.18 9.50 -1.64
C LYS A 151 -11.22 8.79 -0.31
N SER A 152 -12.32 8.20 0.01
CA SER A 152 -12.43 7.43 1.20
C SER A 152 -13.08 6.07 0.90
N ARG A 153 -12.30 5.02 1.03
CA ARG A 153 -12.76 3.67 0.76
C ARG A 153 -12.77 2.87 2.03
N SER A 154 -13.51 1.81 2.03
CA SER A 154 -13.56 0.93 3.15
C SER A 154 -12.59 -0.22 2.94
N ARG A 155 -11.92 -0.60 4.00
CA ARG A 155 -11.03 -1.75 4.03
C ARG A 155 -11.83 -3.05 4.04
N ASP A 156 -13.07 -2.91 4.47
CA ASP A 156 -14.04 -3.99 4.71
C ASP A 156 -13.94 -5.18 3.73
N ALA A 157 -13.90 -4.92 2.43
CA ALA A 157 -13.88 -6.01 1.46
C ALA A 157 -12.50 -6.68 1.33
N TYR A 158 -11.46 -5.92 1.02
CA TYR A 158 -10.12 -6.50 0.79
C TYR A 158 -9.02 -5.51 1.09
N GLY A 159 -9.33 -4.46 1.80
CA GLY A 159 -8.36 -3.44 2.03
C GLY A 159 -8.34 -2.49 0.91
N VAL A 160 -7.54 -2.76 -0.08
CA VAL A 160 -7.52 -1.92 -1.19
C VAL A 160 -8.36 -2.54 -2.30
N GLN A 161 -8.95 -1.69 -3.10
CA GLN A 161 -9.90 -2.09 -4.07
C GLN A 161 -9.28 -1.80 -5.38
N ARG A 162 -8.93 -2.83 -6.06
CA ARG A 162 -8.14 -2.69 -7.23
C ARG A 162 -8.77 -3.36 -8.45
N ASN A 163 -8.28 -2.98 -9.61
CA ASN A 163 -8.70 -3.59 -10.88
C ASN A 163 -7.56 -4.41 -11.46
N GLY A 164 -6.44 -3.74 -11.71
CA GLY A 164 -5.25 -4.39 -12.28
C GLY A 164 -4.71 -5.48 -11.40
N LEU A 165 -4.16 -6.49 -12.02
CA LEU A 165 -3.64 -7.61 -11.31
C LEU A 165 -2.14 -7.59 -11.36
N ARG A 166 -1.55 -7.92 -10.26
CA ARG A 166 -0.13 -8.03 -10.14
C ARG A 166 0.28 -9.42 -10.59
N VAL A 167 0.79 -9.50 -11.77
CA VAL A 167 1.04 -10.79 -12.39
C VAL A 167 2.51 -11.20 -12.33
N ASP A 168 2.98 -11.53 -11.16
CA ASP A 168 4.36 -12.05 -11.02
C ASP A 168 4.28 -13.49 -10.69
N LYS A 169 3.32 -13.77 -9.88
CA LYS A 169 3.15 -15.09 -9.34
C LYS A 169 2.19 -15.87 -10.21
N PHE A 170 2.38 -17.14 -10.26
CA PHE A 170 1.54 -18.00 -11.04
C PHE A 170 1.01 -19.09 -10.13
N SER A 1 -43.31 44.14 37.31
CA SER A 1 -43.32 43.00 36.40
C SER A 1 -42.09 43.01 35.50
N ASP A 2 -41.31 41.95 35.56
CA ASP A 2 -40.13 41.81 34.75
C ASP A 2 -40.15 40.43 34.17
N GLN A 3 -40.48 40.30 32.90
CA GLN A 3 -40.49 38.98 32.33
C GLN A 3 -39.11 38.53 31.89
N ILE A 4 -38.42 37.97 32.82
CA ILE A 4 -37.13 37.40 32.65
C ILE A 4 -37.11 36.12 33.47
N PHE A 5 -37.37 35.03 32.84
CA PHE A 5 -37.51 33.79 33.54
C PHE A 5 -36.93 32.66 32.72
N ASN A 6 -36.25 31.76 33.37
CA ASN A 6 -35.65 30.61 32.73
C ASN A 6 -35.68 29.44 33.68
N LYS A 7 -35.67 28.26 33.13
CA LYS A 7 -35.60 27.05 33.91
C LYS A 7 -34.37 26.30 33.51
N VAL A 8 -33.61 25.85 34.47
CA VAL A 8 -32.37 25.19 34.16
C VAL A 8 -32.30 23.77 34.74
N GLY A 9 -32.48 22.82 33.88
CA GLY A 9 -32.35 21.44 34.24
C GLY A 9 -31.18 20.85 33.49
N SER A 10 -30.13 20.55 34.19
CA SER A 10 -28.94 20.02 33.57
C SER A 10 -29.04 18.52 33.38
N TYR A 11 -28.79 18.08 32.16
CA TYR A 11 -28.79 16.68 31.83
C TYR A 11 -27.51 16.35 31.09
N TRP A 12 -26.60 15.72 31.77
CA TRP A 12 -25.32 15.39 31.18
C TRP A 12 -25.18 13.88 31.13
N LEU A 13 -24.45 13.38 30.16
CA LEU A 13 -24.22 11.94 29.97
C LEU A 13 -23.34 11.76 28.73
N GLY A 14 -23.74 12.38 27.66
CA GLY A 14 -23.01 12.29 26.44
C GLY A 14 -23.70 11.42 25.43
N GLN A 15 -25.00 11.56 25.33
CA GLN A 15 -25.79 10.77 24.42
C GLN A 15 -25.69 11.33 23.02
N LYS A 16 -25.91 10.46 22.04
CA LYS A 16 -25.89 10.79 20.62
C LYS A 16 -24.48 11.20 20.15
N ALA A 17 -24.36 11.58 18.87
CA ALA A 17 -23.09 12.00 18.25
C ALA A 17 -22.07 10.85 18.25
N ASN A 18 -22.57 9.63 18.23
CA ASN A 18 -21.73 8.43 18.25
C ASN A 18 -21.31 8.03 16.84
N LYS A 19 -20.69 6.87 16.71
CA LYS A 19 -20.26 6.38 15.41
C LYS A 19 -21.49 6.01 14.59
N GLN A 20 -21.78 6.81 13.60
CA GLN A 20 -22.91 6.57 12.75
C GLN A 20 -22.44 6.11 11.39
N PHE A 21 -22.67 4.86 11.10
CA PHE A 21 -22.27 4.26 9.85
C PHE A 21 -23.17 3.09 9.55
N ASP A 22 -23.88 3.17 8.45
CA ASP A 22 -24.72 2.06 8.03
C ASP A 22 -23.96 1.23 7.03
N SER A 23 -23.74 1.78 5.85
CA SER A 23 -23.03 1.11 4.79
C SER A 23 -22.73 2.15 3.71
N VAL A 24 -21.67 1.96 2.96
CA VAL A 24 -21.36 2.90 1.89
C VAL A 24 -21.83 2.40 0.53
N GLY A 25 -23.02 2.75 0.18
CA GLY A 25 -23.57 2.37 -1.09
C GLY A 25 -23.83 3.60 -1.93
N ASN A 26 -22.81 4.04 -2.62
CA ASN A 26 -22.90 5.23 -3.45
C ASN A 26 -22.05 5.08 -4.68
N ASP A 27 -22.71 4.98 -5.82
CA ASP A 27 -22.05 4.82 -7.10
C ASP A 27 -22.59 5.85 -8.07
N LEU A 28 -21.73 6.36 -8.92
CA LEU A 28 -22.14 7.41 -9.85
C LEU A 28 -22.69 6.78 -11.14
N ASN A 29 -23.67 7.42 -11.72
CA ASN A 29 -24.26 6.95 -12.96
C ASN A 29 -23.59 7.61 -14.16
N SER A 30 -24.06 7.24 -15.36
CA SER A 30 -23.56 7.73 -16.64
C SER A 30 -22.17 7.14 -16.95
N VAL A 31 -21.64 7.42 -18.13
CA VAL A 31 -20.36 6.86 -18.52
C VAL A 31 -19.16 7.68 -18.05
N SER A 32 -18.79 7.43 -16.82
CA SER A 32 -17.66 8.03 -16.18
C SER A 32 -17.24 7.12 -15.04
N THR A 33 -15.95 6.95 -14.86
CA THR A 33 -15.46 6.10 -13.81
C THR A 33 -15.49 6.83 -12.47
N SER A 34 -16.37 6.39 -11.59
CA SER A 34 -16.48 6.98 -10.28
C SER A 34 -17.20 6.01 -9.31
N ILE A 35 -16.37 5.24 -8.62
CA ILE A 35 -16.75 4.28 -7.58
C ILE A 35 -17.76 3.23 -8.03
N GLU A 36 -17.25 2.17 -8.64
CA GLU A 36 -18.03 1.03 -9.05
C GLU A 36 -17.03 0.01 -9.61
N GLY A 37 -16.87 -1.10 -8.94
CA GLY A 37 -15.89 -2.07 -9.35
C GLY A 37 -16.48 -3.34 -9.91
N GLY A 38 -17.54 -3.22 -10.68
CA GLY A 38 -18.14 -4.39 -11.29
C GLY A 38 -19.10 -5.09 -10.35
N THR A 39 -19.23 -4.53 -9.17
CA THR A 39 -20.10 -5.03 -8.12
C THR A 39 -19.75 -6.48 -7.70
N LYS A 40 -18.87 -6.62 -6.72
CA LYS A 40 -18.53 -7.91 -6.14
C LYS A 40 -17.71 -7.73 -4.90
N TRP A 41 -18.02 -8.47 -3.89
CA TRP A 41 -17.26 -8.45 -2.67
C TRP A 41 -16.51 -9.74 -2.58
N LEU A 42 -15.28 -9.70 -3.03
CA LEU A 42 -14.48 -10.88 -3.11
C LEU A 42 -14.00 -11.35 -1.74
N VAL A 43 -14.73 -12.27 -1.20
CA VAL A 43 -14.38 -12.87 0.05
C VAL A 43 -13.78 -14.25 -0.22
N ASN A 44 -12.52 -14.25 -0.50
CA ASN A 44 -11.80 -15.45 -0.81
C ASN A 44 -10.44 -15.36 -0.19
N LYS A 45 -10.27 -16.03 0.90
CA LYS A 45 -9.01 -16.03 1.56
C LYS A 45 -8.45 -17.42 1.58
N ILE A 46 -7.23 -17.53 1.16
CA ILE A 46 -6.56 -18.78 1.14
C ILE A 46 -6.04 -19.05 2.53
N LYS A 47 -5.25 -18.07 3.02
CA LYS A 47 -4.63 -18.10 4.34
C LYS A 47 -3.99 -19.46 4.61
N GLY A 48 -2.79 -19.63 4.12
CA GLY A 48 -2.11 -20.91 4.17
C GLY A 48 -1.81 -21.40 5.56
N LYS A 49 -1.95 -22.68 5.76
CA LYS A 49 -1.65 -23.31 7.02
C LYS A 49 -0.45 -24.19 6.85
N MET A 50 0.26 -24.49 7.95
CA MET A 50 1.43 -25.38 7.96
C MET A 50 2.60 -24.76 7.15
N GLN A 51 2.48 -23.47 6.91
CA GLN A 51 3.48 -22.73 6.21
C GLN A 51 4.17 -21.81 7.17
N LYS A 52 5.25 -21.20 6.73
CA LYS A 52 5.94 -20.19 7.50
C LYS A 52 4.96 -19.03 7.65
N PRO A 53 4.64 -18.60 8.87
CA PRO A 53 3.65 -17.56 9.11
C PRO A 53 4.16 -16.16 8.82
N LEU A 54 5.24 -16.06 8.09
CA LEU A 54 5.79 -14.76 7.79
C LEU A 54 4.90 -14.02 6.78
N PRO A 55 4.62 -14.63 5.56
CA PRO A 55 3.83 -13.98 4.49
C PRO A 55 2.49 -13.44 4.99
N GLU A 56 1.89 -14.19 5.89
CA GLU A 56 0.63 -13.83 6.44
C GLU A 56 0.78 -12.75 7.49
N LEU A 57 1.91 -12.72 8.20
CA LEU A 57 2.12 -11.72 9.19
C LEU A 57 2.45 -10.42 8.52
N LEU A 58 3.07 -10.53 7.32
CA LEU A 58 3.53 -9.36 6.55
C LEU A 58 2.38 -8.42 6.26
N LYS A 59 1.30 -8.97 5.78
CA LYS A 59 0.11 -8.17 5.40
C LYS A 59 -0.49 -7.50 6.64
N GLU A 60 -0.32 -8.15 7.75
CA GLU A 60 -0.84 -7.73 9.01
C GLU A 60 0.23 -6.95 9.84
N TYR A 61 1.41 -6.78 9.25
CA TYR A 61 2.60 -6.26 9.96
C TYR A 61 2.35 -4.89 10.59
N ASP A 62 1.70 -4.01 9.86
CA ASP A 62 1.47 -2.67 10.37
C ASP A 62 0.07 -2.20 10.02
N LEU A 63 -0.14 -1.86 8.76
CA LEU A 63 -1.47 -1.50 8.32
C LEU A 63 -2.07 -2.76 7.69
N PRO A 64 -3.39 -2.93 7.75
CA PRO A 64 -4.06 -4.16 7.40
C PRO A 64 -4.66 -4.16 6.01
N ILE A 65 -4.21 -3.24 5.16
CA ILE A 65 -4.69 -3.24 3.80
C ILE A 65 -4.12 -4.44 3.11
N GLY A 66 -2.82 -4.67 3.33
CA GLY A 66 -2.07 -5.82 2.78
C GLY A 66 -2.20 -5.98 1.25
N ILE A 67 -2.77 -4.97 0.63
CA ILE A 67 -3.18 -4.93 -0.75
C ILE A 67 -4.22 -5.97 -1.08
N PHE A 68 -3.84 -7.21 -1.05
CA PHE A 68 -4.71 -8.32 -1.38
C PHE A 68 -3.96 -9.67 -1.29
N PRO A 69 -2.82 -9.86 -2.02
CA PRO A 69 -2.14 -11.15 -2.05
C PRO A 69 -1.22 -11.37 -0.84
N GLY A 70 -0.13 -10.64 -0.79
CA GLY A 70 0.85 -10.83 0.25
C GLY A 70 2.19 -10.40 -0.22
N ASP A 71 2.49 -10.74 -1.46
CA ASP A 71 3.71 -10.32 -2.07
C ASP A 71 3.50 -8.87 -2.39
N ALA A 72 2.46 -8.56 -3.12
CA ALA A 72 2.03 -7.19 -3.11
C ALA A 72 1.55 -6.86 -1.69
N THR A 73 2.40 -6.22 -0.92
CA THR A 73 2.10 -5.86 0.45
C THR A 73 2.86 -6.45 1.66
N ASN A 74 4.09 -6.75 1.43
CA ASN A 74 5.03 -7.06 2.51
C ASN A 74 5.65 -5.79 2.95
N TYR A 75 6.48 -5.85 3.92
CA TYR A 75 7.11 -4.66 4.44
C TYR A 75 8.58 -4.93 4.68
N GLU A 76 9.39 -4.46 3.78
CA GLU A 76 10.82 -4.66 3.84
C GLU A 76 11.49 -3.34 4.19
N PHE A 77 12.08 -3.27 5.32
CA PHE A 77 12.71 -2.06 5.82
C PHE A 77 14.21 -2.27 5.88
N ASP A 78 14.97 -1.37 5.27
CA ASP A 78 16.42 -1.49 5.35
C ASP A 78 16.88 -0.70 6.52
N GLU A 79 18.08 -0.96 6.89
CA GLU A 79 18.65 -0.36 8.04
C GLU A 79 19.14 1.06 7.79
N GLU A 80 20.16 1.20 6.93
CA GLU A 80 20.76 2.51 6.69
C GLU A 80 19.82 3.38 5.89
N THR A 81 19.04 2.74 5.07
CA THR A 81 18.11 3.41 4.22
C THR A 81 17.03 4.11 5.06
N LYS A 82 16.46 3.36 6.04
CA LYS A 82 15.42 3.88 6.96
C LYS A 82 14.14 4.23 6.21
N LYS A 83 14.04 3.70 5.03
CA LYS A 83 12.98 3.90 4.15
C LYS A 83 12.33 2.52 3.99
N LEU A 84 11.05 2.42 4.25
CA LEU A 84 10.33 1.17 4.12
C LEU A 84 10.06 0.90 2.66
N THR A 85 10.23 -0.33 2.25
CA THR A 85 10.01 -0.71 0.89
C THR A 85 9.04 -1.89 0.83
N VAL A 86 8.21 -1.92 -0.17
CA VAL A 86 7.35 -3.06 -0.41
C VAL A 86 7.81 -3.70 -1.68
N LEU A 87 8.01 -4.96 -1.63
CA LEU A 87 8.46 -5.70 -2.75
C LEU A 87 7.24 -6.31 -3.43
N ILE A 88 6.82 -5.70 -4.51
CA ILE A 88 5.65 -6.14 -5.24
C ILE A 88 6.09 -6.88 -6.51
N PRO A 89 5.47 -8.03 -6.80
CA PRO A 89 5.75 -8.78 -7.98
C PRO A 89 4.97 -8.25 -9.15
N SER A 90 5.67 -7.62 -10.09
CA SER A 90 5.07 -7.05 -11.27
C SER A 90 4.26 -5.79 -10.99
N ILE A 91 4.12 -4.99 -12.00
CA ILE A 91 3.34 -3.80 -11.92
C ILE A 91 1.86 -4.13 -12.08
N CYS A 92 1.08 -3.71 -11.14
CA CYS A 92 -0.34 -3.82 -11.22
C CYS A 92 -0.91 -2.44 -11.20
N GLU A 93 -1.97 -2.22 -11.89
CA GLU A 93 -2.49 -0.90 -12.01
C GLU A 93 -3.94 -0.94 -11.72
N VAL A 94 -4.38 -0.07 -10.88
CA VAL A 94 -5.71 -0.10 -10.42
C VAL A 94 -6.46 1.16 -10.79
N GLY A 95 -7.37 1.03 -11.70
CA GLY A 95 -8.21 2.11 -12.06
C GLY A 95 -9.56 1.58 -12.42
N TYR A 96 -10.38 2.44 -12.98
CA TYR A 96 -11.67 2.07 -13.62
C TYR A 96 -12.76 1.86 -12.59
N LYS A 97 -12.47 1.05 -11.59
CA LYS A 97 -13.41 0.81 -10.52
C LYS A 97 -13.50 2.05 -9.66
N ASP A 98 -12.45 2.84 -9.75
CA ASP A 98 -12.27 3.93 -8.86
C ASP A 98 -12.69 5.25 -9.47
N SER A 99 -11.79 5.82 -10.23
CA SER A 99 -11.95 7.12 -10.86
C SER A 99 -10.60 7.48 -11.43
N SER A 100 -9.63 7.13 -10.66
CA SER A 100 -8.28 7.37 -10.95
C SER A 100 -7.65 6.14 -11.60
N VAL A 101 -6.38 6.28 -11.97
CA VAL A 101 -5.59 5.22 -12.53
C VAL A 101 -4.30 5.16 -11.74
N LEU A 102 -4.21 4.21 -10.87
CA LEU A 102 -3.13 4.16 -9.93
C LEU A 102 -2.20 3.01 -10.24
N LYS A 103 -0.92 3.28 -10.27
CA LYS A 103 0.05 2.30 -10.66
C LYS A 103 0.76 1.76 -9.46
N PHE A 104 0.59 0.52 -9.18
CA PHE A 104 1.33 -0.09 -8.14
C PHE A 104 2.51 -0.79 -8.77
N THR A 105 3.61 -0.07 -8.76
CA THR A 105 4.87 -0.52 -9.24
C THR A 105 5.41 -1.67 -8.33
N THR A 106 6.56 -2.18 -8.66
CA THR A 106 7.15 -3.32 -8.03
C THR A 106 7.81 -2.97 -6.69
N THR A 107 8.93 -2.34 -6.77
CA THR A 107 9.66 -1.99 -5.63
C THR A 107 9.36 -0.57 -5.23
N VAL A 108 8.53 -0.42 -4.23
CA VAL A 108 8.19 0.89 -3.81
C VAL A 108 9.06 1.25 -2.62
N THR A 109 9.22 2.51 -2.35
CA THR A 109 10.12 2.96 -1.35
C THR A 109 9.53 4.21 -0.63
N GLY A 110 9.34 4.11 0.68
CA GLY A 110 8.68 5.19 1.42
C GLY A 110 8.93 5.14 2.91
N HIS A 111 8.07 5.75 3.67
CA HIS A 111 8.17 5.74 5.13
C HIS A 111 6.89 5.21 5.72
N LEU A 112 6.99 4.11 6.40
CA LEU A 112 5.83 3.49 6.96
C LEU A 112 5.74 3.80 8.41
N GLU A 113 4.60 4.23 8.79
CA GLU A 113 4.30 4.46 10.14
C GLU A 113 3.08 3.78 10.48
N LYS A 114 2.99 3.46 11.71
CA LYS A 114 1.85 2.85 12.23
C LYS A 114 0.73 3.84 12.17
N GLY A 115 -0.07 3.66 11.20
CA GLY A 115 -1.12 4.54 10.93
C GLY A 115 -1.19 4.81 9.47
N LYS A 116 -0.09 5.25 8.89
CA LYS A 116 -0.08 5.58 7.48
C LYS A 116 1.27 5.35 6.82
N LEU A 117 1.23 5.08 5.54
CA LEU A 117 2.41 4.89 4.75
C LEU A 117 2.59 6.09 3.82
N THR A 118 3.49 6.94 4.18
CA THR A 118 3.79 8.12 3.40
C THR A 118 5.08 7.94 2.63
N ASP A 119 5.32 8.85 1.66
CA ASP A 119 6.50 8.78 0.76
C ASP A 119 6.34 7.59 -0.17
N VAL A 120 6.04 7.80 -1.41
CA VAL A 120 5.89 6.71 -2.28
C VAL A 120 6.75 6.79 -3.51
N GLU A 121 8.02 6.58 -3.30
CA GLU A 121 8.97 6.52 -4.35
C GLU A 121 8.98 5.19 -4.98
N GLY A 122 8.14 5.03 -5.90
CA GLY A 122 8.09 3.85 -6.66
C GLY A 122 6.81 3.75 -7.34
N ILE A 123 5.75 4.11 -6.63
CA ILE A 123 4.46 4.00 -7.21
C ILE A 123 4.03 5.33 -7.68
N LYS A 124 3.23 5.34 -8.66
CA LYS A 124 2.81 6.56 -9.26
C LYS A 124 1.29 6.57 -9.32
N THR A 125 0.73 7.69 -9.01
CA THR A 125 -0.67 7.83 -8.81
C THR A 125 -1.29 8.89 -9.70
N LYS A 126 -2.16 8.48 -10.58
CA LYS A 126 -2.93 9.43 -11.29
C LYS A 126 -4.27 9.45 -10.65
N VAL A 127 -4.62 10.55 -10.08
CA VAL A 127 -5.92 10.72 -9.50
C VAL A 127 -6.66 11.84 -10.12
N MET A 128 -6.35 13.02 -9.77
CA MET A 128 -6.96 14.15 -10.37
C MET A 128 -5.98 14.74 -11.34
N ILE A 129 -4.78 14.22 -11.24
CA ILE A 129 -3.68 14.58 -12.06
C ILE A 129 -2.63 13.48 -11.88
N TRP A 130 -1.65 13.42 -12.76
CA TRP A 130 -0.62 12.40 -12.71
C TRP A 130 0.49 12.87 -11.76
N VAL A 131 0.65 12.15 -10.66
CA VAL A 131 1.60 12.46 -9.58
C VAL A 131 2.08 11.17 -8.94
N LYS A 132 2.85 11.26 -7.90
CA LYS A 132 3.28 10.06 -7.19
C LYS A 132 3.07 10.19 -5.68
N VAL A 133 3.30 11.39 -5.15
CA VAL A 133 3.46 11.61 -3.68
C VAL A 133 2.18 11.44 -2.86
N THR A 134 1.07 11.27 -3.50
CA THR A 134 -0.15 11.09 -2.77
C THR A 134 -0.24 9.68 -2.20
N SER A 135 0.26 9.56 -1.00
CA SER A 135 0.39 8.32 -0.29
C SER A 135 -0.88 7.95 0.48
N ILE A 136 -0.90 6.77 1.06
CA ILE A 136 -2.11 6.25 1.65
C ILE A 136 -2.15 6.47 3.16
N SER A 137 -3.19 7.15 3.60
CA SER A 137 -3.40 7.38 4.98
C SER A 137 -4.37 6.34 5.49
N THR A 138 -4.22 5.96 6.72
CA THR A 138 -4.97 4.88 7.27
C THR A 138 -5.07 5.10 8.82
N ASP A 139 -5.98 4.39 9.47
CA ASP A 139 -6.05 4.41 10.97
C ASP A 139 -5.38 3.17 11.48
N ALA A 140 -4.46 2.60 10.66
CA ALA A 140 -3.93 1.26 10.90
C ALA A 140 -5.12 0.30 10.92
N SER A 141 -6.07 0.63 10.04
CA SER A 141 -7.38 0.00 10.02
C SER A 141 -8.12 0.37 8.72
N LYS A 142 -8.64 1.61 8.61
CA LYS A 142 -9.39 2.06 7.41
C LYS A 142 -8.48 2.87 6.50
N VAL A 143 -8.91 3.06 5.26
CA VAL A 143 -8.14 3.77 4.27
C VAL A 143 -8.73 5.15 3.99
N TYR A 144 -7.90 6.13 3.94
CA TYR A 144 -8.28 7.48 3.68
C TYR A 144 -7.59 7.96 2.42
N PHE A 145 -8.20 8.96 1.79
CA PHE A 145 -7.74 9.53 0.51
C PHE A 145 -6.22 9.71 0.43
N THR A 146 -5.67 9.28 -0.69
CA THR A 146 -4.26 9.44 -0.93
C THR A 146 -3.98 10.87 -1.36
N ALA A 147 -4.87 11.38 -2.19
CA ALA A 147 -4.79 12.73 -2.68
C ALA A 147 -5.93 13.53 -2.10
N GLY A 148 -5.78 14.82 -2.07
CA GLY A 148 -6.78 15.70 -1.46
C GLY A 148 -8.09 15.73 -2.22
N MET A 149 -8.02 15.49 -3.51
CA MET A 149 -9.20 15.46 -4.37
C MET A 149 -9.93 14.14 -4.19
N LYS A 150 -9.19 13.14 -3.77
CA LYS A 150 -9.71 11.82 -3.66
C LYS A 150 -10.51 11.67 -2.34
N LYS A 151 -11.26 10.62 -2.22
CA LYS A 151 -12.10 10.39 -1.07
C LYS A 151 -11.54 9.24 -0.26
N SER A 152 -11.95 9.14 0.97
CA SER A 152 -11.56 8.06 1.83
C SER A 152 -12.36 6.81 1.43
N ARG A 153 -11.85 5.63 1.71
CA ARG A 153 -12.49 4.46 1.20
C ARG A 153 -12.45 3.29 2.20
N SER A 154 -13.56 2.58 2.30
CA SER A 154 -13.69 1.44 3.15
C SER A 154 -12.82 0.29 2.65
N ARG A 155 -11.87 -0.14 3.45
CA ARG A 155 -11.02 -1.20 3.02
C ARG A 155 -11.59 -2.57 3.23
N ASP A 156 -12.57 -2.65 4.13
CA ASP A 156 -13.25 -3.92 4.51
C ASP A 156 -13.63 -4.80 3.31
N ALA A 157 -13.91 -4.17 2.19
CA ALA A 157 -14.29 -4.84 0.96
C ALA A 157 -13.19 -5.77 0.40
N TYR A 158 -11.89 -5.38 0.49
CA TYR A 158 -10.78 -6.22 -0.08
C TYR A 158 -9.45 -5.99 0.67
N GLY A 159 -9.35 -4.86 1.33
CA GLY A 159 -8.09 -4.37 1.84
C GLY A 159 -7.72 -3.26 0.96
N VAL A 160 -7.00 -3.53 -0.04
CA VAL A 160 -6.85 -2.57 -1.03
C VAL A 160 -7.79 -2.98 -2.14
N GLN A 161 -8.41 -2.03 -2.77
CA GLN A 161 -9.45 -2.32 -3.68
C GLN A 161 -8.83 -2.37 -4.99
N ARG A 162 -8.45 -3.52 -5.35
CA ARG A 162 -7.68 -3.66 -6.49
C ARG A 162 -8.51 -4.14 -7.67
N ASN A 163 -8.28 -3.54 -8.80
CA ASN A 163 -8.95 -3.91 -10.04
C ASN A 163 -7.89 -4.46 -11.00
N GLY A 164 -6.66 -4.20 -10.62
CA GLY A 164 -5.53 -4.66 -11.37
C GLY A 164 -4.94 -5.88 -10.77
N LEU A 165 -4.24 -6.62 -11.55
CA LEU A 165 -3.65 -7.85 -11.14
C LEU A 165 -2.16 -7.80 -11.33
N ARG A 166 -1.44 -8.57 -10.56
CA ARG A 166 -0.02 -8.63 -10.79
C ARG A 166 0.16 -9.41 -12.07
N VAL A 167 0.94 -8.88 -12.98
CA VAL A 167 1.27 -9.61 -14.20
C VAL A 167 1.95 -10.97 -13.83
N ASP A 168 2.64 -10.99 -12.69
CA ASP A 168 3.31 -12.17 -12.17
C ASP A 168 2.30 -13.21 -11.68
N LYS A 169 1.21 -12.74 -11.13
CA LYS A 169 0.24 -13.62 -10.53
C LYS A 169 -0.91 -13.96 -11.44
N PHE A 170 -0.92 -15.19 -11.86
CA PHE A 170 -1.97 -15.75 -12.63
C PHE A 170 -2.82 -16.58 -11.69
N SER A 1 33.32 50.17 12.07
CA SER A 1 33.19 50.56 10.68
C SER A 1 33.02 49.32 9.82
N ASP A 2 32.03 49.36 8.92
CA ASP A 2 31.70 48.24 8.01
C ASP A 2 31.19 47.05 8.79
N GLN A 3 30.98 45.93 8.09
CA GLN A 3 30.52 44.67 8.68
C GLN A 3 29.12 44.82 9.28
N ILE A 4 28.42 45.85 8.87
CA ILE A 4 27.11 46.13 9.38
C ILE A 4 26.08 45.31 8.62
N PHE A 5 25.11 44.83 9.32
CA PHE A 5 24.08 44.01 8.76
C PHE A 5 22.80 44.24 9.51
N ASN A 6 21.70 43.78 8.98
CA ASN A 6 20.44 43.89 9.67
C ASN A 6 19.48 42.80 9.24
N LYS A 7 19.14 41.94 10.16
CA LYS A 7 18.10 40.96 9.95
C LYS A 7 17.55 40.45 11.28
N VAL A 8 16.47 41.06 11.71
CA VAL A 8 15.81 40.65 12.93
C VAL A 8 15.07 39.34 12.67
N GLY A 9 14.92 38.52 13.69
CA GLY A 9 14.31 37.23 13.52
C GLY A 9 12.80 37.27 13.43
N SER A 10 12.30 37.82 12.34
CA SER A 10 10.88 37.82 12.09
C SER A 10 10.52 36.41 11.61
N TYR A 11 11.46 35.83 10.89
CA TYR A 11 11.37 34.48 10.45
C TYR A 11 11.80 33.57 11.58
N TRP A 12 10.85 32.99 12.24
CA TRP A 12 11.13 32.06 13.30
C TRP A 12 10.64 30.69 12.89
N LEU A 13 11.31 29.67 13.36
CA LEU A 13 10.93 28.32 13.05
C LEU A 13 11.29 27.43 14.20
N GLY A 14 10.59 26.35 14.35
CA GLY A 14 10.89 25.44 15.40
C GLY A 14 10.08 25.71 16.64
N GLN A 15 8.80 25.43 16.56
CA GLN A 15 7.94 25.54 17.70
C GLN A 15 8.12 24.30 18.52
N LYS A 16 8.57 24.47 19.76
CA LYS A 16 8.92 23.38 20.65
C LYS A 16 10.09 22.61 20.05
N ALA A 17 11.27 23.17 20.18
CA ALA A 17 12.43 22.56 19.63
C ALA A 17 13.57 22.54 20.63
N ASN A 18 13.63 21.49 21.37
CA ASN A 18 14.69 21.27 22.31
C ASN A 18 15.24 19.89 22.05
N LYS A 19 16.16 19.80 21.11
CA LYS A 19 16.68 18.51 20.75
C LYS A 19 17.78 18.08 21.66
N GLN A 20 17.39 17.44 22.72
CA GLN A 20 18.30 16.90 23.69
C GLN A 20 17.74 15.60 24.25
N PHE A 21 18.14 14.52 23.64
CA PHE A 21 17.68 13.20 24.01
C PHE A 21 18.67 12.20 23.49
N ASP A 22 18.70 11.06 24.09
CA ASP A 22 19.56 9.99 23.64
C ASP A 22 18.76 8.97 22.88
N SER A 23 17.94 8.21 23.61
CA SER A 23 17.07 7.17 23.05
C SER A 23 17.90 5.99 22.48
N VAL A 24 18.73 6.29 21.51
CA VAL A 24 19.61 5.33 20.92
C VAL A 24 21.06 5.72 21.21
N GLY A 25 21.66 4.99 22.08
CA GLY A 25 23.01 5.24 22.47
C GLY A 25 23.43 4.27 23.51
N ASN A 26 24.74 4.18 23.74
CA ASN A 26 25.34 3.22 24.66
C ASN A 26 24.96 1.82 24.22
N ASP A 27 25.69 1.31 23.29
CA ASP A 27 25.32 0.06 22.69
C ASP A 27 25.89 -1.13 23.41
N LEU A 28 25.02 -2.03 23.71
CA LEU A 28 25.35 -3.31 24.26
C LEU A 28 24.31 -4.27 23.74
N ASN A 29 24.63 -4.97 22.71
CA ASN A 29 23.73 -5.91 22.12
C ASN A 29 24.44 -7.19 21.85
N SER A 30 24.29 -8.11 22.76
CA SER A 30 24.92 -9.38 22.63
C SER A 30 24.02 -10.45 23.22
N VAL A 31 23.17 -10.97 22.39
CA VAL A 31 22.30 -12.07 22.73
C VAL A 31 22.53 -13.12 21.69
N SER A 32 22.18 -12.79 20.49
CA SER A 32 22.39 -13.62 19.36
C SER A 32 23.58 -13.05 18.59
N THR A 33 24.72 -13.67 18.70
CA THR A 33 25.86 -13.18 18.00
C THR A 33 25.80 -13.61 16.53
N SER A 34 25.10 -12.81 15.79
CA SER A 34 24.93 -13.02 14.38
C SER A 34 25.43 -11.78 13.67
N ILE A 35 26.37 -11.96 12.80
CA ILE A 35 26.94 -10.85 12.08
C ILE A 35 26.16 -10.62 10.80
N GLU A 36 25.46 -9.48 10.75
CA GLU A 36 24.64 -9.06 9.60
C GLU A 36 23.39 -9.95 9.43
N GLY A 37 23.62 -11.19 9.17
CA GLY A 37 22.56 -12.11 8.91
C GLY A 37 22.88 -12.92 7.70
N GLY A 38 21.88 -13.36 7.00
CA GLY A 38 22.09 -14.11 5.78
C GLY A 38 21.55 -13.39 4.58
N THR A 39 21.06 -12.19 4.79
CA THR A 39 20.51 -11.41 3.72
C THR A 39 21.37 -10.21 3.36
N LYS A 40 22.08 -10.33 2.25
CA LYS A 40 22.83 -9.23 1.69
C LYS A 40 21.88 -8.53 0.74
N TRP A 41 21.19 -9.35 -0.01
CA TRP A 41 20.16 -8.97 -0.93
C TRP A 41 19.31 -10.19 -1.15
N LEU A 42 18.16 -10.04 -1.71
CA LEU A 42 17.32 -11.17 -1.94
C LEU A 42 16.69 -11.11 -3.32
N VAL A 43 17.15 -11.98 -4.19
CA VAL A 43 16.58 -12.11 -5.51
C VAL A 43 15.42 -13.07 -5.40
N ASN A 44 14.24 -12.59 -5.66
CA ASN A 44 13.05 -13.41 -5.49
C ASN A 44 12.86 -14.38 -6.63
N LYS A 45 13.41 -15.55 -6.44
CA LYS A 45 13.23 -16.62 -7.38
C LYS A 45 12.73 -17.82 -6.62
N ILE A 46 11.46 -17.74 -6.29
CA ILE A 46 10.73 -18.74 -5.54
C ILE A 46 9.28 -18.26 -5.47
N LYS A 47 9.14 -16.97 -5.12
CA LYS A 47 7.88 -16.25 -5.07
C LYS A 47 6.94 -16.74 -3.98
N GLY A 48 5.90 -16.00 -3.73
CA GLY A 48 5.01 -16.29 -2.64
C GLY A 48 3.94 -17.30 -2.96
N LYS A 49 4.26 -18.30 -3.76
CA LYS A 49 3.30 -19.34 -4.06
C LYS A 49 3.45 -20.47 -3.05
N MET A 50 4.56 -20.48 -2.36
CA MET A 50 4.78 -21.38 -1.25
C MET A 50 4.41 -20.62 -0.01
N GLN A 51 3.54 -21.17 0.79
CA GLN A 51 3.08 -20.48 1.97
C GLN A 51 4.13 -20.44 3.07
N LYS A 52 4.31 -19.27 3.60
CA LYS A 52 5.25 -19.01 4.68
C LYS A 52 4.50 -18.25 5.77
N PRO A 53 5.08 -18.09 6.98
CA PRO A 53 4.45 -17.30 8.03
C PRO A 53 4.77 -15.81 7.89
N LEU A 54 5.25 -15.44 6.73
CA LEU A 54 5.60 -14.07 6.45
C LEU A 54 4.37 -13.24 6.11
N PRO A 55 3.47 -13.71 5.17
CA PRO A 55 2.23 -13.03 4.80
C PRO A 55 1.51 -12.39 5.99
N GLU A 56 1.41 -13.12 7.08
CA GLU A 56 0.76 -12.61 8.26
C GLU A 56 1.58 -11.51 8.92
N LEU A 57 2.89 -11.68 8.92
CA LEU A 57 3.79 -10.76 9.54
C LEU A 57 3.97 -9.49 8.72
N LEU A 58 3.95 -9.64 7.42
CA LEU A 58 4.14 -8.48 6.55
C LEU A 58 2.99 -7.48 6.65
N LYS A 59 1.76 -7.99 6.70
CA LYS A 59 0.61 -7.13 6.87
C LYS A 59 0.52 -6.63 8.32
N GLU A 60 1.09 -7.43 9.21
CA GLU A 60 1.17 -7.09 10.60
C GLU A 60 2.08 -5.88 10.83
N TYR A 61 3.31 -5.94 10.33
CA TYR A 61 4.26 -4.86 10.51
C TYR A 61 3.83 -3.54 9.93
N ASP A 62 3.46 -3.50 8.67
CA ASP A 62 3.03 -2.22 8.10
C ASP A 62 1.61 -1.90 8.50
N LEU A 63 0.69 -2.20 7.61
CA LEU A 63 -0.70 -1.91 7.85
C LEU A 63 -1.51 -3.08 7.26
N PRO A 64 -2.75 -3.28 7.69
CA PRO A 64 -3.55 -4.42 7.31
C PRO A 64 -4.43 -4.13 6.11
N ILE A 65 -3.96 -3.21 5.27
CA ILE A 65 -4.63 -2.91 4.01
C ILE A 65 -4.45 -4.08 3.11
N GLY A 66 -3.32 -4.76 3.31
CA GLY A 66 -2.98 -5.98 2.57
C GLY A 66 -2.81 -5.79 1.05
N ILE A 67 -3.19 -4.62 0.55
CA ILE A 67 -3.10 -4.23 -0.86
C ILE A 67 -4.17 -4.86 -1.71
N PHE A 68 -4.48 -6.10 -1.41
CA PHE A 68 -5.58 -6.86 -1.99
C PHE A 68 -5.40 -8.35 -1.66
N PRO A 69 -4.24 -8.98 -2.04
CA PRO A 69 -4.06 -10.42 -1.90
C PRO A 69 -3.18 -10.85 -0.69
N GLY A 70 -2.41 -9.93 -0.14
CA GLY A 70 -1.48 -10.29 0.89
C GLY A 70 -0.20 -10.89 0.30
N ASP A 71 -0.05 -10.80 -1.04
CA ASP A 71 1.19 -11.28 -1.67
C ASP A 71 2.10 -10.10 -1.75
N ALA A 72 1.52 -8.98 -2.14
CA ALA A 72 2.14 -7.67 -1.99
C ALA A 72 2.12 -7.31 -0.48
N THR A 73 2.63 -6.11 -0.11
CA THR A 73 2.65 -5.63 1.31
C THR A 73 3.87 -6.22 2.00
N ASN A 74 4.86 -6.50 1.22
CA ASN A 74 5.99 -7.14 1.77
C ASN A 74 6.89 -6.14 2.43
N TYR A 75 6.94 -6.25 3.72
CA TYR A 75 7.67 -5.36 4.59
C TYR A 75 9.19 -5.57 4.47
N GLU A 76 9.82 -4.80 3.64
CA GLU A 76 11.27 -4.75 3.55
C GLU A 76 11.74 -3.39 4.08
N PHE A 77 12.40 -3.43 5.19
CA PHE A 77 12.75 -2.24 5.94
C PHE A 77 14.24 -2.21 6.20
N ASP A 78 14.88 -1.12 5.84
CA ASP A 78 16.31 -1.00 6.09
C ASP A 78 16.51 -0.38 7.42
N GLU A 79 17.66 -0.52 7.89
CA GLU A 79 18.06 -0.03 9.17
C GLU A 79 18.42 1.42 9.15
N GLU A 80 19.38 1.75 8.33
CA GLU A 80 19.88 3.09 8.26
C GLU A 80 18.91 3.95 7.49
N THR A 81 18.48 3.43 6.39
CA THR A 81 17.59 4.10 5.51
C THR A 81 16.17 4.29 6.12
N LYS A 82 15.57 3.20 6.61
CA LYS A 82 14.23 3.21 7.25
C LYS A 82 13.07 3.56 6.31
N LYS A 83 13.36 3.73 5.04
CA LYS A 83 12.31 3.98 4.09
C LYS A 83 11.82 2.66 3.51
N LEU A 84 10.80 2.15 4.16
CA LEU A 84 10.19 0.85 3.94
C LEU A 84 9.85 0.63 2.47
N THR A 85 10.18 -0.53 1.98
CA THR A 85 9.92 -0.87 0.62
C THR A 85 8.94 -2.05 0.52
N VAL A 86 7.75 -1.78 0.08
CA VAL A 86 6.76 -2.80 -0.22
C VAL A 86 6.91 -3.15 -1.65
N LEU A 87 7.03 -4.41 -1.89
CA LEU A 87 7.16 -4.87 -3.20
C LEU A 87 5.99 -5.72 -3.58
N ILE A 88 5.44 -5.38 -4.68
CA ILE A 88 4.33 -6.07 -5.25
C ILE A 88 4.85 -7.09 -6.26
N PRO A 89 4.29 -8.34 -6.25
CA PRO A 89 4.59 -9.42 -7.21
C PRO A 89 5.09 -8.92 -8.58
N SER A 90 4.30 -8.06 -9.19
CA SER A 90 4.65 -7.46 -10.44
C SER A 90 3.92 -6.16 -10.52
N ILE A 91 4.38 -5.30 -11.39
CA ILE A 91 3.80 -4.01 -11.59
C ILE A 91 2.36 -4.15 -12.13
N CYS A 92 1.42 -3.73 -11.35
CA CYS A 92 0.05 -3.82 -11.72
C CYS A 92 -0.54 -2.43 -11.82
N GLU A 93 -1.07 -2.13 -12.98
CA GLU A 93 -1.66 -0.83 -13.24
C GLU A 93 -3.15 -0.90 -13.09
N VAL A 94 -3.78 0.24 -13.11
CA VAL A 94 -5.22 0.35 -13.09
C VAL A 94 -5.64 1.59 -13.86
N GLY A 95 -6.17 1.37 -15.03
CA GLY A 95 -6.70 2.42 -15.84
C GLY A 95 -7.87 1.89 -16.60
N TYR A 96 -9.05 2.39 -16.33
CA TYR A 96 -10.20 1.87 -16.97
C TYR A 96 -11.08 3.06 -17.32
N LYS A 97 -12.36 2.86 -17.48
CA LYS A 97 -13.27 3.95 -17.91
C LYS A 97 -13.50 4.94 -16.79
N ASP A 98 -12.97 4.58 -15.67
CA ASP A 98 -13.10 5.27 -14.43
C ASP A 98 -12.28 6.54 -14.41
N SER A 99 -11.34 6.63 -15.37
CA SER A 99 -10.47 7.79 -15.55
C SER A 99 -9.32 7.81 -14.54
N SER A 100 -9.40 6.95 -13.56
CA SER A 100 -8.37 6.83 -12.60
C SER A 100 -7.27 5.93 -13.14
N VAL A 101 -6.28 6.54 -13.74
CA VAL A 101 -5.13 5.84 -14.25
C VAL A 101 -4.02 5.86 -13.22
N LEU A 102 -3.66 4.72 -12.74
CA LEU A 102 -2.67 4.62 -11.74
C LEU A 102 -1.74 3.45 -12.05
N LYS A 103 -0.46 3.69 -11.93
CA LYS A 103 0.53 2.66 -12.16
C LYS A 103 1.16 2.29 -10.85
N PHE A 104 0.82 1.13 -10.36
CA PHE A 104 1.34 0.71 -9.11
C PHE A 104 2.55 -0.19 -9.36
N THR A 105 3.69 0.45 -9.27
CA THR A 105 5.00 -0.11 -9.49
C THR A 105 5.30 -1.31 -8.53
N THR A 106 6.41 -1.97 -8.77
CA THR A 106 6.78 -3.19 -8.08
C THR A 106 7.35 -2.91 -6.68
N THR A 107 8.54 -2.38 -6.61
CA THR A 107 9.12 -2.08 -5.33
C THR A 107 9.03 -0.59 -5.11
N VAL A 108 8.21 -0.19 -4.19
CA VAL A 108 8.10 1.19 -3.91
C VAL A 108 8.74 1.44 -2.54
N THR A 109 8.98 2.67 -2.19
CA THR A 109 9.64 2.95 -0.99
C THR A 109 8.96 4.15 -0.35
N GLY A 110 8.65 4.06 0.90
CA GLY A 110 7.98 5.13 1.52
C GLY A 110 8.33 5.30 2.96
N HIS A 111 7.86 6.37 3.55
CA HIS A 111 8.15 6.65 4.96
C HIS A 111 7.27 5.78 5.81
N LEU A 112 7.89 4.98 6.64
CA LEU A 112 7.18 4.03 7.42
C LEU A 112 6.86 4.57 8.76
N GLU A 113 5.61 4.80 8.94
CA GLU A 113 5.11 5.09 10.22
C GLU A 113 4.00 4.21 10.49
N LYS A 114 4.05 3.63 11.59
CA LYS A 114 3.09 2.73 11.98
C LYS A 114 1.78 3.45 12.18
N GLY A 115 0.83 3.09 11.38
CA GLY A 115 -0.42 3.76 11.35
C GLY A 115 -0.64 4.36 9.97
N LYS A 116 0.43 4.70 9.28
CA LYS A 116 0.33 5.32 7.96
C LYS A 116 1.66 5.29 7.20
N LEU A 117 1.63 4.69 6.04
CA LEU A 117 2.80 4.64 5.18
C LEU A 117 2.71 5.82 4.22
N THR A 118 3.51 6.82 4.46
CA THR A 118 3.39 8.04 3.73
C THR A 118 4.49 8.26 2.69
N ASP A 119 4.06 8.68 1.50
CA ASP A 119 4.93 8.99 0.35
C ASP A 119 5.62 7.78 -0.20
N VAL A 120 4.95 7.14 -1.11
CA VAL A 120 5.45 6.00 -1.76
C VAL A 120 6.07 6.41 -3.05
N GLU A 121 7.31 6.64 -2.96
CA GLU A 121 8.10 7.14 -3.99
C GLU A 121 8.36 6.11 -5.06
N GLY A 122 7.59 6.22 -6.12
CA GLY A 122 7.74 5.36 -7.24
C GLY A 122 6.42 5.05 -7.89
N ILE A 123 5.34 5.46 -7.25
CA ILE A 123 4.01 5.18 -7.77
C ILE A 123 3.43 6.39 -8.47
N LYS A 124 3.16 6.23 -9.73
CA LYS A 124 2.51 7.25 -10.52
C LYS A 124 1.03 7.07 -10.31
N THR A 125 0.41 8.07 -9.79
CA THR A 125 -0.93 7.96 -9.33
C THR A 125 -1.84 9.02 -9.96
N LYS A 126 -2.93 8.58 -10.52
CA LYS A 126 -3.96 9.49 -10.92
C LYS A 126 -5.27 8.89 -10.54
N VAL A 127 -6.01 9.62 -9.77
CA VAL A 127 -7.33 9.22 -9.36
C VAL A 127 -8.12 10.46 -9.15
N MET A 128 -7.51 11.42 -8.50
CA MET A 128 -8.10 12.69 -8.35
C MET A 128 -7.41 13.63 -9.32
N ILE A 129 -6.09 13.49 -9.38
CA ILE A 129 -5.23 14.26 -10.25
C ILE A 129 -3.88 13.51 -10.27
N TRP A 130 -2.92 13.96 -11.08
CA TRP A 130 -1.61 13.33 -11.14
C TRP A 130 -0.81 13.56 -9.88
N VAL A 131 -0.42 12.48 -9.30
CA VAL A 131 0.36 12.43 -8.10
C VAL A 131 1.52 11.44 -8.36
N LYS A 132 2.65 11.65 -7.74
CA LYS A 132 3.80 10.73 -7.89
C LYS A 132 4.24 10.19 -6.55
N VAL A 133 3.74 10.81 -5.51
CA VAL A 133 4.07 10.45 -4.16
C VAL A 133 2.84 10.47 -3.30
N THR A 134 2.04 9.47 -3.45
CA THR A 134 0.86 9.36 -2.70
C THR A 134 1.18 8.72 -1.37
N SER A 135 0.25 8.76 -0.51
CA SER A 135 0.38 8.21 0.77
C SER A 135 -0.81 7.36 1.06
N ILE A 136 -0.63 6.37 1.88
CA ILE A 136 -1.73 5.57 2.28
C ILE A 136 -1.91 5.69 3.76
N SER A 137 -2.81 6.54 4.15
CA SER A 137 -3.02 6.77 5.52
C SER A 137 -4.08 5.86 6.05
N THR A 138 -3.99 5.59 7.29
CA THR A 138 -4.85 4.69 7.93
C THR A 138 -4.68 4.91 9.41
N ASP A 139 -5.40 4.20 10.18
CA ASP A 139 -5.25 4.24 11.61
C ASP A 139 -4.73 2.87 12.03
N ALA A 140 -4.00 2.23 11.09
CA ALA A 140 -3.47 0.87 11.23
C ALA A 140 -4.60 -0.13 11.15
N SER A 141 -5.57 0.21 10.30
CA SER A 141 -6.77 -0.57 10.08
C SER A 141 -7.67 0.15 9.08
N LYS A 142 -8.42 1.13 9.55
CA LYS A 142 -9.32 1.85 8.66
C LYS A 142 -8.53 2.85 7.85
N VAL A 143 -8.81 2.92 6.59
CA VAL A 143 -7.94 3.58 5.65
C VAL A 143 -8.47 4.95 5.19
N TYR A 144 -7.55 5.87 4.98
CA TYR A 144 -7.83 7.17 4.43
C TYR A 144 -7.02 7.27 3.16
N PHE A 145 -7.68 7.49 2.07
CA PHE A 145 -7.01 7.47 0.81
C PHE A 145 -6.67 8.90 0.41
N THR A 146 -5.44 9.25 0.64
CA THR A 146 -4.96 10.59 0.42
C THR A 146 -4.23 10.75 -0.91
N ALA A 147 -4.67 9.97 -1.90
CA ALA A 147 -4.09 10.04 -3.23
C ALA A 147 -4.58 11.28 -3.97
N GLY A 148 -3.94 12.39 -3.69
CA GLY A 148 -4.23 13.64 -4.31
C GLY A 148 -5.17 14.39 -3.46
N MET A 149 -6.28 13.74 -3.24
CA MET A 149 -7.39 14.20 -2.45
C MET A 149 -8.54 13.25 -2.68
N LYS A 150 -8.61 12.21 -1.90
CA LYS A 150 -9.68 11.26 -2.02
C LYS A 150 -10.33 10.88 -0.70
N LYS A 151 -11.36 10.08 -0.78
CA LYS A 151 -12.20 9.71 0.35
C LYS A 151 -11.62 8.54 1.13
N SER A 152 -12.08 8.39 2.35
CA SER A 152 -11.64 7.33 3.23
C SER A 152 -12.32 6.02 2.86
N ARG A 153 -11.76 4.91 3.28
CA ARG A 153 -12.31 3.63 2.90
C ARG A 153 -12.13 2.62 4.05
N SER A 154 -12.99 1.65 4.11
CA SER A 154 -12.90 0.61 5.10
C SER A 154 -12.05 -0.52 4.56
N ARG A 155 -11.13 -1.03 5.36
CA ARG A 155 -10.28 -2.12 4.90
C ARG A 155 -11.03 -3.44 4.95
N ASP A 156 -12.10 -3.47 5.73
CA ASP A 156 -12.94 -4.64 5.95
C ASP A 156 -13.34 -5.34 4.66
N ALA A 157 -13.46 -4.58 3.58
CA ALA A 157 -13.80 -5.17 2.31
C ALA A 157 -12.57 -5.90 1.70
N TYR A 158 -11.45 -5.19 1.58
CA TYR A 158 -10.21 -5.77 0.96
C TYR A 158 -8.94 -5.04 1.42
N GLY A 159 -9.12 -3.96 2.17
CA GLY A 159 -8.02 -3.09 2.47
C GLY A 159 -7.80 -2.21 1.30
N VAL A 160 -7.04 -2.67 0.35
CA VAL A 160 -6.89 -1.91 -0.83
C VAL A 160 -7.61 -2.65 -1.93
N GLN A 161 -8.38 -1.93 -2.72
CA GLN A 161 -9.19 -2.53 -3.71
C GLN A 161 -9.34 -1.64 -4.87
N ARG A 162 -8.83 -2.10 -5.94
CA ARG A 162 -8.95 -1.44 -7.19
C ARG A 162 -8.82 -2.49 -8.31
N ASN A 163 -9.24 -2.15 -9.51
CA ASN A 163 -9.22 -3.10 -10.63
C ASN A 163 -7.82 -3.28 -11.20
N GLY A 164 -7.13 -4.25 -10.69
CA GLY A 164 -5.82 -4.54 -11.17
C GLY A 164 -5.54 -6.01 -11.10
N LEU A 165 -4.83 -6.51 -12.08
CA LEU A 165 -4.39 -7.85 -12.05
C LEU A 165 -2.90 -7.81 -12.07
N ARG A 166 -2.31 -8.20 -10.98
CA ARG A 166 -0.90 -8.20 -10.86
C ARG A 166 -0.36 -9.43 -11.54
N VAL A 167 0.28 -9.17 -12.63
CA VAL A 167 0.75 -10.18 -13.58
C VAL A 167 1.91 -11.08 -13.10
N ASP A 168 2.02 -11.25 -11.81
CA ASP A 168 2.92 -12.22 -11.22
C ASP A 168 2.18 -12.96 -10.14
N LYS A 169 1.24 -13.74 -10.60
CA LYS A 169 0.38 -14.57 -9.77
C LYS A 169 -0.75 -15.06 -10.65
N PHE A 170 -1.19 -16.23 -10.41
CA PHE A 170 -2.36 -16.71 -11.02
C PHE A 170 -3.44 -16.63 -9.96
N SER A 1 90.01 26.84 6.36
CA SER A 1 89.21 25.87 5.65
C SER A 1 88.48 26.55 4.48
N ASP A 2 87.33 27.20 4.79
CA ASP A 2 86.50 27.90 3.80
C ASP A 2 86.01 27.01 2.68
N GLN A 3 85.23 27.60 1.80
CA GLN A 3 84.70 26.93 0.64
C GLN A 3 84.01 27.95 -0.24
N ILE A 4 84.34 27.96 -1.51
CA ILE A 4 83.72 28.89 -2.41
C ILE A 4 82.37 28.38 -2.90
N PHE A 5 81.34 28.76 -2.18
CA PHE A 5 79.96 28.45 -2.47
C PHE A 5 79.10 29.59 -1.96
N ASN A 6 77.85 29.58 -2.31
CA ASN A 6 76.93 30.61 -1.86
C ASN A 6 75.55 30.00 -1.71
N LYS A 7 74.82 30.44 -0.71
CA LYS A 7 73.47 30.00 -0.52
C LYS A 7 72.55 30.80 -1.43
N VAL A 8 72.23 30.20 -2.54
CA VAL A 8 71.42 30.82 -3.54
C VAL A 8 70.56 29.76 -4.22
N GLY A 9 69.32 30.10 -4.47
CA GLY A 9 68.42 29.18 -5.10
C GLY A 9 67.22 29.92 -5.59
N SER A 10 67.35 30.52 -6.74
CA SER A 10 66.28 31.28 -7.30
C SER A 10 65.27 30.40 -8.05
N TYR A 11 64.40 29.78 -7.28
CA TYR A 11 63.34 28.94 -7.78
C TYR A 11 62.17 29.14 -6.85
N TRP A 12 60.97 28.88 -7.30
CA TRP A 12 59.82 29.07 -6.43
C TRP A 12 58.61 28.30 -6.89
N LEU A 13 58.06 27.54 -5.98
CA LEU A 13 56.82 26.86 -6.18
C LEU A 13 55.98 27.09 -4.94
N GLY A 14 55.15 28.09 -5.00
CA GLY A 14 54.33 28.47 -3.87
C GLY A 14 53.03 27.73 -3.83
N GLN A 15 52.74 27.02 -4.91
CA GLN A 15 51.55 26.22 -4.98
C GLN A 15 51.63 25.10 -3.97
N LYS A 16 50.93 25.28 -2.91
CA LYS A 16 50.92 24.33 -1.84
C LYS A 16 49.58 24.43 -1.17
N ALA A 17 48.66 23.61 -1.60
CA ALA A 17 47.32 23.62 -1.10
C ALA A 17 46.74 22.24 -1.22
N ASN A 18 46.31 21.71 -0.11
CA ASN A 18 45.75 20.38 -0.06
C ASN A 18 44.99 20.22 1.23
N LYS A 19 43.77 19.77 1.14
CA LYS A 19 42.97 19.50 2.31
C LYS A 19 42.40 18.10 2.21
N GLN A 20 43.08 17.18 2.81
CA GLN A 20 42.65 15.80 2.73
C GLN A 20 41.80 15.39 3.91
N PHE A 21 40.53 15.71 3.82
CA PHE A 21 39.54 15.33 4.79
C PHE A 21 38.16 15.49 4.19
N ASP A 22 37.39 14.45 4.23
CA ASP A 22 36.05 14.42 3.68
C ASP A 22 35.37 13.15 4.18
N SER A 23 34.07 13.06 4.01
CA SER A 23 33.34 11.90 4.43
C SER A 23 33.72 10.70 3.56
N VAL A 24 34.15 9.64 4.21
CA VAL A 24 34.58 8.46 3.51
C VAL A 24 33.39 7.61 3.10
N GLY A 25 33.57 6.85 2.05
CA GLY A 25 32.53 6.01 1.57
C GLY A 25 32.92 4.57 1.67
N ASN A 26 32.00 3.70 1.40
CA ASN A 26 32.25 2.27 1.47
C ASN A 26 31.72 1.62 0.24
N ASP A 27 31.86 0.33 0.15
CA ASP A 27 31.37 -0.42 -0.97
C ASP A 27 29.87 -0.51 -0.88
N LEU A 28 29.22 0.26 -1.69
CA LEU A 28 27.79 0.31 -1.71
C LEU A 28 27.39 -0.34 -3.02
N ASN A 29 26.79 -1.50 -2.95
CA ASN A 29 26.45 -2.23 -4.16
C ASN A 29 25.24 -3.12 -3.94
N SER A 30 24.32 -3.07 -4.85
CA SER A 30 23.19 -3.93 -4.83
C SER A 30 23.51 -5.22 -5.58
N VAL A 31 23.46 -6.33 -4.89
CA VAL A 31 23.74 -7.60 -5.51
C VAL A 31 22.55 -8.00 -6.39
N SER A 32 21.45 -8.40 -5.74
CA SER A 32 20.21 -8.75 -6.41
C SER A 32 19.27 -9.40 -5.40
N THR A 33 18.06 -8.89 -5.29
CA THR A 33 17.02 -9.44 -4.45
C THR A 33 15.67 -8.82 -4.85
N SER A 34 14.98 -9.47 -5.77
CA SER A 34 13.74 -8.94 -6.29
C SER A 34 12.83 -10.04 -6.86
N ILE A 35 11.64 -10.15 -6.28
CA ILE A 35 10.52 -10.99 -6.78
C ILE A 35 10.77 -12.50 -6.64
N GLU A 36 9.84 -13.16 -6.00
CA GLU A 36 9.85 -14.60 -5.87
C GLU A 36 8.43 -15.11 -6.11
N GLY A 37 8.17 -15.61 -7.30
CA GLY A 37 6.85 -16.07 -7.63
C GLY A 37 6.77 -16.57 -9.05
N GLY A 38 5.68 -17.24 -9.35
CA GLY A 38 5.47 -17.78 -10.67
C GLY A 38 4.49 -18.91 -10.63
N THR A 39 4.08 -19.39 -11.79
CA THR A 39 3.13 -20.46 -11.86
C THR A 39 3.72 -21.82 -11.53
N LYS A 40 3.56 -22.25 -10.31
CA LYS A 40 3.92 -23.57 -9.89
C LYS A 40 2.66 -24.31 -9.58
N TRP A 41 1.75 -23.60 -8.97
CA TRP A 41 0.43 -24.07 -8.67
C TRP A 41 -0.52 -22.97 -9.07
N LEU A 42 -1.71 -23.31 -9.42
CA LEU A 42 -2.68 -22.30 -9.80
C LEU A 42 -3.45 -21.83 -8.60
N VAL A 43 -3.80 -20.55 -8.60
CA VAL A 43 -4.57 -19.91 -7.54
C VAL A 43 -5.79 -20.74 -7.11
N ASN A 44 -5.94 -20.90 -5.83
CA ASN A 44 -7.02 -21.65 -5.28
C ASN A 44 -8.15 -20.73 -4.97
N LYS A 45 -9.34 -21.28 -4.85
CA LYS A 45 -10.50 -20.50 -4.48
C LYS A 45 -10.41 -20.11 -3.01
N ILE A 46 -11.33 -19.28 -2.58
CA ILE A 46 -11.33 -18.81 -1.20
C ILE A 46 -11.65 -19.96 -0.22
N LYS A 47 -11.29 -19.75 1.05
CA LYS A 47 -11.37 -20.78 2.11
C LYS A 47 -10.38 -21.90 1.85
N GLY A 48 -9.23 -21.78 2.44
CA GLY A 48 -8.20 -22.77 2.28
C GLY A 48 -6.87 -22.15 2.08
N LYS A 49 -6.54 -21.82 0.85
CA LYS A 49 -5.28 -21.19 0.55
C LYS A 49 -5.53 -19.78 0.05
N MET A 50 -5.03 -18.81 0.77
CA MET A 50 -5.14 -17.43 0.35
C MET A 50 -3.81 -16.97 -0.21
N GLN A 51 -2.82 -16.93 0.64
CA GLN A 51 -1.51 -16.49 0.27
C GLN A 51 -0.54 -17.10 1.28
N LYS A 52 0.74 -16.84 1.16
CA LYS A 52 1.73 -17.39 2.06
C LYS A 52 1.55 -16.79 3.47
N PRO A 53 1.97 -17.49 4.52
CA PRO A 53 1.77 -17.04 5.91
C PRO A 53 2.64 -15.87 6.37
N LEU A 54 3.55 -15.44 5.54
CA LEU A 54 4.39 -14.30 5.91
C LEU A 54 3.70 -12.99 5.74
N PRO A 55 3.24 -12.66 4.49
CA PRO A 55 2.73 -11.35 4.20
C PRO A 55 1.51 -10.96 5.05
N GLU A 56 0.90 -11.95 5.71
CA GLU A 56 -0.26 -11.69 6.53
C GLU A 56 0.22 -11.07 7.79
N LEU A 57 1.39 -11.51 8.23
CA LEU A 57 1.99 -11.00 9.40
C LEU A 57 2.55 -9.64 9.13
N LEU A 58 3.07 -9.45 7.92
CA LEU A 58 3.68 -8.17 7.56
C LEU A 58 2.69 -7.04 7.59
N LYS A 59 1.51 -7.28 7.09
CA LYS A 59 0.51 -6.25 7.16
C LYS A 59 -0.06 -6.16 8.60
N GLU A 60 -0.01 -7.29 9.28
CA GLU A 60 -0.45 -7.41 10.65
C GLU A 60 0.31 -6.50 11.62
N TYR A 61 1.61 -6.36 11.41
CA TYR A 61 2.42 -5.51 12.28
C TYR A 61 1.98 -4.06 12.25
N ASP A 62 1.64 -3.53 11.10
CA ASP A 62 1.33 -2.11 11.03
C ASP A 62 -0.04 -1.76 10.50
N LEU A 63 -0.22 -1.71 9.20
CA LEU A 63 -1.52 -1.33 8.67
C LEU A 63 -2.11 -2.56 7.95
N PRO A 64 -3.41 -2.83 8.10
CA PRO A 64 -4.02 -4.03 7.64
C PRO A 64 -4.74 -3.82 6.31
N ILE A 65 -4.24 -2.87 5.53
CA ILE A 65 -4.73 -2.66 4.19
C ILE A 65 -4.48 -3.90 3.41
N GLY A 66 -3.33 -4.49 3.65
CA GLY A 66 -2.90 -5.71 2.92
C GLY A 66 -2.92 -5.55 1.38
N ILE A 67 -3.13 -4.31 0.95
CA ILE A 67 -3.25 -3.89 -0.43
C ILE A 67 -4.43 -4.50 -1.16
N PHE A 68 -4.40 -5.78 -1.41
CA PHE A 68 -5.44 -6.42 -2.22
C PHE A 68 -5.26 -7.95 -2.33
N PRO A 69 -4.07 -8.47 -2.76
CA PRO A 69 -3.90 -9.88 -3.04
C PRO A 69 -3.40 -10.65 -1.85
N GLY A 70 -3.12 -9.95 -0.77
CA GLY A 70 -2.62 -10.59 0.40
C GLY A 70 -1.12 -10.82 0.33
N ASP A 71 -0.51 -10.45 -0.79
CA ASP A 71 0.92 -10.62 -0.94
C ASP A 71 1.55 -9.27 -0.75
N ALA A 72 1.33 -8.40 -1.75
CA ALA A 72 1.74 -7.01 -1.69
C ALA A 72 1.25 -6.42 -0.38
N THR A 73 2.11 -5.61 0.27
CA THR A 73 1.96 -5.10 1.67
C THR A 73 3.14 -5.62 2.50
N ASN A 74 4.06 -6.33 1.84
CA ASN A 74 5.29 -6.79 2.49
C ASN A 74 6.18 -5.61 2.72
N TYR A 75 7.37 -5.87 3.17
CA TYR A 75 8.33 -4.80 3.38
C TYR A 75 9.73 -5.28 3.69
N GLU A 76 10.63 -4.52 3.17
CA GLU A 76 12.05 -4.61 3.35
C GLU A 76 12.50 -3.20 3.64
N PHE A 77 13.74 -2.99 3.98
CA PHE A 77 14.19 -1.63 4.23
C PHE A 77 15.64 -1.49 3.85
N ASP A 78 16.04 -0.32 3.44
CA ASP A 78 17.43 -0.08 3.17
C ASP A 78 18.15 0.37 4.42
N GLU A 79 19.41 0.18 4.41
CA GLU A 79 20.23 0.37 5.59
C GLU A 79 20.66 1.78 5.87
N GLU A 80 21.47 2.30 5.00
CA GLU A 80 22.09 3.61 5.19
C GLU A 80 21.07 4.72 5.08
N THR A 81 20.00 4.41 4.45
CA THR A 81 18.95 5.33 4.22
C THR A 81 17.78 5.08 5.22
N LYS A 82 17.34 3.82 5.31
CA LYS A 82 16.26 3.34 6.18
C LYS A 82 14.90 3.67 5.63
N LYS A 83 14.81 3.72 4.33
CA LYS A 83 13.59 3.93 3.66
C LYS A 83 12.98 2.55 3.45
N LEU A 84 11.71 2.44 3.64
CA LEU A 84 11.03 1.17 3.54
C LEU A 84 10.89 0.82 2.08
N THR A 85 11.16 -0.38 1.75
CA THR A 85 11.02 -0.83 0.41
C THR A 85 10.10 -2.05 0.37
N VAL A 86 8.95 -1.87 -0.20
CA VAL A 86 7.95 -2.90 -0.29
C VAL A 86 8.11 -3.65 -1.56
N LEU A 87 8.25 -4.94 -1.42
CA LEU A 87 8.35 -5.79 -2.52
C LEU A 87 6.96 -6.24 -2.89
N ILE A 88 6.59 -5.88 -4.06
CA ILE A 88 5.30 -6.13 -4.57
C ILE A 88 5.44 -7.03 -5.80
N PRO A 89 4.82 -8.24 -5.79
CA PRO A 89 4.92 -9.23 -6.88
C PRO A 89 4.43 -8.70 -8.22
N SER A 90 5.38 -8.13 -8.99
CA SER A 90 5.11 -7.55 -10.31
C SER A 90 4.36 -6.22 -10.22
N ILE A 91 3.90 -5.72 -11.34
CA ILE A 91 3.15 -4.48 -11.40
C ILE A 91 1.63 -4.77 -11.54
N CYS A 92 0.82 -3.87 -11.01
CA CYS A 92 -0.59 -3.85 -11.26
C CYS A 92 -0.96 -2.42 -11.35
N GLU A 93 -1.82 -2.12 -12.23
CA GLU A 93 -2.28 -0.79 -12.39
C GLU A 93 -3.68 -0.77 -12.89
N VAL A 94 -4.29 0.36 -12.86
CA VAL A 94 -5.68 0.46 -13.16
C VAL A 94 -5.97 1.67 -14.05
N GLY A 95 -6.58 1.42 -15.18
CA GLY A 95 -6.96 2.47 -16.07
C GLY A 95 -8.33 2.21 -16.60
N TYR A 96 -9.27 3.04 -16.22
CA TYR A 96 -10.63 2.89 -16.59
C TYR A 96 -11.12 4.33 -16.65
N LYS A 97 -12.39 4.54 -16.70
CA LYS A 97 -12.93 5.90 -16.65
C LYS A 97 -12.95 6.40 -15.19
N ASP A 98 -12.37 5.58 -14.32
CA ASP A 98 -12.39 5.82 -12.90
C ASP A 98 -11.57 7.04 -12.50
N SER A 99 -10.65 7.45 -13.39
CA SER A 99 -9.81 8.63 -13.22
C SER A 99 -8.76 8.34 -12.15
N SER A 100 -8.53 7.08 -11.93
CA SER A 100 -7.58 6.67 -10.97
C SER A 100 -6.61 5.74 -11.64
N VAL A 101 -5.53 6.26 -12.09
CA VAL A 101 -4.52 5.44 -12.67
C VAL A 101 -3.26 5.44 -11.80
N LEU A 102 -3.09 4.36 -11.09
CA LEU A 102 -1.98 4.19 -10.16
C LEU A 102 -1.13 3.04 -10.62
N LYS A 103 0.17 3.21 -10.64
CA LYS A 103 1.06 2.12 -10.99
C LYS A 103 1.68 1.56 -9.74
N PHE A 104 1.32 0.36 -9.41
CA PHE A 104 1.91 -0.30 -8.27
C PHE A 104 3.04 -1.17 -8.74
N THR A 105 4.25 -0.67 -8.57
CA THR A 105 5.42 -1.34 -9.10
C THR A 105 5.97 -2.39 -8.13
N THR A 106 7.03 -3.06 -8.54
CA THR A 106 7.65 -4.14 -7.80
C THR A 106 8.31 -3.68 -6.49
N THR A 107 8.89 -2.51 -6.50
CA THR A 107 9.52 -1.97 -5.32
C THR A 107 9.12 -0.54 -5.09
N VAL A 108 8.35 -0.32 -4.07
CA VAL A 108 7.96 1.00 -3.68
C VAL A 108 8.67 1.35 -2.40
N THR A 109 9.28 2.50 -2.36
CA THR A 109 10.12 2.88 -1.29
C THR A 109 9.49 4.08 -0.54
N GLY A 110 9.25 3.92 0.75
CA GLY A 110 8.58 4.96 1.49
C GLY A 110 8.87 4.94 2.97
N HIS A 111 8.00 5.53 3.76
CA HIS A 111 8.18 5.58 5.20
C HIS A 111 7.01 4.90 5.91
N LEU A 112 7.34 3.98 6.77
CA LEU A 112 6.36 3.17 7.43
C LEU A 112 6.03 3.77 8.79
N GLU A 113 4.75 3.97 9.04
CA GLU A 113 4.25 4.36 10.33
C GLU A 113 3.11 3.46 10.71
N LYS A 114 2.75 3.50 11.94
CA LYS A 114 1.67 2.72 12.42
C LYS A 114 0.38 3.47 12.16
N GLY A 115 -0.30 3.06 11.15
CA GLY A 115 -1.53 3.69 10.83
C GLY A 115 -1.51 4.29 9.46
N LYS A 116 -0.58 5.15 9.21
CA LYS A 116 -0.50 5.82 7.93
C LYS A 116 0.86 5.67 7.27
N LEU A 117 0.86 5.22 6.05
CA LEU A 117 2.06 4.94 5.29
C LEU A 117 2.28 6.13 4.36
N THR A 118 3.24 6.93 4.66
CA THR A 118 3.52 8.09 3.87
C THR A 118 4.81 7.97 3.10
N ASP A 119 4.88 8.71 1.97
CA ASP A 119 5.99 8.65 1.01
C ASP A 119 6.00 7.32 0.30
N VAL A 120 5.79 7.33 -0.99
CA VAL A 120 5.80 6.12 -1.78
C VAL A 120 6.48 6.33 -3.11
N GLU A 121 7.76 6.19 -3.09
CA GLU A 121 8.59 6.34 -4.23
C GLU A 121 8.48 5.07 -5.05
N GLY A 122 7.71 5.14 -6.09
CA GLY A 122 7.47 4.00 -6.93
C GLY A 122 6.03 3.94 -7.34
N ILE A 123 5.20 4.58 -6.55
CA ILE A 123 3.78 4.64 -6.83
C ILE A 123 3.44 5.97 -7.46
N LYS A 124 3.16 5.90 -8.72
CA LYS A 124 2.81 7.03 -9.51
C LYS A 124 1.33 6.99 -9.80
N THR A 125 0.65 8.03 -9.42
CA THR A 125 -0.78 8.07 -9.49
C THR A 125 -1.30 9.32 -10.15
N LYS A 126 -2.17 9.16 -11.09
CA LYS A 126 -2.90 10.27 -11.59
C LYS A 126 -4.32 10.07 -11.21
N VAL A 127 -4.88 11.05 -10.58
CA VAL A 127 -6.25 11.02 -10.21
C VAL A 127 -6.91 12.31 -10.50
N MET A 128 -6.50 13.32 -9.84
CA MET A 128 -7.03 14.59 -10.09
C MET A 128 -5.95 15.38 -10.83
N ILE A 129 -4.71 15.02 -10.52
CA ILE A 129 -3.47 15.54 -11.11
C ILE A 129 -2.50 14.35 -11.04
N TRP A 130 -1.42 14.38 -11.81
CA TRP A 130 -0.43 13.34 -11.71
C TRP A 130 0.46 13.64 -10.52
N VAL A 131 0.44 12.76 -9.56
CA VAL A 131 1.18 12.89 -8.35
C VAL A 131 2.07 11.66 -8.22
N LYS A 132 3.27 11.83 -7.74
CA LYS A 132 4.17 10.68 -7.66
C LYS A 132 4.23 10.11 -6.27
N VAL A 133 3.23 10.39 -5.49
CA VAL A 133 3.16 9.84 -4.16
C VAL A 133 1.78 9.28 -3.88
N THR A 134 0.83 10.15 -3.51
CA THR A 134 -0.49 9.74 -3.03
C THR A 134 -0.37 8.67 -1.94
N SER A 135 -0.02 9.10 -0.75
CA SER A 135 0.20 8.19 0.33
C SER A 135 -1.08 7.78 1.03
N ILE A 136 -1.07 6.62 1.64
CA ILE A 136 -2.27 6.03 2.15
C ILE A 136 -2.38 6.22 3.67
N SER A 137 -3.52 6.71 4.06
CA SER A 137 -3.81 6.90 5.44
C SER A 137 -4.70 5.76 5.89
N THR A 138 -4.57 5.37 7.11
CA THR A 138 -5.32 4.28 7.65
C THR A 138 -5.39 4.47 9.18
N ASP A 139 -6.42 3.98 9.83
CA ASP A 139 -6.49 4.09 11.31
C ASP A 139 -5.79 2.91 11.94
N ALA A 140 -4.85 2.30 11.19
CA ALA A 140 -4.22 1.02 11.58
C ALA A 140 -5.32 -0.02 11.68
N SER A 141 -6.28 0.12 10.76
CA SER A 141 -7.50 -0.66 10.74
C SER A 141 -8.30 -0.33 9.46
N LYS A 142 -9.01 0.79 9.48
CA LYS A 142 -9.82 1.21 8.33
C LYS A 142 -8.98 2.02 7.39
N VAL A 143 -9.32 1.97 6.12
CA VAL A 143 -8.46 2.50 5.07
C VAL A 143 -8.98 3.82 4.52
N TYR A 144 -8.10 4.77 4.32
CA TYR A 144 -8.48 6.08 3.84
C TYR A 144 -7.72 6.45 2.58
N PHE A 145 -8.32 7.34 1.80
CA PHE A 145 -7.80 7.85 0.53
C PHE A 145 -6.32 8.24 0.54
N THR A 146 -5.69 8.06 -0.61
CA THR A 146 -4.29 8.39 -0.80
C THR A 146 -4.14 9.81 -1.36
N ALA A 147 -5.22 10.35 -1.87
CA ALA A 147 -5.23 11.66 -2.47
C ALA A 147 -6.45 12.41 -2.01
N GLY A 148 -6.35 13.71 -1.90
CA GLY A 148 -7.42 14.54 -1.41
C GLY A 148 -8.41 14.85 -2.49
N MET A 149 -9.20 13.87 -2.81
CA MET A 149 -10.22 13.89 -3.86
C MET A 149 -10.75 12.50 -3.93
N LYS A 150 -9.84 11.60 -3.73
CA LYS A 150 -10.07 10.21 -3.76
C LYS A 150 -10.78 9.78 -2.48
N LYS A 151 -11.29 8.58 -2.43
CA LYS A 151 -12.13 8.16 -1.33
C LYS A 151 -11.55 6.96 -0.57
N SER A 152 -12.09 6.74 0.62
CA SER A 152 -11.61 5.71 1.52
C SER A 152 -12.25 4.34 1.25
N ARG A 153 -11.60 3.29 1.76
CA ARG A 153 -12.05 1.91 1.60
C ARG A 153 -12.17 1.21 2.94
N SER A 154 -12.85 0.10 2.95
CA SER A 154 -13.00 -0.68 4.13
C SER A 154 -11.93 -1.77 4.18
N ARG A 155 -11.45 -2.09 5.36
CA ARG A 155 -10.47 -3.17 5.56
C ARG A 155 -11.11 -4.50 5.09
N ASP A 156 -12.41 -4.64 5.36
CA ASP A 156 -13.19 -5.83 4.94
C ASP A 156 -13.17 -6.03 3.42
N ALA A 157 -12.96 -4.94 2.71
CA ALA A 157 -12.95 -4.95 1.27
C ALA A 157 -11.63 -5.47 0.71
N TYR A 158 -10.70 -5.85 1.62
CA TYR A 158 -9.33 -6.30 1.32
C TYR A 158 -8.36 -5.17 1.37
N GLY A 159 -8.77 -4.12 2.07
CA GLY A 159 -7.93 -3.02 2.29
C GLY A 159 -8.01 -2.01 1.22
N VAL A 160 -7.23 -2.21 0.21
CA VAL A 160 -7.15 -1.24 -0.82
C VAL A 160 -7.92 -1.72 -2.05
N GLN A 161 -8.96 -1.01 -2.40
CA GLN A 161 -9.83 -1.44 -3.48
C GLN A 161 -9.88 -0.56 -4.67
N ARG A 162 -9.15 -0.97 -5.66
CA ARG A 162 -9.18 -0.40 -6.94
C ARG A 162 -8.76 -1.53 -7.89
N ASN A 163 -9.73 -2.07 -8.60
CA ASN A 163 -9.57 -3.28 -9.46
C ASN A 163 -8.33 -3.29 -10.34
N GLY A 164 -7.37 -4.07 -9.92
CA GLY A 164 -6.14 -4.31 -10.64
C GLY A 164 -5.63 -5.67 -10.28
N LEU A 165 -4.85 -6.27 -11.13
CA LEU A 165 -4.33 -7.58 -10.85
C LEU A 165 -2.85 -7.59 -11.00
N ARG A 166 -2.20 -8.21 -10.05
CA ARG A 166 -0.76 -8.33 -10.05
C ARG A 166 -0.39 -9.19 -11.23
N VAL A 167 0.44 -8.71 -12.14
CA VAL A 167 0.90 -9.55 -13.25
C VAL A 167 1.96 -10.56 -12.74
N ASP A 168 1.50 -11.40 -11.85
CA ASP A 168 2.26 -12.43 -11.14
C ASP A 168 1.26 -13.33 -10.51
N LYS A 169 0.16 -12.73 -10.11
CA LYS A 169 -0.88 -13.46 -9.42
C LYS A 169 -1.70 -14.30 -10.38
N PHE A 170 -1.52 -15.59 -10.22
CA PHE A 170 -2.22 -16.61 -10.94
C PHE A 170 -1.69 -17.92 -10.43
N SER A 1 -72.82 -71.71 15.34
CA SER A 1 -72.93 -70.29 15.10
C SER A 1 -71.56 -69.63 15.24
N ASP A 2 -71.35 -68.54 14.53
CA ASP A 2 -70.10 -67.82 14.59
C ASP A 2 -70.33 -66.33 14.60
N GLN A 3 -70.47 -65.77 15.78
CA GLN A 3 -70.66 -64.34 15.92
C GLN A 3 -70.18 -63.90 17.29
N ILE A 4 -69.70 -62.69 17.39
CA ILE A 4 -69.25 -62.13 18.64
C ILE A 4 -69.68 -60.66 18.75
N PHE A 5 -70.48 -60.36 19.76
CA PHE A 5 -70.98 -59.03 19.96
C PHE A 5 -70.25 -58.34 21.11
N ASN A 6 -69.71 -57.19 20.82
CA ASN A 6 -68.99 -56.38 21.80
C ASN A 6 -69.62 -55.02 21.89
N LYS A 7 -69.79 -54.51 23.09
CA LYS A 7 -70.41 -53.22 23.28
C LYS A 7 -69.70 -52.41 24.35
N VAL A 8 -68.79 -51.55 23.90
CA VAL A 8 -68.03 -50.63 24.74
C VAL A 8 -66.99 -49.92 23.88
N GLY A 9 -66.70 -48.69 24.18
CA GLY A 9 -65.71 -47.96 23.45
C GLY A 9 -64.84 -47.18 24.38
N SER A 10 -64.06 -46.28 23.86
CA SER A 10 -63.22 -45.46 24.68
C SER A 10 -64.02 -44.27 25.19
N TYR A 11 -64.47 -44.35 26.42
CA TYR A 11 -65.25 -43.31 27.01
C TYR A 11 -64.69 -42.97 28.38
N TRP A 12 -63.93 -41.91 28.45
CA TRP A 12 -63.29 -41.50 29.69
C TRP A 12 -63.42 -40.02 29.89
N LEU A 13 -63.69 -39.61 31.10
CA LEU A 13 -63.79 -38.20 31.43
C LEU A 13 -62.58 -37.80 32.24
N GLY A 14 -62.00 -36.68 31.91
CA GLY A 14 -60.85 -36.22 32.62
C GLY A 14 -61.04 -34.80 33.12
N GLN A 15 -60.62 -34.55 34.32
CA GLN A 15 -60.73 -33.24 34.90
C GLN A 15 -59.65 -33.07 35.94
N LYS A 16 -58.69 -32.24 35.65
CA LYS A 16 -57.66 -31.91 36.58
C LYS A 16 -57.35 -30.43 36.49
N ALA A 17 -58.18 -29.66 37.13
CA ALA A 17 -58.04 -28.23 37.11
C ALA A 17 -58.51 -27.67 38.42
N ASN A 18 -57.62 -27.58 39.34
CA ASN A 18 -57.88 -27.03 40.63
C ASN A 18 -56.68 -26.27 41.07
N LYS A 19 -56.69 -24.99 40.80
CA LYS A 19 -55.60 -24.16 41.17
C LYS A 19 -55.73 -23.76 42.62
N GLN A 20 -54.99 -24.45 43.46
CA GLN A 20 -54.94 -24.18 44.88
C GLN A 20 -54.49 -22.74 45.12
N PHE A 21 -53.26 -22.46 44.73
CA PHE A 21 -52.65 -21.13 44.77
C PHE A 21 -52.62 -20.50 46.16
N ASP A 22 -51.54 -20.75 46.85
CA ASP A 22 -51.22 -20.06 48.08
C ASP A 22 -49.73 -19.89 48.09
N SER A 23 -49.26 -18.74 48.46
CA SER A 23 -47.86 -18.49 48.42
C SER A 23 -47.46 -17.50 49.50
N VAL A 24 -46.75 -17.98 50.47
CA VAL A 24 -46.26 -17.15 51.55
C VAL A 24 -44.76 -16.89 51.32
N GLY A 25 -44.19 -17.72 50.47
CA GLY A 25 -42.80 -17.62 50.17
C GLY A 25 -41.98 -18.47 51.10
N ASN A 26 -41.01 -17.86 51.74
CA ASN A 26 -40.15 -18.55 52.67
C ASN A 26 -39.62 -17.61 53.72
N ASP A 27 -38.86 -16.60 53.32
CA ASP A 27 -38.36 -15.63 54.29
C ASP A 27 -38.10 -14.26 53.68
N LEU A 28 -36.97 -14.13 53.00
CA LEU A 28 -36.60 -12.84 52.43
C LEU A 28 -36.58 -12.98 50.90
N ASN A 29 -36.27 -14.21 50.44
CA ASN A 29 -36.27 -14.59 48.99
C ASN A 29 -35.02 -14.07 48.28
N SER A 30 -34.78 -12.80 48.36
CA SER A 30 -33.67 -12.17 47.70
C SER A 30 -32.34 -12.54 48.35
N VAL A 31 -31.56 -13.33 47.65
CA VAL A 31 -30.23 -13.69 48.09
C VAL A 31 -29.22 -12.98 47.17
N SER A 32 -29.75 -12.50 46.04
CA SER A 32 -29.03 -11.79 45.00
C SER A 32 -28.18 -12.73 44.13
N THR A 33 -28.34 -12.58 42.83
CA THR A 33 -27.63 -13.36 41.85
C THR A 33 -27.56 -12.56 40.53
N SER A 34 -26.37 -12.43 39.99
CA SER A 34 -26.15 -11.73 38.74
C SER A 34 -25.13 -12.51 37.90
N ILE A 35 -25.56 -13.04 36.77
CA ILE A 35 -24.68 -13.87 35.94
C ILE A 35 -24.69 -13.36 34.50
N GLU A 36 -23.55 -12.96 34.00
CA GLU A 36 -23.46 -12.48 32.62
C GLU A 36 -22.25 -13.09 31.95
N GLY A 37 -22.26 -13.08 30.64
CA GLY A 37 -21.11 -13.49 29.90
C GLY A 37 -20.18 -12.33 29.77
N GLY A 38 -20.58 -11.36 28.98
CA GLY A 38 -19.84 -10.15 28.86
C GLY A 38 -19.13 -10.02 27.54
N THR A 39 -17.83 -10.09 27.59
CA THR A 39 -17.00 -9.90 26.45
C THR A 39 -16.90 -11.15 25.57
N LYS A 40 -16.78 -10.92 24.26
CA LYS A 40 -16.58 -11.98 23.28
C LYS A 40 -15.64 -11.45 22.21
N TRP A 41 -14.55 -12.13 21.97
CA TRP A 41 -13.60 -11.70 20.97
C TRP A 41 -13.33 -12.85 20.00
N LEU A 42 -13.49 -12.59 18.72
CA LEU A 42 -13.27 -13.59 17.70
C LEU A 42 -12.39 -13.03 16.59
N VAL A 43 -11.66 -13.89 15.94
CA VAL A 43 -10.85 -13.49 14.80
C VAL A 43 -11.50 -14.04 13.53
N ASN A 44 -11.67 -13.19 12.53
CA ASN A 44 -12.35 -13.56 11.30
C ASN A 44 -12.07 -12.52 10.23
N LYS A 45 -12.43 -12.83 8.99
CA LYS A 45 -12.33 -11.93 7.82
C LYS A 45 -10.91 -11.76 7.29
N ILE A 46 -10.74 -12.16 6.04
CA ILE A 46 -9.50 -12.10 5.30
C ILE A 46 -8.43 -13.04 5.86
N LYS A 47 -8.25 -14.13 5.19
CA LYS A 47 -7.31 -15.14 5.58
C LYS A 47 -6.41 -15.45 4.38
N GLY A 48 -5.12 -15.44 4.59
CA GLY A 48 -4.20 -15.69 3.50
C GLY A 48 -3.75 -17.13 3.43
N LYS A 49 -2.60 -17.35 2.82
CA LYS A 49 -2.05 -18.68 2.72
C LYS A 49 -1.26 -19.03 3.98
N MET A 50 -1.95 -19.62 4.91
CA MET A 50 -1.36 -19.96 6.18
C MET A 50 -0.77 -21.34 6.13
N GLN A 51 0.47 -21.38 5.72
CA GLN A 51 1.24 -22.61 5.65
C GLN A 51 2.56 -22.38 6.38
N LYS A 52 2.94 -21.13 6.47
CA LYS A 52 4.09 -20.70 7.19
C LYS A 52 3.77 -19.30 7.70
N PRO A 53 4.48 -18.79 8.72
CA PRO A 53 4.10 -17.55 9.40
C PRO A 53 4.44 -16.26 8.65
N LEU A 54 5.10 -16.34 7.50
CA LEU A 54 5.60 -15.13 6.80
C LEU A 54 4.49 -14.09 6.54
N PRO A 55 3.33 -14.50 5.96
CA PRO A 55 2.23 -13.58 5.62
C PRO A 55 1.72 -12.87 6.86
N GLU A 56 2.00 -13.45 8.00
CA GLU A 56 1.51 -12.95 9.23
C GLU A 56 2.38 -11.81 9.66
N LEU A 57 3.66 -11.90 9.30
CA LEU A 57 4.60 -10.85 9.59
C LEU A 57 4.38 -9.71 8.67
N LEU A 58 4.29 -10.02 7.38
CA LEU A 58 4.16 -8.96 6.41
C LEU A 58 2.91 -8.13 6.59
N LYS A 59 1.80 -8.79 6.93
CA LYS A 59 0.55 -8.06 7.12
C LYS A 59 0.57 -7.29 8.47
N GLU A 60 1.33 -7.78 9.46
CA GLU A 60 1.34 -7.13 10.77
C GLU A 60 2.24 -5.91 10.75
N TYR A 61 3.25 -5.93 9.92
CA TYR A 61 4.07 -4.73 9.80
C TYR A 61 3.51 -3.73 8.80
N ASP A 62 2.42 -4.13 8.20
CA ASP A 62 1.65 -3.37 7.21
C ASP A 62 0.53 -2.60 7.96
N LEU A 63 -0.36 -1.98 7.22
CA LEU A 63 -1.51 -1.33 7.79
C LEU A 63 -2.56 -2.50 7.91
N PRO A 64 -3.91 -2.32 7.91
CA PRO A 64 -4.77 -3.46 7.94
C PRO A 64 -5.32 -3.78 6.54
N ILE A 65 -4.79 -3.11 5.52
CA ILE A 65 -5.28 -3.29 4.19
C ILE A 65 -4.74 -4.55 3.61
N GLY A 66 -3.46 -4.84 3.92
CA GLY A 66 -2.75 -6.01 3.36
C GLY A 66 -2.70 -5.92 1.85
N ILE A 67 -3.10 -4.76 1.40
CA ILE A 67 -3.32 -4.37 0.07
C ILE A 67 -4.44 -5.18 -0.54
N PHE A 68 -4.21 -6.45 -0.75
CA PHE A 68 -5.18 -7.28 -1.41
C PHE A 68 -4.77 -8.75 -1.51
N PRO A 69 -3.59 -9.08 -2.11
CA PRO A 69 -3.24 -10.44 -2.43
C PRO A 69 -2.45 -11.19 -1.35
N GLY A 70 -1.67 -10.47 -0.58
CA GLY A 70 -0.77 -11.12 0.34
C GLY A 70 0.59 -11.27 -0.30
N ASP A 71 0.62 -11.13 -1.62
CA ASP A 71 1.86 -11.20 -2.38
C ASP A 71 2.55 -9.88 -2.23
N ALA A 72 1.75 -8.84 -2.25
CA ALA A 72 2.18 -7.48 -1.93
C ALA A 72 2.27 -7.37 -0.39
N THR A 73 2.68 -6.19 0.14
CA THR A 73 2.70 -5.97 1.61
C THR A 73 4.01 -6.49 2.25
N ASN A 74 4.89 -6.90 1.39
CA ASN A 74 6.19 -7.37 1.80
C ASN A 74 6.97 -6.25 2.42
N TYR A 75 7.56 -6.52 3.55
CA TYR A 75 8.23 -5.47 4.30
C TYR A 75 9.77 -5.58 4.29
N GLU A 76 10.38 -4.81 3.44
CA GLU A 76 11.83 -4.72 3.36
C GLU A 76 12.24 -3.31 3.68
N PHE A 77 13.22 -3.14 4.52
CA PHE A 77 13.66 -1.80 4.89
C PHE A 77 15.14 -1.79 5.09
N ASP A 78 15.77 -0.70 4.72
CA ASP A 78 17.19 -0.61 4.93
C ASP A 78 17.46 0.10 6.20
N GLU A 79 18.69 0.13 6.54
CA GLU A 79 19.12 0.71 7.77
C GLU A 79 19.18 2.23 7.68
N GLU A 80 20.07 2.73 6.86
CA GLU A 80 20.28 4.15 6.76
C GLU A 80 19.16 4.80 6.01
N THR A 81 18.58 4.05 5.11
CA THR A 81 17.48 4.50 4.31
C THR A 81 16.25 4.78 5.19
N LYS A 82 15.97 3.84 6.15
CA LYS A 82 14.78 3.93 7.06
C LYS A 82 13.46 3.91 6.28
N LYS A 83 13.53 3.52 5.04
CA LYS A 83 12.38 3.53 4.19
C LYS A 83 12.04 2.13 3.75
N LEU A 84 10.81 1.80 3.94
CA LEU A 84 10.28 0.48 3.73
C LEU A 84 9.91 0.33 2.27
N THR A 85 10.43 -0.69 1.67
CA THR A 85 10.16 -1.01 0.32
C THR A 85 9.25 -2.22 0.26
N VAL A 86 8.07 -2.02 -0.24
CA VAL A 86 7.08 -3.07 -0.38
C VAL A 86 7.22 -3.68 -1.76
N LEU A 87 7.48 -4.95 -1.81
CA LEU A 87 7.63 -5.61 -3.08
C LEU A 87 6.28 -5.99 -3.59
N ILE A 88 5.83 -5.22 -4.54
CA ILE A 88 4.66 -5.53 -5.26
C ILE A 88 5.11 -6.50 -6.34
N PRO A 89 4.63 -7.76 -6.30
CA PRO A 89 5.04 -8.87 -7.21
C PRO A 89 5.31 -8.45 -8.66
N SER A 90 4.49 -7.62 -9.18
CA SER A 90 4.61 -7.16 -10.51
C SER A 90 3.90 -5.85 -10.59
N ILE A 91 4.13 -5.15 -11.64
CA ILE A 91 3.51 -3.90 -11.84
C ILE A 91 2.02 -4.09 -12.17
N CYS A 92 1.19 -3.54 -11.36
CA CYS A 92 -0.21 -3.56 -11.63
C CYS A 92 -0.69 -2.14 -11.82
N GLU A 93 -1.28 -1.89 -12.94
CA GLU A 93 -1.85 -0.59 -13.19
C GLU A 93 -3.34 -0.73 -13.02
N VAL A 94 -3.89 -0.15 -12.01
CA VAL A 94 -5.29 -0.28 -11.82
C VAL A 94 -6.08 0.99 -12.11
N GLY A 95 -6.69 0.99 -13.26
CA GLY A 95 -7.55 2.05 -13.69
C GLY A 95 -8.66 1.45 -14.49
N TYR A 96 -9.87 1.52 -13.97
CA TYR A 96 -11.01 0.83 -14.57
C TYR A 96 -12.20 0.99 -13.67
N LYS A 97 -11.95 0.67 -12.44
CA LYS A 97 -12.95 0.50 -11.42
C LYS A 97 -13.36 1.82 -10.74
N ASP A 98 -12.90 2.94 -11.24
CA ASP A 98 -13.15 4.19 -10.54
C ASP A 98 -13.04 5.39 -11.47
N SER A 99 -11.81 5.76 -11.70
CA SER A 99 -11.40 6.91 -12.48
C SER A 99 -9.94 7.09 -12.15
N SER A 100 -9.66 6.86 -10.90
CA SER A 100 -8.34 6.93 -10.38
C SER A 100 -7.53 5.72 -10.89
N VAL A 101 -6.40 6.00 -11.50
CA VAL A 101 -5.52 4.97 -12.02
C VAL A 101 -4.31 4.87 -11.10
N LEU A 102 -4.14 3.75 -10.47
CA LEU A 102 -3.06 3.57 -9.50
C LEU A 102 -2.09 2.53 -10.02
N LYS A 103 -0.85 2.90 -10.17
CA LYS A 103 0.14 1.95 -10.62
C LYS A 103 1.12 1.63 -9.52
N PHE A 104 1.00 0.43 -9.02
CA PHE A 104 1.88 -0.06 -7.97
C PHE A 104 3.06 -0.74 -8.61
N THR A 105 4.22 -0.30 -8.24
CA THR A 105 5.43 -0.78 -8.85
C THR A 105 6.09 -1.82 -7.95
N THR A 106 6.75 -2.76 -8.57
CA THR A 106 7.56 -3.74 -7.86
C THR A 106 8.61 -2.98 -7.03
N THR A 107 8.57 -3.20 -5.74
CA THR A 107 9.45 -2.53 -4.81
C THR A 107 9.15 -1.00 -4.74
N VAL A 108 8.11 -0.66 -4.03
CA VAL A 108 7.76 0.73 -3.78
C VAL A 108 8.36 1.17 -2.48
N THR A 109 8.99 2.31 -2.49
CA THR A 109 9.80 2.75 -1.44
C THR A 109 9.04 3.84 -0.66
N GLY A 110 8.76 3.62 0.60
CA GLY A 110 8.00 4.58 1.35
C GLY A 110 8.19 4.46 2.83
N HIS A 111 7.75 5.45 3.55
CA HIS A 111 7.89 5.41 4.99
C HIS A 111 6.65 4.75 5.58
N LEU A 112 6.79 3.50 5.95
CA LEU A 112 5.67 2.74 6.42
C LEU A 112 5.61 2.72 7.91
N GLU A 113 4.65 3.39 8.42
CA GLU A 113 4.39 3.34 9.79
C GLU A 113 3.20 2.54 9.99
N LYS A 114 3.08 2.01 11.12
CA LYS A 114 2.01 1.17 11.38
C LYS A 114 0.79 2.07 11.66
N GLY A 115 -0.03 2.19 10.67
CA GLY A 115 -1.16 3.07 10.71
C GLY A 115 -1.26 3.77 9.39
N LYS A 116 -0.15 4.37 8.95
CA LYS A 116 -0.14 5.09 7.70
C LYS A 116 1.18 4.89 6.93
N LEU A 117 1.05 4.69 5.64
CA LEU A 117 2.17 4.57 4.74
C LEU A 117 2.30 5.89 4.01
N THR A 118 3.28 6.65 4.37
CA THR A 118 3.45 7.98 3.85
C THR A 118 4.76 8.17 3.13
N ASP A 119 4.74 9.00 2.07
CA ASP A 119 5.92 9.30 1.23
C ASP A 119 6.38 8.05 0.53
N VAL A 120 5.81 7.81 -0.63
CA VAL A 120 6.01 6.61 -1.38
C VAL A 120 6.49 6.88 -2.76
N GLU A 121 7.72 6.64 -2.92
CA GLU A 121 8.40 6.78 -4.13
C GLU A 121 8.25 5.50 -4.91
N GLY A 122 7.36 5.52 -5.85
CA GLY A 122 7.14 4.38 -6.68
C GLY A 122 5.68 4.13 -6.96
N ILE A 123 4.82 4.77 -6.20
CA ILE A 123 3.40 4.61 -6.43
C ILE A 123 2.92 5.79 -7.21
N LYS A 124 2.71 5.57 -8.46
CA LYS A 124 2.34 6.62 -9.33
C LYS A 124 0.89 6.45 -9.67
N THR A 125 0.11 7.42 -9.32
CA THR A 125 -1.31 7.31 -9.36
C THR A 125 -1.98 8.57 -9.87
N LYS A 126 -3.10 8.40 -10.53
CA LYS A 126 -3.91 9.50 -10.94
C LYS A 126 -5.15 9.54 -10.10
N VAL A 127 -5.36 10.62 -9.43
CA VAL A 127 -6.61 10.85 -8.77
C VAL A 127 -6.91 12.26 -9.04
N MET A 128 -7.79 12.50 -10.00
CA MET A 128 -8.06 13.84 -10.53
C MET A 128 -6.87 14.28 -11.41
N ILE A 129 -5.67 14.19 -10.87
CA ILE A 129 -4.46 14.49 -11.57
C ILE A 129 -3.40 13.41 -11.21
N TRP A 130 -2.40 13.24 -12.05
CA TRP A 130 -1.36 12.26 -11.84
C TRP A 130 -0.34 12.76 -10.80
N VAL A 131 -0.19 12.00 -9.75
CA VAL A 131 0.75 12.29 -8.70
C VAL A 131 1.64 11.06 -8.55
N LYS A 132 2.94 11.25 -8.49
CA LYS A 132 3.86 10.11 -8.41
C LYS A 132 4.13 9.69 -6.97
N VAL A 133 3.17 9.93 -6.08
CA VAL A 133 3.34 9.59 -4.69
C VAL A 133 2.09 8.85 -4.19
N THR A 134 1.02 9.62 -3.92
CA THR A 134 -0.25 9.07 -3.42
C THR A 134 -0.09 8.09 -2.26
N SER A 135 0.10 8.60 -1.09
CA SER A 135 0.32 7.76 0.03
C SER A 135 -0.99 7.28 0.66
N ILE A 136 -0.93 6.15 1.30
CA ILE A 136 -2.06 5.55 1.95
C ILE A 136 -1.95 5.85 3.44
N SER A 137 -2.66 6.85 3.86
CA SER A 137 -2.56 7.31 5.22
C SER A 137 -3.91 7.20 5.89
N THR A 138 -3.92 6.56 7.02
CA THR A 138 -5.12 6.26 7.72
C THR A 138 -4.76 5.92 9.16
N ASP A 139 -5.73 5.65 9.98
CA ASP A 139 -5.45 5.24 11.35
C ASP A 139 -5.81 3.79 11.54
N ALA A 140 -4.94 2.91 10.99
CA ALA A 140 -5.02 1.43 11.07
C ALA A 140 -6.45 0.90 11.24
N SER A 141 -7.25 0.97 10.17
CA SER A 141 -8.65 0.54 10.21
C SER A 141 -9.28 0.81 8.86
N LYS A 142 -9.34 2.06 8.51
CA LYS A 142 -9.89 2.48 7.25
C LYS A 142 -8.76 2.64 6.27
N VAL A 143 -9.02 3.22 5.13
CA VAL A 143 -7.98 3.45 4.17
C VAL A 143 -8.22 4.81 3.47
N TYR A 144 -7.25 5.70 3.54
CA TYR A 144 -7.37 6.99 2.92
C TYR A 144 -6.19 7.28 2.07
N PHE A 145 -6.40 8.12 1.13
CA PHE A 145 -5.40 8.58 0.26
C PHE A 145 -5.14 10.03 0.52
N THR A 146 -3.96 10.31 1.00
CA THR A 146 -3.57 11.66 1.42
C THR A 146 -3.17 12.54 0.21
N ALA A 147 -3.83 12.32 -0.91
CA ALA A 147 -3.58 13.06 -2.12
C ALA A 147 -4.20 14.46 -2.02
N GLY A 148 -5.15 14.61 -1.10
CA GLY A 148 -5.77 15.89 -0.92
C GLY A 148 -7.23 15.70 -0.84
N MET A 149 -7.64 14.76 0.03
CA MET A 149 -9.05 14.37 0.23
C MET A 149 -9.66 13.76 -1.03
N LYS A 150 -8.80 13.45 -1.98
CA LYS A 150 -9.20 12.94 -3.25
C LYS A 150 -9.77 11.52 -3.17
N LYS A 151 -9.29 10.76 -2.20
CA LYS A 151 -9.79 9.41 -2.00
C LYS A 151 -9.87 9.01 -0.54
N SER A 152 -11.05 8.64 -0.16
CA SER A 152 -11.35 8.12 1.15
C SER A 152 -12.18 6.87 0.92
N ARG A 153 -11.81 5.78 1.51
CA ARG A 153 -12.49 4.56 1.20
C ARG A 153 -12.56 3.64 2.42
N SER A 154 -13.47 2.70 2.39
CA SER A 154 -13.54 1.73 3.40
C SER A 154 -12.68 0.55 2.99
N ARG A 155 -11.84 0.12 3.88
CA ARG A 155 -10.94 -1.00 3.67
C ARG A 155 -11.72 -2.31 3.57
N ASP A 156 -12.89 -2.29 4.17
CA ASP A 156 -13.75 -3.45 4.37
C ASP A 156 -13.89 -4.38 3.15
N ALA A 157 -14.09 -3.81 1.98
CA ALA A 157 -14.36 -4.60 0.80
C ALA A 157 -13.16 -5.39 0.27
N TYR A 158 -12.02 -4.73 0.04
CA TYR A 158 -10.87 -5.44 -0.58
C TYR A 158 -9.53 -5.01 0.00
N GLY A 159 -9.55 -4.17 0.99
CA GLY A 159 -8.31 -3.62 1.49
C GLY A 159 -8.02 -2.34 0.75
N VAL A 160 -7.33 -2.46 -0.36
CA VAL A 160 -7.14 -1.35 -1.25
C VAL A 160 -8.19 -1.48 -2.39
N GLN A 161 -8.23 -0.54 -3.30
CA GLN A 161 -9.22 -0.53 -4.32
C GLN A 161 -8.58 -0.86 -5.60
N ARG A 162 -8.71 -2.07 -5.97
CA ARG A 162 -8.05 -2.51 -7.11
C ARG A 162 -8.93 -3.28 -8.05
N ASN A 163 -8.39 -3.59 -9.20
CA ASN A 163 -9.04 -4.34 -10.27
C ASN A 163 -7.94 -5.02 -11.04
N GLY A 164 -6.92 -4.22 -11.36
CA GLY A 164 -5.70 -4.74 -11.93
C GLY A 164 -5.00 -5.62 -10.94
N LEU A 165 -4.33 -6.61 -11.43
CA LEU A 165 -3.67 -7.59 -10.61
C LEU A 165 -2.21 -7.67 -11.00
N ARG A 166 -1.38 -8.08 -10.07
CA ARG A 166 0.03 -8.17 -10.33
C ARG A 166 0.27 -9.39 -11.18
N VAL A 167 0.70 -9.18 -12.37
CA VAL A 167 0.93 -10.26 -13.30
C VAL A 167 2.27 -10.98 -13.06
N ASP A 168 2.43 -11.42 -11.83
CA ASP A 168 3.59 -12.20 -11.38
C ASP A 168 3.12 -13.61 -11.11
N LYS A 169 1.94 -13.68 -10.55
CA LYS A 169 1.33 -14.92 -10.14
C LYS A 169 0.18 -15.24 -11.11
N PHE A 170 0.10 -14.48 -12.16
CA PHE A 170 -0.92 -14.61 -13.16
C PHE A 170 -0.26 -14.67 -14.51
N SER A 1 -60.81 -8.65 18.25
CA SER A 1 -60.82 -7.21 18.46
C SER A 1 -59.44 -6.65 18.13
N ASP A 2 -59.38 -5.39 17.71
CA ASP A 2 -58.13 -4.75 17.39
C ASP A 2 -57.99 -3.44 18.10
N GLN A 3 -57.27 -3.44 19.19
CA GLN A 3 -57.00 -2.23 19.92
C GLN A 3 -55.60 -1.74 19.59
N ILE A 4 -55.50 -0.80 18.66
CA ILE A 4 -54.22 -0.23 18.32
C ILE A 4 -53.97 0.96 19.22
N PHE A 5 -53.10 0.80 20.18
CA PHE A 5 -52.80 1.86 21.10
C PHE A 5 -51.32 2.20 21.05
N ASN A 6 -51.03 3.43 20.73
CA ASN A 6 -49.66 3.89 20.67
C ASN A 6 -49.56 5.30 21.18
N LYS A 7 -49.37 5.40 22.48
CA LYS A 7 -49.20 6.68 23.15
C LYS A 7 -48.09 6.53 24.18
N VAL A 8 -47.28 5.52 23.98
CA VAL A 8 -46.23 5.19 24.92
C VAL A 8 -44.94 5.87 24.48
N GLY A 9 -44.26 6.48 25.41
CA GLY A 9 -43.02 7.13 25.12
C GLY A 9 -43.19 8.63 25.05
N SER A 10 -42.52 9.33 25.93
CA SER A 10 -42.56 10.76 25.96
C SER A 10 -41.14 11.27 25.75
N TYR A 11 -40.82 11.63 24.53
CA TYR A 11 -39.48 12.05 24.16
C TYR A 11 -39.39 13.57 24.05
N TRP A 12 -38.43 14.13 24.74
CA TRP A 12 -38.23 15.57 24.76
C TRP A 12 -36.76 15.85 24.52
N LEU A 13 -36.47 16.64 23.52
CA LEU A 13 -35.09 16.99 23.21
C LEU A 13 -34.68 18.15 24.11
N GLY A 14 -33.79 17.89 25.03
CA GLY A 14 -33.36 18.88 25.99
C GLY A 14 -31.88 19.18 25.87
N GLN A 15 -31.39 19.15 24.66
CA GLN A 15 -30.01 19.47 24.38
C GLN A 15 -29.87 20.97 24.25
N LYS A 16 -29.13 21.56 25.13
CA LYS A 16 -28.93 22.97 25.08
C LYS A 16 -27.53 23.27 24.59
N ALA A 17 -27.42 23.51 23.30
CA ALA A 17 -26.17 23.88 22.71
C ALA A 17 -26.05 25.38 22.76
N ASN A 18 -25.46 25.86 23.83
CA ASN A 18 -25.31 27.27 24.09
C ASN A 18 -24.32 27.49 25.19
N LYS A 19 -23.39 28.37 24.95
CA LYS A 19 -22.40 28.70 25.94
C LYS A 19 -22.34 30.21 26.08
N GLN A 20 -21.54 30.68 26.98
CA GLN A 20 -21.42 32.10 27.20
C GLN A 20 -20.02 32.55 26.83
N PHE A 21 -19.91 33.82 26.40
CA PHE A 21 -18.66 34.47 26.00
C PHE A 21 -18.18 34.03 24.61
N ASP A 22 -18.30 34.92 23.67
CA ASP A 22 -17.82 34.70 22.31
C ASP A 22 -17.35 36.01 21.76
N SER A 23 -16.14 36.05 21.30
CA SER A 23 -15.57 37.23 20.72
C SER A 23 -14.47 36.84 19.75
N VAL A 24 -13.92 37.80 19.05
CA VAL A 24 -12.80 37.54 18.17
C VAL A 24 -11.59 37.18 19.02
N GLY A 25 -10.79 36.29 18.53
CA GLY A 25 -9.64 35.85 19.26
C GLY A 25 -9.34 34.40 19.04
N ASN A 26 -9.88 33.84 17.97
CA ASN A 26 -9.60 32.46 17.64
C ASN A 26 -8.39 32.41 16.74
N ASP A 27 -7.65 31.35 16.83
CA ASP A 27 -6.44 31.20 16.04
C ASP A 27 -6.73 30.43 14.78
N LEU A 28 -7.72 29.56 14.85
CA LEU A 28 -8.13 28.76 13.71
C LEU A 28 -9.64 28.69 13.66
N ASN A 29 -10.16 28.47 12.48
CA ASN A 29 -11.58 28.26 12.29
C ASN A 29 -11.80 26.75 12.27
N SER A 30 -10.99 26.07 11.50
CA SER A 30 -11.02 24.64 11.47
C SER A 30 -10.16 24.09 12.59
N VAL A 31 -10.80 23.84 13.71
CA VAL A 31 -10.13 23.35 14.89
C VAL A 31 -10.50 21.92 15.15
N SER A 32 -9.95 21.37 16.22
CA SER A 32 -10.24 20.05 16.63
C SER A 32 -11.64 20.03 17.27
N THR A 33 -12.63 19.69 16.49
CA THR A 33 -14.00 19.69 16.94
C THR A 33 -14.36 18.40 17.67
N SER A 34 -15.55 18.37 18.25
CA SER A 34 -15.99 17.22 19.00
C SER A 34 -16.31 16.05 18.08
N ILE A 35 -15.56 14.98 18.22
CA ILE A 35 -15.73 13.79 17.43
C ILE A 35 -15.93 12.62 18.36
N GLU A 36 -17.17 12.31 18.64
CA GLU A 36 -17.50 11.20 19.52
C GLU A 36 -17.32 9.87 18.78
N GLY A 37 -16.32 9.12 19.18
CA GLY A 37 -16.07 7.84 18.56
C GLY A 37 -14.82 7.18 19.09
N GLY A 38 -14.20 6.35 18.28
CA GLY A 38 -12.99 5.67 18.67
C GLY A 38 -12.38 4.91 17.51
N THR A 39 -13.25 4.23 16.76
CA THR A 39 -12.89 3.47 15.56
C THR A 39 -12.22 2.10 15.89
N LYS A 40 -11.36 2.08 16.91
CA LYS A 40 -10.65 0.85 17.28
C LYS A 40 -11.56 -0.24 17.85
N TRP A 41 -11.98 -1.13 16.99
CA TRP A 41 -12.75 -2.30 17.34
C TRP A 41 -12.78 -3.19 16.12
N LEU A 42 -12.51 -4.46 16.33
CA LEU A 42 -12.37 -5.46 15.25
C LEU A 42 -11.09 -5.25 14.48
N VAL A 43 -10.08 -5.95 14.88
CA VAL A 43 -8.80 -5.92 14.22
C VAL A 43 -8.46 -7.35 13.86
N ASN A 44 -8.01 -7.58 12.66
CA ASN A 44 -7.62 -8.92 12.26
C ASN A 44 -6.29 -9.24 12.91
N LYS A 45 -6.36 -9.94 14.01
CA LYS A 45 -5.21 -10.23 14.83
C LYS A 45 -5.35 -11.60 15.46
N ILE A 46 -4.28 -12.05 16.09
CA ILE A 46 -4.23 -13.33 16.81
C ILE A 46 -4.37 -14.52 15.85
N LYS A 47 -3.26 -14.95 15.32
CA LYS A 47 -3.21 -16.13 14.47
C LYS A 47 -2.02 -16.97 14.84
N GLY A 48 -2.27 -18.00 15.58
CA GLY A 48 -1.22 -18.86 16.04
C GLY A 48 -0.88 -19.93 15.06
N LYS A 49 -0.07 -19.59 14.12
CA LYS A 49 0.38 -20.54 13.14
C LYS A 49 1.88 -20.41 13.00
N MET A 50 2.62 -21.21 13.73
CA MET A 50 4.05 -21.15 13.65
C MET A 50 4.58 -22.05 12.55
N GLN A 51 4.70 -21.47 11.39
CA GLN A 51 5.21 -22.14 10.23
C GLN A 51 6.54 -21.49 9.89
N LYS A 52 6.45 -20.21 9.58
CA LYS A 52 7.54 -19.35 9.28
C LYS A 52 6.90 -17.98 9.10
N PRO A 53 7.02 -17.09 10.10
CA PRO A 53 6.23 -15.86 10.17
C PRO A 53 6.70 -14.71 9.30
N LEU A 54 7.45 -14.98 8.26
CA LEU A 54 7.90 -13.88 7.41
C LEU A 54 6.75 -13.27 6.66
N PRO A 55 5.97 -14.06 5.85
CA PRO A 55 5.00 -13.49 4.98
C PRO A 55 3.88 -12.79 5.75
N GLU A 56 3.58 -13.30 6.93
CA GLU A 56 2.57 -12.72 7.77
C GLU A 56 3.07 -11.45 8.45
N LEU A 57 4.35 -11.40 8.76
CA LEU A 57 4.90 -10.21 9.37
C LEU A 57 4.92 -9.07 8.39
N LEU A 58 5.14 -9.38 7.11
CA LEU A 58 5.16 -8.34 6.09
C LEU A 58 3.86 -7.62 5.98
N LYS A 59 2.79 -8.35 6.04
CA LYS A 59 1.49 -7.74 5.98
C LYS A 59 1.08 -7.07 7.30
N GLU A 60 1.64 -7.58 8.39
CA GLU A 60 1.23 -7.19 9.72
C GLU A 60 1.88 -5.91 10.20
N TYR A 61 3.15 -5.74 9.90
CA TYR A 61 3.95 -4.56 10.32
C TYR A 61 3.46 -3.29 9.58
N ASP A 62 2.45 -3.49 8.81
CA ASP A 62 1.86 -2.52 7.93
C ASP A 62 0.48 -2.07 8.50
N LEU A 63 -0.42 -1.62 7.65
CA LEU A 63 -1.71 -1.13 8.07
C LEU A 63 -2.73 -2.31 7.81
N PRO A 64 -4.08 -2.14 7.86
CA PRO A 64 -4.99 -3.25 7.69
C PRO A 64 -5.59 -3.32 6.28
N ILE A 65 -5.03 -2.54 5.39
CA ILE A 65 -5.47 -2.51 4.01
C ILE A 65 -5.03 -3.77 3.31
N GLY A 66 -3.78 -4.18 3.55
CA GLY A 66 -3.19 -5.37 2.89
C GLY A 66 -3.22 -5.28 1.36
N ILE A 67 -3.57 -4.10 0.87
CA ILE A 67 -3.75 -3.78 -0.51
C ILE A 67 -4.95 -4.49 -1.11
N PHE A 68 -4.88 -5.81 -1.23
CA PHE A 68 -5.96 -6.58 -1.82
C PHE A 68 -5.59 -8.06 -1.97
N PRO A 69 -4.45 -8.41 -2.66
CA PRO A 69 -4.12 -9.80 -2.98
C PRO A 69 -3.64 -10.58 -1.76
N GLY A 70 -2.91 -9.92 -0.89
CA GLY A 70 -2.35 -10.59 0.24
C GLY A 70 -0.91 -10.97 -0.02
N ASP A 71 -0.51 -10.98 -1.29
CA ASP A 71 0.85 -11.27 -1.66
C ASP A 71 1.62 -9.98 -1.55
N ALA A 72 1.03 -8.92 -2.15
CA ALA A 72 1.54 -7.53 -2.08
C ALA A 72 1.66 -7.04 -0.62
N THR A 73 2.28 -5.83 -0.44
CA THR A 73 2.45 -5.17 0.89
C THR A 73 3.81 -5.50 1.53
N ASN A 74 4.47 -6.45 0.94
CA ASN A 74 5.79 -6.95 1.36
C ASN A 74 6.74 -5.91 1.67
N TYR A 75 6.93 -5.70 2.87
CA TYR A 75 7.81 -4.64 3.29
C TYR A 75 9.23 -5.13 3.49
N GLU A 76 10.14 -4.29 3.15
CA GLU A 76 11.54 -4.41 3.39
C GLU A 76 12.00 -3.06 3.86
N PHE A 77 13.13 -2.98 4.47
CA PHE A 77 13.67 -1.72 4.91
C PHE A 77 15.13 -1.91 5.20
N ASP A 78 15.92 -0.89 4.96
CA ASP A 78 17.31 -1.00 5.29
C ASP A 78 17.56 -0.22 6.49
N GLU A 79 18.64 -0.52 7.08
CA GLU A 79 19.06 0.13 8.28
C GLU A 79 19.71 1.46 7.99
N GLU A 80 20.58 1.48 6.99
CA GLU A 80 21.25 2.70 6.58
C GLU A 80 20.23 3.62 5.95
N THR A 81 19.46 3.04 5.08
CA THR A 81 18.45 3.70 4.33
C THR A 81 17.33 4.26 5.24
N LYS A 82 16.77 3.39 6.13
CA LYS A 82 15.64 3.76 7.03
C LYS A 82 14.37 4.05 6.23
N LYS A 83 14.36 3.59 5.00
CA LYS A 83 13.23 3.78 4.11
C LYS A 83 12.57 2.46 3.88
N LEU A 84 11.27 2.47 3.93
CA LEU A 84 10.50 1.29 3.72
C LEU A 84 10.47 1.05 2.24
N THR A 85 10.88 -0.09 1.87
CA THR A 85 10.92 -0.49 0.53
C THR A 85 10.17 -1.80 0.35
N VAL A 86 9.04 -1.75 -0.29
CA VAL A 86 8.26 -2.95 -0.49
C VAL A 86 8.61 -3.60 -1.78
N LEU A 87 8.46 -4.88 -1.82
CA LEU A 87 8.65 -5.59 -3.00
C LEU A 87 7.34 -6.22 -3.42
N ILE A 88 6.75 -5.62 -4.40
CA ILE A 88 5.45 -5.98 -4.87
C ILE A 88 5.61 -7.03 -5.95
N PRO A 89 4.74 -8.07 -5.97
CA PRO A 89 4.70 -9.07 -7.02
C PRO A 89 4.55 -8.44 -8.42
N SER A 90 5.70 -8.10 -9.02
CA SER A 90 5.80 -7.51 -10.32
C SER A 90 5.17 -6.10 -10.34
N ILE A 91 5.01 -5.57 -11.51
CA ILE A 91 4.39 -4.29 -11.69
C ILE A 91 2.91 -4.52 -11.94
N CYS A 92 2.10 -3.71 -11.33
CA CYS A 92 0.68 -3.85 -11.41
C CYS A 92 0.07 -2.51 -11.78
N GLU A 93 -0.91 -2.51 -12.65
CA GLU A 93 -1.59 -1.31 -13.03
C GLU A 93 -3.01 -1.48 -12.69
N VAL A 94 -3.58 -0.48 -12.11
CA VAL A 94 -4.90 -0.62 -11.61
C VAL A 94 -5.86 0.32 -12.28
N GLY A 95 -6.72 -0.22 -13.10
CA GLY A 95 -7.81 0.55 -13.60
C GLY A 95 -9.08 0.01 -13.03
N TYR A 96 -9.72 0.77 -12.16
CA TYR A 96 -10.90 0.35 -11.54
C TYR A 96 -11.59 1.63 -11.23
N LYS A 97 -12.82 1.58 -10.85
CA LYS A 97 -13.59 2.78 -10.51
C LYS A 97 -13.04 3.46 -9.25
N ASP A 98 -11.94 2.91 -8.72
CA ASP A 98 -11.32 3.38 -7.53
C ASP A 98 -10.93 4.83 -7.66
N SER A 99 -9.89 5.03 -8.40
CA SER A 99 -9.35 6.32 -8.62
C SER A 99 -9.57 6.70 -10.07
N SER A 100 -8.83 6.02 -10.92
CA SER A 100 -8.80 6.16 -12.36
C SER A 100 -7.86 5.09 -12.87
N VAL A 101 -6.57 5.34 -12.64
CA VAL A 101 -5.51 4.43 -13.00
C VAL A 101 -4.39 4.59 -11.97
N LEU A 102 -3.93 3.49 -11.43
CA LEU A 102 -2.84 3.49 -10.48
C LEU A 102 -1.78 2.52 -10.98
N LYS A 103 -0.60 2.56 -10.39
CA LYS A 103 0.43 1.58 -10.73
C LYS A 103 1.31 1.31 -9.54
N PHE A 104 1.47 0.07 -9.24
CA PHE A 104 2.37 -0.37 -8.21
C PHE A 104 3.58 -0.93 -8.89
N THR A 105 4.72 -0.41 -8.56
CA THR A 105 5.94 -0.89 -9.15
C THR A 105 6.48 -2.00 -8.25
N THR A 106 7.45 -2.71 -8.72
CA THR A 106 7.98 -3.84 -7.98
C THR A 106 8.65 -3.41 -6.65
N THR A 107 9.17 -2.21 -6.59
CA THR A 107 9.82 -1.76 -5.39
C THR A 107 9.44 -0.30 -5.09
N VAL A 108 8.63 -0.11 -4.06
CA VAL A 108 8.17 1.22 -3.66
C VAL A 108 8.86 1.59 -2.36
N THR A 109 9.33 2.81 -2.28
CA THR A 109 10.10 3.26 -1.18
C THR A 109 9.44 4.49 -0.50
N GLY A 110 9.35 4.46 0.80
CA GLY A 110 8.73 5.54 1.53
C GLY A 110 8.96 5.46 3.03
N HIS A 111 8.09 6.11 3.79
CA HIS A 111 8.21 6.15 5.25
C HIS A 111 7.09 5.35 5.91
N LEU A 112 7.47 4.35 6.65
CA LEU A 112 6.56 3.42 7.29
C LEU A 112 6.17 3.90 8.65
N GLU A 113 4.89 4.08 8.83
CA GLU A 113 4.32 4.35 10.12
C GLU A 113 3.05 3.61 10.25
N LYS A 114 2.49 3.69 11.38
CA LYS A 114 1.33 2.96 11.68
C LYS A 114 0.17 3.94 11.62
N GLY A 115 -0.90 3.56 10.93
CA GLY A 115 -2.04 4.46 10.78
C GLY A 115 -1.95 5.18 9.44
N LYS A 116 -0.75 5.31 8.96
CA LYS A 116 -0.50 5.93 7.67
C LYS A 116 0.89 5.66 7.11
N LEU A 117 0.92 5.35 5.84
CA LEU A 117 2.16 5.07 5.14
C LEU A 117 2.42 6.32 4.32
N THR A 118 3.40 7.06 4.70
CA THR A 118 3.71 8.30 4.06
C THR A 118 4.79 8.11 3.02
N ASP A 119 4.59 8.75 1.86
CA ASP A 119 5.53 8.74 0.71
C ASP A 119 5.60 7.36 0.06
N VAL A 120 5.03 7.25 -1.10
CA VAL A 120 5.17 6.03 -1.85
C VAL A 120 5.83 6.29 -3.17
N GLU A 121 7.13 6.27 -3.14
CA GLU A 121 7.93 6.56 -4.29
C GLU A 121 7.89 5.38 -5.24
N GLY A 122 7.10 5.50 -6.26
CA GLY A 122 7.03 4.45 -7.24
C GLY A 122 5.62 4.03 -7.50
N ILE A 123 4.72 4.54 -6.71
CA ILE A 123 3.34 4.23 -6.88
C ILE A 123 2.66 5.35 -7.64
N LYS A 124 2.20 5.01 -8.80
CA LYS A 124 1.59 5.95 -9.70
C LYS A 124 0.17 6.09 -9.32
N THR A 125 -0.22 7.28 -9.15
CA THR A 125 -1.52 7.54 -8.72
C THR A 125 -2.18 8.58 -9.58
N LYS A 126 -3.34 8.24 -10.08
CA LYS A 126 -4.17 9.22 -10.67
C LYS A 126 -5.62 8.99 -10.27
N VAL A 127 -6.31 10.08 -10.08
CA VAL A 127 -7.72 10.14 -9.75
C VAL A 127 -8.18 11.51 -10.15
N MET A 128 -7.30 12.41 -9.90
CA MET A 128 -7.46 13.76 -10.11
C MET A 128 -6.39 14.17 -11.10
N ILE A 129 -5.15 13.84 -10.77
CA ILE A 129 -4.04 14.11 -11.62
C ILE A 129 -2.96 13.06 -11.33
N TRP A 130 -1.99 12.93 -12.21
CA TRP A 130 -0.88 12.02 -12.05
C TRP A 130 0.07 12.47 -10.95
N VAL A 131 0.19 11.67 -9.94
CA VAL A 131 1.10 11.90 -8.85
C VAL A 131 1.73 10.54 -8.51
N LYS A 132 3.02 10.41 -8.62
CA LYS A 132 3.67 9.14 -8.32
C LYS A 132 4.33 9.18 -6.95
N VAL A 133 3.92 10.14 -6.17
CA VAL A 133 4.40 10.33 -4.80
C VAL A 133 3.25 10.68 -3.88
N THR A 134 2.47 9.70 -3.57
CA THR A 134 1.31 9.89 -2.76
C THR A 134 1.50 9.21 -1.41
N SER A 135 0.43 9.04 -0.67
CA SER A 135 0.46 8.36 0.59
C SER A 135 -0.91 7.73 0.85
N ILE A 136 -1.00 6.87 1.82
CA ILE A 136 -2.25 6.22 2.15
C ILE A 136 -2.45 6.23 3.66
N SER A 137 -3.63 6.56 4.12
CA SER A 137 -3.88 6.65 5.51
C SER A 137 -5.01 5.75 5.99
N THR A 138 -5.10 5.64 7.26
CA THR A 138 -6.07 4.86 7.94
C THR A 138 -6.04 5.29 9.40
N ASP A 139 -6.88 4.73 10.17
CA ASP A 139 -6.86 4.99 11.58
C ASP A 139 -6.50 3.66 12.24
N ALA A 140 -5.67 2.89 11.48
CA ALA A 140 -5.31 1.50 11.81
C ALA A 140 -6.58 0.65 11.83
N SER A 141 -7.44 0.88 10.83
CA SER A 141 -8.77 0.26 10.80
C SER A 141 -9.51 0.55 9.47
N LYS A 142 -9.83 1.82 9.23
CA LYS A 142 -10.55 2.25 8.02
C LYS A 142 -9.51 2.40 6.89
N VAL A 143 -9.80 3.23 5.91
CA VAL A 143 -8.80 3.59 4.93
C VAL A 143 -9.14 4.96 4.31
N TYR A 144 -8.24 5.91 4.47
CA TYR A 144 -8.47 7.28 4.08
C TYR A 144 -7.57 7.74 2.95
N PHE A 145 -8.04 8.73 2.26
CA PHE A 145 -7.36 9.36 1.17
C PHE A 145 -6.18 10.22 1.62
N THR A 146 -5.10 10.11 0.89
CA THR A 146 -3.94 10.95 1.04
C THR A 146 -3.18 10.89 -0.31
N ALA A 147 -3.92 10.68 -1.39
CA ALA A 147 -3.30 10.46 -2.65
C ALA A 147 -3.91 11.29 -3.77
N GLY A 148 -3.33 12.47 -4.00
CA GLY A 148 -3.74 13.34 -5.09
C GLY A 148 -5.13 13.88 -4.91
N MET A 149 -5.52 14.09 -3.65
CA MET A 149 -6.85 14.55 -3.28
C MET A 149 -7.89 13.55 -3.77
N LYS A 150 -8.04 12.51 -3.00
CA LYS A 150 -8.89 11.43 -3.38
C LYS A 150 -9.99 11.24 -2.31
N LYS A 151 -10.62 10.08 -2.26
CA LYS A 151 -11.68 9.77 -1.33
C LYS A 151 -11.31 8.57 -0.48
N SER A 152 -12.04 8.37 0.58
CA SER A 152 -11.85 7.26 1.47
C SER A 152 -12.59 6.01 0.93
N ARG A 153 -12.19 4.83 1.40
CA ARG A 153 -12.83 3.56 1.03
C ARG A 153 -13.18 2.82 2.28
N SER A 154 -13.86 1.72 2.13
CA SER A 154 -14.13 0.87 3.25
C SER A 154 -13.11 -0.24 3.21
N ARG A 155 -12.27 -0.31 4.23
CA ARG A 155 -11.24 -1.34 4.31
C ARG A 155 -11.90 -2.72 4.39
N ASP A 156 -13.13 -2.70 4.85
CA ASP A 156 -13.95 -3.87 5.08
C ASP A 156 -13.95 -4.88 3.92
N ALA A 157 -13.93 -4.41 2.68
CA ALA A 157 -14.04 -5.33 1.56
C ALA A 157 -12.78 -6.20 1.39
N TYR A 158 -11.63 -5.56 1.25
CA TYR A 158 -10.32 -6.24 1.04
C TYR A 158 -9.18 -5.27 1.28
N GLY A 159 -9.47 -4.22 2.00
CA GLY A 159 -8.50 -3.20 2.18
C GLY A 159 -8.62 -2.15 1.15
N VAL A 160 -7.89 -2.30 0.10
CA VAL A 160 -7.94 -1.37 -0.96
C VAL A 160 -8.77 -2.02 -2.09
N GLN A 161 -9.10 -1.29 -3.15
CA GLN A 161 -9.96 -1.83 -4.16
C GLN A 161 -9.26 -1.78 -5.48
N ARG A 162 -8.61 -2.82 -5.81
CA ARG A 162 -7.86 -2.82 -6.99
C ARG A 162 -8.38 -3.79 -8.02
N ASN A 163 -7.96 -3.55 -9.22
CA ASN A 163 -8.19 -4.43 -10.37
C ASN A 163 -6.82 -4.62 -11.02
N GLY A 164 -5.81 -4.27 -10.23
CA GLY A 164 -4.44 -4.29 -10.67
C GLY A 164 -4.00 -5.62 -11.14
N LEU A 165 -3.54 -5.67 -12.35
CA LEU A 165 -3.14 -6.86 -12.90
C LEU A 165 -1.70 -6.94 -12.65
N ARG A 166 -1.29 -7.94 -12.00
CA ARG A 166 0.08 -8.07 -11.76
C ARG A 166 0.64 -8.71 -12.93
N VAL A 167 1.64 -8.14 -13.47
CA VAL A 167 2.37 -8.83 -14.55
C VAL A 167 2.94 -10.23 -14.04
N ASP A 168 2.93 -10.39 -12.70
CA ASP A 168 3.27 -11.65 -11.98
C ASP A 168 2.08 -12.65 -12.07
N LYS A 169 0.97 -12.15 -12.51
CA LYS A 169 -0.29 -12.86 -12.56
C LYS A 169 -0.94 -12.61 -13.93
N PHE A 170 -2.05 -13.24 -14.18
CA PHE A 170 -2.84 -12.94 -15.33
C PHE A 170 -3.93 -11.96 -14.87
N SER A 1 -6.12 4.98 -21.67
CA SER A 1 -5.33 6.16 -21.93
C SER A 1 -6.09 7.12 -22.85
N ASP A 2 -5.55 8.32 -23.02
CA ASP A 2 -6.23 9.41 -23.75
C ASP A 2 -6.20 9.27 -25.28
N GLN A 3 -6.01 8.08 -25.80
CA GLN A 3 -6.08 7.88 -27.24
C GLN A 3 -7.51 7.65 -27.65
N ILE A 4 -8.31 7.30 -26.68
CA ILE A 4 -9.71 7.03 -26.89
C ILE A 4 -10.45 8.34 -27.17
N PHE A 5 -11.32 8.34 -28.17
CA PHE A 5 -12.10 9.52 -28.50
C PHE A 5 -13.09 9.84 -27.37
N ASN A 6 -13.98 8.91 -27.10
CA ASN A 6 -14.94 9.07 -26.02
C ASN A 6 -15.47 7.72 -25.61
N LYS A 7 -15.45 7.44 -24.35
CA LYS A 7 -15.93 6.18 -23.83
C LYS A 7 -17.43 6.25 -23.58
N VAL A 8 -18.14 5.24 -23.99
CA VAL A 8 -19.56 5.19 -23.81
C VAL A 8 -19.92 4.11 -22.77
N GLY A 9 -20.93 4.37 -21.97
CA GLY A 9 -21.38 3.42 -20.99
C GLY A 9 -22.17 4.11 -19.91
N SER A 10 -22.68 3.35 -18.97
CA SER A 10 -23.45 3.88 -17.88
C SER A 10 -22.49 4.30 -16.76
N TYR A 11 -22.44 5.57 -16.48
CA TYR A 11 -21.52 6.09 -15.48
C TYR A 11 -22.18 6.30 -14.13
N TRP A 12 -23.44 6.00 -14.04
CA TRP A 12 -24.14 6.08 -12.77
C TRP A 12 -23.83 4.84 -11.98
N LEU A 13 -23.01 4.99 -10.96
CA LEU A 13 -22.58 3.87 -10.15
C LEU A 13 -23.45 3.70 -8.93
N GLY A 14 -23.35 2.54 -8.32
CA GLY A 14 -24.11 2.24 -7.13
C GLY A 14 -23.28 2.43 -5.88
N GLN A 15 -22.40 3.41 -5.94
CA GLN A 15 -21.55 3.76 -4.83
C GLN A 15 -22.35 4.79 -4.05
N LYS A 16 -22.79 4.42 -2.89
CA LYS A 16 -23.63 5.28 -2.08
C LYS A 16 -23.19 5.25 -0.63
N ALA A 17 -23.77 6.10 0.17
CA ALA A 17 -23.53 6.11 1.58
C ALA A 17 -24.36 5.02 2.23
N ASN A 18 -23.70 4.01 2.73
CA ASN A 18 -24.38 2.89 3.32
C ASN A 18 -24.66 3.15 4.77
N LYS A 19 -25.85 3.59 5.07
CA LYS A 19 -26.26 3.86 6.41
C LYS A 19 -27.77 3.77 6.52
N GLN A 20 -28.23 2.88 7.34
CA GLN A 20 -29.65 2.73 7.58
C GLN A 20 -29.76 2.59 9.10
N PHE A 21 -30.88 2.96 9.66
CA PHE A 21 -31.08 2.87 11.09
C PHE A 21 -31.07 1.43 11.53
N ASP A 22 -30.11 1.12 12.37
CA ASP A 22 -29.92 -0.21 12.88
C ASP A 22 -30.78 -0.42 14.12
N SER A 23 -30.63 -1.59 14.72
CA SER A 23 -31.40 -2.02 15.86
C SER A 23 -31.35 -1.03 17.03
N VAL A 24 -32.50 -0.49 17.36
CA VAL A 24 -32.66 0.38 18.50
C VAL A 24 -34.05 0.17 19.12
N GLY A 25 -34.10 -0.61 20.16
CA GLY A 25 -35.34 -0.90 20.82
C GLY A 25 -35.28 -0.48 22.26
N ASN A 26 -36.41 -0.14 22.80
CA ASN A 26 -36.53 0.29 24.19
C ASN A 26 -37.96 0.19 24.65
N ASP A 27 -38.16 0.39 25.92
CA ASP A 27 -39.49 0.39 26.50
C ASP A 27 -39.90 1.83 26.73
N LEU A 28 -41.02 2.04 27.41
CA LEU A 28 -41.50 3.38 27.66
C LEU A 28 -40.71 4.09 28.77
N ASN A 29 -39.54 4.56 28.39
CA ASN A 29 -38.64 5.26 29.30
C ASN A 29 -37.60 5.95 28.44
N SER A 30 -36.88 6.91 28.99
CA SER A 30 -35.86 7.62 28.25
C SER A 30 -34.68 6.70 27.98
N VAL A 31 -34.32 5.89 29.00
CA VAL A 31 -33.27 4.85 28.97
C VAL A 31 -31.96 5.25 28.25
N SER A 32 -30.98 5.63 29.03
CA SER A 32 -29.70 6.01 28.49
C SER A 32 -28.56 5.59 29.41
N THR A 33 -27.80 4.63 28.97
CA THR A 33 -26.66 4.14 29.72
C THR A 33 -25.44 4.97 29.40
N SER A 34 -24.75 5.45 30.42
CA SER A 34 -23.57 6.25 30.21
C SER A 34 -22.38 5.34 29.95
N ILE A 35 -22.11 5.11 28.69
CA ILE A 35 -21.02 4.27 28.28
C ILE A 35 -20.01 5.10 27.53
N GLU A 36 -18.83 5.25 28.09
CA GLU A 36 -17.76 5.97 27.44
C GLU A 36 -17.27 5.16 26.24
N GLY A 37 -16.82 5.85 25.21
CA GLY A 37 -16.37 5.17 24.03
C GLY A 37 -17.53 4.72 23.19
N GLY A 38 -17.82 3.44 23.23
CA GLY A 38 -18.94 2.91 22.48
C GLY A 38 -18.61 1.61 21.83
N THR A 39 -17.43 1.52 21.28
CA THR A 39 -16.99 0.34 20.60
C THR A 39 -15.92 -0.38 21.44
N LYS A 40 -15.69 -1.63 21.13
CA LYS A 40 -14.69 -2.40 21.82
C LYS A 40 -13.55 -2.75 20.87
N TRP A 41 -12.37 -2.38 21.24
CA TRP A 41 -11.20 -2.70 20.47
C TRP A 41 -10.43 -3.85 21.13
N LEU A 42 -10.18 -4.88 20.35
CA LEU A 42 -9.41 -6.01 20.83
C LEU A 42 -7.95 -5.65 20.66
N VAL A 43 -7.20 -5.73 21.74
CA VAL A 43 -5.81 -5.31 21.73
C VAL A 43 -4.90 -6.29 20.96
N ASN A 44 -4.74 -5.99 19.67
CA ASN A 44 -3.87 -6.74 18.73
C ASN A 44 -4.44 -8.15 18.48
N LYS A 45 -5.07 -8.31 17.35
CA LYS A 45 -5.73 -9.55 16.97
C LYS A 45 -4.76 -10.57 16.36
N ILE A 46 -3.80 -10.07 15.56
CA ILE A 46 -2.88 -10.93 14.80
C ILE A 46 -3.69 -11.69 13.74
N LYS A 47 -3.76 -11.10 12.57
CA LYS A 47 -4.58 -11.66 11.49
C LYS A 47 -3.83 -12.68 10.65
N GLY A 48 -2.52 -12.65 10.69
CA GLY A 48 -1.75 -13.57 9.92
C GLY A 48 -0.31 -13.58 10.31
N LYS A 49 0.08 -14.61 11.04
CA LYS A 49 1.45 -14.80 11.49
C LYS A 49 1.51 -16.11 12.25
N MET A 50 2.09 -17.12 11.65
CA MET A 50 2.11 -18.44 12.26
C MET A 50 3.22 -19.31 11.67
N GLN A 51 3.13 -19.65 10.40
CA GLN A 51 4.12 -20.51 9.81
C GLN A 51 4.49 -20.09 8.39
N LYS A 52 5.39 -19.13 8.32
CA LYS A 52 6.04 -18.63 7.10
C LYS A 52 6.89 -17.40 7.44
N PRO A 53 8.10 -17.64 8.04
CA PRO A 53 8.97 -16.62 8.64
C PRO A 53 8.94 -15.23 8.01
N LEU A 54 9.40 -15.12 6.78
CA LEU A 54 9.50 -13.83 6.12
C LEU A 54 8.20 -13.16 5.90
N PRO A 55 7.32 -13.69 5.03
CA PRO A 55 6.16 -12.98 4.58
C PRO A 55 5.27 -12.50 5.71
N GLU A 56 5.32 -13.17 6.86
CA GLU A 56 4.47 -12.81 7.96
C GLU A 56 5.04 -11.67 8.71
N LEU A 57 6.34 -11.58 8.70
CA LEU A 57 6.99 -10.47 9.30
C LEU A 57 6.83 -9.24 8.42
N LEU A 58 6.75 -9.42 7.11
CA LEU A 58 6.54 -8.26 6.22
C LEU A 58 5.16 -7.72 6.40
N LYS A 59 4.21 -8.62 6.63
CA LYS A 59 2.88 -8.21 6.98
C LYS A 59 2.77 -7.70 8.43
N GLU A 60 3.66 -8.16 9.26
CA GLU A 60 3.80 -7.62 10.61
C GLU A 60 4.12 -6.12 10.55
N TYR A 61 5.11 -5.76 9.73
CA TYR A 61 5.47 -4.34 9.52
C TYR A 61 4.37 -3.60 8.76
N ASP A 62 3.39 -4.34 8.36
CA ASP A 62 2.27 -3.83 7.53
C ASP A 62 1.18 -3.18 8.39
N LEU A 63 0.31 -2.46 7.74
CA LEU A 63 -0.81 -1.80 8.38
C LEU A 63 -1.96 -2.91 8.45
N PRO A 64 -3.27 -2.61 8.44
CA PRO A 64 -4.28 -3.66 8.43
C PRO A 64 -4.86 -3.88 7.03
N ILE A 65 -4.32 -3.17 6.05
CA ILE A 65 -4.80 -3.21 4.70
C ILE A 65 -4.48 -4.55 4.07
N GLY A 66 -3.25 -5.04 4.33
CA GLY A 66 -2.75 -6.29 3.67
C GLY A 66 -2.77 -6.21 2.13
N ILE A 67 -3.03 -5.01 1.69
CA ILE A 67 -3.23 -4.57 0.35
C ILE A 67 -4.38 -5.28 -0.35
N PHE A 68 -4.21 -6.55 -0.72
CA PHE A 68 -5.23 -7.24 -1.55
C PHE A 68 -4.79 -8.63 -2.06
N PRO A 69 -3.60 -8.77 -2.73
CA PRO A 69 -3.21 -10.03 -3.33
C PRO A 69 -2.76 -11.06 -2.31
N GLY A 70 -2.24 -10.58 -1.20
CA GLY A 70 -1.67 -11.47 -0.22
C GLY A 70 -0.22 -11.77 -0.56
N ASP A 71 0.17 -11.40 -1.77
CA ASP A 71 1.52 -11.57 -2.22
C ASP A 71 2.24 -10.30 -1.92
N ALA A 72 1.64 -9.18 -2.41
CA ALA A 72 2.04 -7.81 -2.05
C ALA A 72 2.10 -7.65 -0.52
N THR A 73 2.59 -6.47 -0.04
CA THR A 73 2.79 -6.23 1.40
C THR A 73 4.21 -6.73 1.80
N ASN A 74 5.05 -6.71 0.85
CA ASN A 74 6.40 -7.09 1.06
C ASN A 74 7.22 -5.96 1.60
N TYR A 75 7.01 -5.73 2.81
CA TYR A 75 7.67 -4.65 3.57
C TYR A 75 9.15 -4.92 3.86
N GLU A 76 10.00 -4.35 3.04
CA GLU A 76 11.43 -4.45 3.21
C GLU A 76 11.88 -3.08 3.74
N PHE A 77 12.38 -3.03 4.94
CA PHE A 77 12.70 -1.77 5.59
C PHE A 77 14.08 -1.77 6.20
N ASP A 78 14.86 -0.76 5.87
CA ASP A 78 16.16 -0.59 6.50
C ASP A 78 15.97 0.34 7.65
N GLU A 79 16.89 0.29 8.52
CA GLU A 79 16.84 1.04 9.73
C GLU A 79 17.26 2.49 9.53
N GLU A 80 18.52 2.69 9.14
CA GLU A 80 19.10 4.01 9.05
C GLU A 80 18.43 4.79 7.94
N THR A 81 18.17 4.11 6.88
CA THR A 81 17.55 4.64 5.72
C THR A 81 16.12 5.15 6.02
N LYS A 82 15.37 4.38 6.83
CA LYS A 82 13.97 4.70 7.20
C LYS A 82 13.00 4.68 6.01
N LYS A 83 13.48 4.26 4.88
CA LYS A 83 12.70 4.22 3.71
C LYS A 83 12.55 2.79 3.28
N LEU A 84 11.36 2.31 3.44
CA LEU A 84 10.97 0.98 3.13
C LEU A 84 10.67 0.85 1.67
N THR A 85 10.89 -0.30 1.14
CA THR A 85 10.55 -0.60 -0.19
C THR A 85 9.70 -1.83 -0.15
N VAL A 86 8.62 -1.80 -0.81
CA VAL A 86 7.74 -2.89 -0.79
C VAL A 86 7.82 -3.60 -2.11
N LEU A 87 7.91 -4.89 -2.05
CA LEU A 87 7.94 -5.66 -3.24
C LEU A 87 6.54 -5.98 -3.68
N ILE A 88 6.20 -5.49 -4.81
CA ILE A 88 4.96 -5.80 -5.42
C ILE A 88 5.25 -6.81 -6.53
N PRO A 89 4.54 -7.99 -6.54
CA PRO A 89 4.75 -9.07 -7.52
C PRO A 89 4.97 -8.58 -8.95
N SER A 90 4.21 -7.58 -9.36
CA SER A 90 4.35 -6.96 -10.65
C SER A 90 3.67 -5.65 -10.64
N ILE A 91 4.00 -4.83 -11.58
CA ILE A 91 3.34 -3.58 -11.73
C ILE A 91 1.93 -3.83 -12.27
N CYS A 92 0.97 -3.63 -11.40
CA CYS A 92 -0.41 -3.73 -11.77
C CYS A 92 -0.94 -2.34 -12.07
N GLU A 93 -1.47 -2.16 -13.24
CA GLU A 93 -2.03 -0.88 -13.61
C GLU A 93 -3.50 -1.05 -13.84
N VAL A 94 -4.28 -0.33 -13.15
CA VAL A 94 -5.69 -0.40 -13.27
C VAL A 94 -6.23 0.90 -13.85
N GLY A 95 -7.05 0.78 -14.86
CA GLY A 95 -7.63 1.94 -15.49
C GLY A 95 -9.04 1.62 -15.93
N TYR A 96 -9.88 2.62 -16.13
CA TYR A 96 -11.22 2.31 -16.55
C TYR A 96 -11.77 3.46 -17.32
N LYS A 97 -12.21 4.49 -16.63
CA LYS A 97 -12.71 5.66 -17.32
C LYS A 97 -11.57 6.56 -17.64
N ASP A 98 -10.67 6.66 -16.65
CA ASP A 98 -9.56 7.65 -16.57
C ASP A 98 -9.44 8.04 -15.11
N SER A 99 -10.62 8.27 -14.51
CA SER A 99 -10.78 8.68 -13.12
C SER A 99 -10.19 7.63 -12.17
N SER A 100 -10.21 6.41 -12.61
CA SER A 100 -9.69 5.34 -11.84
C SER A 100 -8.51 4.73 -12.56
N VAL A 101 -7.37 5.34 -12.39
CA VAL A 101 -6.12 4.80 -12.92
C VAL A 101 -5.13 4.75 -11.78
N LEU A 102 -4.70 3.58 -11.45
CA LEU A 102 -3.76 3.38 -10.36
C LEU A 102 -2.68 2.45 -10.80
N LYS A 103 -1.49 2.72 -10.37
CA LYS A 103 -0.37 1.90 -10.70
C LYS A 103 0.45 1.62 -9.48
N PHE A 104 0.58 0.36 -9.18
CA PHE A 104 1.43 -0.06 -8.10
C PHE A 104 2.70 -0.55 -8.70
N THR A 105 3.75 0.21 -8.50
CA THR A 105 5.04 -0.09 -9.06
C THR A 105 5.66 -1.28 -8.32
N THR A 106 6.49 -2.04 -9.01
CA THR A 106 7.16 -3.21 -8.48
C THR A 106 7.85 -2.94 -7.14
N THR A 107 8.50 -1.81 -7.04
CA THR A 107 9.15 -1.42 -5.84
C THR A 107 8.72 -0.03 -5.40
N VAL A 108 7.73 0.03 -4.56
CA VAL A 108 7.29 1.30 -3.99
C VAL A 108 8.13 1.52 -2.76
N THR A 109 8.50 2.74 -2.46
CA THR A 109 9.34 2.98 -1.38
C THR A 109 8.99 4.29 -0.69
N GLY A 110 8.92 4.25 0.63
CA GLY A 110 8.60 5.41 1.41
C GLY A 110 8.90 5.19 2.88
N HIS A 111 8.42 6.06 3.74
CA HIS A 111 8.69 5.95 5.18
C HIS A 111 7.73 4.99 5.84
N LEU A 112 8.22 4.24 6.80
CA LEU A 112 7.41 3.22 7.40
C LEU A 112 6.94 3.70 8.75
N GLU A 113 5.66 3.79 8.88
CA GLU A 113 5.03 3.97 10.15
C GLU A 113 3.91 3.04 10.27
N LYS A 114 3.77 2.52 11.41
CA LYS A 114 2.82 1.52 11.65
C LYS A 114 1.47 2.22 11.79
N GLY A 115 0.73 2.16 10.71
CA GLY A 115 -0.53 2.84 10.59
C GLY A 115 -0.57 3.52 9.24
N LYS A 116 0.30 4.44 9.03
CA LYS A 116 0.34 5.13 7.76
C LYS A 116 1.69 4.98 7.10
N LEU A 117 1.69 4.58 5.88
CA LEU A 117 2.91 4.39 5.14
C LEU A 117 2.96 5.54 4.14
N THR A 118 3.81 6.51 4.41
CA THR A 118 3.85 7.73 3.62
C THR A 118 5.04 7.80 2.70
N ASP A 119 4.98 8.76 1.75
CA ASP A 119 6.07 9.08 0.81
C ASP A 119 6.32 7.90 -0.09
N VAL A 120 5.24 7.28 -0.52
CA VAL A 120 5.29 6.07 -1.25
C VAL A 120 5.52 6.30 -2.70
N GLU A 121 6.74 6.46 -3.01
CA GLU A 121 7.20 6.61 -4.33
C GLU A 121 7.02 5.31 -5.07
N GLY A 122 5.93 5.21 -5.77
CA GLY A 122 5.68 4.03 -6.54
C GLY A 122 4.22 3.72 -6.63
N ILE A 123 3.45 4.34 -5.79
CA ILE A 123 2.04 4.18 -5.82
C ILE A 123 1.45 5.38 -6.51
N LYS A 124 1.16 5.17 -7.76
CA LYS A 124 0.74 6.21 -8.63
C LYS A 124 -0.72 6.08 -8.90
N THR A 125 -1.36 7.18 -9.10
CA THR A 125 -2.73 7.16 -9.45
C THR A 125 -3.08 8.41 -10.20
N LYS A 126 -4.12 8.33 -10.95
CA LYS A 126 -4.68 9.41 -11.60
C LYS A 126 -6.16 9.41 -11.24
N VAL A 127 -6.63 10.58 -10.98
CA VAL A 127 -8.03 10.86 -10.67
C VAL A 127 -8.21 12.32 -10.92
N MET A 128 -7.18 13.01 -10.56
CA MET A 128 -7.08 14.40 -10.73
C MET A 128 -5.93 14.67 -11.70
N ILE A 129 -4.79 14.08 -11.41
CA ILE A 129 -3.62 14.12 -12.26
C ILE A 129 -2.72 12.97 -11.80
N TRP A 130 -1.64 12.68 -12.50
CA TRP A 130 -0.74 11.62 -12.08
C TRP A 130 0.03 12.06 -10.85
N VAL A 131 -0.16 11.36 -9.78
CA VAL A 131 0.58 11.58 -8.55
C VAL A 131 1.25 10.25 -8.21
N LYS A 132 2.53 10.28 -7.88
CA LYS A 132 3.28 9.04 -7.68
C LYS A 132 3.62 8.77 -6.22
N VAL A 133 3.13 9.60 -5.33
CA VAL A 133 3.46 9.46 -3.91
C VAL A 133 2.21 9.39 -3.04
N THR A 134 1.04 9.15 -3.66
CA THR A 134 -0.23 9.05 -2.95
C THR A 134 -0.16 8.06 -1.79
N SER A 135 -0.04 8.60 -0.60
CA SER A 135 0.15 7.83 0.57
C SER A 135 -1.16 7.39 1.17
N ILE A 136 -1.11 6.27 1.85
CA ILE A 136 -2.26 5.70 2.48
C ILE A 136 -2.14 5.83 3.99
N SER A 137 -3.21 6.27 4.62
CA SER A 137 -3.21 6.44 6.03
C SER A 137 -4.32 5.61 6.61
N THR A 138 -3.98 4.66 7.39
CA THR A 138 -4.94 3.84 8.01
C THR A 138 -4.56 3.66 9.45
N ASP A 139 -5.36 4.16 10.36
CA ASP A 139 -4.97 4.09 11.75
C ASP A 139 -5.21 2.73 12.34
N ALA A 140 -4.35 1.80 11.92
CA ALA A 140 -4.34 0.41 12.35
C ALA A 140 -5.71 -0.23 12.25
N SER A 141 -6.50 0.20 11.26
CA SER A 141 -7.86 -0.28 11.12
C SER A 141 -8.52 0.31 9.88
N LYS A 142 -8.93 1.55 9.95
CA LYS A 142 -9.71 2.16 8.89
C LYS A 142 -8.83 2.98 7.99
N VAL A 143 -9.18 3.08 6.74
CA VAL A 143 -8.33 3.72 5.74
C VAL A 143 -8.85 5.11 5.34
N TYR A 144 -7.92 6.07 5.27
CA TYR A 144 -8.22 7.44 4.91
C TYR A 144 -7.15 7.93 3.91
N PHE A 145 -7.56 8.73 2.94
CA PHE A 145 -6.64 9.29 1.96
C PHE A 145 -5.60 10.21 2.60
N THR A 146 -4.39 10.11 2.11
CA THR A 146 -3.39 11.09 2.42
C THR A 146 -3.16 11.92 1.15
N ALA A 147 -3.38 11.27 0.01
CA ALA A 147 -3.37 11.89 -1.29
C ALA A 147 -4.46 12.96 -1.27
N GLY A 148 -4.13 14.17 -1.66
CA GLY A 148 -5.06 15.27 -1.45
C GLY A 148 -6.07 15.37 -2.54
N MET A 149 -5.80 14.71 -3.60
CA MET A 149 -6.63 14.75 -4.77
C MET A 149 -7.49 13.49 -4.84
N LYS A 150 -7.35 12.67 -3.84
CA LYS A 150 -8.00 11.38 -3.80
C LYS A 150 -8.91 11.31 -2.54
N LYS A 151 -9.57 10.17 -2.30
CA LYS A 151 -10.56 10.03 -1.25
C LYS A 151 -10.34 8.70 -0.55
N SER A 152 -10.94 8.55 0.61
CA SER A 152 -10.74 7.38 1.43
C SER A 152 -11.50 6.16 0.93
N ARG A 153 -10.97 5.01 1.28
CA ARG A 153 -11.57 3.71 1.03
C ARG A 153 -11.62 3.02 2.36
N SER A 154 -12.57 2.19 2.54
CA SER A 154 -12.70 1.51 3.80
C SER A 154 -11.98 0.17 3.78
N ARG A 155 -11.34 -0.21 4.89
CA ARG A 155 -10.65 -1.51 4.97
C ARG A 155 -11.61 -2.66 4.72
N ASP A 156 -12.87 -2.45 5.09
CA ASP A 156 -13.95 -3.44 4.92
C ASP A 156 -14.08 -3.94 3.48
N ALA A 157 -13.55 -3.17 2.53
CA ALA A 157 -13.58 -3.56 1.16
C ALA A 157 -12.74 -4.84 0.95
N TYR A 158 -11.48 -4.78 1.39
CA TYR A 158 -10.53 -5.92 1.32
C TYR A 158 -9.18 -5.38 1.69
N GLY A 159 -9.18 -4.30 2.42
CA GLY A 159 -7.97 -3.61 2.64
C GLY A 159 -7.83 -2.50 1.63
N VAL A 160 -7.19 -2.78 0.52
CA VAL A 160 -7.07 -1.81 -0.55
C VAL A 160 -7.48 -2.52 -1.81
N GLN A 161 -8.55 -2.11 -2.41
CA GLN A 161 -9.02 -2.88 -3.49
C GLN A 161 -9.42 -2.11 -4.70
N ARG A 162 -8.90 -2.55 -5.77
CA ARG A 162 -9.28 -2.19 -7.08
C ARG A 162 -8.94 -3.39 -7.94
N ASN A 163 -9.80 -3.75 -8.88
CA ASN A 163 -9.58 -4.96 -9.68
C ASN A 163 -8.43 -4.83 -10.63
N GLY A 164 -7.31 -5.30 -10.18
CA GLY A 164 -6.11 -5.35 -10.94
C GLY A 164 -5.34 -6.56 -10.57
N LEU A 165 -4.46 -6.98 -11.43
CA LEU A 165 -3.70 -8.17 -11.19
C LEU A 165 -2.23 -7.91 -11.42
N ARG A 166 -1.42 -8.53 -10.62
CA ARG A 166 0.00 -8.40 -10.73
C ARG A 166 0.49 -9.57 -11.52
N VAL A 167 0.85 -9.28 -12.76
CA VAL A 167 1.22 -10.27 -13.80
C VAL A 167 2.03 -11.51 -13.30
N ASP A 168 3.05 -11.29 -12.49
CA ASP A 168 3.91 -12.40 -11.98
C ASP A 168 3.11 -13.41 -11.17
N LYS A 169 2.14 -12.92 -10.46
CA LYS A 169 1.29 -13.74 -9.63
C LYS A 169 0.02 -14.08 -10.39
N PHE A 170 -0.89 -13.11 -10.35
CA PHE A 170 -2.22 -13.08 -10.85
C PHE A 170 -2.91 -12.11 -9.90
N SER A 1 51.33 7.35 -23.67
CA SER A 1 50.02 7.47 -24.29
C SER A 1 48.94 7.37 -23.22
N ASP A 2 48.30 8.47 -22.93
CA ASP A 2 47.23 8.50 -21.95
C ASP A 2 46.01 9.14 -22.56
N GLN A 3 45.18 8.33 -23.13
CA GLN A 3 43.95 8.78 -23.70
C GLN A 3 42.82 8.50 -22.74
N ILE A 4 42.47 9.48 -21.96
CA ILE A 4 41.42 9.29 -20.99
C ILE A 4 40.08 9.53 -21.64
N PHE A 5 39.33 8.47 -21.82
CA PHE A 5 38.00 8.59 -22.37
C PHE A 5 37.00 8.36 -21.27
N ASN A 6 36.36 9.42 -20.85
CA ASN A 6 35.40 9.33 -19.78
C ASN A 6 34.01 9.47 -20.35
N LYS A 7 33.22 8.44 -20.22
CA LYS A 7 31.86 8.48 -20.68
C LYS A 7 30.93 8.71 -19.50
N VAL A 8 30.52 9.94 -19.34
CA VAL A 8 29.63 10.29 -18.27
C VAL A 8 28.19 10.27 -18.75
N GLY A 9 27.28 10.03 -17.86
CA GLY A 9 25.91 9.98 -18.24
C GLY A 9 25.10 9.22 -17.24
N SER A 10 24.09 9.84 -16.71
CA SER A 10 23.20 9.20 -15.80
C SER A 10 22.02 8.65 -16.59
N TYR A 11 21.89 7.36 -16.61
CA TYR A 11 20.81 6.74 -17.34
C TYR A 11 19.80 6.12 -16.42
N TRP A 12 18.54 6.37 -16.70
CA TRP A 12 17.46 5.79 -15.93
C TRP A 12 17.22 4.37 -16.39
N LEU A 13 17.70 3.44 -15.61
CA LEU A 13 17.51 2.05 -15.90
C LEU A 13 17.03 1.34 -14.66
N GLY A 14 16.62 0.10 -14.80
CA GLY A 14 16.12 -0.63 -13.68
C GLY A 14 14.62 -0.59 -13.62
N GLN A 15 14.00 -0.35 -14.78
CA GLN A 15 12.56 -0.33 -14.88
C GLN A 15 12.07 -1.75 -14.91
N LYS A 16 11.49 -2.20 -13.84
CA LYS A 16 10.99 -3.54 -13.83
C LYS A 16 9.57 -3.60 -14.31
N ALA A 17 9.40 -3.55 -15.61
CA ALA A 17 8.11 -3.79 -16.19
C ALA A 17 7.99 -5.28 -16.26
N ASN A 18 7.52 -5.84 -15.20
CA ASN A 18 7.57 -7.25 -15.04
C ASN A 18 6.22 -7.89 -15.15
N LYS A 19 6.08 -8.66 -16.17
CA LYS A 19 4.94 -9.51 -16.37
C LYS A 19 5.54 -10.87 -16.56
N GLN A 20 5.60 -11.63 -15.51
CA GLN A 20 6.24 -12.91 -15.57
C GLN A 20 5.45 -13.98 -14.88
N PHE A 21 4.60 -14.62 -15.64
CA PHE A 21 3.87 -15.77 -15.20
C PHE A 21 3.32 -16.43 -16.44
N ASP A 22 3.48 -17.70 -16.53
CA ASP A 22 3.02 -18.44 -17.67
C ASP A 22 2.09 -19.49 -17.21
N SER A 23 1.19 -19.90 -18.05
CA SER A 23 0.31 -20.96 -17.68
C SER A 23 1.01 -22.29 -17.93
N VAL A 24 1.85 -22.65 -16.99
CA VAL A 24 2.57 -23.90 -17.03
C VAL A 24 2.11 -24.76 -15.87
N GLY A 25 2.05 -24.16 -14.70
CA GLY A 25 1.59 -24.86 -13.54
C GLY A 25 2.56 -24.75 -12.40
N ASN A 26 2.72 -23.54 -11.88
CA ASN A 26 3.57 -23.29 -10.71
C ASN A 26 3.08 -24.13 -9.55
N ASP A 27 3.97 -24.88 -8.96
CA ASP A 27 3.59 -25.81 -7.92
C ASP A 27 3.46 -25.14 -6.57
N LEU A 28 2.25 -24.91 -6.16
CA LEU A 28 1.99 -24.49 -4.80
C LEU A 28 1.89 -25.75 -3.97
N ASN A 29 1.77 -25.63 -2.65
CA ASN A 29 1.84 -26.81 -1.75
C ASN A 29 3.26 -27.40 -1.91
N SER A 30 3.49 -28.63 -1.47
CA SER A 30 4.76 -29.34 -1.65
C SER A 30 5.87 -28.75 -0.76
N VAL A 31 6.35 -29.57 0.15
CA VAL A 31 7.41 -29.17 1.05
C VAL A 31 8.70 -28.85 0.30
N SER A 32 9.21 -27.68 0.52
CA SER A 32 10.43 -27.26 -0.06
C SER A 32 11.45 -27.08 1.04
N THR A 33 12.20 -28.12 1.27
CA THR A 33 13.17 -28.12 2.31
C THR A 33 14.57 -27.92 1.71
N SER A 34 15.60 -27.87 2.56
CA SER A 34 17.01 -27.69 2.16
C SER A 34 17.31 -26.25 1.71
N ILE A 35 16.37 -25.62 1.03
CA ILE A 35 16.52 -24.24 0.64
C ILE A 35 16.18 -23.30 1.82
N GLU A 36 17.17 -23.09 2.65
CA GLU A 36 17.07 -22.28 3.83
C GLU A 36 18.50 -22.01 4.24
N GLY A 37 18.80 -20.80 4.62
CA GLY A 37 20.15 -20.50 5.00
C GLY A 37 20.24 -19.22 5.76
N GLY A 38 20.04 -19.30 7.07
CA GLY A 38 20.14 -18.14 7.93
C GLY A 38 19.18 -17.03 7.56
N THR A 39 19.71 -15.95 7.09
CA THR A 39 18.90 -14.84 6.67
C THR A 39 18.88 -14.73 5.14
N LYS A 40 17.70 -14.91 4.58
CA LYS A 40 17.47 -14.83 3.16
C LYS A 40 16.24 -13.99 2.90
N TRP A 41 16.45 -12.83 2.35
CA TRP A 41 15.37 -11.92 2.08
C TRP A 41 14.67 -12.23 0.75
N LEU A 42 13.69 -13.09 0.83
CA LEU A 42 12.91 -13.51 -0.30
C LEU A 42 11.57 -13.98 0.20
N VAL A 43 10.56 -13.85 -0.62
CA VAL A 43 9.24 -14.35 -0.30
C VAL A 43 9.32 -15.89 -0.27
N ASN A 44 8.60 -16.49 0.65
CA ASN A 44 8.65 -17.94 0.78
C ASN A 44 7.83 -18.61 -0.31
N LYS A 45 8.52 -18.86 -1.43
CA LYS A 45 7.96 -19.45 -2.64
C LYS A 45 7.03 -18.43 -3.32
N ILE A 46 5.77 -18.41 -2.92
CA ILE A 46 4.79 -17.42 -3.39
C ILE A 46 3.89 -17.10 -2.21
N LYS A 47 3.02 -18.04 -1.91
CA LYS A 47 2.08 -17.91 -0.80
C LYS A 47 1.88 -19.28 -0.18
N GLY A 48 2.78 -20.19 -0.51
CA GLY A 48 2.67 -21.56 -0.05
C GLY A 48 2.95 -21.71 1.42
N LYS A 49 3.99 -21.05 1.87
CA LYS A 49 4.40 -21.07 3.27
C LYS A 49 4.88 -22.45 3.73
N MET A 50 3.92 -23.32 4.11
CA MET A 50 4.17 -24.61 4.79
C MET A 50 4.73 -24.34 6.20
N GLN A 51 5.87 -23.71 6.24
CA GLN A 51 6.57 -23.31 7.45
C GLN A 51 7.16 -21.92 7.21
N LYS A 52 7.88 -21.39 8.19
CA LYS A 52 8.52 -20.07 8.13
C LYS A 52 7.49 -18.93 8.01
N PRO A 53 7.09 -18.33 9.14
CA PRO A 53 6.09 -17.24 9.19
C PRO A 53 6.69 -15.89 8.84
N LEU A 54 7.75 -15.89 8.07
CA LEU A 54 8.50 -14.66 7.77
C LEU A 54 7.63 -13.58 7.19
N PRO A 55 6.97 -13.81 6.03
CA PRO A 55 6.31 -12.76 5.30
C PRO A 55 5.07 -12.25 6.04
N GLU A 56 4.64 -13.02 7.03
CA GLU A 56 3.42 -12.76 7.74
C GLU A 56 3.63 -11.56 8.59
N LEU A 57 4.82 -11.51 9.19
CA LEU A 57 5.22 -10.42 10.04
C LEU A 57 5.41 -9.13 9.26
N LEU A 58 5.80 -9.26 8.00
CA LEU A 58 6.02 -8.07 7.16
C LEU A 58 4.72 -7.37 6.95
N LYS A 59 3.73 -8.12 6.59
CA LYS A 59 2.40 -7.59 6.42
C LYS A 59 1.71 -7.30 7.75
N GLU A 60 2.09 -8.02 8.77
CA GLU A 60 1.61 -7.83 10.13
C GLU A 60 1.93 -6.43 10.63
N TYR A 61 3.21 -6.06 10.49
CA TYR A 61 3.69 -4.78 11.00
C TYR A 61 3.11 -3.62 10.19
N ASP A 62 2.48 -3.97 9.10
CA ASP A 62 1.88 -2.97 8.19
C ASP A 62 0.38 -2.76 8.52
N LEU A 63 -0.27 -1.91 7.77
CA LEU A 63 -1.66 -1.59 7.98
C LEU A 63 -2.50 -2.78 7.42
N PRO A 64 -3.81 -2.85 7.68
CA PRO A 64 -4.62 -3.96 7.25
C PRO A 64 -5.24 -3.68 5.89
N ILE A 65 -4.57 -2.83 5.12
CA ILE A 65 -5.00 -2.52 3.80
C ILE A 65 -4.69 -3.67 2.91
N GLY A 66 -3.63 -4.40 3.29
CA GLY A 66 -3.18 -5.61 2.57
C GLY A 66 -2.95 -5.43 1.05
N ILE A 67 -3.14 -4.19 0.59
CA ILE A 67 -2.99 -3.77 -0.78
C ILE A 67 -4.04 -4.37 -1.73
N PHE A 68 -4.32 -5.67 -1.59
CA PHE A 68 -5.33 -6.43 -2.38
C PHE A 68 -5.03 -7.95 -2.34
N PRO A 69 -3.76 -8.38 -2.65
CA PRO A 69 -3.46 -9.80 -2.80
C PRO A 69 -2.87 -10.46 -1.54
N GLY A 70 -2.24 -9.68 -0.68
CA GLY A 70 -1.56 -10.25 0.47
C GLY A 70 -0.17 -10.75 0.11
N ASP A 71 0.13 -10.75 -1.20
CA ASP A 71 1.43 -11.16 -1.71
C ASP A 71 2.31 -9.95 -1.66
N ALA A 72 1.66 -8.82 -1.82
CA ALA A 72 2.23 -7.51 -1.64
C ALA A 72 2.19 -7.19 -0.14
N THR A 73 2.53 -5.95 0.26
CA THR A 73 2.41 -5.55 1.67
C THR A 73 3.61 -6.08 2.46
N ASN A 74 4.66 -6.23 1.75
CA ASN A 74 5.82 -6.68 2.34
C ASN A 74 6.58 -5.55 2.94
N TYR A 75 7.70 -5.83 3.46
CA TYR A 75 8.38 -4.85 4.25
C TYR A 75 9.89 -5.01 4.16
N GLU A 76 10.49 -4.28 3.26
CA GLU A 76 11.91 -4.26 3.08
C GLU A 76 12.45 -2.94 3.61
N PHE A 77 12.90 -2.96 4.83
CA PHE A 77 13.37 -1.76 5.48
C PHE A 77 14.87 -1.72 5.51
N ASP A 78 15.46 -0.66 4.98
CA ASP A 78 16.89 -0.53 5.07
C ASP A 78 17.22 0.26 6.26
N GLU A 79 18.36 0.04 6.71
CA GLU A 79 18.92 0.69 7.84
C GLU A 79 19.44 2.06 7.42
N GLU A 80 20.27 2.02 6.39
CA GLU A 80 20.96 3.18 5.84
C GLU A 80 19.98 4.15 5.21
N THR A 81 18.83 3.63 4.87
CA THR A 81 17.85 4.35 4.18
C THR A 81 16.74 4.85 5.13
N LYS A 82 16.17 3.90 5.90
CA LYS A 82 15.01 4.15 6.79
C LYS A 82 13.72 4.40 6.01
N LYS A 83 13.83 4.27 4.71
CA LYS A 83 12.71 4.40 3.82
C LYS A 83 12.33 3.01 3.37
N LEU A 84 11.23 2.58 3.89
CA LEU A 84 10.70 1.27 3.71
C LEU A 84 10.25 1.09 2.28
N THR A 85 10.62 0.00 1.72
CA THR A 85 10.21 -0.30 0.40
C THR A 85 9.43 -1.61 0.40
N VAL A 86 8.37 -1.63 -0.34
CA VAL A 86 7.49 -2.77 -0.45
C VAL A 86 7.60 -3.34 -1.82
N LEU A 87 8.02 -4.57 -1.90
CA LEU A 87 8.01 -5.22 -3.13
C LEU A 87 6.63 -5.74 -3.50
N ILE A 88 6.20 -5.32 -4.63
CA ILE A 88 4.95 -5.70 -5.20
C ILE A 88 5.22 -6.74 -6.27
N PRO A 89 4.56 -7.91 -6.19
CA PRO A 89 4.67 -8.95 -7.21
C PRO A 89 4.22 -8.43 -8.58
N SER A 90 5.21 -8.02 -9.38
CA SER A 90 5.00 -7.47 -10.72
C SER A 90 4.25 -6.14 -10.70
N ILE A 91 4.09 -5.56 -11.86
CA ILE A 91 3.39 -4.33 -11.98
C ILE A 91 1.92 -4.57 -12.19
N CYS A 92 1.13 -3.89 -11.42
CA CYS A 92 -0.27 -3.92 -11.58
C CYS A 92 -0.73 -2.54 -11.95
N GLU A 93 -1.39 -2.45 -13.06
CA GLU A 93 -1.92 -1.20 -13.52
C GLU A 93 -3.39 -1.28 -13.58
N VAL A 94 -4.03 -0.35 -12.96
CA VAL A 94 -5.44 -0.30 -12.99
C VAL A 94 -5.88 0.81 -13.91
N GLY A 95 -6.33 0.40 -15.07
CA GLY A 95 -6.82 1.29 -16.06
C GLY A 95 -8.13 0.79 -16.53
N TYR A 96 -9.10 1.66 -16.59
CA TYR A 96 -10.47 1.27 -16.86
C TYR A 96 -11.26 2.51 -16.73
N LYS A 97 -11.03 3.08 -15.59
CA LYS A 97 -11.72 4.19 -15.09
C LYS A 97 -11.28 5.50 -15.75
N ASP A 98 -10.09 5.48 -16.39
CA ASP A 98 -9.55 6.65 -17.15
C ASP A 98 -9.11 7.81 -16.27
N SER A 99 -10.02 8.30 -15.47
CA SER A 99 -9.79 9.43 -14.62
C SER A 99 -9.05 8.99 -13.37
N SER A 100 -8.94 7.69 -13.21
CA SER A 100 -8.22 7.13 -12.11
C SER A 100 -7.45 5.91 -12.58
N VAL A 101 -6.24 6.15 -13.02
CA VAL A 101 -5.34 5.12 -13.44
C VAL A 101 -4.18 5.07 -12.46
N LEU A 102 -3.88 3.90 -11.95
CA LEU A 102 -2.81 3.74 -10.98
C LEU A 102 -1.87 2.62 -11.39
N LYS A 103 -0.59 2.85 -11.27
CA LYS A 103 0.43 1.86 -11.56
C LYS A 103 1.13 1.46 -10.29
N PHE A 104 0.89 0.26 -9.85
CA PHE A 104 1.54 -0.26 -8.68
C PHE A 104 2.81 -0.94 -9.15
N THR A 105 3.91 -0.27 -8.92
CA THR A 105 5.19 -0.72 -9.39
C THR A 105 5.79 -1.77 -8.43
N THR A 106 6.70 -2.57 -8.95
CA THR A 106 7.36 -3.66 -8.27
C THR A 106 8.07 -3.23 -7.00
N THR A 107 8.65 -2.07 -7.02
CA THR A 107 9.35 -1.59 -5.88
C THR A 107 8.87 -0.19 -5.53
N VAL A 108 7.97 -0.11 -4.58
CA VAL A 108 7.43 1.14 -4.13
C VAL A 108 7.97 1.44 -2.75
N THR A 109 8.41 2.66 -2.55
CA THR A 109 9.21 2.97 -1.46
C THR A 109 8.67 4.21 -0.70
N GLY A 110 8.57 4.12 0.61
CA GLY A 110 8.01 5.20 1.40
C GLY A 110 8.39 5.10 2.86
N HIS A 111 7.62 5.73 3.70
CA HIS A 111 7.84 5.63 5.14
C HIS A 111 6.63 4.99 5.79
N LEU A 112 6.79 3.77 6.22
CA LEU A 112 5.68 2.99 6.71
C LEU A 112 5.72 2.91 8.22
N GLU A 113 4.60 3.24 8.81
CA GLU A 113 4.40 3.10 10.24
C GLU A 113 3.11 2.43 10.48
N LYS A 114 2.93 2.05 11.66
CA LYS A 114 1.79 1.35 12.03
C LYS A 114 0.68 2.35 12.33
N GLY A 115 -0.20 2.51 11.37
CA GLY A 115 -1.28 3.47 11.48
C GLY A 115 -1.30 4.41 10.28
N LYS A 116 -0.24 4.37 9.47
CA LYS A 116 -0.15 5.21 8.24
C LYS A 116 1.17 4.99 7.53
N LEU A 117 1.13 5.10 6.24
CA LEU A 117 2.30 4.98 5.43
C LEU A 117 2.39 6.25 4.62
N THR A 118 3.37 7.00 4.89
CA THR A 118 3.55 8.25 4.24
C THR A 118 4.54 8.15 3.09
N ASP A 119 4.04 8.53 1.90
CA ASP A 119 4.79 8.50 0.63
C ASP A 119 4.96 7.10 0.11
N VAL A 120 4.62 6.89 -1.13
CA VAL A 120 4.85 5.65 -1.81
C VAL A 120 5.41 5.94 -3.18
N GLU A 121 6.67 6.23 -3.18
CA GLU A 121 7.38 6.63 -4.35
C GLU A 121 7.46 5.46 -5.29
N GLY A 122 6.76 5.57 -6.39
CA GLY A 122 6.77 4.52 -7.35
C GLY A 122 5.38 4.19 -7.82
N ILE A 123 4.37 4.68 -7.14
CA ILE A 123 3.02 4.42 -7.55
C ILE A 123 2.49 5.61 -8.31
N LYS A 124 2.26 5.42 -9.58
CA LYS A 124 1.76 6.49 -10.41
C LYS A 124 0.28 6.48 -10.22
N THR A 125 -0.24 7.54 -9.70
CA THR A 125 -1.60 7.59 -9.28
C THR A 125 -2.35 8.76 -9.89
N LYS A 126 -3.45 8.47 -10.54
CA LYS A 126 -4.34 9.51 -10.95
C LYS A 126 -5.71 9.32 -10.32
N VAL A 127 -6.33 10.41 -10.02
CA VAL A 127 -7.69 10.46 -9.49
C VAL A 127 -8.22 11.85 -9.75
N MET A 128 -7.31 12.76 -9.66
CA MET A 128 -7.56 14.13 -9.85
C MET A 128 -6.57 14.57 -10.91
N ILE A 129 -5.32 14.24 -10.64
CA ILE A 129 -4.22 14.48 -11.52
C ILE A 129 -3.22 13.35 -11.24
N TRP A 130 -2.19 13.21 -12.05
CA TRP A 130 -1.18 12.21 -11.83
C TRP A 130 -0.19 12.67 -10.78
N VAL A 131 -0.02 11.85 -9.80
CA VAL A 131 0.92 12.04 -8.74
C VAL A 131 1.60 10.70 -8.49
N LYS A 132 2.90 10.70 -8.31
CA LYS A 132 3.64 9.45 -8.16
C LYS A 132 4.21 9.22 -6.77
N VAL A 133 3.65 9.91 -5.80
CA VAL A 133 4.11 9.77 -4.42
C VAL A 133 2.98 9.40 -3.48
N THR A 134 1.95 10.24 -3.39
CA THR A 134 0.77 10.02 -2.52
C THR A 134 1.13 9.68 -1.05
N SER A 135 0.12 9.31 -0.29
CA SER A 135 0.27 8.88 1.06
C SER A 135 -1.02 8.21 1.49
N ILE A 136 -0.93 7.30 2.42
CA ILE A 136 -2.08 6.60 2.89
C ILE A 136 -2.11 6.63 4.42
N SER A 137 -3.25 6.92 4.97
CA SER A 137 -3.41 7.04 6.37
C SER A 137 -4.51 6.12 6.82
N THR A 138 -4.53 5.79 8.07
CA THR A 138 -5.49 4.90 8.59
C THR A 138 -5.50 4.99 10.10
N ASP A 139 -6.38 4.29 10.70
CA ASP A 139 -6.40 4.17 12.13
C ASP A 139 -6.07 2.75 12.45
N ALA A 140 -5.25 2.15 11.56
CA ALA A 140 -4.91 0.73 11.60
C ALA A 140 -6.20 -0.06 11.37
N SER A 141 -7.03 0.48 10.48
CA SER A 141 -8.34 -0.07 10.20
C SER A 141 -9.02 0.67 9.03
N LYS A 142 -9.58 1.83 9.31
CA LYS A 142 -10.28 2.59 8.27
C LYS A 142 -9.23 3.22 7.40
N VAL A 143 -9.40 3.15 6.12
CA VAL A 143 -8.37 3.54 5.21
C VAL A 143 -8.67 4.89 4.54
N TYR A 144 -7.71 5.78 4.57
CA TYR A 144 -7.85 7.06 3.93
C TYR A 144 -6.66 7.35 3.09
N PHE A 145 -6.88 8.08 2.09
CA PHE A 145 -5.85 8.47 1.20
C PHE A 145 -5.55 9.93 1.33
N THR A 146 -4.47 10.22 2.00
CA THR A 146 -4.04 11.57 2.29
C THR A 146 -3.30 12.23 1.13
N ALA A 147 -3.50 11.69 -0.07
CA ALA A 147 -2.94 12.29 -1.28
C ALA A 147 -3.63 13.62 -1.58
N GLY A 148 -4.74 13.80 -0.92
CA GLY A 148 -5.50 15.01 -0.99
C GLY A 148 -6.85 14.76 -0.40
N MET A 149 -6.91 13.81 0.57
CA MET A 149 -8.16 13.31 1.18
C MET A 149 -9.06 12.76 0.06
N LYS A 150 -8.43 12.38 -1.04
CA LYS A 150 -9.13 12.04 -2.26
C LYS A 150 -9.82 10.67 -2.29
N LYS A 151 -9.57 9.84 -1.29
CA LYS A 151 -10.19 8.53 -1.20
C LYS A 151 -10.42 8.13 0.25
N SER A 152 -11.57 7.55 0.49
CA SER A 152 -11.91 7.00 1.78
C SER A 152 -12.34 5.56 1.54
N ARG A 153 -11.84 4.64 2.31
CA ARG A 153 -12.15 3.24 2.10
C ARG A 153 -12.16 2.51 3.46
N SER A 154 -12.83 1.41 3.53
CA SER A 154 -12.79 0.56 4.69
C SER A 154 -11.81 -0.55 4.44
N ARG A 155 -11.06 -0.97 5.45
CA ARG A 155 -10.15 -2.11 5.24
C ARG A 155 -10.90 -3.43 4.98
N ASP A 156 -12.16 -3.46 5.36
CA ASP A 156 -13.04 -4.66 5.34
C ASP A 156 -12.90 -5.55 4.09
N ALA A 157 -13.10 -4.97 2.90
CA ALA A 157 -13.07 -5.74 1.65
C ALA A 157 -11.73 -6.48 1.47
N TYR A 158 -10.66 -5.82 1.87
CA TYR A 158 -9.30 -6.39 1.91
C TYR A 158 -8.37 -5.28 2.34
N GLY A 159 -8.80 -4.05 2.07
CA GLY A 159 -7.99 -2.93 2.31
C GLY A 159 -7.98 -2.04 1.14
N VAL A 160 -7.09 -2.29 0.22
CA VAL A 160 -7.05 -1.50 -0.95
C VAL A 160 -7.78 -2.23 -2.06
N GLN A 161 -8.87 -1.65 -2.54
CA GLN A 161 -9.69 -2.28 -3.55
C GLN A 161 -9.79 -1.49 -4.84
N ARG A 162 -9.15 -2.03 -5.84
CA ARG A 162 -9.20 -1.56 -7.21
C ARG A 162 -9.00 -2.75 -8.09
N ASN A 163 -9.61 -2.72 -9.25
CA ASN A 163 -9.51 -3.84 -10.16
C ASN A 163 -8.14 -3.89 -10.83
N GLY A 164 -7.24 -4.58 -10.19
CA GLY A 164 -5.91 -4.74 -10.67
C GLY A 164 -5.56 -6.18 -10.84
N LEU A 165 -4.47 -6.45 -11.49
CA LEU A 165 -4.03 -7.78 -11.68
C LEU A 165 -2.53 -7.81 -11.55
N ARG A 166 -2.06 -8.48 -10.54
CA ARG A 166 -0.64 -8.61 -10.33
C ARG A 166 -0.11 -9.77 -11.07
N VAL A 167 0.53 -9.45 -12.14
CA VAL A 167 1.03 -10.42 -13.09
C VAL A 167 2.33 -11.15 -12.64
N ASP A 168 2.26 -11.72 -11.45
CA ASP A 168 3.35 -12.55 -10.88
C ASP A 168 2.74 -13.81 -10.27
N LYS A 169 1.42 -13.89 -10.37
CA LYS A 169 0.64 -14.97 -9.81
C LYS A 169 -0.58 -15.13 -10.71
N PHE A 170 -1.25 -16.26 -10.62
CA PHE A 170 -2.47 -16.48 -11.38
C PHE A 170 -3.58 -15.57 -10.88
N SER A 1 -24.93 74.25 -3.61
CA SER A 1 -25.24 75.28 -4.58
C SER A 1 -24.77 74.89 -5.97
N ASP A 2 -25.73 74.68 -6.88
CA ASP A 2 -25.50 74.40 -8.31
C ASP A 2 -24.83 73.06 -8.56
N GLN A 3 -24.71 72.23 -7.55
CA GLN A 3 -24.03 70.98 -7.72
C GLN A 3 -24.99 69.87 -8.12
N ILE A 4 -24.92 69.48 -9.35
CA ILE A 4 -25.78 68.43 -9.84
C ILE A 4 -24.96 67.23 -10.28
N PHE A 5 -24.77 66.32 -9.35
CA PHE A 5 -24.05 65.11 -9.61
C PHE A 5 -24.74 63.96 -8.90
N ASN A 6 -25.28 63.06 -9.67
CA ASN A 6 -25.95 61.90 -9.14
C ASN A 6 -26.04 60.84 -10.20
N LYS A 7 -25.06 59.99 -10.22
CA LYS A 7 -25.03 58.90 -11.15
C LYS A 7 -25.52 57.66 -10.46
N VAL A 8 -26.80 57.45 -10.54
CA VAL A 8 -27.43 56.34 -9.89
C VAL A 8 -27.42 55.11 -10.79
N GLY A 9 -26.89 54.03 -10.27
CA GLY A 9 -26.80 52.81 -11.03
C GLY A 9 -27.59 51.71 -10.40
N SER A 10 -28.86 51.96 -10.19
CA SER A 10 -29.73 50.97 -9.61
C SER A 10 -30.15 49.98 -10.68
N TYR A 11 -29.91 48.73 -10.41
CA TYR A 11 -30.17 47.69 -11.35
C TYR A 11 -31.39 46.88 -10.98
N TRP A 12 -32.31 46.79 -11.91
CA TRP A 12 -33.45 45.91 -11.82
C TRP A 12 -33.77 45.38 -13.21
N LEU A 13 -33.31 44.19 -13.49
CA LEU A 13 -33.46 43.61 -14.79
C LEU A 13 -33.22 42.12 -14.71
N GLY A 14 -34.28 41.36 -14.83
CA GLY A 14 -34.14 39.94 -14.79
C GLY A 14 -35.44 39.29 -14.46
N GLN A 15 -35.39 38.02 -14.20
CA GLN A 15 -36.56 37.25 -13.86
C GLN A 15 -36.15 36.04 -13.07
N LYS A 16 -37.03 35.53 -12.27
CA LYS A 16 -36.76 34.35 -11.53
C LYS A 16 -37.11 33.16 -12.39
N ALA A 17 -36.10 32.41 -12.76
CA ALA A 17 -36.30 31.27 -13.62
C ALA A 17 -36.88 30.11 -12.84
N ASN A 18 -38.17 29.93 -12.95
CA ASN A 18 -38.82 28.79 -12.36
C ASN A 18 -38.77 27.68 -13.39
N LYS A 19 -37.76 26.88 -13.29
CA LYS A 19 -37.58 25.82 -14.22
C LYS A 19 -38.08 24.54 -13.63
N GLN A 20 -39.21 24.11 -14.09
CA GLN A 20 -39.80 22.89 -13.67
C GLN A 20 -39.30 21.80 -14.58
N PHE A 21 -38.34 21.05 -14.11
CA PHE A 21 -37.71 20.04 -14.90
C PHE A 21 -38.28 18.68 -14.54
N ASP A 22 -39.25 18.24 -15.31
CA ASP A 22 -39.87 16.95 -15.09
C ASP A 22 -39.25 15.92 -15.98
N SER A 23 -38.17 15.36 -15.52
CA SER A 23 -37.45 14.35 -16.22
C SER A 23 -36.41 13.77 -15.27
N VAL A 24 -36.31 12.47 -15.24
CA VAL A 24 -35.35 11.81 -14.39
C VAL A 24 -35.02 10.44 -14.97
N GLY A 25 -33.76 10.16 -15.12
CA GLY A 25 -33.33 8.92 -15.70
C GLY A 25 -33.28 7.79 -14.70
N ASN A 26 -34.44 7.27 -14.34
CA ASN A 26 -34.53 6.10 -13.48
C ASN A 26 -34.87 4.92 -14.35
N ASP A 27 -33.87 4.39 -15.01
CA ASP A 27 -34.03 3.28 -15.96
C ASP A 27 -32.66 2.84 -16.45
N LEU A 28 -32.56 1.59 -16.82
CA LEU A 28 -31.37 0.97 -17.35
C LEU A 28 -30.41 0.54 -16.25
N ASN A 29 -30.75 -0.56 -15.65
CA ASN A 29 -29.93 -1.19 -14.64
C ASN A 29 -30.37 -2.64 -14.54
N SER A 30 -29.76 -3.48 -15.33
CA SER A 30 -30.15 -4.85 -15.41
C SER A 30 -29.37 -5.72 -14.43
N VAL A 31 -29.94 -5.90 -13.26
CA VAL A 31 -29.37 -6.71 -12.24
C VAL A 31 -30.42 -7.08 -11.18
N SER A 32 -31.04 -8.22 -11.37
CA SER A 32 -32.01 -8.72 -10.42
C SER A 32 -31.25 -9.50 -9.35
N THR A 33 -30.11 -9.98 -9.76
CA THR A 33 -29.18 -10.70 -8.96
C THR A 33 -27.97 -10.89 -9.86
N SER A 34 -26.91 -11.46 -9.37
CA SER A 34 -25.78 -11.65 -10.21
C SER A 34 -25.13 -12.99 -9.92
N ILE A 35 -24.92 -13.78 -10.96
CA ILE A 35 -24.23 -15.03 -10.83
C ILE A 35 -22.82 -14.88 -11.39
N GLU A 36 -22.58 -13.69 -11.93
CA GLU A 36 -21.31 -13.31 -12.50
C GLU A 36 -20.32 -13.16 -11.38
N GLY A 37 -19.38 -14.05 -11.28
CA GLY A 37 -18.41 -13.96 -10.22
C GLY A 37 -18.00 -15.30 -9.75
N GLY A 38 -17.49 -16.09 -10.65
CA GLY A 38 -17.05 -17.41 -10.33
C GLY A 38 -15.77 -17.71 -11.04
N THR A 39 -14.80 -16.86 -10.85
CA THR A 39 -13.53 -17.04 -11.47
C THR A 39 -12.64 -17.95 -10.62
N LYS A 40 -12.56 -19.20 -11.01
CA LYS A 40 -11.78 -20.14 -10.28
C LYS A 40 -10.34 -20.13 -10.73
N TRP A 41 -9.47 -20.05 -9.77
CA TRP A 41 -8.06 -20.08 -9.97
C TRP A 41 -7.49 -21.13 -9.04
N LEU A 42 -7.17 -22.26 -9.58
CA LEU A 42 -6.73 -23.41 -8.81
C LEU A 42 -5.22 -23.36 -8.58
N VAL A 43 -4.55 -22.57 -9.41
CA VAL A 43 -3.10 -22.42 -9.38
C VAL A 43 -2.42 -23.68 -9.88
N ASN A 44 -2.13 -23.72 -11.16
CA ASN A 44 -1.46 -24.86 -11.74
C ASN A 44 0.04 -24.65 -11.74
N LYS A 45 0.58 -24.71 -10.54
CA LYS A 45 1.99 -24.55 -10.25
C LYS A 45 2.15 -24.60 -8.74
N ILE A 46 2.43 -25.76 -8.22
CA ILE A 46 2.56 -25.89 -6.79
C ILE A 46 4.01 -25.67 -6.35
N LYS A 47 4.38 -24.41 -6.32
CA LYS A 47 5.69 -23.99 -5.90
C LYS A 47 5.56 -22.80 -5.00
N GLY A 48 5.51 -23.08 -3.74
CA GLY A 48 5.43 -22.05 -2.76
C GLY A 48 6.56 -22.18 -1.79
N LYS A 49 6.47 -23.22 -0.96
CA LYS A 49 7.47 -23.55 0.07
C LYS A 49 7.81 -22.36 0.94
N MET A 50 7.12 -22.21 2.02
CA MET A 50 7.39 -21.08 2.86
C MET A 50 8.58 -21.34 3.78
N GLN A 51 9.76 -21.15 3.24
CA GLN A 51 10.95 -21.25 4.02
C GLN A 51 11.05 -19.96 4.75
N LYS A 52 10.83 -20.05 6.07
CA LYS A 52 10.64 -18.89 6.97
C LYS A 52 9.19 -18.39 6.79
N PRO A 53 8.53 -17.98 7.88
CA PRO A 53 7.11 -17.52 7.83
C PRO A 53 6.92 -16.16 7.14
N LEU A 54 7.80 -15.83 6.24
CA LEU A 54 7.80 -14.53 5.60
C LEU A 54 6.54 -14.07 4.97
N PRO A 55 5.89 -14.86 4.14
CA PRO A 55 4.70 -14.42 3.44
C PRO A 55 3.62 -13.95 4.42
N GLU A 56 3.69 -14.49 5.62
CA GLU A 56 2.76 -14.21 6.65
C GLU A 56 3.14 -12.91 7.31
N LEU A 57 4.44 -12.67 7.35
CA LEU A 57 5.00 -11.54 8.04
C LEU A 57 4.74 -10.29 7.28
N LEU A 58 4.67 -10.43 5.97
CA LEU A 58 4.46 -9.30 5.06
C LEU A 58 3.14 -8.63 5.41
N LYS A 59 2.11 -9.46 5.46
CA LYS A 59 0.74 -9.09 5.81
C LYS A 59 0.67 -8.63 7.27
N GLU A 60 1.61 -9.07 8.02
CA GLU A 60 1.78 -8.76 9.42
C GLU A 60 2.52 -7.38 9.61
N TYR A 61 3.21 -6.91 8.58
CA TYR A 61 3.99 -5.64 8.68
C TYR A 61 3.17 -4.41 8.40
N ASP A 62 2.24 -4.55 7.52
CA ASP A 62 1.54 -3.39 6.94
C ASP A 62 0.48 -2.80 7.87
N LEU A 63 -0.37 -1.97 7.29
CA LEU A 63 -1.47 -1.34 7.99
C LEU A 63 -2.58 -2.48 8.11
N PRO A 64 -3.89 -2.24 8.22
CA PRO A 64 -4.83 -3.33 8.27
C PRO A 64 -5.43 -3.60 6.89
N ILE A 65 -4.85 -2.97 5.87
CA ILE A 65 -5.35 -3.08 4.51
C ILE A 65 -4.93 -4.39 3.90
N GLY A 66 -3.70 -4.78 4.15
CA GLY A 66 -3.13 -6.02 3.57
C GLY A 66 -3.11 -6.02 2.03
N ILE A 67 -3.43 -4.87 1.47
CA ILE A 67 -3.52 -4.58 0.04
C ILE A 67 -4.53 -5.46 -0.72
N PHE A 68 -4.23 -6.74 -0.89
CA PHE A 68 -5.09 -7.65 -1.66
C PHE A 68 -4.41 -9.05 -1.83
N PRO A 69 -3.16 -9.12 -2.41
CA PRO A 69 -2.44 -10.39 -2.60
C PRO A 69 -1.39 -10.66 -1.49
N GLY A 70 -1.03 -11.91 -1.31
CA GLY A 70 -0.04 -12.26 -0.30
C GLY A 70 1.38 -12.24 -0.84
N ASP A 71 1.51 -12.08 -2.14
CA ASP A 71 2.82 -11.98 -2.77
C ASP A 71 3.25 -10.52 -2.79
N ALA A 72 2.26 -9.65 -2.66
CA ALA A 72 2.47 -8.24 -2.39
C ALA A 72 2.63 -8.08 -0.93
N THR A 73 2.55 -6.83 -0.46
CA THR A 73 2.52 -6.46 0.99
C THR A 73 3.81 -6.76 1.63
N ASN A 74 4.71 -6.89 0.79
CA ASN A 74 6.01 -7.18 1.08
C ASN A 74 6.70 -6.01 1.62
N TYR A 75 6.83 -6.00 2.88
CA TYR A 75 7.42 -4.89 3.59
C TYR A 75 8.85 -5.12 3.96
N GLU A 76 9.71 -4.69 3.09
CA GLU A 76 11.12 -4.73 3.27
C GLU A 76 11.55 -3.35 3.75
N PHE A 77 12.36 -3.28 4.76
CA PHE A 77 12.67 -2.00 5.35
C PHE A 77 14.09 -1.95 5.88
N ASP A 78 14.84 -0.94 5.46
CA ASP A 78 16.13 -0.69 6.06
C ASP A 78 15.88 0.31 7.11
N GLU A 79 16.71 0.35 8.05
CA GLU A 79 16.54 1.20 9.15
C GLU A 79 16.94 2.64 8.88
N GLU A 80 18.20 2.85 8.56
CA GLU A 80 18.73 4.20 8.36
C GLU A 80 18.19 4.82 7.10
N THR A 81 17.91 3.98 6.14
CA THR A 81 17.37 4.37 4.89
C THR A 81 15.95 4.89 5.06
N LYS A 82 15.15 4.15 5.85
CA LYS A 82 13.74 4.45 6.13
C LYS A 82 12.83 4.30 4.92
N LYS A 83 13.39 3.76 3.86
CA LYS A 83 12.62 3.42 2.68
C LYS A 83 12.07 2.04 2.79
N LEU A 84 10.82 1.98 3.03
CA LEU A 84 10.10 0.77 3.06
C LEU A 84 9.79 0.44 1.63
N THR A 85 10.14 -0.70 1.22
CA THR A 85 9.91 -1.06 -0.11
C THR A 85 8.95 -2.23 -0.19
N VAL A 86 7.91 -2.06 -0.98
CA VAL A 86 6.88 -3.06 -1.14
C VAL A 86 7.05 -3.73 -2.47
N LEU A 87 7.20 -5.00 -2.42
CA LEU A 87 7.31 -5.80 -3.59
C LEU A 87 5.94 -6.25 -4.03
N ILE A 88 5.45 -5.62 -5.05
CA ILE A 88 4.19 -6.01 -5.64
C ILE A 88 4.52 -6.96 -6.77
N PRO A 89 3.78 -8.06 -6.92
CA PRO A 89 3.97 -8.99 -8.02
C PRO A 89 3.77 -8.29 -9.35
N SER A 90 4.89 -7.88 -9.97
CA SER A 90 4.89 -7.08 -11.19
C SER A 90 4.32 -5.69 -10.94
N ILE A 91 4.31 -4.87 -11.94
CA ILE A 91 3.70 -3.59 -11.80
C ILE A 91 2.25 -3.66 -12.30
N CYS A 92 1.33 -3.58 -11.37
CA CYS A 92 -0.07 -3.65 -11.73
C CYS A 92 -0.67 -2.26 -11.80
N GLU A 93 -1.64 -2.10 -12.65
CA GLU A 93 -2.30 -0.84 -12.84
C GLU A 93 -3.70 -1.01 -12.44
N VAL A 94 -4.12 -0.23 -11.50
CA VAL A 94 -5.44 -0.39 -11.01
C VAL A 94 -6.30 0.80 -11.38
N GLY A 95 -7.13 0.59 -12.36
CA GLY A 95 -8.07 1.57 -12.82
C GLY A 95 -9.32 0.86 -13.25
N TYR A 96 -10.12 1.47 -14.15
CA TYR A 96 -11.31 0.83 -14.75
C TYR A 96 -12.51 0.74 -13.79
N LYS A 97 -12.23 0.82 -12.51
CA LYS A 97 -13.23 0.78 -11.45
C LYS A 97 -13.75 2.17 -11.21
N ASP A 98 -13.00 3.09 -11.74
CA ASP A 98 -13.11 4.48 -11.46
C ASP A 98 -12.06 5.13 -12.36
N SER A 99 -11.56 6.22 -11.97
CA SER A 99 -10.63 7.02 -12.74
C SER A 99 -9.35 7.24 -11.95
N SER A 100 -9.44 7.04 -10.64
CA SER A 100 -8.29 7.09 -9.81
C SER A 100 -7.47 5.82 -10.04
N VAL A 101 -6.48 5.94 -10.90
CA VAL A 101 -5.65 4.85 -11.28
C VAL A 101 -4.36 4.85 -10.49
N LEU A 102 -4.15 3.79 -9.76
CA LEU A 102 -2.92 3.62 -9.02
C LEU A 102 -2.10 2.54 -9.65
N LYS A 103 -0.89 2.87 -9.94
CA LYS A 103 0.02 1.96 -10.57
C LYS A 103 1.07 1.55 -9.57
N PHE A 104 1.06 0.30 -9.23
CA PHE A 104 1.94 -0.18 -8.21
C PHE A 104 3.26 -0.62 -8.75
N THR A 105 4.20 0.29 -8.67
CA THR A 105 5.55 0.06 -9.03
C THR A 105 6.11 -1.12 -8.22
N THR A 106 6.58 -2.13 -8.90
CA THR A 106 7.12 -3.29 -8.25
C THR A 106 8.47 -2.95 -7.61
N THR A 107 8.50 -3.08 -6.29
CA THR A 107 9.63 -2.66 -5.49
C THR A 107 9.69 -1.13 -5.47
N VAL A 108 8.71 -0.58 -4.82
CA VAL A 108 8.55 0.86 -4.69
C VAL A 108 8.98 1.21 -3.27
N THR A 109 9.32 2.44 -3.02
CA THR A 109 9.76 2.82 -1.72
C THR A 109 8.79 3.81 -1.05
N GLY A 110 9.00 4.09 0.22
CA GLY A 110 8.16 5.01 0.95
C GLY A 110 8.57 5.07 2.39
N HIS A 111 7.83 5.80 3.18
CA HIS A 111 8.13 5.95 4.59
C HIS A 111 7.13 5.13 5.41
N LEU A 112 7.62 4.36 6.32
CA LEU A 112 6.80 3.43 7.02
C LEU A 112 6.34 3.95 8.35
N GLU A 113 5.08 4.27 8.39
CA GLU A 113 4.40 4.61 9.60
C GLU A 113 3.27 3.70 9.73
N LYS A 114 3.00 3.34 10.90
CA LYS A 114 2.07 2.34 11.11
C LYS A 114 0.70 3.00 11.31
N GLY A 115 -0.05 2.96 10.26
CA GLY A 115 -1.32 3.59 10.18
C GLY A 115 -1.47 4.08 8.79
N LYS A 116 -0.54 4.93 8.39
CA LYS A 116 -0.50 5.50 7.06
C LYS A 116 0.91 5.40 6.49
N LEU A 117 1.02 4.90 5.28
CA LEU A 117 2.32 4.75 4.62
C LEU A 117 2.52 6.03 3.83
N THR A 118 3.38 6.87 4.32
CA THR A 118 3.61 8.19 3.77
C THR A 118 4.84 8.22 2.88
N ASP A 119 5.09 9.39 2.24
CA ASP A 119 6.32 9.67 1.45
C ASP A 119 6.57 8.55 0.45
N VAL A 120 5.54 8.13 -0.25
CA VAL A 120 5.67 6.96 -1.05
C VAL A 120 6.44 7.27 -2.31
N GLU A 121 7.66 6.94 -2.26
CA GLU A 121 8.59 7.25 -3.26
C GLU A 121 8.49 6.29 -4.42
N GLY A 122 7.62 6.60 -5.35
CA GLY A 122 7.59 5.86 -6.55
C GLY A 122 6.24 5.34 -6.86
N ILE A 123 5.24 5.74 -6.11
CA ILE A 123 3.97 5.19 -6.35
C ILE A 123 3.19 6.16 -7.21
N LYS A 124 2.89 5.70 -8.37
CA LYS A 124 2.21 6.49 -9.34
C LYS A 124 0.72 6.39 -9.11
N THR A 125 0.15 7.51 -8.81
CA THR A 125 -1.21 7.59 -8.42
C THR A 125 -1.90 8.75 -9.13
N LYS A 126 -2.99 8.46 -9.77
CA LYS A 126 -3.82 9.49 -10.29
C LYS A 126 -5.10 9.49 -9.52
N VAL A 127 -5.47 10.63 -9.02
CA VAL A 127 -6.73 10.77 -8.30
C VAL A 127 -7.33 12.12 -8.63
N MET A 128 -6.50 13.10 -8.59
CA MET A 128 -6.88 14.41 -8.99
C MET A 128 -5.99 14.85 -10.12
N ILE A 129 -4.81 14.28 -10.13
CA ILE A 129 -3.83 14.48 -11.12
C ILE A 129 -2.84 13.34 -10.92
N TRP A 130 -1.91 13.17 -11.81
CA TRP A 130 -0.93 12.11 -11.67
C TRP A 130 0.21 12.58 -10.79
N VAL A 131 0.43 11.88 -9.71
CA VAL A 131 1.49 12.19 -8.78
C VAL A 131 2.27 10.89 -8.56
N LYS A 132 3.57 10.99 -8.35
CA LYS A 132 4.38 9.81 -8.14
C LYS A 132 4.91 9.76 -6.70
N VAL A 133 4.12 10.30 -5.79
CA VAL A 133 4.47 10.33 -4.39
C VAL A 133 3.26 9.84 -3.59
N THR A 134 2.30 10.74 -3.38
CA THR A 134 1.06 10.43 -2.64
C THR A 134 1.32 9.69 -1.30
N SER A 135 0.33 8.97 -0.84
CA SER A 135 0.41 8.23 0.38
C SER A 135 -0.82 7.36 0.47
N ILE A 136 -0.65 6.18 1.01
CA ILE A 136 -1.79 5.38 1.29
C ILE A 136 -2.06 5.57 2.74
N SER A 137 -2.96 6.44 2.99
CA SER A 137 -3.26 6.83 4.28
C SER A 137 -4.34 5.96 4.81
N THR A 138 -4.24 5.66 6.02
CA THR A 138 -5.16 4.84 6.67
C THR A 138 -5.11 5.23 8.13
N ASP A 139 -6.19 5.14 8.81
CA ASP A 139 -6.21 5.45 10.22
C ASP A 139 -6.05 4.18 11.00
N ALA A 140 -5.35 3.21 10.38
CA ALA A 140 -5.26 1.85 10.89
C ALA A 140 -6.68 1.30 11.02
N SER A 141 -7.49 1.64 10.01
CA SER A 141 -8.89 1.29 10.00
C SER A 141 -9.51 1.55 8.62
N LYS A 142 -9.67 2.82 8.24
CA LYS A 142 -10.27 3.13 6.94
C LYS A 142 -9.18 3.62 6.03
N VAL A 143 -9.39 3.57 4.73
CA VAL A 143 -8.36 3.92 3.77
C VAL A 143 -8.64 5.28 3.14
N TYR A 144 -7.59 6.07 2.97
CA TYR A 144 -7.65 7.35 2.34
C TYR A 144 -6.62 7.49 1.26
N PHE A 145 -6.96 8.27 0.32
CA PHE A 145 -6.15 8.58 -0.80
C PHE A 145 -5.68 10.01 -0.68
N THR A 146 -4.45 10.18 -0.29
CA THR A 146 -3.98 11.49 -0.05
C THR A 146 -3.05 12.01 -1.15
N ALA A 147 -3.60 12.91 -1.94
CA ALA A 147 -2.85 13.72 -2.92
C ALA A 147 -2.91 15.13 -2.37
N GLY A 148 -3.07 15.14 -1.09
CA GLY A 148 -3.36 16.25 -0.28
C GLY A 148 -4.31 15.69 0.72
N MET A 149 -5.52 15.47 0.24
CA MET A 149 -6.55 14.76 0.95
C MET A 149 -7.74 14.61 0.01
N LYS A 150 -7.75 13.54 -0.77
CA LYS A 150 -8.83 13.36 -1.75
C LYS A 150 -9.85 12.29 -1.41
N LYS A 151 -9.66 11.08 -1.90
CA LYS A 151 -10.69 10.05 -1.75
C LYS A 151 -10.50 9.18 -0.53
N SER A 152 -11.56 8.51 -0.15
CA SER A 152 -11.53 7.57 0.93
C SER A 152 -12.27 6.31 0.47
N ARG A 153 -11.97 5.18 1.08
CA ARG A 153 -12.62 3.95 0.73
C ARG A 153 -12.69 3.05 1.96
N SER A 154 -13.72 2.21 2.01
CA SER A 154 -13.85 1.27 3.09
C SER A 154 -12.83 0.16 2.90
N ARG A 155 -12.16 -0.17 3.96
CA ARG A 155 -11.19 -1.26 3.98
C ARG A 155 -11.93 -2.61 4.02
N ASP A 156 -13.17 -2.52 4.46
CA ASP A 156 -14.09 -3.64 4.75
C ASP A 156 -13.99 -4.89 3.83
N ALA A 157 -13.96 -4.69 2.52
CA ALA A 157 -14.06 -5.83 1.60
C ALA A 157 -12.76 -6.66 1.47
N TYR A 158 -11.64 -6.02 1.14
CA TYR A 158 -10.36 -6.76 0.94
C TYR A 158 -9.19 -6.01 1.51
N GLY A 159 -9.44 -4.95 2.20
CA GLY A 159 -8.38 -4.12 2.62
C GLY A 159 -8.24 -3.02 1.65
N VAL A 160 -7.57 -3.29 0.58
CA VAL A 160 -7.53 -2.35 -0.46
C VAL A 160 -8.30 -2.92 -1.64
N GLN A 161 -9.13 -2.12 -2.25
CA GLN A 161 -9.95 -2.55 -3.33
C GLN A 161 -9.17 -2.46 -4.60
N ARG A 162 -8.52 -3.53 -4.93
CA ARG A 162 -7.68 -3.55 -6.08
C ARG A 162 -8.30 -4.33 -7.21
N ASN A 163 -8.10 -3.82 -8.41
CA ASN A 163 -8.71 -4.35 -9.63
C ASN A 163 -7.64 -4.60 -10.69
N GLY A 164 -6.39 -4.43 -10.33
CA GLY A 164 -5.31 -4.57 -11.31
C GLY A 164 -4.94 -6.00 -11.53
N LEU A 165 -4.18 -6.26 -12.56
CA LEU A 165 -3.78 -7.59 -12.86
C LEU A 165 -2.30 -7.67 -12.73
N ARG A 166 -1.87 -8.39 -11.77
CA ARG A 166 -0.49 -8.51 -11.49
C ARG A 166 0.06 -9.58 -12.41
N VAL A 167 1.00 -9.18 -13.23
CA VAL A 167 1.66 -10.07 -14.20
C VAL A 167 2.19 -11.33 -13.52
N ASP A 168 2.87 -11.16 -12.39
CA ASP A 168 3.26 -12.32 -11.58
C ASP A 168 2.05 -12.74 -10.79
N LYS A 169 1.20 -13.47 -11.39
CA LYS A 169 0.02 -13.90 -10.68
C LYS A 169 0.09 -15.32 -10.16
N PHE A 170 0.25 -15.40 -8.87
CA PHE A 170 0.20 -16.64 -8.17
C PHE A 170 -1.04 -16.60 -7.32
N SER A 1 -1.60 -8.54 -49.56
CA SER A 1 -0.48 -8.62 -48.65
C SER A 1 -0.57 -9.91 -47.86
N ASP A 2 0.53 -10.61 -47.72
CA ASP A 2 0.53 -11.84 -46.96
C ASP A 2 0.56 -11.50 -45.48
N GLN A 3 -0.54 -11.74 -44.81
CA GLN A 3 -0.65 -11.43 -43.42
C GLN A 3 -1.51 -12.45 -42.69
N ILE A 4 -0.87 -13.41 -42.08
CA ILE A 4 -1.56 -14.44 -41.32
C ILE A 4 -0.94 -14.52 -39.94
N PHE A 5 -1.74 -14.30 -38.92
CA PHE A 5 -1.27 -14.42 -37.58
C PHE A 5 -1.81 -15.66 -36.95
N ASN A 6 -1.15 -16.76 -37.18
CA ASN A 6 -1.59 -18.00 -36.60
C ASN A 6 -0.93 -18.17 -35.26
N LYS A 7 -1.61 -17.74 -34.24
CA LYS A 7 -1.11 -17.86 -32.92
C LYS A 7 -1.78 -19.01 -32.20
N VAL A 8 -1.06 -20.08 -32.08
CA VAL A 8 -1.57 -21.26 -31.44
C VAL A 8 -0.43 -21.92 -30.67
N GLY A 9 -0.72 -22.42 -29.51
CA GLY A 9 0.26 -23.05 -28.72
C GLY A 9 -0.31 -24.23 -28.03
N SER A 10 0.01 -25.39 -28.50
CA SER A 10 -0.50 -26.60 -27.94
C SER A 10 0.18 -26.94 -26.62
N TYR A 11 -0.35 -26.37 -25.57
CA TYR A 11 0.10 -26.61 -24.26
C TYR A 11 -1.02 -27.24 -23.48
N TRP A 12 -0.82 -28.44 -23.06
CA TRP A 12 -1.81 -29.12 -22.31
C TRP A 12 -1.64 -28.74 -20.85
N LEU A 13 -2.58 -27.98 -20.34
CA LEU A 13 -2.52 -27.56 -18.96
C LEU A 13 -3.09 -28.65 -18.08
N GLY A 14 -2.19 -29.42 -17.53
CA GLY A 14 -2.57 -30.46 -16.64
C GLY A 14 -1.81 -30.34 -15.37
N GLN A 15 -2.48 -29.90 -14.34
CA GLN A 15 -1.89 -29.73 -13.05
C GLN A 15 -1.82 -31.08 -12.35
N LYS A 16 -0.71 -31.76 -12.50
CA LYS A 16 -0.47 -32.99 -11.80
C LYS A 16 0.29 -32.68 -10.52
N ALA A 17 -0.43 -32.57 -9.44
CA ALA A 17 0.14 -32.18 -8.20
C ALA A 17 0.13 -33.30 -7.19
N ASN A 18 1.23 -33.99 -7.11
CA ASN A 18 1.42 -35.02 -6.12
C ASN A 18 2.89 -35.14 -5.85
N LYS A 19 3.41 -34.19 -5.09
CA LYS A 19 4.80 -34.15 -4.72
C LYS A 19 4.99 -33.05 -3.69
N GLN A 20 4.70 -33.36 -2.47
CA GLN A 20 4.84 -32.40 -1.40
C GLN A 20 5.29 -33.11 -0.15
N PHE A 21 6.15 -32.47 0.57
CA PHE A 21 6.66 -32.95 1.81
C PHE A 21 6.57 -31.84 2.83
N ASP A 22 5.78 -32.05 3.83
CA ASP A 22 5.65 -31.06 4.87
C ASP A 22 6.78 -31.25 5.84
N SER A 23 7.58 -30.24 6.00
CA SER A 23 8.70 -30.32 6.87
C SER A 23 8.77 -29.11 7.78
N VAL A 24 9.19 -29.33 8.98
CA VAL A 24 9.35 -28.26 9.93
C VAL A 24 10.71 -27.60 9.74
N GLY A 25 10.89 -26.45 10.32
CA GLY A 25 12.13 -25.75 10.20
C GLY A 25 11.92 -24.27 10.30
N ASN A 26 12.98 -23.52 10.38
CA ASN A 26 12.88 -22.09 10.53
C ASN A 26 13.52 -21.35 9.38
N ASP A 27 12.70 -20.70 8.60
CA ASP A 27 13.13 -19.85 7.54
C ASP A 27 12.32 -18.58 7.55
N LEU A 28 12.88 -17.58 8.17
CA LEU A 28 12.25 -16.31 8.32
C LEU A 28 13.36 -15.28 8.44
N ASN A 29 13.53 -14.52 7.40
CA ASN A 29 14.53 -13.48 7.38
C ASN A 29 13.92 -12.29 6.67
N SER A 30 13.54 -11.29 7.43
CA SER A 30 12.87 -10.15 6.85
C SER A 30 13.83 -9.03 6.46
N VAL A 31 14.52 -9.29 5.37
CA VAL A 31 15.44 -8.38 4.71
C VAL A 31 16.09 -9.13 3.54
N SER A 32 15.63 -8.83 2.37
CA SER A 32 16.06 -9.51 1.18
C SER A 32 16.25 -8.50 0.05
N THR A 33 15.21 -7.72 -0.18
CA THR A 33 15.17 -6.70 -1.20
C THR A 33 15.28 -7.39 -2.58
N SER A 34 14.62 -8.54 -2.68
CA SER A 34 14.60 -9.33 -3.87
C SER A 34 13.84 -8.60 -4.97
N ILE A 35 14.51 -8.30 -6.05
CA ILE A 35 13.89 -7.61 -7.14
C ILE A 35 13.10 -8.61 -7.99
N GLU A 36 11.88 -8.83 -7.57
CA GLU A 36 10.96 -9.73 -8.22
C GLU A 36 9.73 -8.98 -8.64
N GLY A 37 8.95 -9.60 -9.49
CA GLY A 37 7.73 -9.01 -9.91
C GLY A 37 7.80 -8.45 -11.30
N GLY A 38 6.83 -8.78 -12.09
CA GLY A 38 6.77 -8.29 -13.44
C GLY A 38 6.71 -9.39 -14.45
N THR A 39 6.07 -10.48 -14.09
CA THR A 39 5.95 -11.60 -14.98
C THR A 39 4.63 -11.50 -15.73
N LYS A 40 4.69 -11.22 -16.99
CA LYS A 40 3.48 -11.08 -17.78
C LYS A 40 3.34 -12.16 -18.82
N TRP A 41 2.71 -13.24 -18.45
CA TRP A 41 2.53 -14.34 -19.36
C TRP A 41 1.06 -14.53 -19.68
N LEU A 42 0.26 -14.71 -18.66
CA LEU A 42 -1.16 -14.92 -18.81
C LEU A 42 -1.80 -14.52 -17.47
N VAL A 43 -2.93 -13.82 -17.52
CA VAL A 43 -3.58 -13.34 -16.30
C VAL A 43 -4.45 -14.42 -15.65
N ASN A 44 -5.47 -14.91 -16.39
CA ASN A 44 -6.39 -16.01 -15.93
C ASN A 44 -7.37 -15.52 -14.84
N LYS A 45 -8.60 -16.03 -14.86
CA LYS A 45 -9.62 -15.59 -13.90
C LYS A 45 -9.65 -16.45 -12.63
N ILE A 46 -8.85 -16.06 -11.68
CA ILE A 46 -8.69 -16.68 -10.37
C ILE A 46 -7.59 -15.87 -9.69
N LYS A 47 -7.24 -16.13 -8.44
CA LYS A 47 -6.21 -15.32 -7.80
C LYS A 47 -5.53 -16.09 -6.70
N GLY A 48 -4.47 -15.49 -6.16
CA GLY A 48 -3.80 -16.04 -5.02
C GLY A 48 -2.74 -17.05 -5.33
N LYS A 49 -1.55 -16.60 -5.69
CA LYS A 49 -0.44 -17.51 -5.86
C LYS A 49 0.08 -17.86 -4.49
N MET A 50 -0.33 -19.01 -4.01
CA MET A 50 -0.06 -19.45 -2.66
C MET A 50 1.44 -19.68 -2.41
N GLN A 51 2.03 -18.73 -1.73
CA GLN A 51 3.41 -18.80 -1.33
C GLN A 51 3.46 -19.22 0.14
N LYS A 52 4.61 -19.18 0.76
CA LYS A 52 4.69 -19.50 2.16
C LYS A 52 4.09 -18.31 2.93
N PRO A 53 3.31 -18.59 4.01
CA PRO A 53 2.51 -17.58 4.79
C PRO A 53 3.27 -16.43 5.47
N LEU A 54 4.37 -16.03 4.92
CA LEU A 54 5.14 -14.94 5.49
C LEU A 54 4.49 -13.59 5.47
N PRO A 55 3.95 -13.12 4.32
CA PRO A 55 3.49 -11.76 4.17
C PRO A 55 2.35 -11.43 5.12
N GLU A 56 1.80 -12.46 5.72
CA GLU A 56 0.70 -12.34 6.61
C GLU A 56 1.22 -11.75 7.90
N LEU A 57 2.47 -12.08 8.21
CA LEU A 57 3.13 -11.52 9.33
C LEU A 57 3.50 -10.11 9.03
N LEU A 58 4.02 -9.92 7.82
CA LEU A 58 4.50 -8.62 7.38
C LEU A 58 3.41 -7.60 7.41
N LYS A 59 2.22 -7.99 7.05
CA LYS A 59 1.14 -7.07 7.10
C LYS A 59 0.63 -6.84 8.53
N GLU A 60 0.76 -7.84 9.41
CA GLU A 60 0.22 -7.69 10.73
C GLU A 60 1.09 -6.82 11.60
N TYR A 61 2.38 -6.79 11.29
CA TYR A 61 3.29 -5.92 12.03
C TYR A 61 2.87 -4.46 11.97
N ASP A 62 2.55 -3.98 10.80
CA ASP A 62 2.26 -2.58 10.66
C ASP A 62 0.82 -2.26 10.40
N LEU A 63 0.38 -2.27 9.16
CA LEU A 63 -1.00 -1.96 8.90
C LEU A 63 -1.67 -3.19 8.34
N PRO A 64 -2.88 -3.52 8.78
CA PRO A 64 -3.53 -4.75 8.49
C PRO A 64 -4.38 -4.65 7.26
N ILE A 65 -4.06 -3.64 6.41
CA ILE A 65 -4.74 -3.47 5.15
C ILE A 65 -4.57 -4.69 4.34
N GLY A 66 -3.33 -5.24 4.42
CA GLY A 66 -2.92 -6.42 3.64
C GLY A 66 -3.04 -6.18 2.12
N ILE A 67 -3.48 -4.99 1.81
CA ILE A 67 -3.86 -4.52 0.53
C ILE A 67 -5.04 -5.31 -0.01
N PHE A 68 -4.82 -6.56 -0.34
CA PHE A 68 -5.83 -7.35 -0.98
C PHE A 68 -5.40 -8.81 -1.23
N PRO A 69 -4.25 -9.05 -1.91
CA PRO A 69 -3.91 -10.38 -2.33
C PRO A 69 -3.11 -11.22 -1.32
N GLY A 70 -2.33 -10.56 -0.48
CA GLY A 70 -1.45 -11.27 0.42
C GLY A 70 -0.07 -11.39 -0.19
N ASP A 71 -0.02 -11.20 -1.48
CA ASP A 71 1.18 -11.21 -2.25
C ASP A 71 1.91 -9.92 -1.99
N ALA A 72 1.16 -8.85 -2.13
CA ALA A 72 1.58 -7.50 -1.82
C ALA A 72 1.64 -7.31 -0.30
N THR A 73 2.20 -6.17 0.14
CA THR A 73 2.16 -5.73 1.55
C THR A 73 3.35 -6.26 2.37
N ASN A 74 4.39 -6.46 1.71
CA ASN A 74 5.55 -6.91 2.36
C ASN A 74 6.38 -5.73 2.79
N TYR A 75 7.55 -5.99 3.32
CA TYR A 75 8.38 -4.88 3.76
C TYR A 75 9.86 -5.17 3.65
N GLU A 76 10.56 -4.18 3.16
CA GLU A 76 12.00 -4.14 3.02
C GLU A 76 12.43 -2.70 3.29
N PHE A 77 13.57 -2.50 3.87
CA PHE A 77 13.98 -1.15 4.21
C PHE A 77 15.49 -1.00 4.18
N ASP A 78 15.94 0.21 3.89
CA ASP A 78 17.36 0.50 3.96
C ASP A 78 17.61 1.11 5.29
N GLU A 79 18.83 1.13 5.68
CA GLU A 79 19.19 1.65 6.96
C GLU A 79 19.29 3.17 7.00
N GLU A 80 20.20 3.72 6.22
CA GLU A 80 20.45 5.15 6.21
C GLU A 80 19.37 5.85 5.42
N THR A 81 19.00 5.23 4.33
CA THR A 81 17.96 5.74 3.48
C THR A 81 16.57 5.72 4.18
N LYS A 82 16.29 4.65 4.97
CA LYS A 82 15.02 4.51 5.75
C LYS A 82 13.75 4.47 4.88
N LYS A 83 13.92 4.41 3.59
CA LYS A 83 12.80 4.35 2.69
C LYS A 83 12.35 2.91 2.59
N LEU A 84 11.18 2.67 3.09
CA LEU A 84 10.61 1.36 3.15
C LEU A 84 10.05 1.03 1.78
N THR A 85 10.33 -0.13 1.34
CA THR A 85 9.86 -0.57 0.09
C THR A 85 9.00 -1.83 0.26
N VAL A 86 7.83 -1.79 -0.32
CA VAL A 86 6.87 -2.87 -0.23
C VAL A 86 6.86 -3.68 -1.49
N LEU A 87 6.87 -4.98 -1.29
CA LEU A 87 6.86 -5.91 -2.38
C LEU A 87 5.47 -6.12 -2.90
N ILE A 88 5.29 -5.74 -4.11
CA ILE A 88 4.07 -5.97 -4.84
C ILE A 88 4.44 -6.71 -6.13
N PRO A 89 4.17 -8.02 -6.19
CA PRO A 89 4.46 -8.85 -7.37
C PRO A 89 3.77 -8.31 -8.62
N SER A 90 4.54 -7.79 -9.56
CA SER A 90 4.03 -7.13 -10.79
C SER A 90 3.49 -5.78 -10.54
N ILE A 91 3.60 -4.96 -11.53
CA ILE A 91 3.03 -3.70 -11.49
C ILE A 91 1.55 -3.86 -11.85
N CYS A 92 0.69 -3.48 -10.96
CA CYS A 92 -0.67 -3.43 -11.32
C CYS A 92 -0.96 -2.01 -11.74
N GLU A 93 -1.43 -1.83 -12.93
CA GLU A 93 -1.80 -0.53 -13.40
C GLU A 93 -3.23 -0.54 -13.69
N VAL A 94 -3.94 0.30 -13.06
CA VAL A 94 -5.32 0.39 -13.30
C VAL A 94 -5.61 1.76 -13.89
N GLY A 95 -5.83 1.75 -15.18
CA GLY A 95 -6.10 2.95 -15.90
C GLY A 95 -7.06 2.66 -16.99
N TYR A 96 -7.90 3.61 -17.35
CA TYR A 96 -8.85 3.30 -18.38
C TYR A 96 -8.75 4.30 -19.46
N LYS A 97 -9.47 5.35 -19.35
CA LYS A 97 -9.36 6.38 -20.31
C LYS A 97 -8.27 7.34 -19.93
N ASP A 98 -8.14 7.60 -18.60
CA ASP A 98 -7.17 8.58 -18.07
C ASP A 98 -7.50 8.98 -16.62
N SER A 99 -8.79 9.15 -16.35
CA SER A 99 -9.30 9.70 -15.08
C SER A 99 -9.17 8.73 -13.89
N SER A 100 -8.38 7.73 -14.07
CA SER A 100 -8.11 6.78 -13.06
C SER A 100 -6.94 5.95 -13.48
N VAL A 101 -5.76 6.51 -13.36
CA VAL A 101 -4.54 5.78 -13.64
C VAL A 101 -3.71 5.65 -12.36
N LEU A 102 -3.80 4.49 -11.75
CA LEU A 102 -3.07 4.19 -10.54
C LEU A 102 -2.03 3.13 -10.88
N LYS A 103 -0.79 3.35 -10.52
CA LYS A 103 0.26 2.40 -10.80
C LYS A 103 0.86 1.85 -9.52
N PHE A 104 0.56 0.61 -9.24
CA PHE A 104 1.12 -0.06 -8.09
C PHE A 104 2.35 -0.79 -8.55
N THR A 105 3.50 -0.24 -8.25
CA THR A 105 4.75 -0.80 -8.72
C THR A 105 5.17 -2.03 -7.88
N THR A 106 6.30 -2.59 -8.21
CA THR A 106 6.79 -3.83 -7.63
C THR A 106 7.50 -3.59 -6.32
N THR A 107 8.41 -2.68 -6.33
CA THR A 107 9.07 -2.29 -5.15
C THR A 107 8.72 -0.86 -4.89
N VAL A 108 7.62 -0.68 -4.24
CA VAL A 108 7.15 0.63 -3.97
C VAL A 108 7.84 1.18 -2.76
N THR A 109 8.36 2.34 -2.89
CA THR A 109 9.10 2.95 -1.88
C THR A 109 8.29 4.03 -1.21
N GLY A 110 8.53 4.24 0.05
CA GLY A 110 7.82 5.23 0.80
C GLY A 110 8.28 5.23 2.23
N HIS A 111 7.48 5.77 3.10
CA HIS A 111 7.77 5.80 4.52
C HIS A 111 6.63 5.13 5.24
N LEU A 112 6.92 4.09 5.97
CA LEU A 112 5.88 3.29 6.54
C LEU A 112 6.04 3.22 8.05
N GLU A 113 4.94 3.36 8.73
CA GLU A 113 4.87 3.28 10.15
C GLU A 113 3.80 2.37 10.55
N LYS A 114 3.79 2.10 11.79
CA LYS A 114 2.77 1.38 12.36
C LYS A 114 1.72 2.43 12.69
N GLY A 115 0.75 2.50 11.88
CA GLY A 115 -0.25 3.50 12.00
C GLY A 115 -0.66 3.95 10.62
N LYS A 116 0.27 4.51 9.87
CA LYS A 116 0.01 4.99 8.51
C LYS A 116 1.26 4.92 7.68
N LEU A 117 1.11 5.01 6.38
CA LEU A 117 2.22 5.03 5.47
C LEU A 117 2.15 6.33 4.71
N THR A 118 3.04 7.19 4.98
CA THR A 118 3.04 8.47 4.38
C THR A 118 4.18 8.72 3.42
N ASP A 119 3.82 9.21 2.22
CA ASP A 119 4.76 9.61 1.18
C ASP A 119 5.48 8.47 0.52
N VAL A 120 5.10 8.20 -0.72
CA VAL A 120 5.70 7.17 -1.51
C VAL A 120 6.47 7.77 -2.67
N GLU A 121 7.28 6.96 -3.27
CA GLU A 121 8.11 7.36 -4.38
C GLU A 121 7.93 6.41 -5.58
N GLY A 122 7.20 5.33 -5.35
CA GLY A 122 7.09 4.34 -6.38
C GLY A 122 5.76 4.36 -7.05
N ILE A 123 4.79 4.95 -6.42
CA ILE A 123 3.47 4.98 -6.98
C ILE A 123 3.19 6.31 -7.62
N LYS A 124 3.32 6.31 -8.91
CA LYS A 124 2.95 7.42 -9.72
C LYS A 124 1.47 7.28 -10.02
N THR A 125 0.75 8.36 -10.03
CA THR A 125 -0.65 8.31 -10.15
C THR A 125 -1.24 9.54 -10.83
N LYS A 126 -2.27 9.30 -11.63
CA LYS A 126 -3.09 10.32 -12.16
C LYS A 126 -4.50 9.88 -11.89
N VAL A 127 -5.12 10.50 -10.94
CA VAL A 127 -6.48 10.15 -10.62
C VAL A 127 -7.35 11.30 -10.96
N MET A 128 -7.02 12.43 -10.44
CA MET A 128 -7.66 13.62 -10.81
C MET A 128 -6.64 14.50 -11.52
N ILE A 129 -5.38 14.30 -11.17
CA ILE A 129 -4.27 14.94 -11.82
C ILE A 129 -3.00 14.13 -11.46
N TRP A 130 -1.85 14.42 -12.09
CA TRP A 130 -0.62 13.70 -11.80
C TRP A 130 -0.10 14.08 -10.43
N VAL A 131 -0.02 13.10 -9.56
CA VAL A 131 0.45 13.30 -8.20
C VAL A 131 1.16 12.03 -7.71
N LYS A 132 2.47 12.06 -7.54
CA LYS A 132 3.14 10.93 -6.95
C LYS A 132 3.54 11.28 -5.53
N VAL A 133 2.95 10.59 -4.61
CA VAL A 133 3.18 10.78 -3.18
C VAL A 133 2.19 9.92 -2.44
N THR A 134 1.09 9.58 -3.18
CA THR A 134 -0.03 8.73 -2.80
C THR A 134 0.15 8.02 -1.46
N SER A 135 -0.27 8.69 -0.45
CA SER A 135 -0.13 8.23 0.88
C SER A 135 -1.44 7.66 1.37
N ILE A 136 -1.33 6.66 2.20
CA ILE A 136 -2.47 6.01 2.78
C ILE A 136 -2.47 6.22 4.29
N SER A 137 -3.53 6.77 4.79
CA SER A 137 -3.65 6.98 6.16
C SER A 137 -4.60 6.01 6.76
N THR A 138 -4.21 5.49 7.83
CA THR A 138 -4.94 4.55 8.55
C THR A 138 -4.54 4.74 9.98
N ASP A 139 -5.15 4.05 10.85
CA ASP A 139 -4.80 4.12 12.25
C ASP A 139 -4.42 2.72 12.67
N ALA A 140 -3.80 2.00 11.71
CA ALA A 140 -3.40 0.61 11.84
C ALA A 140 -4.63 -0.25 12.05
N SER A 141 -5.63 0.00 11.22
CA SER A 141 -6.91 -0.69 11.28
C SER A 141 -7.84 -0.19 10.17
N LYS A 142 -8.45 0.98 10.36
CA LYS A 142 -9.38 1.52 9.36
C LYS A 142 -8.61 2.35 8.35
N VAL A 143 -9.01 2.31 7.11
CA VAL A 143 -8.29 2.95 6.02
C VAL A 143 -9.01 4.21 5.51
N TYR A 144 -8.25 5.26 5.25
CA TYR A 144 -8.76 6.51 4.74
C TYR A 144 -7.86 7.02 3.61
N PHE A 145 -8.46 7.58 2.57
CA PHE A 145 -7.69 8.14 1.47
C PHE A 145 -6.87 9.36 1.89
N THR A 146 -5.89 9.69 1.09
CA THR A 146 -5.11 10.88 1.29
C THR A 146 -4.62 11.43 -0.06
N ALA A 147 -3.88 10.63 -0.81
CA ALA A 147 -3.40 11.06 -2.11
C ALA A 147 -3.46 9.91 -3.09
N GLY A 148 -3.91 10.18 -4.31
CA GLY A 148 -3.98 9.19 -5.37
C GLY A 148 -5.17 8.28 -5.26
N MET A 149 -5.30 7.67 -4.11
CA MET A 149 -6.39 6.76 -3.82
C MET A 149 -7.72 7.50 -3.92
N LYS A 150 -7.77 8.68 -3.27
CA LYS A 150 -8.93 9.61 -3.24
C LYS A 150 -10.30 8.97 -2.92
N LYS A 151 -10.28 7.78 -2.35
CA LYS A 151 -11.47 7.10 -1.90
C LYS A 151 -11.16 6.33 -0.64
N SER A 152 -12.07 6.33 0.29
CA SER A 152 -11.90 5.59 1.49
C SER A 152 -12.38 4.16 1.32
N ARG A 153 -11.45 3.24 1.32
CA ARG A 153 -11.78 1.85 1.24
C ARG A 153 -11.57 1.28 2.59
N SER A 154 -12.62 1.00 3.27
CA SER A 154 -12.53 0.49 4.61
C SER A 154 -11.95 -0.94 4.62
N ARG A 155 -11.19 -1.26 5.68
CA ARG A 155 -10.66 -2.63 5.86
C ARG A 155 -11.80 -3.62 5.91
N ASP A 156 -12.91 -3.13 6.42
CA ASP A 156 -14.18 -3.85 6.49
C ASP A 156 -14.53 -4.52 5.17
N ALA A 157 -14.30 -3.82 4.07
CA ALA A 157 -14.61 -4.36 2.77
C ALA A 157 -13.51 -5.27 2.26
N TYR A 158 -12.27 -4.77 2.23
CA TYR A 158 -11.16 -5.56 1.67
C TYR A 158 -9.81 -5.19 2.26
N GLY A 159 -9.72 -4.03 2.87
CA GLY A 159 -8.44 -3.50 3.17
C GLY A 159 -8.19 -2.37 2.27
N VAL A 160 -7.55 -2.63 1.16
CA VAL A 160 -7.24 -1.59 0.22
C VAL A 160 -7.59 -2.05 -1.18
N GLN A 161 -8.53 -1.37 -1.76
CA GLN A 161 -8.98 -1.71 -3.06
C GLN A 161 -9.15 -0.59 -3.99
N ARG A 162 -8.67 -0.85 -5.12
CA ARG A 162 -8.82 -0.09 -6.30
C ARG A 162 -8.74 -1.16 -7.38
N ASN A 163 -9.86 -1.44 -8.05
CA ASN A 163 -10.01 -2.62 -8.97
C ASN A 163 -8.80 -2.84 -9.88
N GLY A 164 -7.93 -3.71 -9.43
CA GLY A 164 -6.71 -4.06 -10.09
C GLY A 164 -6.24 -5.41 -9.64
N LEU A 165 -5.38 -6.02 -10.41
CA LEU A 165 -4.82 -7.28 -10.07
C LEU A 165 -3.37 -7.29 -10.47
N ARG A 166 -2.56 -7.86 -9.65
CA ARG A 166 -1.18 -8.00 -9.97
C ARG A 166 -1.04 -9.02 -11.04
N VAL A 167 -0.24 -8.72 -12.02
CA VAL A 167 0.02 -9.69 -13.09
C VAL A 167 0.71 -11.01 -12.56
N ASP A 168 1.54 -10.89 -11.49
CA ASP A 168 2.14 -12.09 -10.87
C ASP A 168 1.13 -12.85 -10.07
N LYS A 169 0.35 -13.56 -10.77
CA LYS A 169 -0.71 -14.34 -10.25
C LYS A 169 -0.94 -15.49 -11.21
N PHE A 170 -1.50 -16.57 -10.74
CA PHE A 170 -1.85 -17.64 -11.64
C PHE A 170 -3.32 -17.55 -11.89
N SER A 1 26.18 80.76 -66.66
CA SER A 1 25.26 79.92 -67.40
C SER A 1 25.72 78.47 -67.30
N ASP A 2 24.84 77.60 -66.87
CA ASP A 2 25.15 76.20 -66.72
C ASP A 2 24.11 75.37 -67.40
N GLN A 3 24.42 74.87 -68.56
CA GLN A 3 23.48 74.06 -69.29
C GLN A 3 23.71 72.61 -68.97
N ILE A 4 22.97 72.11 -68.03
CA ILE A 4 23.06 70.72 -67.67
C ILE A 4 21.67 70.17 -67.35
N PHE A 5 21.21 69.29 -68.20
CA PHE A 5 19.92 68.65 -68.06
C PHE A 5 20.13 67.17 -67.85
N ASN A 6 19.67 66.68 -66.75
CA ASN A 6 19.92 65.31 -66.38
C ASN A 6 18.73 64.42 -66.62
N LYS A 7 18.87 63.52 -67.55
CA LYS A 7 17.89 62.49 -67.73
C LYS A 7 18.36 61.28 -66.96
N VAL A 8 17.90 61.19 -65.75
CA VAL A 8 18.28 60.12 -64.86
C VAL A 8 17.03 59.56 -64.21
N GLY A 9 17.00 58.27 -64.00
CA GLY A 9 15.86 57.65 -63.40
C GLY A 9 16.00 56.15 -63.34
N SER A 10 16.85 55.69 -62.46
CA SER A 10 17.02 54.29 -62.27
C SER A 10 16.26 53.83 -61.04
N TYR A 11 15.19 53.09 -61.28
CA TYR A 11 14.33 52.64 -60.22
C TYR A 11 14.48 51.15 -60.08
N TRP A 12 14.29 50.66 -58.90
CA TRP A 12 14.31 49.24 -58.69
C TRP A 12 12.97 48.81 -58.14
N LEU A 13 12.32 47.93 -58.85
CA LEU A 13 10.99 47.54 -58.49
C LEU A 13 10.94 46.49 -57.40
N GLY A 14 10.26 46.84 -56.35
CA GLY A 14 10.09 45.95 -55.24
C GLY A 14 8.72 45.38 -55.22
N GLN A 15 8.20 45.13 -56.41
CA GLN A 15 6.90 44.54 -56.57
C GLN A 15 7.02 43.04 -56.44
N LYS A 16 7.13 42.59 -55.20
CA LYS A 16 7.31 41.21 -54.83
C LYS A 16 7.25 41.17 -53.30
N ALA A 17 6.50 40.23 -52.76
CA ALA A 17 6.39 40.08 -51.32
C ALA A 17 6.81 38.68 -50.93
N ASN A 18 7.14 38.48 -49.68
CA ASN A 18 7.58 37.16 -49.24
C ASN A 18 6.65 36.58 -48.20
N LYS A 19 6.23 35.37 -48.44
CA LYS A 19 5.36 34.65 -47.56
C LYS A 19 6.23 33.76 -46.67
N GLN A 20 6.19 34.02 -45.39
CA GLN A 20 6.97 33.28 -44.44
C GLN A 20 6.17 32.96 -43.19
N PHE A 21 6.26 31.74 -42.75
CA PHE A 21 5.51 31.27 -41.60
C PHE A 21 6.43 30.76 -40.53
N ASP A 22 5.89 30.56 -39.34
CA ASP A 22 6.63 30.02 -38.24
C ASP A 22 5.88 28.82 -37.71
N SER A 23 6.42 27.66 -37.94
CA SER A 23 5.79 26.45 -37.48
C SER A 23 6.83 25.45 -37.01
N VAL A 24 6.97 25.31 -35.73
CA VAL A 24 7.91 24.36 -35.18
C VAL A 24 7.19 23.17 -34.57
N GLY A 25 7.81 22.03 -34.64
CA GLY A 25 7.24 20.83 -34.09
C GLY A 25 8.08 20.33 -32.95
N ASN A 26 8.16 21.12 -31.91
CA ASN A 26 8.97 20.79 -30.74
C ASN A 26 8.12 20.10 -29.69
N ASP A 27 6.93 19.67 -30.09
CA ASP A 27 6.01 18.99 -29.18
C ASP A 27 6.58 17.64 -28.81
N LEU A 28 6.34 17.21 -27.61
CA LEU A 28 6.89 15.96 -27.13
C LEU A 28 5.80 15.04 -26.65
N ASN A 29 5.59 13.98 -27.36
CA ASN A 29 4.64 12.97 -26.94
C ASN A 29 5.38 11.90 -26.18
N SER A 30 5.48 12.07 -24.89
CA SER A 30 6.18 11.15 -24.04
C SER A 30 5.22 10.17 -23.38
N VAL A 31 4.00 10.09 -23.90
CA VAL A 31 3.02 9.21 -23.35
C VAL A 31 3.31 7.78 -23.77
N SER A 32 4.08 7.12 -22.96
CA SER A 32 4.45 5.78 -23.15
C SER A 32 4.61 5.15 -21.80
N THR A 33 3.63 4.40 -21.41
CA THR A 33 3.64 3.74 -20.14
C THR A 33 3.67 2.23 -20.33
N SER A 34 3.58 1.82 -21.60
CA SER A 34 3.54 0.43 -21.99
C SER A 34 2.27 -0.25 -21.46
N ILE A 35 1.24 0.58 -21.20
CA ILE A 35 -0.04 0.09 -20.70
C ILE A 35 -0.67 -0.86 -21.75
N GLU A 36 -1.26 -1.97 -21.25
CA GLU A 36 -1.87 -3.03 -22.09
C GLU A 36 -0.78 -3.85 -22.77
N GLY A 37 0.45 -3.72 -22.27
CA GLY A 37 1.59 -4.41 -22.82
C GLY A 37 1.42 -5.92 -22.83
N GLY A 38 0.73 -6.42 -21.85
CA GLY A 38 0.45 -7.83 -21.79
C GLY A 38 -0.67 -8.11 -20.84
N THR A 39 -1.88 -8.21 -21.35
CA THR A 39 -3.02 -8.45 -20.50
C THR A 39 -3.59 -9.85 -20.72
N LYS A 40 -3.45 -10.67 -19.71
CA LYS A 40 -3.95 -12.00 -19.71
C LYS A 40 -4.54 -12.25 -18.34
N TRP A 41 -5.81 -12.19 -18.23
CA TRP A 41 -6.40 -12.39 -16.96
C TRP A 41 -6.98 -13.78 -16.83
N LEU A 42 -6.14 -14.69 -16.44
CA LEU A 42 -6.52 -16.04 -16.21
C LEU A 42 -6.18 -16.38 -14.79
N VAL A 43 -7.12 -16.21 -13.92
CA VAL A 43 -6.91 -16.45 -12.54
C VAL A 43 -8.15 -17.10 -11.95
N ASN A 44 -7.94 -18.00 -11.05
CA ASN A 44 -9.00 -18.69 -10.37
C ASN A 44 -8.95 -18.33 -8.93
N LYS A 45 -9.92 -17.57 -8.47
CA LYS A 45 -9.93 -17.12 -7.09
C LYS A 45 -10.35 -18.30 -6.22
N ILE A 46 -9.35 -19.05 -5.82
CA ILE A 46 -9.45 -20.26 -5.03
C ILE A 46 -8.04 -20.86 -4.95
N LYS A 47 -7.25 -20.59 -5.99
CA LYS A 47 -5.87 -20.99 -6.02
C LYS A 47 -5.03 -19.78 -5.69
N GLY A 48 -3.86 -20.00 -5.18
CA GLY A 48 -3.07 -18.91 -4.71
C GLY A 48 -3.25 -18.84 -3.22
N LYS A 49 -3.01 -19.96 -2.59
CA LYS A 49 -3.22 -20.10 -1.17
C LYS A 49 -2.12 -19.40 -0.40
N MET A 50 -2.51 -18.80 0.71
CA MET A 50 -1.55 -18.15 1.56
C MET A 50 -0.83 -19.18 2.39
N GLN A 51 0.25 -19.65 1.85
CA GLN A 51 1.11 -20.59 2.51
C GLN A 51 2.32 -19.84 2.96
N LYS A 52 2.94 -20.31 4.05
CA LYS A 52 4.10 -19.66 4.66
C LYS A 52 3.61 -18.37 5.41
N PRO A 53 4.03 -18.17 6.67
CA PRO A 53 3.49 -17.10 7.54
C PRO A 53 3.81 -15.65 7.16
N LEU A 54 4.79 -15.43 6.29
CA LEU A 54 5.23 -14.03 5.98
C LEU A 54 4.18 -13.07 5.56
N PRO A 55 3.27 -13.42 4.63
CA PRO A 55 2.35 -12.47 4.09
C PRO A 55 1.47 -11.85 5.18
N GLU A 56 1.36 -12.55 6.29
CA GLU A 56 0.57 -12.13 7.41
C GLU A 56 1.34 -11.18 8.28
N LEU A 57 2.58 -11.50 8.48
CA LEU A 57 3.49 -10.69 9.26
C LEU A 57 3.80 -9.41 8.56
N LEU A 58 4.22 -9.49 7.29
CA LEU A 58 4.52 -8.28 6.54
C LEU A 58 3.29 -7.41 6.40
N LYS A 59 2.15 -8.06 6.43
CA LYS A 59 0.86 -7.42 6.42
C LYS A 59 0.58 -6.67 7.71
N GLU A 60 0.94 -7.28 8.84
CA GLU A 60 0.69 -6.63 10.10
C GLU A 60 1.76 -5.61 10.35
N TYR A 61 2.84 -5.72 9.61
CA TYR A 61 3.91 -4.74 9.75
C TYR A 61 3.65 -3.51 8.90
N ASP A 62 2.98 -3.72 7.77
CA ASP A 62 2.52 -2.63 6.92
C ASP A 62 1.13 -2.22 7.45
N LEU A 63 0.28 -1.65 6.65
CA LEU A 63 -0.99 -1.24 7.15
C LEU A 63 -1.91 -2.46 7.09
N PRO A 64 -2.97 -2.52 7.92
CA PRO A 64 -3.70 -3.76 8.14
C PRO A 64 -4.72 -4.05 7.05
N ILE A 65 -4.64 -3.31 5.98
CA ILE A 65 -5.55 -3.53 4.89
C ILE A 65 -5.05 -4.69 4.05
N GLY A 66 -3.70 -4.89 4.10
CA GLY A 66 -3.07 -5.98 3.34
C GLY A 66 -3.14 -5.72 1.85
N ILE A 67 -3.55 -4.51 1.56
CA ILE A 67 -3.87 -4.03 0.25
C ILE A 67 -5.05 -4.74 -0.33
N PHE A 68 -4.92 -5.97 -0.63
CA PHE A 68 -5.97 -6.69 -1.28
C PHE A 68 -5.68 -8.19 -1.34
N PRO A 69 -4.55 -8.61 -1.94
CA PRO A 69 -4.26 -10.02 -2.17
C PRO A 69 -3.29 -10.64 -1.17
N GLY A 70 -2.65 -9.83 -0.35
CA GLY A 70 -1.64 -10.34 0.55
C GLY A 70 -0.37 -10.68 -0.18
N ASP A 71 -0.30 -10.28 -1.43
CA ASP A 71 0.85 -10.50 -2.23
C ASP A 71 1.71 -9.27 -2.17
N ALA A 72 1.09 -8.13 -2.42
CA ALA A 72 1.62 -6.81 -2.10
C ALA A 72 1.78 -6.69 -0.56
N THR A 73 2.29 -5.54 -0.08
CA THR A 73 2.29 -5.25 1.36
C THR A 73 3.52 -5.90 2.02
N ASN A 74 4.54 -6.06 1.24
CA ASN A 74 5.69 -6.69 1.79
C ASN A 74 6.49 -5.69 2.56
N TYR A 75 7.53 -6.14 3.17
CA TYR A 75 8.24 -5.29 4.09
C TYR A 75 9.74 -5.58 4.09
N GLU A 76 10.50 -4.65 3.56
CA GLU A 76 11.94 -4.69 3.60
C GLU A 76 12.48 -3.34 4.07
N PHE A 77 13.14 -3.35 5.19
CA PHE A 77 13.61 -2.14 5.85
C PHE A 77 15.14 -2.12 5.88
N ASP A 78 15.74 -1.01 5.51
CA ASP A 78 17.21 -0.90 5.50
C ASP A 78 17.71 -0.38 6.79
N GLU A 79 19.00 -0.28 6.86
CA GLU A 79 19.69 0.16 8.03
C GLU A 79 19.68 1.68 8.17
N GLU A 80 20.48 2.34 7.34
CA GLU A 80 20.65 3.76 7.44
C GLU A 80 19.70 4.52 6.56
N THR A 81 19.20 3.84 5.54
CA THR A 81 18.26 4.45 4.65
C THR A 81 16.94 4.67 5.37
N LYS A 82 16.43 3.61 6.02
CA LYS A 82 15.15 3.62 6.78
C LYS A 82 13.93 3.92 5.91
N LYS A 83 14.15 4.06 4.63
CA LYS A 83 13.10 4.21 3.67
C LYS A 83 12.79 2.84 3.12
N LEU A 84 11.81 2.25 3.75
CA LEU A 84 11.41 0.89 3.55
C LEU A 84 10.84 0.67 2.16
N THR A 85 11.11 -0.49 1.62
CA THR A 85 10.64 -0.83 0.34
C THR A 85 9.56 -1.93 0.42
N VAL A 86 8.42 -1.64 -0.17
CA VAL A 86 7.30 -2.55 -0.22
C VAL A 86 7.26 -3.23 -1.55
N LEU A 87 7.19 -4.51 -1.48
CA LEU A 87 7.20 -5.36 -2.62
C LEU A 87 5.82 -5.73 -2.97
N ILE A 88 5.63 -5.77 -4.21
CA ILE A 88 4.43 -6.22 -4.82
C ILE A 88 4.87 -7.10 -6.00
N PRO A 89 4.46 -8.41 -6.04
CA PRO A 89 4.81 -9.40 -7.08
C PRO A 89 5.24 -8.83 -8.44
N SER A 90 4.42 -7.99 -9.00
CA SER A 90 4.70 -7.40 -10.27
C SER A 90 4.03 -6.06 -10.32
N ILE A 91 4.42 -5.26 -11.26
CA ILE A 91 3.85 -3.97 -11.45
C ILE A 91 2.41 -4.09 -12.01
N CYS A 92 1.46 -3.71 -11.19
CA CYS A 92 0.07 -3.73 -11.58
C CYS A 92 -0.46 -2.32 -11.53
N GLU A 93 -1.07 -1.87 -12.57
CA GLU A 93 -1.66 -0.56 -12.54
C GLU A 93 -3.14 -0.64 -12.83
N VAL A 94 -3.90 0.13 -12.11
CA VAL A 94 -5.34 0.10 -12.20
C VAL A 94 -5.92 1.49 -12.53
N GLY A 95 -6.37 1.68 -13.75
CA GLY A 95 -7.00 2.94 -14.09
C GLY A 95 -8.11 2.80 -15.12
N TYR A 96 -9.37 3.05 -14.73
CA TYR A 96 -10.49 3.03 -15.68
C TYR A 96 -11.58 4.07 -15.39
N LYS A 97 -12.73 3.60 -14.92
CA LYS A 97 -13.87 4.49 -14.68
C LYS A 97 -13.85 5.13 -13.30
N ASP A 98 -12.87 4.78 -12.50
CA ASP A 98 -12.79 5.29 -11.13
C ASP A 98 -12.16 6.70 -11.12
N SER A 99 -11.51 7.05 -12.24
CA SER A 99 -10.81 8.33 -12.44
C SER A 99 -9.43 8.26 -11.84
N SER A 100 -9.19 7.24 -11.10
CA SER A 100 -7.94 7.08 -10.50
C SER A 100 -7.09 6.10 -11.28
N VAL A 101 -6.10 6.61 -11.93
CA VAL A 101 -5.13 5.76 -12.56
C VAL A 101 -4.01 5.58 -11.59
N LEU A 102 -3.95 4.42 -11.03
CA LEU A 102 -3.03 4.14 -9.98
C LEU A 102 -2.10 3.04 -10.39
N LYS A 103 -0.85 3.38 -10.51
CA LYS A 103 0.14 2.43 -10.89
C LYS A 103 0.96 2.00 -9.72
N PHE A 104 0.82 0.76 -9.36
CA PHE A 104 1.57 0.23 -8.26
C PHE A 104 2.62 -0.77 -8.69
N THR A 105 3.86 -0.31 -8.60
CA THR A 105 5.02 -1.06 -9.00
C THR A 105 5.33 -2.21 -8.02
N THR A 106 6.41 -2.86 -8.29
CA THR A 106 6.81 -4.06 -7.59
C THR A 106 7.72 -3.77 -6.44
N THR A 107 8.44 -2.73 -6.52
CA THR A 107 9.35 -2.39 -5.50
C THR A 107 9.27 -0.90 -5.28
N VAL A 108 8.48 -0.49 -4.33
CA VAL A 108 8.32 0.91 -4.09
C VAL A 108 9.12 1.27 -2.84
N THR A 109 9.43 2.52 -2.65
CA THR A 109 10.34 2.93 -1.65
C THR A 109 9.71 4.10 -0.91
N GLY A 110 9.52 3.97 0.40
CA GLY A 110 8.89 5.04 1.17
C GLY A 110 9.10 4.89 2.66
N HIS A 111 8.27 5.53 3.44
CA HIS A 111 8.34 5.44 4.89
C HIS A 111 7.12 4.76 5.38
N LEU A 112 7.30 3.71 6.10
CA LEU A 112 6.19 2.96 6.54
C LEU A 112 5.94 3.26 8.00
N GLU A 113 4.87 3.94 8.26
CA GLU A 113 4.44 4.19 9.58
C GLU A 113 3.13 3.60 9.79
N LYS A 114 2.84 3.38 10.97
CA LYS A 114 1.64 2.79 11.34
C LYS A 114 0.48 3.74 11.23
N GLY A 115 -0.23 3.56 10.17
CA GLY A 115 -1.33 4.38 9.84
C GLY A 115 -1.11 5.03 8.49
N LYS A 116 0.10 4.94 7.97
CA LYS A 116 0.37 5.50 6.64
C LYS A 116 1.76 5.16 6.10
N LEU A 117 1.78 4.67 4.90
CA LEU A 117 3.00 4.43 4.16
C LEU A 117 3.22 5.63 3.26
N THR A 118 4.13 6.50 3.63
CA THR A 118 4.33 7.75 2.94
C THR A 118 5.56 7.72 2.05
N ASP A 119 5.74 8.78 1.25
CA ASP A 119 6.94 9.00 0.44
C ASP A 119 7.16 7.85 -0.49
N VAL A 120 6.12 7.41 -1.16
CA VAL A 120 6.21 6.25 -1.96
C VAL A 120 6.74 6.53 -3.32
N GLU A 121 8.01 6.70 -3.32
CA GLU A 121 8.77 7.02 -4.45
C GLU A 121 8.88 5.83 -5.35
N GLY A 122 7.95 5.73 -6.23
CA GLY A 122 7.97 4.69 -7.20
C GLY A 122 6.62 4.48 -7.78
N ILE A 123 5.59 4.88 -7.05
CA ILE A 123 4.26 4.70 -7.56
C ILE A 123 3.62 6.00 -7.90
N LYS A 124 2.90 5.99 -8.98
CA LYS A 124 2.18 7.13 -9.42
C LYS A 124 0.73 7.00 -9.08
N THR A 125 0.24 8.00 -8.43
CA THR A 125 -1.09 8.05 -7.98
C THR A 125 -1.84 9.17 -8.69
N LYS A 126 -2.74 8.82 -9.56
CA LYS A 126 -3.56 9.81 -10.18
C LYS A 126 -4.99 9.62 -9.77
N VAL A 127 -5.63 10.71 -9.43
CA VAL A 127 -7.05 10.70 -9.09
C VAL A 127 -7.73 11.77 -9.87
N MET A 128 -7.25 12.96 -9.67
CA MET A 128 -7.68 14.10 -10.42
C MET A 128 -6.48 14.59 -11.21
N ILE A 129 -5.30 14.46 -10.61
CA ILE A 129 -4.07 14.82 -11.25
C ILE A 129 -2.99 13.74 -10.94
N TRP A 130 -2.00 13.63 -11.80
CA TRP A 130 -0.92 12.68 -11.64
C TRP A 130 0.11 13.20 -10.66
N VAL A 131 0.28 12.49 -9.58
CA VAL A 131 1.32 12.80 -8.61
C VAL A 131 2.10 11.54 -8.30
N LYS A 132 3.29 11.72 -7.84
CA LYS A 132 4.19 10.61 -7.62
C LYS A 132 4.75 10.60 -6.21
N VAL A 133 4.00 11.13 -5.28
CA VAL A 133 4.39 11.09 -3.89
C VAL A 133 3.30 10.39 -3.10
N THR A 134 2.24 11.14 -2.72
CA THR A 134 1.13 10.62 -1.91
C THR A 134 1.57 9.68 -0.75
N SER A 135 0.62 8.92 -0.27
CA SER A 135 0.81 7.93 0.74
C SER A 135 -0.46 7.15 0.84
N ILE A 136 -0.39 5.96 1.35
CA ILE A 136 -1.57 5.23 1.61
C ILE A 136 -1.84 5.36 3.08
N SER A 137 -2.90 6.04 3.38
CA SER A 137 -3.20 6.39 4.73
C SER A 137 -4.30 5.52 5.28
N THR A 138 -4.33 5.38 6.56
CA THR A 138 -5.31 4.64 7.24
C THR A 138 -5.24 5.03 8.70
N ASP A 139 -6.19 4.70 9.46
CA ASP A 139 -6.00 4.89 10.87
C ASP A 139 -5.92 3.54 11.48
N ALA A 140 -4.85 2.84 11.09
CA ALA A 140 -4.57 1.47 11.52
C ALA A 140 -5.77 0.55 11.32
N SER A 141 -6.45 0.71 10.18
CA SER A 141 -7.69 -0.02 9.88
C SER A 141 -8.35 0.52 8.62
N LYS A 142 -9.15 1.58 8.75
CA LYS A 142 -9.86 2.11 7.59
C LYS A 142 -8.93 2.95 6.76
N VAL A 143 -8.99 2.76 5.49
CA VAL A 143 -7.97 3.27 4.62
C VAL A 143 -8.47 4.51 3.84
N TYR A 144 -7.54 5.42 3.58
CA TYR A 144 -7.81 6.65 2.88
C TYR A 144 -6.70 6.95 1.92
N PHE A 145 -7.01 7.69 0.93
CA PHE A 145 -6.04 8.19 0.02
C PHE A 145 -5.79 9.65 0.27
N THR A 146 -4.58 9.94 0.69
CA THR A 146 -4.15 11.27 1.16
C THR A 146 -4.05 12.31 0.02
N ALA A 147 -4.42 11.92 -1.21
CA ALA A 147 -4.33 12.82 -2.35
C ALA A 147 -5.26 14.03 -2.17
N GLY A 148 -6.20 13.89 -1.26
CA GLY A 148 -7.06 14.97 -0.86
C GLY A 148 -8.33 14.44 -0.30
N MET A 149 -8.23 13.24 0.34
CA MET A 149 -9.40 12.48 0.84
C MET A 149 -10.33 12.17 -0.36
N LYS A 150 -9.75 12.26 -1.54
CA LYS A 150 -10.48 12.15 -2.79
C LYS A 150 -10.69 10.70 -3.25
N LYS A 151 -10.22 9.75 -2.45
CA LYS A 151 -10.42 8.31 -2.72
C LYS A 151 -10.54 7.55 -1.40
N SER A 152 -11.66 6.93 -1.19
CA SER A 152 -11.89 6.12 -0.01
C SER A 152 -12.51 4.78 -0.42
N ARG A 153 -11.98 3.67 0.11
CA ARG A 153 -12.50 2.34 -0.18
C ARG A 153 -12.54 1.48 1.07
N SER A 154 -13.41 0.49 1.08
CA SER A 154 -13.64 -0.36 2.25
C SER A 154 -12.57 -1.45 2.43
N ARG A 155 -11.88 -1.41 3.58
CA ARG A 155 -10.90 -2.42 3.95
C ARG A 155 -11.56 -3.75 4.28
N ASP A 156 -12.72 -3.67 4.90
CA ASP A 156 -13.47 -4.82 5.38
C ASP A 156 -13.64 -5.90 4.32
N ALA A 157 -13.92 -5.49 3.10
CA ALA A 157 -14.12 -6.42 2.01
C ALA A 157 -12.81 -7.08 1.58
N TYR A 158 -11.78 -6.29 1.29
CA TYR A 158 -10.47 -6.83 0.84
C TYR A 158 -9.30 -5.95 1.29
N GLY A 159 -9.58 -4.68 1.53
CA GLY A 159 -8.53 -3.72 1.80
C GLY A 159 -8.70 -2.53 0.89
N VAL A 160 -8.11 -2.59 -0.25
CA VAL A 160 -8.28 -1.61 -1.28
C VAL A 160 -9.29 -2.19 -2.24
N GLN A 161 -10.14 -1.38 -2.82
CA GLN A 161 -11.15 -1.93 -3.69
C GLN A 161 -10.95 -1.51 -5.11
N ARG A 162 -10.20 -2.29 -5.86
CA ARG A 162 -10.04 -2.06 -7.27
C ARG A 162 -9.70 -3.39 -7.91
N ASN A 163 -10.07 -3.61 -9.15
CA ASN A 163 -9.72 -4.83 -9.83
C ASN A 163 -8.38 -4.69 -10.51
N GLY A 164 -7.39 -5.30 -9.93
CA GLY A 164 -6.05 -5.32 -10.46
C GLY A 164 -5.46 -6.65 -10.20
N LEU A 165 -4.56 -7.10 -11.04
CA LEU A 165 -3.89 -8.34 -10.82
C LEU A 165 -2.47 -8.19 -11.27
N ARG A 166 -1.54 -8.36 -10.36
CA ARG A 166 -0.16 -8.39 -10.72
C ARG A 166 0.03 -9.49 -11.73
N VAL A 167 0.77 -9.20 -12.75
CA VAL A 167 1.14 -10.20 -13.76
C VAL A 167 1.77 -11.43 -13.08
N ASP A 168 2.60 -11.18 -12.08
CA ASP A 168 3.17 -12.26 -11.30
C ASP A 168 2.24 -12.64 -10.17
N LYS A 169 1.15 -13.26 -10.52
CA LYS A 169 0.20 -13.71 -9.52
C LYS A 169 -0.60 -14.90 -10.01
N PHE A 170 -0.45 -16.01 -9.32
CA PHE A 170 -1.21 -17.23 -9.53
C PHE A 170 -0.58 -18.28 -8.66
N SER A 1 79.94 38.66 37.25
CA SER A 1 80.85 38.04 38.17
C SER A 1 80.67 36.52 38.20
N ASP A 2 79.72 36.04 38.97
CA ASP A 2 79.48 34.62 39.07
C ASP A 2 78.02 34.32 39.02
N GLN A 3 77.51 34.03 37.86
CA GLN A 3 76.15 33.63 37.74
C GLN A 3 76.10 32.12 37.72
N ILE A 4 75.98 31.55 38.87
CA ILE A 4 75.97 30.14 39.05
C ILE A 4 74.87 29.81 40.01
N PHE A 5 74.09 28.84 39.68
CA PHE A 5 73.01 28.44 40.53
C PHE A 5 72.73 26.96 40.36
N ASN A 6 72.56 26.29 41.46
CA ASN A 6 72.16 24.92 41.42
C ASN A 6 70.69 24.88 41.72
N LYS A 7 69.90 25.11 40.72
CA LYS A 7 68.48 25.16 40.87
C LYS A 7 67.86 24.22 39.86
N VAL A 8 67.44 23.08 40.34
CA VAL A 8 66.87 22.08 39.50
C VAL A 8 66.07 21.09 40.33
N GLY A 9 64.93 20.73 39.84
CA GLY A 9 64.10 19.79 40.51
C GLY A 9 63.23 19.07 39.53
N SER A 10 63.76 18.03 38.96
CA SER A 10 63.03 17.27 37.99
C SER A 10 62.06 16.32 38.69
N TYR A 11 60.87 16.82 38.94
CA TYR A 11 59.82 16.05 39.55
C TYR A 11 58.50 16.62 39.09
N TRP A 12 57.54 15.78 38.94
CA TRP A 12 56.21 16.15 38.50
C TRP A 12 55.25 15.06 38.86
N LEU A 13 53.98 15.34 38.78
CA LEU A 13 52.96 14.39 39.14
C LEU A 13 52.44 13.74 37.86
N GLY A 14 52.65 12.46 37.75
CA GLY A 14 52.19 11.71 36.61
C GLY A 14 51.94 10.29 37.02
N GLN A 15 51.06 10.09 37.97
CA GLN A 15 50.83 8.77 38.53
C GLN A 15 49.39 8.32 38.27
N LYS A 16 48.62 9.15 37.61
CA LYS A 16 47.23 8.85 37.31
C LYS A 16 47.03 8.55 35.84
N ALA A 17 46.52 7.36 35.56
CA ALA A 17 46.20 6.91 34.22
C ALA A 17 45.38 5.64 34.29
N ASN A 18 44.84 5.23 33.15
CA ASN A 18 44.02 4.03 33.00
C ASN A 18 42.75 4.04 33.82
N LYS A 19 41.81 4.85 33.38
CA LYS A 19 40.50 4.96 33.98
C LYS A 19 39.56 5.65 33.01
N GLN A 20 38.51 4.98 32.63
CA GLN A 20 37.56 5.54 31.67
C GLN A 20 36.13 5.28 32.15
N PHE A 21 35.73 4.03 32.11
CA PHE A 21 34.41 3.62 32.56
C PHE A 21 34.55 2.32 33.31
N ASP A 22 33.70 2.10 34.27
CA ASP A 22 33.79 0.88 35.06
C ASP A 22 32.79 -0.13 34.53
N SER A 23 33.10 -1.40 34.77
CA SER A 23 32.22 -2.51 34.45
C SER A 23 31.97 -2.69 32.94
N VAL A 24 32.62 -3.65 32.35
CA VAL A 24 32.44 -3.94 30.96
C VAL A 24 31.38 -5.03 30.84
N GLY A 25 30.19 -4.63 30.48
CA GLY A 25 29.11 -5.56 30.35
C GLY A 25 28.14 -5.11 29.29
N ASN A 26 27.76 -6.00 28.43
CA ASN A 26 26.87 -5.68 27.33
C ASN A 26 25.90 -6.80 27.10
N ASP A 27 24.88 -6.53 26.31
CA ASP A 27 23.90 -7.55 25.95
C ASP A 27 24.44 -8.32 24.79
N LEU A 28 23.84 -9.45 24.49
CA LEU A 28 24.25 -10.23 23.35
C LEU A 28 23.62 -9.65 22.11
N ASN A 29 24.44 -9.16 21.22
CA ASN A 29 23.97 -8.56 19.98
C ASN A 29 23.33 -9.61 19.10
N SER A 30 22.07 -9.45 18.83
CA SER A 30 21.34 -10.38 18.02
C SER A 30 21.16 -9.80 16.63
N VAL A 31 20.91 -10.65 15.67
CA VAL A 31 20.63 -10.20 14.34
C VAL A 31 19.15 -9.85 14.26
N SER A 32 18.31 -10.77 14.74
CA SER A 32 16.82 -10.61 14.80
C SER A 32 16.15 -10.62 13.41
N THR A 33 16.83 -10.07 12.42
CA THR A 33 16.37 -10.03 11.05
C THR A 33 16.37 -11.46 10.45
N SER A 34 17.00 -12.38 11.17
CA SER A 34 17.08 -13.76 10.78
C SER A 34 15.71 -14.41 10.72
N ILE A 35 15.23 -14.61 9.54
CA ILE A 35 13.99 -15.32 9.35
C ILE A 35 14.26 -16.55 8.50
N GLU A 36 15.21 -16.40 7.55
CA GLU A 36 15.65 -17.49 6.64
C GLU A 36 14.50 -18.06 5.80
N GLY A 37 13.41 -17.35 5.78
CA GLY A 37 12.26 -17.80 5.06
C GLY A 37 12.18 -17.18 3.70
N GLY A 38 12.30 -18.00 2.70
CA GLY A 38 12.22 -17.51 1.36
C GLY A 38 10.79 -17.22 0.99
N THR A 39 10.57 -16.12 0.30
CA THR A 39 9.25 -15.74 -0.07
C THR A 39 8.78 -16.52 -1.31
N LYS A 40 8.22 -17.67 -1.06
CA LYS A 40 7.73 -18.56 -2.07
C LYS A 40 6.50 -19.23 -1.50
N TRP A 41 5.36 -18.76 -1.86
CA TRP A 41 4.13 -19.29 -1.33
C TRP A 41 3.62 -20.44 -2.18
N LEU A 42 3.59 -21.60 -1.58
CA LEU A 42 3.15 -22.79 -2.24
C LEU A 42 1.78 -23.19 -1.73
N VAL A 43 1.59 -23.03 -0.43
CA VAL A 43 0.35 -23.38 0.21
C VAL A 43 -0.63 -22.22 0.08
N ASN A 44 -1.59 -22.36 -0.80
CA ASN A 44 -2.59 -21.32 -0.98
C ASN A 44 -3.78 -21.63 -0.13
N LYS A 45 -3.68 -21.24 1.12
CA LYS A 45 -4.73 -21.40 2.08
C LYS A 45 -4.42 -20.41 3.18
N ILE A 46 -5.16 -19.35 3.25
CA ILE A 46 -4.86 -18.30 4.19
C ILE A 46 -5.34 -18.58 5.60
N LYS A 47 -4.59 -18.06 6.57
CA LYS A 47 -4.85 -18.18 7.99
C LYS A 47 -4.84 -19.64 8.45
N GLY A 48 -3.67 -20.10 8.80
CA GLY A 48 -3.50 -21.45 9.25
C GLY A 48 -2.06 -21.85 9.18
N LYS A 49 -1.80 -23.14 9.20
CA LYS A 49 -0.43 -23.62 9.13
C LYS A 49 -0.03 -23.73 7.67
N MET A 50 0.59 -22.72 7.17
CA MET A 50 0.94 -22.64 5.78
C MET A 50 2.38 -23.06 5.55
N GLN A 51 3.28 -22.14 5.83
CA GLN A 51 4.70 -22.27 5.59
C GLN A 51 5.41 -21.42 6.61
N LYS A 52 6.63 -21.00 6.32
CA LYS A 52 7.37 -20.10 7.21
C LYS A 52 6.52 -18.82 7.38
N PRO A 53 6.42 -18.27 8.61
CA PRO A 53 5.54 -17.10 8.95
C PRO A 53 5.80 -15.77 8.23
N LEU A 54 6.26 -15.78 6.99
CA LEU A 54 6.48 -14.50 6.29
C LEU A 54 5.19 -13.76 6.11
N PRO A 55 4.13 -14.39 5.48
CA PRO A 55 2.94 -13.68 5.13
C PRO A 55 2.26 -13.11 6.37
N GLU A 56 2.52 -13.75 7.48
CA GLU A 56 1.99 -13.36 8.76
C GLU A 56 2.75 -12.14 9.27
N LEU A 57 4.05 -12.23 9.19
CA LEU A 57 4.98 -11.20 9.64
C LEU A 57 4.83 -9.94 8.82
N LEU A 58 4.83 -10.10 7.52
CA LEU A 58 4.74 -8.96 6.66
C LEU A 58 3.39 -8.24 6.76
N LYS A 59 2.30 -8.99 6.99
CA LYS A 59 1.01 -8.32 7.19
C LYS A 59 0.89 -7.71 8.58
N GLU A 60 1.54 -8.31 9.59
CA GLU A 60 1.42 -7.82 10.96
C GLU A 60 2.25 -6.57 11.17
N TYR A 61 3.46 -6.53 10.61
CA TYR A 61 4.24 -5.30 10.68
C TYR A 61 3.64 -4.17 9.85
N ASP A 62 2.81 -4.52 8.91
CA ASP A 62 2.14 -3.55 8.06
C ASP A 62 0.74 -3.23 8.63
N LEU A 63 0.04 -2.29 8.00
CA LEU A 63 -1.26 -1.82 8.43
C LEU A 63 -2.31 -2.97 8.16
N PRO A 64 -3.61 -2.81 8.47
CA PRO A 64 -4.58 -3.89 8.31
C PRO A 64 -5.17 -3.91 6.92
N ILE A 65 -4.57 -3.16 6.02
CA ILE A 65 -5.04 -3.15 4.66
C ILE A 65 -4.74 -4.48 4.03
N GLY A 66 -3.55 -5.01 4.32
CA GLY A 66 -3.10 -6.30 3.69
C GLY A 66 -3.07 -6.22 2.16
N ILE A 67 -3.25 -5.00 1.71
CA ILE A 67 -3.41 -4.59 0.35
C ILE A 67 -4.54 -5.29 -0.34
N PHE A 68 -4.41 -6.57 -0.61
CA PHE A 68 -5.41 -7.30 -1.38
C PHE A 68 -4.99 -8.76 -1.68
N PRO A 69 -3.87 -8.99 -2.42
CA PRO A 69 -3.56 -10.30 -2.94
C PRO A 69 -2.86 -11.22 -1.96
N GLY A 70 -2.22 -10.66 -0.95
CA GLY A 70 -1.43 -11.46 -0.02
C GLY A 70 -0.03 -11.72 -0.58
N ASP A 71 0.14 -11.40 -1.85
CA ASP A 71 1.39 -11.54 -2.54
C ASP A 71 2.18 -10.30 -2.21
N ALA A 72 1.45 -9.18 -2.24
CA ALA A 72 1.93 -7.85 -1.87
C ALA A 72 2.01 -7.74 -0.33
N THR A 73 2.41 -6.55 0.19
CA THR A 73 2.43 -6.27 1.65
C THR A 73 3.73 -6.79 2.27
N ASN A 74 4.71 -6.84 1.45
CA ASN A 74 5.95 -7.32 1.91
C ASN A 74 6.69 -6.24 2.63
N TYR A 75 7.27 -6.58 3.72
CA TYR A 75 7.82 -5.59 4.60
C TYR A 75 9.35 -5.68 4.67
N GLU A 76 10.01 -4.95 3.79
CA GLU A 76 11.47 -4.88 3.71
C GLU A 76 11.86 -3.43 3.86
N PHE A 77 13.01 -3.12 4.39
CA PHE A 77 13.44 -1.72 4.48
C PHE A 77 14.93 -1.58 4.33
N ASP A 78 15.37 -0.50 3.68
CA ASP A 78 16.80 -0.30 3.45
C ASP A 78 17.36 0.50 4.56
N GLU A 79 18.65 0.51 4.61
CA GLU A 79 19.39 1.29 5.56
C GLU A 79 19.57 2.72 5.12
N GLU A 80 19.89 2.90 3.85
CA GLU A 80 20.10 4.23 3.28
C GLU A 80 18.78 5.00 3.30
N THR A 81 17.76 4.25 3.14
CA THR A 81 16.43 4.69 3.08
C THR A 81 15.85 4.81 4.47
N LYS A 82 15.95 3.73 5.26
CA LYS A 82 15.32 3.60 6.60
C LYS A 82 13.81 3.63 6.45
N LYS A 83 13.38 3.58 5.22
CA LYS A 83 12.01 3.65 4.91
C LYS A 83 11.58 2.38 4.26
N LEU A 84 10.39 2.00 4.51
CA LEU A 84 9.90 0.71 4.20
C LEU A 84 9.66 0.54 2.70
N THR A 85 10.18 -0.52 2.18
CA THR A 85 10.02 -0.87 0.83
C THR A 85 9.15 -2.11 0.73
N VAL A 86 8.00 -1.95 0.21
CA VAL A 86 7.10 -3.05 0.01
C VAL A 86 7.36 -3.58 -1.34
N LEU A 87 7.71 -4.83 -1.41
CA LEU A 87 7.97 -5.39 -2.65
C LEU A 87 6.87 -6.25 -3.16
N ILE A 88 6.15 -5.67 -4.05
CA ILE A 88 5.00 -6.24 -4.64
C ILE A 88 5.43 -7.11 -5.82
N PRO A 89 4.98 -8.36 -5.89
CA PRO A 89 5.30 -9.25 -7.00
C PRO A 89 4.76 -8.70 -8.29
N SER A 90 5.67 -8.26 -9.15
CA SER A 90 5.33 -7.65 -10.42
C SER A 90 4.66 -6.26 -10.20
N ILE A 91 4.33 -5.61 -11.26
CA ILE A 91 3.66 -4.34 -11.23
C ILE A 91 2.24 -4.48 -11.76
N CYS A 92 1.29 -3.94 -11.05
CA CYS A 92 -0.07 -3.93 -11.52
C CYS A 92 -0.47 -2.51 -11.83
N GLU A 93 -0.91 -2.27 -13.02
CA GLU A 93 -1.34 -0.96 -13.41
C GLU A 93 -2.75 -1.05 -13.91
N VAL A 94 -3.58 -0.21 -13.40
CA VAL A 94 -4.96 -0.19 -13.81
C VAL A 94 -5.33 1.17 -14.34
N GLY A 95 -5.64 1.20 -15.61
CA GLY A 95 -6.06 2.39 -16.27
C GLY A 95 -7.10 2.02 -17.28
N TYR A 96 -7.99 2.93 -17.61
CA TYR A 96 -9.11 2.61 -18.49
C TYR A 96 -9.95 3.83 -18.55
N LYS A 97 -10.39 4.15 -17.39
CA LYS A 97 -11.34 5.17 -17.11
C LYS A 97 -10.67 6.54 -16.93
N ASP A 98 -9.34 6.56 -16.92
CA ASP A 98 -8.52 7.78 -16.76
C ASP A 98 -8.57 8.36 -15.34
N SER A 99 -9.76 8.42 -14.76
CA SER A 99 -9.95 8.88 -13.40
C SER A 99 -9.24 7.91 -12.47
N SER A 100 -9.19 6.67 -12.89
CA SER A 100 -8.54 5.66 -12.18
C SER A 100 -7.38 5.08 -13.00
N VAL A 101 -6.22 5.67 -12.80
CA VAL A 101 -4.97 5.17 -13.35
C VAL A 101 -3.96 4.98 -12.22
N LEU A 102 -3.80 3.76 -11.80
CA LEU A 102 -2.98 3.46 -10.63
C LEU A 102 -1.89 2.47 -10.99
N LYS A 103 -0.66 2.82 -10.70
CA LYS A 103 0.46 1.95 -10.92
C LYS A 103 1.06 1.51 -9.60
N PHE A 104 0.96 0.24 -9.29
CA PHE A 104 1.58 -0.28 -8.10
C PHE A 104 2.82 -1.05 -8.52
N THR A 105 3.95 -0.40 -8.38
CA THR A 105 5.23 -0.95 -8.76
C THR A 105 5.71 -2.00 -7.73
N THR A 106 6.64 -2.85 -8.18
CA THR A 106 7.24 -3.88 -7.39
C THR A 106 7.93 -3.31 -6.14
N THR A 107 8.98 -2.56 -6.30
CA THR A 107 9.64 -2.00 -5.15
C THR A 107 9.19 -0.58 -4.87
N VAL A 108 8.16 -0.46 -4.08
CA VAL A 108 7.66 0.82 -3.66
C VAL A 108 8.27 1.19 -2.31
N THR A 109 8.76 2.39 -2.21
CA THR A 109 9.47 2.83 -1.06
C THR A 109 8.67 3.94 -0.39
N GLY A 110 8.29 3.73 0.84
CA GLY A 110 7.49 4.69 1.54
C GLY A 110 7.74 4.65 3.03
N HIS A 111 7.36 5.69 3.72
CA HIS A 111 7.54 5.71 5.14
C HIS A 111 6.37 5.03 5.79
N LEU A 112 6.51 3.75 5.99
CA LEU A 112 5.49 2.98 6.62
C LEU A 112 5.75 3.02 8.07
N GLU A 113 4.95 3.73 8.73
CA GLU A 113 5.01 3.78 10.13
C GLU A 113 3.82 3.03 10.58
N LYS A 114 3.86 2.45 11.72
CA LYS A 114 2.75 1.67 12.10
C LYS A 114 1.60 2.59 12.50
N GLY A 115 0.69 2.73 11.58
CA GLY A 115 -0.42 3.62 11.71
C GLY A 115 -0.70 4.30 10.39
N LYS A 116 0.31 4.39 9.50
CA LYS A 116 0.14 5.05 8.17
C LYS A 116 1.38 4.90 7.29
N LEU A 117 1.18 4.89 6.00
CA LEU A 117 2.25 4.78 5.03
C LEU A 117 2.29 6.04 4.17
N THR A 118 3.24 6.88 4.42
CA THR A 118 3.36 8.16 3.73
C THR A 118 4.54 8.23 2.75
N ASP A 119 4.33 8.96 1.62
CA ASP A 119 5.34 9.21 0.55
C ASP A 119 5.80 7.91 -0.07
N VAL A 120 5.18 7.53 -1.16
CA VAL A 120 5.43 6.25 -1.75
C VAL A 120 6.03 6.36 -3.12
N GLU A 121 7.32 6.37 -3.14
CA GLU A 121 8.09 6.38 -4.34
C GLU A 121 7.90 5.06 -5.07
N GLY A 122 7.12 5.12 -6.11
CA GLY A 122 6.89 3.96 -6.92
C GLY A 122 5.45 3.85 -7.33
N ILE A 123 4.58 4.52 -6.62
CA ILE A 123 3.18 4.47 -6.92
C ILE A 123 2.76 5.74 -7.65
N LYS A 124 2.48 5.61 -8.92
CA LYS A 124 1.99 6.71 -9.72
C LYS A 124 0.50 6.50 -9.86
N THR A 125 -0.27 7.52 -9.60
CA THR A 125 -1.70 7.38 -9.63
C THR A 125 -2.36 8.72 -9.85
N LYS A 126 -3.58 8.68 -10.22
CA LYS A 126 -4.37 9.84 -10.37
C LYS A 126 -5.63 9.70 -9.58
N VAL A 127 -6.06 10.77 -8.99
CA VAL A 127 -7.37 10.81 -8.45
C VAL A 127 -8.19 11.76 -9.30
N MET A 128 -8.00 13.03 -9.08
CA MET A 128 -8.65 14.03 -9.87
C MET A 128 -7.59 14.62 -10.79
N ILE A 129 -6.37 14.65 -10.28
CA ILE A 129 -5.19 15.07 -11.01
C ILE A 129 -4.11 13.99 -10.81
N TRP A 130 -3.17 13.87 -11.75
CA TRP A 130 -2.09 12.88 -11.65
C TRP A 130 -1.10 13.28 -10.55
N VAL A 131 -0.73 12.31 -9.73
CA VAL A 131 0.24 12.47 -8.66
C VAL A 131 1.23 11.31 -8.63
N LYS A 132 2.34 11.52 -7.95
CA LYS A 132 3.40 10.52 -7.93
C LYS A 132 4.01 10.36 -6.53
N VAL A 133 3.40 10.94 -5.54
CA VAL A 133 3.90 10.79 -4.18
C VAL A 133 2.87 10.11 -3.31
N THR A 134 1.77 10.81 -3.04
CA THR A 134 0.63 10.32 -2.25
C THR A 134 0.97 9.79 -0.84
N SER A 135 -0.04 9.33 -0.15
CA SER A 135 0.09 8.77 1.15
C SER A 135 -1.18 8.01 1.49
N ILE A 136 -1.05 6.95 2.23
CA ILE A 136 -2.20 6.23 2.68
C ILE A 136 -2.27 6.36 4.19
N SER A 137 -3.22 7.12 4.64
CA SER A 137 -3.35 7.37 6.00
C SER A 137 -4.44 6.53 6.60
N THR A 138 -4.26 6.21 7.82
CA THR A 138 -5.12 5.37 8.54
C THR A 138 -4.78 5.53 9.99
N ASP A 139 -5.50 4.91 10.84
CA ASP A 139 -5.13 4.89 12.24
C ASP A 139 -4.82 3.44 12.57
N ALA A 140 -4.36 2.74 11.52
CA ALA A 140 -4.15 1.30 11.54
C ALA A 140 -5.51 0.65 11.67
N SER A 141 -6.39 1.03 10.75
CA SER A 141 -7.78 0.61 10.77
C SER A 141 -8.49 0.94 9.45
N LYS A 142 -8.93 2.19 9.30
CA LYS A 142 -9.69 2.62 8.13
C LYS A 142 -8.77 3.26 7.11
N VAL A 143 -9.11 3.16 5.84
CA VAL A 143 -8.21 3.61 4.81
C VAL A 143 -8.65 4.92 4.18
N TYR A 144 -7.85 5.93 4.39
CA TYR A 144 -8.07 7.19 3.77
C TYR A 144 -6.89 7.49 2.89
N PHE A 145 -7.13 7.52 1.63
CA PHE A 145 -6.09 7.74 0.69
C PHE A 145 -5.87 9.22 0.57
N THR A 146 -4.80 9.66 1.13
CA THR A 146 -4.54 11.03 1.21
C THR A 146 -3.86 11.65 0.02
N ALA A 147 -4.66 11.85 -0.98
CA ALA A 147 -4.34 12.63 -2.11
C ALA A 147 -5.46 13.63 -2.21
N GLY A 148 -5.39 14.62 -1.34
CA GLY A 148 -6.43 15.61 -1.21
C GLY A 148 -7.61 15.07 -0.43
N MET A 149 -7.43 13.86 0.14
CA MET A 149 -8.47 13.10 0.88
C MET A 149 -9.63 12.75 -0.08
N LYS A 150 -9.35 12.87 -1.37
CA LYS A 150 -10.32 12.69 -2.42
C LYS A 150 -10.84 11.24 -2.53
N LYS A 151 -10.04 10.28 -2.12
CA LYS A 151 -10.47 8.88 -2.17
C LYS A 151 -10.61 8.32 -0.77
N SER A 152 -11.67 7.59 -0.54
CA SER A 152 -11.91 6.97 0.72
C SER A 152 -12.29 5.51 0.49
N ARG A 153 -11.60 4.62 1.14
CA ARG A 153 -11.81 3.21 0.96
C ARG A 153 -11.88 2.51 2.29
N SER A 154 -13.05 2.10 2.65
CA SER A 154 -13.23 1.35 3.85
C SER A 154 -12.42 0.05 3.74
N ARG A 155 -11.60 -0.22 4.75
CA ARG A 155 -10.75 -1.41 4.81
C ARG A 155 -11.62 -2.66 4.74
N ASP A 156 -12.82 -2.50 5.24
CA ASP A 156 -13.86 -3.52 5.25
C ASP A 156 -13.95 -4.34 3.95
N ALA A 157 -13.83 -3.67 2.81
CA ALA A 157 -13.98 -4.32 1.50
C ALA A 157 -13.00 -5.49 1.30
N TYR A 158 -11.70 -5.25 1.50
CA TYR A 158 -10.67 -6.29 1.33
C TYR A 158 -9.33 -5.69 1.67
N GLY A 159 -9.36 -4.61 2.41
CA GLY A 159 -8.18 -3.87 2.60
C GLY A 159 -8.14 -2.76 1.62
N VAL A 160 -7.43 -2.96 0.55
CA VAL A 160 -7.39 -1.97 -0.49
C VAL A 160 -7.87 -2.68 -1.75
N GLN A 161 -8.99 -2.30 -2.26
CA GLN A 161 -9.54 -3.09 -3.33
C GLN A 161 -9.96 -2.21 -4.47
N ARG A 162 -9.11 -2.11 -5.47
CA ARG A 162 -9.50 -1.46 -6.68
C ARG A 162 -8.70 -2.02 -7.84
N ASN A 163 -9.34 -2.91 -8.59
CA ASN A 163 -8.87 -3.50 -9.91
C ASN A 163 -7.44 -4.12 -10.00
N GLY A 164 -6.49 -3.58 -9.28
CA GLY A 164 -5.08 -3.97 -9.38
C GLY A 164 -4.79 -5.41 -9.04
N LEU A 165 -4.41 -6.17 -10.05
CA LEU A 165 -4.02 -7.53 -9.92
C LEU A 165 -2.64 -7.69 -10.49
N ARG A 166 -1.71 -8.08 -9.66
CA ARG A 166 -0.36 -8.21 -10.09
C ARG A 166 -0.18 -9.45 -10.86
N VAL A 167 0.18 -9.30 -12.09
CA VAL A 167 0.41 -10.40 -12.97
C VAL A 167 1.75 -11.08 -12.73
N ASP A 168 1.90 -11.61 -11.55
CA ASP A 168 3.02 -12.43 -11.14
C ASP A 168 2.48 -13.84 -10.94
N LYS A 169 1.18 -13.87 -10.73
CA LYS A 169 0.46 -15.06 -10.43
C LYS A 169 -0.05 -15.72 -11.72
N PHE A 170 0.62 -16.75 -12.14
CA PHE A 170 0.24 -17.51 -13.31
C PHE A 170 0.21 -18.98 -12.95
N SER A 1 19.91 -58.31 -31.35
CA SER A 1 20.02 -56.87 -31.30
C SER A 1 19.68 -56.37 -29.90
N ASP A 2 20.71 -56.16 -29.11
CA ASP A 2 20.54 -55.76 -27.73
C ASP A 2 20.71 -54.27 -27.57
N GLN A 3 19.98 -53.74 -26.63
CA GLN A 3 20.05 -52.35 -26.24
C GLN A 3 19.69 -52.29 -24.79
N ILE A 4 20.18 -51.33 -24.07
CA ILE A 4 19.87 -51.24 -22.67
C ILE A 4 18.65 -50.35 -22.44
N PHE A 5 17.54 -50.99 -22.20
CA PHE A 5 16.32 -50.31 -21.82
C PHE A 5 15.97 -50.69 -20.42
N ASN A 6 16.42 -49.92 -19.49
CA ASN A 6 16.19 -50.19 -18.10
C ASN A 6 16.00 -48.91 -17.34
N LYS A 7 14.86 -48.80 -16.75
CA LYS A 7 14.55 -47.70 -15.91
C LYS A 7 14.33 -48.22 -14.52
N VAL A 8 14.96 -47.62 -13.54
CA VAL A 8 14.76 -48.05 -12.19
C VAL A 8 13.38 -47.60 -11.70
N GLY A 9 12.52 -48.55 -11.51
CA GLY A 9 11.18 -48.25 -11.13
C GLY A 9 10.97 -48.26 -9.66
N SER A 10 11.79 -47.53 -8.96
CA SER A 10 11.61 -47.38 -7.56
C SER A 10 10.66 -46.21 -7.32
N TYR A 11 9.41 -46.53 -7.11
CA TYR A 11 8.38 -45.50 -6.99
C TYR A 11 8.01 -45.26 -5.55
N TRP A 12 8.33 -44.09 -5.07
CA TRP A 12 7.96 -43.70 -3.75
C TRP A 12 7.06 -42.48 -3.79
N LEU A 13 5.79 -42.71 -3.65
CA LEU A 13 4.85 -41.64 -3.59
C LEU A 13 4.26 -41.61 -2.20
N GLY A 14 4.82 -40.77 -1.40
CA GLY A 14 4.42 -40.62 -0.04
C GLY A 14 5.28 -39.60 0.62
N GLN A 15 4.74 -38.91 1.58
CA GLN A 15 5.47 -37.88 2.26
C GLN A 15 4.93 -37.73 3.66
N LYS A 16 5.80 -37.79 4.63
CA LYS A 16 5.38 -37.67 6.01
C LYS A 16 5.37 -36.23 6.42
N ALA A 17 4.21 -35.64 6.35
CA ALA A 17 4.03 -34.27 6.68
C ALA A 17 2.99 -34.14 7.77
N ASN A 18 3.33 -33.40 8.80
CA ASN A 18 2.39 -33.18 9.90
C ASN A 18 1.54 -31.98 9.58
N LYS A 19 0.31 -31.99 10.02
CA LYS A 19 -0.56 -30.89 9.78
C LYS A 19 -0.39 -29.86 10.87
N GLN A 20 0.37 -28.85 10.59
CA GLN A 20 0.54 -27.79 11.52
C GLN A 20 -0.58 -26.79 11.38
N PHE A 21 -1.69 -27.11 11.98
CA PHE A 21 -2.83 -26.27 11.93
C PHE A 21 -3.41 -26.19 13.32
N ASP A 22 -2.95 -25.25 14.05
CA ASP A 22 -3.37 -25.05 15.39
C ASP A 22 -3.58 -23.59 15.60
N SER A 23 -4.17 -23.23 16.69
CA SER A 23 -4.47 -21.87 16.95
C SER A 23 -3.59 -21.33 18.05
N VAL A 24 -3.28 -20.06 17.97
CA VAL A 24 -2.47 -19.43 18.98
C VAL A 24 -3.38 -19.03 20.13
N GLY A 25 -3.49 -19.91 21.08
CA GLY A 25 -4.34 -19.68 22.21
C GLY A 25 -3.54 -19.24 23.39
N ASN A 26 -2.79 -18.17 23.20
CA ASN A 26 -1.93 -17.62 24.23
C ASN A 26 -2.77 -17.23 25.45
N ASP A 27 -2.46 -17.83 26.58
CA ASP A 27 -3.23 -17.59 27.79
C ASP A 27 -2.86 -16.29 28.45
N LEU A 28 -3.62 -15.28 28.11
CA LEU A 28 -3.49 -13.93 28.60
C LEU A 28 -4.55 -13.14 27.84
N ASN A 29 -5.56 -12.65 28.52
CA ASN A 29 -6.65 -11.95 27.86
C ASN A 29 -6.17 -10.65 27.26
N SER A 30 -6.12 -10.62 25.98
CA SER A 30 -5.68 -9.49 25.23
C SER A 30 -6.35 -9.57 23.88
N VAL A 31 -5.93 -8.79 22.94
CA VAL A 31 -6.51 -8.85 21.63
C VAL A 31 -5.81 -9.92 20.81
N SER A 32 -6.27 -11.13 20.97
CA SER A 32 -5.75 -12.27 20.28
C SER A 32 -6.84 -13.30 20.11
N THR A 33 -7.43 -13.32 18.96
CA THR A 33 -8.47 -14.24 18.67
C THR A 33 -7.91 -15.60 18.28
N SER A 34 -8.17 -16.58 19.08
CA SER A 34 -7.67 -17.91 18.82
C SER A 34 -8.65 -18.69 17.95
N ILE A 35 -9.87 -18.24 17.90
CA ILE A 35 -10.89 -18.85 17.12
C ILE A 35 -11.58 -17.76 16.31
N GLU A 36 -12.07 -18.09 15.14
CA GLU A 36 -12.79 -17.12 14.36
C GLU A 36 -14.18 -16.98 14.95
N GLY A 37 -14.59 -15.74 15.14
CA GLY A 37 -15.88 -15.47 15.73
C GLY A 37 -16.97 -15.33 14.70
N GLY A 38 -16.69 -15.78 13.51
CA GLY A 38 -17.63 -15.72 12.46
C GLY A 38 -16.96 -15.65 11.13
N THR A 39 -17.66 -15.16 10.16
CA THR A 39 -17.14 -15.03 8.83
C THR A 39 -17.00 -13.55 8.43
N LYS A 40 -18.15 -12.92 8.21
CA LYS A 40 -18.21 -11.51 7.83
C LYS A 40 -18.52 -10.65 9.05
N TRP A 41 -18.47 -11.27 10.19
CA TRP A 41 -18.75 -10.62 11.44
C TRP A 41 -17.65 -10.84 12.44
N LEU A 42 -17.45 -9.83 13.29
CA LEU A 42 -16.37 -9.76 14.28
C LEU A 42 -15.02 -9.58 13.61
N VAL A 43 -14.42 -8.44 13.84
CA VAL A 43 -13.12 -8.18 13.29
C VAL A 43 -12.02 -8.85 14.10
N ASN A 44 -11.74 -10.07 13.73
CA ASN A 44 -10.77 -10.89 14.40
C ASN A 44 -9.41 -10.60 13.86
N LYS A 45 -8.41 -10.75 14.69
CA LYS A 45 -7.04 -10.53 14.28
C LYS A 45 -6.46 -11.89 14.01
N ILE A 46 -6.38 -12.22 12.75
CA ILE A 46 -6.08 -13.56 12.33
C ILE A 46 -4.70 -13.70 11.68
N LYS A 47 -4.06 -14.80 12.01
CA LYS A 47 -2.88 -15.27 11.34
C LYS A 47 -2.93 -16.80 11.31
N GLY A 48 -3.64 -17.31 10.34
CA GLY A 48 -3.86 -18.74 10.20
C GLY A 48 -4.26 -19.06 8.80
N LYS A 49 -4.21 -20.35 8.44
CA LYS A 49 -4.44 -20.82 7.06
C LYS A 49 -3.36 -20.24 6.17
N MET A 50 -2.24 -20.89 6.20
CA MET A 50 -1.06 -20.37 5.56
C MET A 50 -0.55 -21.33 4.52
N GLN A 51 -0.24 -20.82 3.35
CA GLN A 51 0.49 -21.59 2.36
C GLN A 51 1.94 -21.42 2.77
N LYS A 52 2.23 -20.21 3.18
CA LYS A 52 3.49 -19.82 3.74
C LYS A 52 3.17 -18.98 4.98
N PRO A 53 3.94 -19.09 6.06
CA PRO A 53 3.67 -18.34 7.29
C PRO A 53 4.10 -16.88 7.19
N LEU A 54 5.00 -16.62 6.25
CA LEU A 54 5.65 -15.31 6.09
C LEU A 54 4.67 -14.15 5.97
N PRO A 55 3.65 -14.22 5.05
CA PRO A 55 2.85 -13.05 4.73
C PRO A 55 2.05 -12.52 5.93
N GLU A 56 1.95 -13.35 6.96
CA GLU A 56 1.14 -13.04 8.08
C GLU A 56 1.88 -12.08 8.95
N LEU A 57 3.18 -12.28 9.01
CA LEU A 57 4.06 -11.41 9.74
C LEU A 57 4.30 -10.13 8.96
N LEU A 58 4.31 -10.21 7.63
CA LEU A 58 4.58 -9.03 6.80
C LEU A 58 3.46 -8.05 6.85
N LYS A 59 2.23 -8.55 6.73
CA LYS A 59 1.08 -7.68 6.83
C LYS A 59 0.98 -7.12 8.26
N GLU A 60 1.53 -7.88 9.17
CA GLU A 60 1.63 -7.54 10.55
C GLU A 60 2.67 -6.43 10.80
N TYR A 61 3.68 -6.33 9.96
CA TYR A 61 4.66 -5.25 10.10
C TYR A 61 4.12 -4.02 9.41
N ASP A 62 3.44 -4.26 8.31
CA ASP A 62 2.80 -3.22 7.50
C ASP A 62 1.46 -2.84 8.21
N LEU A 63 0.64 -2.05 7.58
CA LEU A 63 -0.62 -1.66 8.16
C LEU A 63 -1.63 -2.84 7.88
N PRO A 64 -2.91 -2.78 8.28
CA PRO A 64 -3.81 -3.92 8.15
C PRO A 64 -4.51 -3.90 6.80
N ILE A 65 -3.96 -3.11 5.91
CA ILE A 65 -4.48 -2.94 4.61
C ILE A 65 -4.22 -4.18 3.80
N GLY A 66 -3.03 -4.77 4.02
CA GLY A 66 -2.59 -5.98 3.28
C GLY A 66 -2.52 -5.75 1.76
N ILE A 67 -2.77 -4.51 1.38
CA ILE A 67 -2.86 -4.00 0.04
C ILE A 67 -4.01 -4.59 -0.72
N PHE A 68 -3.93 -5.87 -1.03
CA PHE A 68 -4.97 -6.61 -1.76
C PHE A 68 -4.43 -8.00 -2.18
N PRO A 69 -3.26 -8.09 -2.86
CA PRO A 69 -2.69 -9.37 -3.23
C PRO A 69 -1.94 -9.97 -2.05
N GLY A 70 -2.02 -11.27 -1.91
CA GLY A 70 -1.38 -11.94 -0.79
C GLY A 70 0.13 -11.98 -0.91
N ASP A 71 0.65 -11.73 -2.10
CA ASP A 71 2.08 -11.74 -2.31
C ASP A 71 2.63 -10.35 -2.10
N ALA A 72 1.72 -9.37 -1.99
CA ALA A 72 2.08 -7.99 -1.65
C ALA A 72 2.22 -7.85 -0.13
N THR A 73 2.36 -6.58 0.34
CA THR A 73 2.28 -6.14 1.78
C THR A 73 3.53 -6.62 2.51
N ASN A 74 4.58 -6.75 1.74
CA ASN A 74 5.83 -7.19 2.24
C ASN A 74 6.61 -5.99 2.72
N TYR A 75 7.87 -6.18 3.03
CA TYR A 75 8.64 -5.05 3.57
C TYR A 75 10.16 -5.20 3.41
N GLU A 76 10.82 -4.26 2.67
CA GLU A 76 12.30 -4.27 2.55
C GLU A 76 12.96 -2.84 2.46
N PHE A 77 13.35 -2.28 3.60
CA PHE A 77 14.26 -1.10 3.79
C PHE A 77 14.64 -0.95 5.24
N ASP A 78 15.79 -0.32 5.52
CA ASP A 78 16.24 -0.15 6.92
C ASP A 78 15.15 0.44 7.74
N GLU A 79 15.10 -0.01 8.90
CA GLU A 79 14.17 0.42 9.86
C GLU A 79 14.60 1.70 10.50
N GLU A 80 15.89 1.88 10.62
CA GLU A 80 16.44 3.10 11.18
C GLU A 80 16.12 4.26 10.23
N THR A 81 16.03 3.90 8.99
CA THR A 81 15.69 4.76 7.92
C THR A 81 14.16 4.99 7.90
N LYS A 82 13.44 3.90 8.17
CA LYS A 82 11.97 3.87 8.16
C LYS A 82 11.40 3.94 6.77
N LYS A 83 12.25 3.70 5.81
CA LYS A 83 11.80 3.58 4.46
C LYS A 83 11.60 2.09 4.27
N LEU A 84 11.06 1.66 3.16
CA LEU A 84 10.62 0.30 3.04
C LEU A 84 9.98 0.11 1.73
N THR A 85 10.48 -0.77 0.96
CA THR A 85 9.85 -1.07 -0.24
C THR A 85 8.89 -2.22 0.00
N VAL A 86 7.70 -2.05 -0.42
CA VAL A 86 6.72 -3.03 -0.26
C VAL A 86 6.50 -3.68 -1.57
N LEU A 87 6.80 -4.94 -1.58
CA LEU A 87 6.74 -5.72 -2.75
C LEU A 87 5.33 -6.04 -3.10
N ILE A 88 4.96 -5.67 -4.27
CA ILE A 88 3.72 -6.05 -4.86
C ILE A 88 4.07 -7.07 -5.92
N PRO A 89 3.30 -8.16 -6.02
CA PRO A 89 3.52 -9.19 -7.03
C PRO A 89 3.46 -8.63 -8.47
N SER A 90 4.61 -8.10 -8.90
CA SER A 90 4.82 -7.51 -10.21
C SER A 90 4.07 -6.16 -10.37
N ILE A 91 4.46 -5.39 -11.38
CA ILE A 91 3.81 -4.12 -11.68
C ILE A 91 2.36 -4.37 -12.05
N CYS A 92 1.51 -3.58 -11.52
CA CYS A 92 0.12 -3.70 -11.78
C CYS A 92 -0.49 -2.37 -12.10
N GLU A 93 -1.36 -2.36 -13.06
CA GLU A 93 -2.04 -1.19 -13.47
C GLU A 93 -3.45 -1.46 -13.28
N VAL A 94 -4.16 -0.49 -12.86
CA VAL A 94 -5.50 -0.67 -12.55
C VAL A 94 -6.33 0.20 -13.45
N GLY A 95 -6.95 -0.41 -14.42
CA GLY A 95 -7.81 0.29 -15.29
C GLY A 95 -9.14 -0.38 -15.32
N TYR A 96 -10.12 0.28 -14.81
CA TYR A 96 -11.47 -0.26 -14.73
C TYR A 96 -12.45 0.87 -14.59
N LYS A 97 -12.14 1.78 -13.68
CA LYS A 97 -12.95 2.98 -13.49
C LYS A 97 -12.73 3.93 -14.59
N ASP A 98 -11.57 3.75 -15.24
CA ASP A 98 -11.23 4.41 -16.49
C ASP A 98 -10.85 5.87 -16.29
N SER A 99 -11.66 6.59 -15.55
CA SER A 99 -11.39 7.97 -15.21
C SER A 99 -10.48 7.96 -13.97
N SER A 100 -10.26 6.78 -13.47
CA SER A 100 -9.36 6.54 -12.42
C SER A 100 -8.55 5.31 -12.80
N VAL A 101 -7.43 5.54 -13.41
CA VAL A 101 -6.52 4.49 -13.82
C VAL A 101 -5.20 4.76 -13.10
N LEU A 102 -4.57 3.72 -12.65
CA LEU A 102 -3.42 3.89 -11.81
C LEU A 102 -2.43 2.74 -11.93
N LYS A 103 -1.23 2.92 -11.40
CA LYS A 103 -0.17 1.91 -11.54
C LYS A 103 0.67 1.80 -10.28
N PHE A 104 0.82 0.61 -9.81
CA PHE A 104 1.59 0.30 -8.64
C PHE A 104 2.86 -0.43 -9.08
N THR A 105 4.01 0.12 -8.74
CA THR A 105 5.27 -0.51 -9.08
C THR A 105 5.46 -1.76 -8.22
N THR A 106 6.20 -2.74 -8.74
CA THR A 106 6.55 -3.96 -8.04
C THR A 106 7.18 -3.62 -6.68
N THR A 107 7.98 -2.57 -6.68
CA THR A 107 8.63 -2.12 -5.49
C THR A 107 8.24 -0.66 -5.20
N VAL A 108 7.32 -0.46 -4.30
CA VAL A 108 6.97 0.89 -3.88
C VAL A 108 7.68 1.13 -2.57
N THR A 109 8.24 2.28 -2.37
CA THR A 109 8.98 2.51 -1.21
C THR A 109 8.45 3.74 -0.52
N GLY A 110 8.33 3.66 0.76
CA GLY A 110 7.84 4.76 1.49
C GLY A 110 8.27 4.70 2.91
N HIS A 111 7.91 5.72 3.64
CA HIS A 111 8.23 5.80 5.03
C HIS A 111 7.13 5.09 5.81
N LEU A 112 7.34 3.83 6.09
CA LEU A 112 6.31 3.03 6.70
C LEU A 112 6.53 2.94 8.18
N GLU A 113 5.56 3.39 8.89
CA GLU A 113 5.54 3.29 10.30
C GLU A 113 4.33 2.59 10.71
N LYS A 114 4.18 2.49 11.94
CA LYS A 114 3.08 1.85 12.48
C LYS A 114 1.88 2.72 12.57
N GLY A 115 1.02 2.51 11.64
CA GLY A 115 -0.20 3.20 11.56
C GLY A 115 -0.35 3.84 10.22
N LYS A 116 0.70 4.48 9.78
CA LYS A 116 0.72 5.20 8.51
C LYS A 116 1.98 4.92 7.71
N LEU A 117 1.83 4.94 6.42
CA LEU A 117 2.90 4.74 5.50
C LEU A 117 2.97 6.00 4.66
N THR A 118 3.91 6.80 4.93
CA THR A 118 3.95 8.08 4.32
C THR A 118 4.92 8.18 3.14
N ASP A 119 4.41 8.82 2.07
CA ASP A 119 5.14 9.06 0.80
C ASP A 119 5.45 7.76 0.09
N VAL A 120 4.63 7.41 -0.86
CA VAL A 120 4.75 6.19 -1.57
C VAL A 120 5.30 6.41 -2.94
N GLU A 121 6.56 6.29 -2.99
CA GLU A 121 7.29 6.47 -4.17
C GLU A 121 7.26 5.17 -4.95
N GLY A 122 6.32 5.13 -5.87
CA GLY A 122 6.12 3.97 -6.69
C GLY A 122 4.65 3.78 -7.02
N ILE A 123 3.81 4.47 -6.29
CA ILE A 123 2.40 4.37 -6.49
C ILE A 123 1.89 5.56 -7.30
N LYS A 124 1.71 5.31 -8.57
CA LYS A 124 1.19 6.27 -9.50
C LYS A 124 -0.30 6.14 -9.49
N THR A 125 -0.99 7.20 -9.31
CA THR A 125 -2.40 7.12 -9.24
C THR A 125 -3.04 8.28 -9.94
N LYS A 126 -4.21 8.06 -10.42
CA LYS A 126 -4.97 9.08 -11.00
C LYS A 126 -6.42 8.90 -10.59
N VAL A 127 -6.96 9.95 -10.07
CA VAL A 127 -8.32 9.99 -9.61
C VAL A 127 -8.98 11.26 -10.08
N MET A 128 -8.39 12.35 -9.71
CA MET A 128 -8.82 13.63 -10.12
C MET A 128 -7.90 14.06 -11.22
N ILE A 129 -6.63 14.09 -10.86
CA ILE A 129 -5.54 14.40 -11.74
C ILE A 129 -4.45 13.35 -11.55
N TRP A 130 -3.36 13.49 -12.27
CA TRP A 130 -2.28 12.50 -12.27
C TRP A 130 -1.29 12.81 -11.15
N VAL A 131 -1.01 11.81 -10.30
CA VAL A 131 -0.06 11.95 -9.21
C VAL A 131 0.90 10.74 -9.19
N LYS A 132 2.18 10.98 -8.99
CA LYS A 132 3.15 9.89 -8.96
C LYS A 132 3.57 9.53 -7.52
N VAL A 133 3.45 10.47 -6.61
CA VAL A 133 3.83 10.25 -5.21
C VAL A 133 2.72 10.70 -4.26
N THR A 134 2.02 9.74 -3.74
CA THR A 134 0.98 9.96 -2.78
C THR A 134 1.44 9.47 -1.42
N SER A 135 0.53 9.33 -0.50
CA SER A 135 0.84 8.80 0.79
C SER A 135 -0.35 7.98 1.27
N ILE A 136 -0.12 7.08 2.20
CA ILE A 136 -1.16 6.24 2.75
C ILE A 136 -1.13 6.39 4.28
N SER A 137 -1.98 7.23 4.79
CA SER A 137 -1.96 7.49 6.20
C SER A 137 -3.30 7.17 6.80
N THR A 138 -3.26 6.53 7.93
CA THR A 138 -4.40 6.04 8.62
C THR A 138 -3.95 5.70 10.05
N ASP A 139 -4.84 5.25 10.90
CA ASP A 139 -4.44 4.95 12.26
C ASP A 139 -4.46 3.44 12.55
N ALA A 140 -3.52 2.73 11.90
CA ALA A 140 -3.24 1.27 12.14
C ALA A 140 -4.51 0.39 12.15
N SER A 141 -5.49 0.74 11.36
CA SER A 141 -6.75 0.03 11.40
C SER A 141 -7.46 0.14 10.07
N LYS A 142 -7.88 1.34 9.74
CA LYS A 142 -8.56 1.62 8.49
C LYS A 142 -7.52 1.97 7.46
N VAL A 143 -7.92 2.58 6.38
CA VAL A 143 -6.97 3.01 5.41
C VAL A 143 -7.44 4.32 4.79
N TYR A 144 -6.51 5.19 4.48
CA TYR A 144 -6.80 6.43 3.78
C TYR A 144 -5.71 6.73 2.82
N PHE A 145 -6.08 7.29 1.70
CA PHE A 145 -5.11 7.75 0.76
C PHE A 145 -4.88 9.17 0.99
N THR A 146 -3.78 9.61 0.59
CA THR A 146 -3.53 10.96 0.66
C THR A 146 -2.85 11.41 -0.62
N ALA A 147 -3.66 11.89 -1.54
CA ALA A 147 -3.17 12.40 -2.80
C ALA A 147 -3.41 13.90 -2.85
N GLY A 148 -3.85 14.43 -1.75
CA GLY A 148 -4.12 15.84 -1.65
C GLY A 148 -5.58 16.04 -1.50
N MET A 149 -6.09 15.75 -0.28
CA MET A 149 -7.53 15.80 0.09
C MET A 149 -8.30 14.60 -0.52
N LYS A 150 -7.87 14.19 -1.69
CA LYS A 150 -8.43 13.08 -2.43
C LYS A 150 -7.94 11.73 -1.92
N LYS A 151 -8.91 10.94 -1.50
CA LYS A 151 -8.70 9.68 -0.88
C LYS A 151 -9.85 8.70 -1.23
N SER A 152 -9.54 7.61 -1.84
CA SER A 152 -10.54 6.57 -2.09
C SER A 152 -10.18 5.40 -1.21
N ARG A 153 -10.98 5.11 -0.20
CA ARG A 153 -10.49 4.21 0.81
C ARG A 153 -11.55 3.43 1.60
N SER A 154 -11.73 2.24 1.22
CA SER A 154 -12.45 1.33 2.07
C SER A 154 -11.48 0.31 2.65
N ARG A 155 -11.16 0.33 3.93
CA ARG A 155 -10.34 -0.77 4.46
C ARG A 155 -11.24 -2.01 4.54
N ASP A 156 -12.51 -1.71 4.61
CA ASP A 156 -13.61 -2.65 4.70
C ASP A 156 -13.58 -3.82 3.71
N ALA A 157 -13.28 -3.56 2.47
CA ALA A 157 -13.33 -4.63 1.47
C ALA A 157 -12.10 -5.55 1.51
N TYR A 158 -10.99 -5.08 2.10
CA TYR A 158 -9.75 -5.90 2.23
C TYR A 158 -8.65 -5.07 2.87
N GLY A 159 -8.67 -3.80 2.56
CA GLY A 159 -7.61 -2.95 2.96
C GLY A 159 -7.48 -1.87 1.98
N VAL A 160 -6.69 -2.08 0.97
CA VAL A 160 -6.57 -1.05 -0.02
C VAL A 160 -7.50 -1.42 -1.17
N GLN A 161 -7.97 -0.44 -1.93
CA GLN A 161 -8.97 -0.75 -2.90
C GLN A 161 -8.47 -0.50 -4.24
N ARG A 162 -7.91 -1.51 -4.76
CA ARG A 162 -7.36 -1.55 -6.03
C ARG A 162 -7.37 -2.96 -6.53
N ASN A 163 -7.52 -3.15 -7.79
CA ASN A 163 -7.40 -4.49 -8.33
C ASN A 163 -6.18 -4.58 -9.22
N GLY A 164 -6.33 -4.22 -10.48
CA GLY A 164 -5.20 -4.25 -11.38
C GLY A 164 -4.80 -5.65 -11.77
N LEU A 165 -4.01 -5.76 -12.79
CA LEU A 165 -3.53 -7.03 -13.19
C LEU A 165 -2.13 -7.18 -12.70
N ARG A 166 -1.94 -8.10 -11.81
CA ARG A 166 -0.65 -8.32 -11.28
C ARG A 166 0.04 -9.34 -12.17
N VAL A 167 0.96 -8.84 -12.98
CA VAL A 167 1.73 -9.65 -13.97
C VAL A 167 2.22 -11.01 -13.41
N ASP A 168 2.43 -11.05 -12.10
CA ASP A 168 2.84 -12.26 -11.36
C ASP A 168 1.95 -13.44 -11.69
N LYS A 169 0.65 -13.21 -11.76
CA LYS A 169 -0.28 -14.30 -12.01
C LYS A 169 -1.24 -13.96 -13.18
N PHE A 170 -0.96 -12.88 -13.86
CA PHE A 170 -1.79 -12.51 -14.98
C PHE A 170 -1.15 -13.04 -16.25
N SER A 1 -98.84 -11.60 14.75
CA SER A 1 -98.39 -12.97 14.82
C SER A 1 -97.25 -13.17 13.83
N ASP A 2 -96.08 -13.50 14.33
CA ASP A 2 -94.92 -13.71 13.48
C ASP A 2 -94.84 -15.16 13.11
N GLN A 3 -95.21 -15.49 11.90
CA GLN A 3 -95.18 -16.86 11.47
C GLN A 3 -94.24 -17.06 10.32
N ILE A 4 -93.24 -17.86 10.54
CA ILE A 4 -92.32 -18.23 9.50
C ILE A 4 -92.02 -19.72 9.57
N PHE A 5 -92.53 -20.44 8.62
CA PHE A 5 -92.31 -21.86 8.52
C PHE A 5 -91.42 -22.12 7.32
N ASN A 6 -90.18 -22.42 7.59
CA ASN A 6 -89.23 -22.58 6.53
C ASN A 6 -88.51 -23.91 6.62
N LYS A 7 -88.97 -24.83 5.81
CA LYS A 7 -88.35 -26.13 5.67
C LYS A 7 -88.25 -26.45 4.20
N VAL A 8 -87.12 -26.16 3.63
CA VAL A 8 -86.92 -26.35 2.22
C VAL A 8 -86.01 -27.54 1.98
N GLY A 9 -86.35 -28.35 0.99
CA GLY A 9 -85.55 -29.50 0.67
C GLY A 9 -84.31 -29.13 -0.09
N SER A 10 -83.38 -28.51 0.59
CA SER A 10 -82.15 -28.13 0.01
C SER A 10 -81.17 -29.31 0.04
N TYR A 11 -81.23 -30.13 -0.98
CA TYR A 11 -80.38 -31.27 -1.09
C TYR A 11 -79.89 -31.43 -2.50
N TRP A 12 -78.63 -31.68 -2.65
CA TRP A 12 -78.03 -31.89 -3.95
C TRP A 12 -77.16 -33.12 -3.90
N LEU A 13 -77.65 -34.18 -4.49
CA LEU A 13 -76.91 -35.40 -4.54
C LEU A 13 -76.06 -35.43 -5.80
N GLY A 14 -74.78 -35.22 -5.64
CA GLY A 14 -73.90 -35.21 -6.76
C GLY A 14 -73.20 -36.54 -6.94
N GLN A 15 -72.21 -36.56 -7.78
CA GLN A 15 -71.47 -37.75 -8.03
C GLN A 15 -70.23 -37.82 -7.13
N LYS A 16 -70.36 -38.55 -6.05
CA LYS A 16 -69.26 -38.68 -5.11
C LYS A 16 -68.26 -39.70 -5.59
N ALA A 17 -67.02 -39.26 -5.76
CA ALA A 17 -65.92 -40.09 -6.18
C ALA A 17 -64.60 -39.38 -5.94
N ASN A 18 -63.96 -39.71 -4.85
CA ASN A 18 -62.67 -39.13 -4.51
C ASN A 18 -61.83 -40.15 -3.77
N LYS A 19 -61.01 -40.85 -4.50
CA LYS A 19 -60.10 -41.82 -3.95
C LYS A 19 -58.77 -41.67 -4.66
N GLN A 20 -57.74 -41.35 -3.93
CA GLN A 20 -56.45 -41.14 -4.54
C GLN A 20 -55.69 -42.46 -4.74
N PHE A 21 -55.79 -42.99 -5.93
CA PHE A 21 -55.05 -44.18 -6.29
C PHE A 21 -54.17 -43.86 -7.50
N ASP A 22 -52.93 -43.55 -7.22
CA ASP A 22 -51.98 -43.16 -8.27
C ASP A 22 -50.58 -43.53 -7.84
N SER A 23 -49.69 -43.69 -8.78
CA SER A 23 -48.32 -44.07 -8.52
C SER A 23 -47.54 -42.93 -7.86
N VAL A 24 -46.92 -43.24 -6.73
CA VAL A 24 -46.13 -42.26 -5.97
C VAL A 24 -44.95 -41.73 -6.83
N GLY A 25 -44.70 -40.44 -6.74
CA GLY A 25 -43.63 -39.85 -7.49
C GLY A 25 -42.35 -39.87 -6.70
N ASN A 26 -41.51 -40.84 -6.98
CA ASN A 26 -40.28 -41.05 -6.24
C ASN A 26 -39.20 -40.05 -6.65
N ASP A 27 -39.06 -39.01 -5.87
CA ASP A 27 -38.03 -38.00 -6.07
C ASP A 27 -37.06 -38.12 -4.91
N LEU A 28 -35.82 -38.47 -5.20
CA LEU A 28 -34.85 -38.71 -4.13
C LEU A 28 -33.59 -37.87 -4.23
N ASN A 29 -33.52 -36.98 -5.19
CA ASN A 29 -32.35 -36.12 -5.32
C ASN A 29 -32.75 -34.67 -5.17
N SER A 30 -32.49 -34.12 -4.00
CA SER A 30 -32.86 -32.76 -3.70
C SER A 30 -31.73 -31.99 -3.00
N VAL A 31 -30.53 -32.53 -3.02
CA VAL A 31 -29.39 -31.85 -2.39
C VAL A 31 -28.87 -30.68 -3.23
N SER A 32 -28.94 -29.50 -2.67
CA SER A 32 -28.51 -28.28 -3.33
C SER A 32 -27.82 -27.39 -2.29
N THR A 33 -26.81 -26.62 -2.70
CA THR A 33 -26.08 -25.78 -1.78
C THR A 33 -25.31 -24.65 -2.49
N SER A 34 -25.35 -23.48 -1.90
CA SER A 34 -24.60 -22.30 -2.33
C SER A 34 -24.50 -21.37 -1.12
N ILE A 35 -23.34 -21.34 -0.49
CA ILE A 35 -23.22 -20.62 0.76
C ILE A 35 -22.11 -19.57 0.76
N GLU A 36 -22.51 -18.33 0.67
CA GLU A 36 -21.63 -17.21 0.81
C GLU A 36 -21.84 -16.64 2.20
N GLY A 37 -20.79 -16.59 2.98
CA GLY A 37 -20.91 -16.07 4.31
C GLY A 37 -21.25 -14.60 4.31
N GLY A 38 -22.29 -14.24 5.05
CA GLY A 38 -22.73 -12.86 5.13
C GLY A 38 -21.65 -11.99 5.70
N THR A 39 -20.97 -11.29 4.84
CA THR A 39 -19.87 -10.49 5.26
C THR A 39 -20.31 -9.03 5.43
N LYS A 40 -21.11 -8.85 6.47
CA LYS A 40 -21.60 -7.57 6.96
C LYS A 40 -21.66 -7.75 8.47
N TRP A 41 -20.87 -8.72 8.86
CA TRP A 41 -20.75 -9.24 10.18
C TRP A 41 -19.64 -8.50 10.91
N LEU A 42 -19.53 -8.66 12.21
CA LEU A 42 -18.51 -7.94 12.97
C LEU A 42 -17.11 -8.50 12.74
N VAL A 43 -16.12 -7.84 13.35
CA VAL A 43 -14.69 -8.17 13.23
C VAL A 43 -14.43 -9.67 13.39
N ASN A 44 -13.86 -10.25 12.37
CA ASN A 44 -13.50 -11.65 12.40
C ASN A 44 -12.05 -11.80 12.85
N LYS A 45 -11.59 -13.02 12.97
CA LYS A 45 -10.25 -13.26 13.44
C LYS A 45 -9.26 -13.22 12.29
N ILE A 46 -9.71 -13.69 11.14
CA ILE A 46 -8.92 -13.80 9.91
C ILE A 46 -7.51 -14.33 10.15
N LYS A 47 -7.42 -15.62 10.31
CA LYS A 47 -6.16 -16.26 10.51
C LYS A 47 -5.55 -16.61 9.18
N GLY A 48 -4.27 -16.85 9.17
CA GLY A 48 -3.59 -17.12 7.95
C GLY A 48 -3.29 -15.82 7.24
N LYS A 49 -2.53 -14.97 7.91
CA LYS A 49 -2.14 -13.66 7.39
C LYS A 49 -1.30 -13.84 6.15
N MET A 50 -0.41 -14.79 6.22
CA MET A 50 0.46 -15.15 5.13
C MET A 50 1.22 -16.36 5.57
N GLN A 51 1.58 -17.22 4.66
CA GLN A 51 2.28 -18.41 5.02
C GLN A 51 3.71 -18.11 5.42
N LYS A 52 4.20 -18.86 6.40
CA LYS A 52 5.47 -18.67 7.08
C LYS A 52 5.36 -17.50 8.07
N PRO A 53 5.90 -17.66 9.29
CA PRO A 53 5.74 -16.67 10.37
C PRO A 53 6.49 -15.36 10.14
N LEU A 54 7.55 -15.41 9.39
CA LEU A 54 8.24 -14.18 9.07
C LEU A 54 7.46 -13.28 8.13
N PRO A 55 7.05 -13.76 6.92
CA PRO A 55 6.36 -12.95 5.92
C PRO A 55 5.11 -12.29 6.47
N GLU A 56 4.40 -13.01 7.37
CA GLU A 56 3.19 -12.45 7.96
C GLU A 56 3.53 -11.26 8.83
N LEU A 57 4.72 -11.28 9.43
CA LEU A 57 5.16 -10.19 10.27
C LEU A 57 5.56 -8.99 9.43
N LEU A 58 6.08 -9.26 8.23
CA LEU A 58 6.49 -8.15 7.31
C LEU A 58 5.32 -7.28 7.03
N LYS A 59 4.27 -7.93 6.67
CA LYS A 59 3.05 -7.27 6.36
C LYS A 59 2.32 -6.77 7.61
N GLU A 60 2.57 -7.43 8.72
CA GLU A 60 1.97 -7.05 9.99
C GLU A 60 2.54 -5.74 10.52
N TYR A 61 3.86 -5.51 10.30
CA TYR A 61 4.49 -4.20 10.68
C TYR A 61 3.66 -3.01 10.18
N ASP A 62 2.86 -3.25 9.19
CA ASP A 62 2.12 -2.18 8.51
C ASP A 62 0.64 -2.29 8.90
N LEU A 63 -0.27 -1.78 8.11
CA LEU A 63 -1.65 -1.75 8.46
C LEU A 63 -2.39 -3.03 7.93
N PRO A 64 -3.68 -3.26 8.28
CA PRO A 64 -4.37 -4.51 7.98
C PRO A 64 -5.04 -4.45 6.62
N ILE A 65 -4.56 -3.54 5.81
CA ILE A 65 -5.07 -3.37 4.49
C ILE A 65 -4.61 -4.50 3.63
N GLY A 66 -3.37 -4.93 3.85
CA GLY A 66 -2.76 -6.03 3.05
C GLY A 66 -2.78 -5.76 1.52
N ILE A 67 -3.17 -4.54 1.18
CA ILE A 67 -3.29 -4.05 -0.16
C ILE A 67 -4.45 -4.67 -0.93
N PHE A 68 -4.39 -5.95 -1.17
CA PHE A 68 -5.43 -6.66 -1.96
C PHE A 68 -4.99 -8.11 -2.25
N PRO A 69 -3.72 -8.36 -2.74
CA PRO A 69 -3.28 -9.72 -3.03
C PRO A 69 -2.96 -10.49 -1.77
N GLY A 70 -2.50 -9.78 -0.76
CA GLY A 70 -2.08 -10.44 0.45
C GLY A 70 -0.62 -10.82 0.38
N ASP A 71 -0.16 -11.08 -0.85
CA ASP A 71 1.23 -11.41 -1.13
C ASP A 71 2.02 -10.13 -1.21
N ALA A 72 1.28 -9.02 -1.40
CA ALA A 72 1.82 -7.65 -1.31
C ALA A 72 1.95 -7.23 0.17
N THR A 73 2.52 -6.03 0.41
CA THR A 73 2.58 -5.41 1.75
C THR A 73 3.81 -5.90 2.53
N ASN A 74 4.74 -6.37 1.80
CA ASN A 74 5.91 -6.86 2.41
C ASN A 74 6.86 -5.77 2.79
N TYR A 75 7.71 -6.09 3.70
CA TYR A 75 8.56 -5.11 4.35
C TYR A 75 10.05 -5.36 4.12
N GLU A 76 10.71 -4.35 3.56
CA GLU A 76 12.16 -4.27 3.37
C GLU A 76 12.58 -2.83 3.52
N PHE A 77 13.78 -2.58 3.95
CA PHE A 77 14.23 -1.21 4.14
C PHE A 77 15.65 -1.04 3.67
N ASP A 78 16.00 0.16 3.21
CA ASP A 78 17.36 0.40 2.76
C ASP A 78 18.26 0.58 3.92
N GLU A 79 19.51 0.49 3.64
CA GLU A 79 20.53 0.63 4.61
C GLU A 79 20.82 2.11 4.88
N GLU A 80 21.33 2.79 3.88
CA GLU A 80 21.72 4.19 4.01
C GLU A 80 20.51 5.09 3.88
N THR A 81 19.59 4.66 3.07
CA THR A 81 18.41 5.41 2.79
C THR A 81 17.32 5.22 3.87
N LYS A 82 17.32 4.03 4.52
CA LYS A 82 16.38 3.69 5.62
C LYS A 82 14.89 3.77 5.18
N LYS A 83 14.65 3.80 3.90
CA LYS A 83 13.31 3.92 3.36
C LYS A 83 12.72 2.54 3.21
N LEU A 84 11.45 2.41 3.49
CA LEU A 84 10.74 1.17 3.32
C LEU A 84 10.45 0.92 1.87
N THR A 85 10.62 -0.29 1.46
CA THR A 85 10.26 -0.73 0.17
C THR A 85 9.33 -1.94 0.30
N VAL A 86 8.14 -1.77 -0.15
CA VAL A 86 7.13 -2.79 -0.08
C VAL A 86 7.11 -3.61 -1.33
N LEU A 87 7.19 -4.91 -1.16
CA LEU A 87 7.20 -5.82 -2.26
C LEU A 87 5.78 -6.21 -2.59
N ILE A 88 5.33 -5.74 -3.71
CA ILE A 88 4.10 -6.13 -4.27
C ILE A 88 4.43 -7.21 -5.28
N PRO A 89 3.65 -8.27 -5.34
CA PRO A 89 3.84 -9.29 -6.33
C PRO A 89 3.61 -8.72 -7.73
N SER A 90 4.70 -8.55 -8.49
CA SER A 90 4.65 -8.02 -9.85
C SER A 90 4.12 -6.56 -9.85
N ILE A 91 3.72 -6.09 -11.01
CA ILE A 91 3.18 -4.78 -11.18
C ILE A 91 1.65 -4.89 -11.39
N CYS A 92 0.91 -4.29 -10.52
CA CYS A 92 -0.53 -4.31 -10.58
C CYS A 92 -1.06 -2.89 -10.79
N GLU A 93 -1.83 -2.67 -11.81
CA GLU A 93 -2.29 -1.32 -12.15
C GLU A 93 -3.80 -1.18 -12.04
N VAL A 94 -4.25 0.06 -12.04
CA VAL A 94 -5.66 0.39 -11.99
C VAL A 94 -5.97 1.70 -12.73
N GLY A 95 -6.56 1.56 -13.90
CA GLY A 95 -6.98 2.70 -14.70
C GLY A 95 -8.25 2.38 -15.46
N TYR A 96 -9.06 3.40 -15.73
CA TYR A 96 -10.34 3.28 -16.48
C TYR A 96 -10.73 4.64 -16.98
N LYS A 97 -10.93 5.54 -16.02
CA LYS A 97 -11.37 6.91 -16.27
C LYS A 97 -10.26 7.73 -16.92
N ASP A 98 -9.03 7.20 -16.90
CA ASP A 98 -7.83 7.85 -17.47
C ASP A 98 -7.37 9.05 -16.63
N SER A 99 -8.33 9.77 -16.10
CA SER A 99 -8.06 10.84 -15.15
C SER A 99 -7.76 10.21 -13.79
N SER A 100 -7.97 8.92 -13.73
CA SER A 100 -7.64 8.12 -12.61
C SER A 100 -6.90 6.90 -13.15
N VAL A 101 -5.60 7.02 -13.20
CA VAL A 101 -4.70 5.96 -13.63
C VAL A 101 -3.61 5.83 -12.60
N LEU A 102 -3.53 4.68 -12.01
CA LEU A 102 -2.54 4.42 -11.02
C LEU A 102 -1.72 3.20 -11.39
N LYS A 103 -0.44 3.30 -11.17
CA LYS A 103 0.46 2.19 -11.43
C LYS A 103 1.09 1.75 -10.15
N PHE A 104 0.73 0.59 -9.69
CA PHE A 104 1.33 0.09 -8.50
C PHE A 104 2.55 -0.73 -8.79
N THR A 105 3.65 -0.05 -8.68
CA THR A 105 4.98 -0.54 -8.84
C THR A 105 5.24 -1.74 -7.88
N THR A 106 6.06 -2.67 -8.34
CA THR A 106 6.42 -3.89 -7.60
C THR A 106 7.03 -3.54 -6.24
N THR A 107 8.20 -2.97 -6.26
CA THR A 107 8.83 -2.55 -5.05
C THR A 107 8.80 -1.05 -4.95
N VAL A 108 7.87 -0.57 -4.18
CA VAL A 108 7.72 0.83 -4.07
C VAL A 108 8.15 1.29 -2.69
N THR A 109 8.67 2.49 -2.60
CA THR A 109 9.18 2.98 -1.36
C THR A 109 8.18 3.88 -0.62
N GLY A 110 8.34 3.98 0.70
CA GLY A 110 7.46 4.80 1.52
C GLY A 110 7.95 4.88 2.95
N HIS A 111 7.30 5.69 3.77
CA HIS A 111 7.65 5.79 5.19
C HIS A 111 6.55 5.15 5.99
N LEU A 112 6.90 4.16 6.77
CA LEU A 112 5.88 3.39 7.46
C LEU A 112 5.62 3.96 8.83
N GLU A 113 4.43 4.41 9.03
CA GLU A 113 3.98 4.82 10.31
C GLU A 113 2.73 4.13 10.63
N LYS A 114 2.58 3.82 11.84
CA LYS A 114 1.52 3.00 12.23
C LYS A 114 0.26 3.86 12.34
N GLY A 115 -0.52 3.76 11.32
CA GLY A 115 -1.72 4.52 11.18
C GLY A 115 -1.79 5.02 9.76
N LYS A 116 -0.63 5.28 9.19
CA LYS A 116 -0.58 5.79 7.84
C LYS A 116 0.78 5.52 7.18
N LEU A 117 0.72 4.93 6.02
CA LEU A 117 1.90 4.70 5.22
C LEU A 117 1.97 5.88 4.25
N THR A 118 2.91 6.77 4.48
CA THR A 118 3.01 7.97 3.70
C THR A 118 4.22 7.96 2.80
N ASP A 119 4.30 8.97 1.93
CA ASP A 119 5.41 9.16 0.99
C ASP A 119 5.56 7.95 0.15
N VAL A 120 4.57 7.64 -0.63
CA VAL A 120 4.66 6.45 -1.36
C VAL A 120 5.40 6.74 -2.65
N GLU A 121 6.69 6.83 -2.49
CA GLU A 121 7.62 7.20 -3.49
C GLU A 121 7.71 6.14 -4.54
N GLY A 122 6.99 6.33 -5.59
CA GLY A 122 7.09 5.44 -6.70
C GLY A 122 5.76 4.95 -7.17
N ILE A 123 4.70 5.35 -6.52
CA ILE A 123 3.39 4.99 -6.96
C ILE A 123 2.82 6.15 -7.73
N LYS A 124 2.64 5.95 -9.01
CA LYS A 124 2.12 6.97 -9.86
C LYS A 124 0.64 6.92 -9.77
N THR A 125 0.09 7.99 -9.33
CA THR A 125 -1.30 8.09 -9.10
C THR A 125 -1.87 9.33 -9.72
N LYS A 126 -2.78 9.18 -10.63
CA LYS A 126 -3.52 10.30 -11.06
C LYS A 126 -4.94 10.18 -10.56
N VAL A 127 -5.48 11.29 -10.18
CA VAL A 127 -6.87 11.41 -9.77
C VAL A 127 -7.35 12.78 -10.13
N MET A 128 -6.45 13.70 -10.02
CA MET A 128 -6.73 15.05 -10.25
C MET A 128 -5.58 15.65 -11.06
N ILE A 129 -4.42 15.05 -10.83
CA ILE A 129 -3.19 15.33 -11.50
C ILE A 129 -2.36 14.13 -11.20
N TRP A 130 -1.36 13.88 -11.99
CA TRP A 130 -0.53 12.77 -11.75
C TRP A 130 0.53 13.12 -10.71
N VAL A 131 0.60 12.33 -9.71
CA VAL A 131 1.56 12.51 -8.66
C VAL A 131 2.24 11.18 -8.42
N LYS A 132 3.49 11.19 -8.02
CA LYS A 132 4.21 9.94 -7.78
C LYS A 132 4.31 9.65 -6.29
N VAL A 133 3.55 10.38 -5.50
CA VAL A 133 3.63 10.28 -4.04
C VAL A 133 2.28 10.51 -3.37
N THR A 134 1.61 9.44 -3.12
CA THR A 134 0.41 9.46 -2.39
C THR A 134 0.66 8.87 -1.00
N SER A 135 -0.39 8.46 -0.32
CA SER A 135 -0.27 7.92 1.01
C SER A 135 -1.58 7.36 1.50
N ILE A 136 -1.53 6.28 2.23
CA ILE A 136 -2.73 5.71 2.78
C ILE A 136 -2.80 6.05 4.27
N SER A 137 -3.75 6.87 4.62
CA SER A 137 -3.90 7.30 5.98
C SER A 137 -5.18 6.74 6.54
N THR A 138 -5.13 6.30 7.78
CA THR A 138 -6.26 5.69 8.41
C THR A 138 -6.02 5.61 9.91
N ASP A 139 -6.98 5.11 10.63
CA ASP A 139 -6.85 4.90 12.07
C ASP A 139 -6.16 3.56 12.33
N ALA A 140 -5.29 3.14 11.39
CA ALA A 140 -4.64 1.82 11.42
C ALA A 140 -5.69 0.72 11.40
N SER A 141 -6.76 0.96 10.67
CA SER A 141 -7.91 0.08 10.71
C SER A 141 -8.71 0.15 9.40
N LYS A 142 -9.32 1.30 9.09
CA LYS A 142 -10.11 1.46 7.85
C LYS A 142 -9.16 1.71 6.69
N VAL A 143 -9.68 2.09 5.54
CA VAL A 143 -8.84 2.36 4.40
C VAL A 143 -9.24 3.64 3.67
N TYR A 144 -8.32 4.55 3.62
CA TYR A 144 -8.46 5.72 2.81
C TYR A 144 -7.42 5.62 1.73
N PHE A 145 -7.89 5.50 0.52
CA PHE A 145 -7.08 5.17 -0.63
C PHE A 145 -5.97 6.19 -0.86
N THR A 146 -4.82 5.69 -1.29
CA THR A 146 -3.58 6.44 -1.36
C THR A 146 -3.69 7.82 -2.01
N ALA A 147 -3.65 8.79 -1.11
CA ALA A 147 -3.60 10.23 -1.29
C ALA A 147 -4.04 10.80 0.01
N GLY A 148 -5.28 10.55 0.36
CA GLY A 148 -5.73 10.89 1.68
C GLY A 148 -7.19 11.12 1.74
N MET A 149 -7.59 12.24 1.24
CA MET A 149 -8.97 12.64 1.32
C MET A 149 -9.72 12.33 0.03
N LYS A 150 -9.01 11.97 -1.02
CA LYS A 150 -9.67 11.87 -2.31
C LYS A 150 -10.53 10.62 -2.54
N LYS A 151 -10.18 9.51 -1.91
CA LYS A 151 -10.96 8.28 -2.08
C LYS A 151 -10.94 7.46 -0.82
N SER A 152 -12.09 7.06 -0.35
CA SER A 152 -12.17 6.20 0.80
C SER A 152 -12.55 4.79 0.34
N ARG A 153 -12.05 3.78 1.01
CA ARG A 153 -12.33 2.39 0.66
C ARG A 153 -12.75 1.63 1.91
N SER A 154 -13.28 0.47 1.73
CA SER A 154 -13.65 -0.35 2.85
C SER A 154 -12.59 -1.41 3.05
N ARG A 155 -11.97 -1.44 4.25
CA ARG A 155 -10.94 -2.45 4.56
C ARG A 155 -11.63 -3.82 4.51
N ASP A 156 -12.92 -3.78 4.74
CA ASP A 156 -13.82 -4.93 4.75
C ASP A 156 -13.74 -5.77 3.49
N ALA A 157 -13.33 -5.18 2.39
CA ALA A 157 -13.23 -5.88 1.13
C ALA A 157 -12.05 -6.86 1.15
N TYR A 158 -11.01 -6.46 1.86
CA TYR A 158 -9.77 -7.22 2.04
C TYR A 158 -8.79 -6.28 2.71
N GLY A 159 -8.96 -5.02 2.38
CA GLY A 159 -8.09 -4.00 2.78
C GLY A 159 -8.23 -2.89 1.83
N VAL A 160 -7.44 -2.90 0.80
CA VAL A 160 -7.55 -1.87 -0.14
C VAL A 160 -8.30 -2.46 -1.31
N GLN A 161 -9.06 -1.69 -2.01
CA GLN A 161 -9.87 -2.28 -3.00
C GLN A 161 -9.82 -1.43 -4.23
N ARG A 162 -9.06 -1.92 -5.14
CA ARG A 162 -8.79 -1.29 -6.39
C ARG A 162 -8.46 -2.40 -7.36
N ASN A 163 -8.29 -2.07 -8.64
CA ASN A 163 -7.75 -3.06 -9.55
C ASN A 163 -6.33 -3.32 -9.18
N GLY A 164 -6.03 -4.55 -8.97
CA GLY A 164 -4.72 -4.94 -8.61
C GLY A 164 -4.49 -6.38 -8.91
N LEU A 165 -4.58 -6.73 -10.18
CA LEU A 165 -4.38 -8.08 -10.58
C LEU A 165 -2.91 -8.24 -10.68
N ARG A 166 -2.33 -9.01 -9.81
CA ARG A 166 -0.94 -9.16 -9.86
C ARG A 166 -0.56 -10.18 -10.84
N VAL A 167 -0.05 -9.72 -11.94
CA VAL A 167 0.44 -10.58 -12.97
C VAL A 167 1.80 -11.19 -12.58
N ASP A 168 1.72 -11.98 -11.53
CA ASP A 168 2.83 -12.67 -10.88
C ASP A 168 2.41 -14.11 -10.66
N LYS A 169 1.14 -14.25 -10.41
CA LYS A 169 0.52 -15.49 -10.11
C LYS A 169 -0.81 -15.55 -10.83
N PHE A 170 -1.70 -14.67 -10.37
CA PHE A 170 -3.05 -14.52 -10.85
C PHE A 170 -3.70 -13.59 -9.87
#